data_9FMR
#
_entry.id   9FMR
#
_cell.length_a   249.521
_cell.length_b   249.521
_cell.length_c   218.535
_cell.angle_alpha   90.000
_cell.angle_beta   90.000
_cell.angle_gamma   120.000
#
_symmetry.space_group_name_H-M   'P 31 2 1'
#
loop_
_entity.id
_entity.type
_entity.pdbx_description
1 polymer 'DNA damage-binding protein 1'
2 polymer 'Cyclin-dependent kinase 12'
3 polymer Cyclin-K
4 non-polymer ~{N}-[[5,6-bis(chloranyl)-1~{H}-benzimidazol-2-yl]methyl]-9-(1-methylpyrazol-4-yl)-2-morpholin-4-yl-purin-6-amine
5 water water
#
loop_
_entity_poly.entity_id
_entity_poly.type
_entity_poly.pdbx_seq_one_letter_code
_entity_poly.pdbx_strand_id
1 'polypeptide(L)'
;MGSSHHHHHHSAAHIVMVDAYKPTKGGRMSYNYVVTAQKPTAVNGCVTGHFTSAEDLNLLIAKNTRLEIYVVTAEGLRPV
KEVGMYGKIAVMELFRPKGESKDLLFILTAKYNACILEYKQSGESIDIITRAHGNVQDRIGRPSETGIIGIIDPECRMIG
LRLYDGLFKVIPLDRDNKELKAFNIRLEELHVIDVKFLYGCQAPTICFVYQDPQGRHVKTYEVSLREKEFNKGPWKQENV
EAEASMVIAVPEPFGGAIIIGQESITYHNGDKYLAIAPPIIKQSTIVCHNRVDPNGSRYLLGDMEGRLFMLLLEKEEQMD
GTVTLKDLRVELLGETSIAECLTYLDNGVVFVGSRLGDSQLVKLNVDSNEQGSYVVAMETFTNLGPIVDMCVVDLERQGQ
GQLVTCSGAFKEGSLRIIRNGIGGNGNSGEIQKLHIRTVPLYESPRKICYQEVSQCFGVLSSRIEVQDTSGGTTALRPSA
STQALSSSVSSSKLFSSSTAPHETSFGEEVEVHNLLIIDQHTFEVLHAHQFLQNEYALSLVSCKLGKDPNTYFIVGTAMV
YPEEAEPKQGRIVVFQYSDGKLQTVAEKEVKGAVYSMVEFNGKLLASINSTVRLYEWTTEKELRTECNHYNNIMALYLKT
KGDFILVGDLMRSVLLLAYKPMEGNFEEIARDFNPNWMSAVEILDDDNFLGAENAFNLFVCQKDSAATTDEERQHLQEVG
LFHLGEFVNVFCHGSLVMQNLGETSTPTQGSVLFGTVNGMIGLVTSLSESWYNLLLDMQNRLNKVIKSVGKIEHSFWRSF
HTERKTEPATGFIDGDLIESFLDISRPKMQEVVANLQYDDGSGMKREATADDLIKVVEELTRIH
;
A,D,G
2 'polypeptide(L)'
;GQTESDWGKRCVDKFDIIGIIGEGTYGQVYKAKDKDTGELVALKKVRLDNEKEGFPITAIREIKILRQLIHRSVVNMKEI
VTDKQDALDFKKDKGAFYLVFEYMDHDLMGLLESGLVHFSEDHIKSFMKQLMEGLEYCHKKNFLHRDIKCSNILLNNSGQ
IKLADFGLARLYNSEESRPY(TPO)NKVITLWYRPPELLLGEERYTPAIDVWSCGCILGELFTKKPIFQANLELAQLELI
SRLCGSPCPAVWPDVIKLPYFNTMKPKKQYRRRLREEFSFIPSAALDLLDHMLTLDPSKRCTAEQTLQSDFLKDVELSKM
APPDLPHWQDCHELWSKKRRRQRQSGVVVEEPPPS
;
B,E,H
3 'polypeptide(L)'
;GMKENKENSSPSVTSANLDHTKPCWYWDKKDLAHTPSQLEGLDPATEARYRREGARFIFDVGTRLGLHYDTLATGIIYFH
RFYMFHSFKQFPRYVTGACCLFLAGKVEETPKKCKDIIKTARSLLNDVQFGQFGDDPKEEVMVLERILLQTIKFDLQVEH
PYQFLLKYAKQLKGDKNKIQKLVQMAWTFVNDSLCTTLSLQWEPEIIAVAVMYLAGRLCKFEIQEWTSKPMYRRWWEQFV
QDVPVDVLEDICHQILDLYSQGKQQMPH
;
C,F,I
#
# COMPACT_ATOMS: atom_id res chain seq x y z
N MET A 29 -39.88 12.19 48.72
CA MET A 29 -40.93 12.59 47.78
C MET A 29 -40.74 14.03 47.31
N SER A 30 -41.32 14.34 46.16
CA SER A 30 -41.28 15.70 45.61
C SER A 30 -42.69 16.27 45.56
N TYR A 31 -42.76 17.59 45.60
CA TYR A 31 -44.03 18.30 45.67
C TYR A 31 -43.97 19.49 44.72
N ASN A 32 -44.95 19.60 43.83
CA ASN A 32 -44.92 20.61 42.78
C ASN A 32 -46.30 21.24 42.64
N TYR A 33 -46.33 22.33 41.86
CA TYR A 33 -47.51 23.18 41.74
C TYR A 33 -47.55 23.73 40.32
N VAL A 34 -48.66 23.51 39.62
CA VAL A 34 -48.79 23.83 38.21
C VAL A 34 -49.99 24.76 38.02
N VAL A 35 -49.77 25.87 37.31
CA VAL A 35 -50.81 26.84 37.02
C VAL A 35 -50.82 27.14 35.53
N THR A 36 -51.97 27.57 35.03
CA THR A 36 -52.11 28.00 33.65
C THR A 36 -51.86 29.51 33.58
N ALA A 37 -50.84 29.91 32.83
CA ALA A 37 -50.56 31.32 32.63
C ALA A 37 -51.32 31.90 31.45
N GLN A 38 -51.41 31.15 30.35
CA GLN A 38 -52.20 31.56 29.19
C GLN A 38 -53.07 30.38 28.78
N LYS A 39 -54.38 30.61 28.71
CA LYS A 39 -55.31 29.55 28.37
C LYS A 39 -55.10 29.09 26.93
N PRO A 40 -55.55 27.89 26.58
CA PRO A 40 -55.40 27.40 25.20
C PRO A 40 -56.04 28.34 24.20
N THR A 41 -55.31 28.63 23.12
CA THR A 41 -55.76 29.55 22.09
C THR A 41 -56.16 28.88 20.78
N ALA A 42 -55.73 27.65 20.54
CA ALA A 42 -56.04 26.96 19.30
C ALA A 42 -57.49 26.48 19.29
N VAL A 43 -58.20 26.79 18.20
CA VAL A 43 -59.59 26.38 18.04
C VAL A 43 -59.63 24.95 17.50
N ASN A 44 -60.19 24.02 18.30
CA ASN A 44 -60.33 22.64 17.87
C ASN A 44 -61.69 22.34 17.26
N GLY A 45 -62.68 23.20 17.47
CA GLY A 45 -64.00 22.99 16.90
C GLY A 45 -64.96 24.16 17.15
N CYS A 46 -65.92 24.36 16.25
CA CYS A 46 -66.91 25.41 16.42
C CYS A 46 -68.21 24.97 15.77
N VAL A 47 -69.33 25.26 16.44
CA VAL A 47 -70.64 24.89 15.94
C VAL A 47 -71.57 26.09 16.08
N THR A 48 -72.60 26.11 15.25
CA THR A 48 -73.60 27.16 15.26
C THR A 48 -74.98 26.55 15.53
N GLY A 49 -75.75 27.23 16.38
CA GLY A 49 -77.07 26.77 16.74
C GLY A 49 -77.84 27.79 17.55
N HIS A 50 -78.75 27.31 18.40
CA HIS A 50 -79.58 28.18 19.23
C HIS A 50 -79.59 27.60 20.66
N PHE A 51 -78.46 27.75 21.35
CA PHE A 51 -78.24 27.11 22.64
C PHE A 51 -78.69 27.98 23.82
N THR A 52 -78.28 29.25 23.82
CA THR A 52 -78.64 30.13 24.95
C THR A 52 -80.13 30.42 24.97
N SER A 53 -80.69 30.79 23.82
CA SER A 53 -82.12 31.05 23.71
C SER A 53 -82.58 30.64 22.33
N ALA A 54 -83.90 30.47 22.19
CA ALA A 54 -84.45 30.12 20.89
C ALA A 54 -84.33 31.25 19.89
N GLU A 55 -84.05 32.47 20.36
CA GLU A 55 -83.93 33.64 19.51
C GLU A 55 -82.49 33.92 19.10
N ASP A 56 -81.55 33.79 20.04
CA ASP A 56 -80.15 34.11 19.76
C ASP A 56 -79.51 33.08 18.85
N LEU A 57 -78.58 33.56 18.03
CA LEU A 57 -77.72 32.70 17.20
C LEU A 57 -76.36 32.61 17.89
N ASN A 58 -75.99 31.40 18.31
CA ASN A 58 -74.79 31.20 19.10
C ASN A 58 -73.67 30.58 18.27
N LEU A 59 -72.44 30.97 18.58
CA LEU A 59 -71.23 30.37 18.03
C LEU A 59 -70.42 29.80 19.19
N LEU A 60 -70.42 28.48 19.32
CA LEU A 60 -69.72 27.80 20.40
C LEU A 60 -68.33 27.39 19.91
N ILE A 61 -67.30 28.09 20.37
CA ILE A 61 -65.92 27.80 20.01
C ILE A 61 -65.35 26.84 21.05
N ALA A 62 -64.64 25.81 20.57
CA ALA A 62 -64.12 24.75 21.43
C ALA A 62 -62.59 24.80 21.40
N LYS A 63 -62.00 25.15 22.54
CA LYS A 63 -60.58 24.99 22.79
C LYS A 63 -60.38 23.72 23.63
N ASN A 64 -59.10 23.42 23.92
CA ASN A 64 -58.76 22.11 24.48
C ASN A 64 -59.54 21.82 25.77
N THR A 65 -59.51 22.75 26.73
CA THR A 65 -60.23 22.57 27.98
C THR A 65 -61.20 23.69 28.27
N ARG A 66 -61.39 24.61 27.33
CA ARG A 66 -62.25 25.77 27.51
C ARG A 66 -63.34 25.78 26.44
N LEU A 67 -64.55 26.21 26.83
CA LEU A 67 -65.67 26.35 25.93
C LEU A 67 -66.17 27.79 25.99
N GLU A 68 -66.12 28.49 24.87
CA GLU A 68 -66.54 29.87 24.78
C GLU A 68 -67.86 29.96 24.02
N ILE A 69 -68.83 30.65 24.60
CA ILE A 69 -70.15 30.83 24.01
C ILE A 69 -70.30 32.30 23.61
N TYR A 70 -70.62 32.52 22.33
CA TYR A 70 -70.82 33.86 21.80
C TYR A 70 -72.23 33.99 21.23
N VAL A 71 -72.65 35.23 21.01
CA VAL A 71 -73.94 35.54 20.40
C VAL A 71 -73.66 36.37 19.13
N VAL A 72 -74.17 35.88 18.00
CA VAL A 72 -73.92 36.55 16.72
C VAL A 72 -74.74 37.83 16.63
N THR A 73 -74.07 38.93 16.33
CA THR A 73 -74.70 40.23 16.10
C THR A 73 -74.42 40.67 14.67
N ALA A 74 -74.94 41.85 14.31
CA ALA A 74 -74.67 42.40 13.00
C ALA A 74 -73.29 43.02 12.90
N GLU A 75 -72.68 43.36 14.03
CA GLU A 75 -71.34 43.94 14.07
C GLU A 75 -70.25 42.92 14.36
N GLY A 76 -70.60 41.76 14.93
CA GLY A 76 -69.62 40.76 15.25
C GLY A 76 -70.10 39.73 16.25
N LEU A 77 -69.24 39.36 17.20
CA LEU A 77 -69.57 38.37 18.22
C LEU A 77 -69.65 39.03 19.59
N ARG A 78 -70.64 38.62 20.37
CA ARG A 78 -70.81 39.11 21.74
C ARG A 78 -70.67 37.95 22.73
N PRO A 79 -69.61 37.94 23.55
CA PRO A 79 -69.44 36.84 24.51
C PRO A 79 -70.51 36.88 25.60
N VAL A 80 -70.84 35.68 26.10
CA VAL A 80 -71.89 35.56 27.11
C VAL A 80 -71.43 34.69 28.28
N LYS A 81 -70.61 33.67 28.00
CA LYS A 81 -70.20 32.75 29.06
C LYS A 81 -69.02 31.92 28.59
N GLU A 82 -68.07 31.66 29.50
CA GLU A 82 -66.95 30.76 29.25
C GLU A 82 -66.77 29.88 30.48
N VAL A 83 -66.80 28.56 30.29
CA VAL A 83 -66.68 27.61 31.37
C VAL A 83 -65.49 26.68 31.09
N GLY A 84 -64.90 26.16 32.16
CA GLY A 84 -63.84 25.18 32.06
C GLY A 84 -64.34 23.80 32.40
N MET A 85 -63.87 22.81 31.66
CA MET A 85 -64.28 21.43 31.85
C MET A 85 -63.11 20.55 32.26
N TYR A 86 -63.41 19.54 33.08
CA TYR A 86 -62.40 18.60 33.54
C TYR A 86 -62.18 17.50 32.50
N GLY A 87 -61.82 17.91 31.28
CA GLY A 87 -61.60 17.01 30.18
C GLY A 87 -61.30 17.67 28.84
N LYS A 88 -60.62 16.95 27.94
CA LYS A 88 -60.33 17.47 26.62
C LYS A 88 -61.55 17.31 25.74
N ILE A 89 -62.10 18.42 25.24
CA ILE A 89 -63.33 18.39 24.44
C ILE A 89 -63.01 17.72 23.10
N ALA A 90 -63.57 16.54 22.87
CA ALA A 90 -63.37 15.81 21.63
C ALA A 90 -64.53 15.99 20.65
N VAL A 91 -65.76 15.76 21.10
CA VAL A 91 -66.95 15.91 20.28
C VAL A 91 -67.78 17.06 20.84
N MET A 92 -68.26 17.94 19.97
CA MET A 92 -69.11 19.05 20.38
C MET A 92 -70.13 19.31 19.29
N GLU A 93 -71.40 19.05 19.58
CA GLU A 93 -72.47 19.23 18.62
C GLU A 93 -73.71 19.75 19.32
N LEU A 94 -74.45 20.62 18.64
CA LEU A 94 -75.70 21.18 19.14
C LEU A 94 -76.86 20.46 18.50
N PHE A 95 -77.85 20.09 19.31
CA PHE A 95 -79.02 19.38 18.84
C PHE A 95 -80.23 19.86 19.63
N ARG A 96 -81.41 19.69 19.03
CA ARG A 96 -82.67 20.11 19.65
C ARG A 96 -83.65 18.96 19.53
N PRO A 97 -83.83 18.16 20.58
CA PRO A 97 -84.77 17.04 20.51
C PRO A 97 -86.22 17.52 20.54
N LYS A 98 -87.12 16.59 20.25
CA LYS A 98 -88.55 16.88 20.23
C LYS A 98 -89.04 17.25 21.62
N GLY A 99 -89.55 18.47 21.77
CA GLY A 99 -90.07 18.94 23.05
C GLY A 99 -89.21 19.94 23.78
N GLU A 100 -88.06 20.33 23.22
CA GLU A 100 -87.18 21.30 23.85
C GLU A 100 -87.37 22.70 23.27
N SER A 101 -87.24 23.71 24.15
CA SER A 101 -87.43 25.09 23.71
C SER A 101 -86.24 25.58 22.89
N LYS A 102 -85.03 25.25 23.31
CA LYS A 102 -83.81 25.66 22.64
C LYS A 102 -82.87 24.47 22.51
N ASP A 103 -81.83 24.65 21.69
CA ASP A 103 -80.89 23.57 21.42
C ASP A 103 -80.10 23.21 22.67
N LEU A 104 -79.82 21.92 22.82
CA LEU A 104 -78.94 21.42 23.87
C LEU A 104 -77.58 21.06 23.29
N LEU A 105 -76.59 20.97 24.16
CA LEU A 105 -75.20 20.71 23.77
C LEU A 105 -74.77 19.35 24.28
N PHE A 106 -74.16 18.56 23.39
CA PHE A 106 -73.55 17.29 23.75
C PHE A 106 -72.04 17.40 23.61
N ILE A 107 -71.32 16.94 24.63
CA ILE A 107 -69.86 17.00 24.64
C ILE A 107 -69.31 15.67 25.14
N LEU A 108 -68.38 15.10 24.39
CA LEU A 108 -67.66 13.89 24.79
C LEU A 108 -66.18 14.22 24.92
N THR A 109 -65.60 13.88 26.07
CA THR A 109 -64.22 14.21 26.34
C THR A 109 -63.29 13.13 25.80
N ALA A 110 -61.98 13.42 25.87
CA ALA A 110 -60.99 12.45 25.44
C ALA A 110 -60.95 11.25 26.37
N LYS A 111 -61.29 11.43 27.64
CA LYS A 111 -61.37 10.34 28.60
C LYS A 111 -62.75 9.69 28.61
N TYR A 112 -63.50 9.84 27.52
CA TYR A 112 -64.80 9.19 27.30
C TYR A 112 -65.88 9.68 28.25
N ASN A 113 -65.73 10.88 28.81
CA ASN A 113 -66.78 11.48 29.61
C ASN A 113 -67.80 12.15 28.68
N ALA A 114 -69.03 11.67 28.72
CA ALA A 114 -70.11 12.20 27.90
C ALA A 114 -71.13 12.92 28.78
N CYS A 115 -71.73 13.97 28.23
CA CYS A 115 -72.71 14.75 28.98
C CYS A 115 -73.56 15.54 28.01
N ILE A 116 -74.76 15.91 28.48
CA ILE A 116 -75.68 16.78 27.75
C ILE A 116 -75.96 17.99 28.62
N LEU A 117 -75.76 19.18 28.07
CA LEU A 117 -75.79 20.40 28.84
C LEU A 117 -76.90 21.33 28.34
N GLU A 118 -77.42 22.14 29.26
CA GLU A 118 -78.45 23.13 28.96
C GLU A 118 -78.03 24.48 29.54
N TYR A 119 -78.34 25.55 28.81
CA TYR A 119 -78.06 26.90 29.27
C TYR A 119 -79.27 27.43 30.04
N LYS A 120 -79.02 27.92 31.25
CA LYS A 120 -80.08 28.49 32.08
C LYS A 120 -79.57 29.80 32.68
N GLN A 121 -80.30 30.88 32.45
CA GLN A 121 -79.93 32.20 32.93
C GLN A 121 -81.13 32.83 33.61
N SER A 122 -81.01 33.12 34.90
CA SER A 122 -82.05 33.80 35.67
C SER A 122 -81.54 35.20 35.98
N GLY A 123 -81.69 36.11 35.01
CA GLY A 123 -81.18 37.46 35.16
C GLY A 123 -79.69 37.53 34.92
N GLU A 124 -78.93 37.85 35.97
CA GLU A 124 -77.48 37.92 35.88
C GLU A 124 -76.77 36.63 36.32
N SER A 125 -77.49 35.68 36.91
CA SER A 125 -76.90 34.42 37.35
C SER A 125 -76.92 33.46 36.16
N ILE A 126 -75.73 33.18 35.62
CA ILE A 126 -75.57 32.30 34.48
C ILE A 126 -74.98 30.99 34.99
N ASP A 127 -75.68 29.90 34.76
CA ASP A 127 -75.24 28.58 35.20
C ASP A 127 -75.45 27.57 34.07
N ILE A 128 -74.57 26.57 34.02
CA ILE A 128 -74.65 25.52 33.01
C ILE A 128 -75.13 24.26 33.72
N ILE A 129 -76.24 23.70 33.23
CA ILE A 129 -76.90 22.57 33.88
C ILE A 129 -76.46 21.29 33.21
N THR A 130 -76.15 20.27 34.02
CA THR A 130 -75.80 18.96 33.52
C THR A 130 -77.07 18.12 33.47
N ARG A 131 -77.65 17.97 32.28
CA ARG A 131 -78.88 17.19 32.14
C ARG A 131 -78.59 15.70 32.24
N ALA A 132 -77.55 15.23 31.55
CA ALA A 132 -77.13 13.85 31.61
C ALA A 132 -75.61 13.82 31.64
N HIS A 133 -75.06 12.72 32.18
CA HIS A 133 -73.62 12.59 32.25
C HIS A 133 -73.25 11.12 32.44
N GLY A 134 -72.08 10.75 31.94
CA GLY A 134 -71.61 9.39 32.05
C GLY A 134 -70.31 9.21 31.29
N ASN A 135 -69.71 8.04 31.51
CA ASN A 135 -68.47 7.66 30.86
C ASN A 135 -68.76 6.46 29.95
N VAL A 136 -68.49 6.62 28.67
CA VAL A 136 -68.87 5.64 27.67
C VAL A 136 -67.70 4.75 27.26
N GLN A 137 -66.67 4.65 28.10
CA GLN A 137 -65.53 3.81 27.76
C GLN A 137 -65.89 2.33 27.91
N ASP A 138 -65.48 1.54 26.91
CA ASP A 138 -65.64 0.10 26.93
C ASP A 138 -64.40 -0.56 27.52
N ARG A 139 -64.61 -1.70 28.21
CA ARG A 139 -63.49 -2.40 28.82
C ARG A 139 -62.49 -2.88 27.79
N ILE A 140 -62.98 -3.33 26.63
CA ILE A 140 -62.13 -3.87 25.57
C ILE A 140 -62.44 -3.13 24.28
N GLY A 141 -61.37 -2.73 23.58
CA GLY A 141 -61.53 -2.06 22.30
C GLY A 141 -60.25 -1.41 21.81
N ARG A 142 -59.99 -1.52 20.51
CA ARG A 142 -58.83 -0.88 19.92
C ARG A 142 -59.19 0.54 19.52
N PRO A 143 -58.55 1.57 20.07
CA PRO A 143 -58.86 2.95 19.66
C PRO A 143 -58.64 3.11 18.16
N SER A 144 -59.59 3.78 17.51
CA SER A 144 -59.55 3.88 16.07
C SER A 144 -58.42 4.79 15.62
N GLU A 145 -58.09 4.67 14.33
CA GLU A 145 -56.99 5.45 13.77
C GLU A 145 -57.40 6.89 13.51
N THR A 146 -58.61 7.10 12.99
CA THR A 146 -59.09 8.42 12.62
C THR A 146 -59.70 9.19 13.79
N GLY A 147 -59.59 8.68 15.01
CA GLY A 147 -60.02 9.41 16.19
C GLY A 147 -61.50 9.24 16.51
N ILE A 148 -61.88 9.84 17.64
CA ILE A 148 -63.26 9.77 18.12
C ILE A 148 -64.17 10.55 17.17
N ILE A 149 -65.27 9.95 16.77
CA ILE A 149 -66.27 10.58 15.93
C ILE A 149 -67.60 10.58 16.66
N GLY A 150 -68.30 11.71 16.62
CA GLY A 150 -69.61 11.83 17.25
C GLY A 150 -70.64 12.40 16.31
N ILE A 151 -71.73 11.67 16.07
CA ILE A 151 -72.80 12.11 15.17
C ILE A 151 -74.14 11.91 15.86
N ILE A 152 -75.10 12.76 15.49
CA ILE A 152 -76.44 12.75 16.05
C ILE A 152 -77.44 12.61 14.91
N ASP A 153 -78.47 11.80 15.12
CA ASP A 153 -79.50 11.59 14.11
C ASP A 153 -80.16 12.94 13.78
N PRO A 154 -80.50 13.18 12.50
CA PRO A 154 -81.19 14.43 12.16
C PRO A 154 -82.49 14.62 12.93
N GLU A 155 -83.20 13.53 13.21
CA GLU A 155 -84.41 13.58 14.02
C GLU A 155 -84.10 13.53 15.52
N CYS A 156 -82.83 13.60 15.90
CA CYS A 156 -82.39 13.58 17.29
C CYS A 156 -82.90 12.32 18.02
N ARG A 157 -82.82 11.18 17.33
CA ARG A 157 -83.24 9.92 17.92
C ARG A 157 -82.13 9.23 18.71
N MET A 158 -80.86 9.50 18.39
CA MET A 158 -79.77 8.79 19.02
C MET A 158 -78.48 9.57 18.82
N ILE A 159 -77.48 9.24 19.63
CA ILE A 159 -76.14 9.78 19.51
C ILE A 159 -75.23 8.66 19.02
N GLY A 160 -74.58 8.89 17.88
CA GLY A 160 -73.68 7.91 17.29
C GLY A 160 -72.23 8.20 17.67
N LEU A 161 -71.56 7.19 18.20
CA LEU A 161 -70.18 7.31 18.62
C LEU A 161 -69.34 6.24 17.94
N ARG A 162 -68.21 6.65 17.38
CA ARG A 162 -67.21 5.73 16.82
C ARG A 162 -65.97 5.86 17.70
N LEU A 163 -65.86 4.98 18.70
CA LEU A 163 -64.77 5.03 19.65
C LEU A 163 -63.71 3.97 19.41
N TYR A 164 -64.09 2.81 18.87
CA TYR A 164 -63.17 1.71 18.66
C TYR A 164 -63.41 1.10 17.29
N ASP A 165 -62.38 0.46 16.76
CA ASP A 165 -62.49 -0.19 15.47
C ASP A 165 -63.47 -1.36 15.56
N GLY A 166 -64.38 -1.43 14.59
CA GLY A 166 -65.36 -2.50 14.56
C GLY A 166 -66.47 -2.39 15.57
N LEU A 167 -66.67 -1.22 16.15
CA LEU A 167 -67.73 -1.01 17.13
C LEU A 167 -68.38 0.35 16.89
N PHE A 168 -69.72 0.36 16.86
CA PHE A 168 -70.51 1.58 16.72
C PHE A 168 -71.37 1.72 17.98
N LYS A 169 -71.08 2.72 18.79
CA LYS A 169 -71.80 2.92 20.04
C LYS A 169 -72.99 3.85 19.82
N VAL A 170 -74.14 3.47 20.35
CA VAL A 170 -75.37 4.23 20.15
C VAL A 170 -75.91 4.65 21.51
N ILE A 171 -76.04 5.95 21.72
CA ILE A 171 -76.68 6.49 22.92
C ILE A 171 -78.09 6.95 22.54
N PRO A 172 -79.12 6.18 22.89
CA PRO A 172 -80.48 6.56 22.51
C PRO A 172 -80.93 7.82 23.25
N LEU A 173 -81.43 8.79 22.49
CA LEU A 173 -81.85 10.09 23.04
C LEU A 173 -83.26 9.94 23.65
N ASP A 174 -83.30 9.23 24.78
CA ASP A 174 -84.52 9.07 25.56
C ASP A 174 -84.55 10.09 26.69
N ARG A 175 -85.77 10.46 27.10
CA ARG A 175 -85.92 11.46 28.15
C ARG A 175 -85.40 10.95 29.49
N ASP A 176 -85.47 9.65 29.72
CA ASP A 176 -85.07 9.04 30.98
C ASP A 176 -83.63 8.55 30.99
N ASN A 177 -82.92 8.65 29.86
CA ASN A 177 -81.54 8.18 29.77
C ASN A 177 -80.60 9.25 30.32
N LYS A 178 -80.74 9.51 31.61
CA LYS A 178 -79.93 10.51 32.30
C LYS A 178 -78.52 10.02 32.59
N GLU A 179 -78.31 8.71 32.59
CA GLU A 179 -76.99 8.13 32.76
C GLU A 179 -76.27 7.91 31.43
N LEU A 180 -76.92 8.20 30.30
CA LEU A 180 -76.32 8.06 28.98
C LEU A 180 -75.88 6.62 28.71
N LYS A 181 -76.74 5.68 29.07
CA LYS A 181 -76.47 4.27 28.77
C LYS A 181 -76.43 4.05 27.27
N ALA A 182 -75.62 3.09 26.85
CA ALA A 182 -75.41 2.86 25.43
C ALA A 182 -75.10 1.40 25.16
N PHE A 183 -75.40 0.98 23.93
CA PHE A 183 -75.08 -0.35 23.44
C PHE A 183 -74.20 -0.22 22.20
N ASN A 184 -73.45 -1.29 21.91
CA ASN A 184 -72.53 -1.32 20.79
C ASN A 184 -73.05 -2.26 19.71
N ILE A 185 -73.05 -1.79 18.46
CA ILE A 185 -73.38 -2.62 17.31
C ILE A 185 -72.09 -3.01 16.61
N ARG A 186 -71.90 -4.30 16.37
CA ARG A 186 -70.69 -4.77 15.72
C ARG A 186 -70.62 -4.24 14.28
N LEU A 187 -69.42 -3.82 13.88
CA LEU A 187 -69.18 -3.26 12.56
C LEU A 187 -68.14 -4.11 11.85
N GLU A 188 -68.51 -4.67 10.69
CA GLU A 188 -67.59 -5.51 9.94
C GLU A 188 -66.40 -4.69 9.45
N GLU A 189 -66.63 -3.50 8.92
CA GLU A 189 -65.55 -2.65 8.43
C GLU A 189 -64.82 -2.07 9.62
N LEU A 190 -63.58 -2.52 9.84
CA LEU A 190 -62.86 -2.13 11.04
C LEU A 190 -62.28 -0.73 10.93
N HIS A 191 -61.67 -0.42 9.79
CA HIS A 191 -60.98 0.85 9.59
C HIS A 191 -61.93 1.80 8.87
N VAL A 192 -62.55 2.71 9.63
CA VAL A 192 -63.49 3.69 9.10
C VAL A 192 -62.79 5.04 9.08
N ILE A 193 -63.07 5.82 8.04
CA ILE A 193 -62.45 7.15 7.88
C ILE A 193 -63.35 8.24 8.43
N ASP A 194 -64.63 8.22 8.08
CA ASP A 194 -65.58 9.23 8.55
C ASP A 194 -66.99 8.67 8.40
N VAL A 195 -67.90 9.17 9.24
CA VAL A 195 -69.28 8.68 9.25
C VAL A 195 -70.19 9.84 9.61
N LYS A 196 -71.37 9.87 8.98
CA LYS A 196 -72.38 10.87 9.25
C LYS A 196 -73.76 10.22 9.19
N PHE A 197 -74.72 10.83 9.88
CA PHE A 197 -76.11 10.45 9.77
C PHE A 197 -76.71 11.12 8.54
N LEU A 198 -77.28 10.33 7.64
CA LEU A 198 -77.80 10.86 6.38
C LEU A 198 -79.12 11.59 6.59
N TYR A 199 -79.41 12.51 5.67
CA TYR A 199 -80.65 13.26 5.67
C TYR A 199 -81.63 12.63 4.69
N GLY A 200 -82.92 12.81 4.98
CA GLY A 200 -83.96 12.38 4.07
C GLY A 200 -84.28 10.91 4.09
N CYS A 201 -83.88 10.19 5.13
CA CYS A 201 -84.19 8.77 5.27
C CYS A 201 -85.27 8.57 6.32
N GLN A 202 -86.16 7.62 6.07
CA GLN A 202 -87.23 7.33 7.02
C GLN A 202 -86.67 6.76 8.31
N ALA A 203 -85.77 5.77 8.21
CA ALA A 203 -85.12 5.21 9.37
C ALA A 203 -83.72 5.80 9.53
N PRO A 204 -83.20 5.81 10.75
CA PRO A 204 -81.83 6.33 10.98
C PRO A 204 -80.81 5.56 10.15
N THR A 205 -80.08 6.30 9.32
CA THR A 205 -79.13 5.70 8.38
C THR A 205 -77.78 6.38 8.55
N ILE A 206 -76.73 5.58 8.63
CA ILE A 206 -75.37 6.09 8.69
C ILE A 206 -74.69 5.86 7.35
N CYS A 207 -73.81 6.77 6.99
CA CYS A 207 -73.02 6.69 5.77
C CYS A 207 -71.55 6.90 6.15
N PHE A 208 -70.70 5.94 5.77
CA PHE A 208 -69.31 5.96 6.20
C PHE A 208 -68.41 5.55 5.06
N VAL A 209 -67.22 6.15 5.04
CA VAL A 209 -66.16 5.75 4.12
C VAL A 209 -65.16 4.91 4.89
N TYR A 210 -64.97 3.68 4.46
CA TYR A 210 -64.04 2.76 5.08
C TYR A 210 -62.93 2.41 4.09
N GLN A 211 -61.82 1.91 4.63
CA GLN A 211 -60.68 1.53 3.81
C GLN A 211 -60.34 0.08 4.09
N ASP A 212 -60.46 -0.76 3.07
CA ASP A 212 -60.06 -2.17 3.12
C ASP A 212 -58.94 -2.37 2.11
N PRO A 213 -58.34 -3.56 2.03
CA PRO A 213 -57.28 -3.77 1.01
C PRO A 213 -57.72 -3.49 -0.41
N GLN A 214 -59.03 -3.45 -0.69
CA GLN A 214 -59.54 -3.17 -2.02
C GLN A 214 -59.71 -1.67 -2.29
N GLY A 215 -59.04 -0.82 -1.52
CA GLY A 215 -59.21 0.60 -1.66
C GLY A 215 -60.18 1.18 -0.65
N ARG A 216 -60.64 2.39 -0.93
CA ARG A 216 -61.64 3.04 -0.10
C ARG A 216 -62.99 2.99 -0.79
N HIS A 217 -64.04 2.80 0.01
CA HIS A 217 -65.40 2.72 -0.51
C HIS A 217 -66.34 3.48 0.42
N VAL A 218 -67.54 3.75 -0.07
CA VAL A 218 -68.60 4.37 0.71
C VAL A 218 -69.72 3.35 0.87
N LYS A 219 -70.22 3.20 2.10
CA LYS A 219 -71.25 2.23 2.40
C LYS A 219 -72.28 2.86 3.32
N THR A 220 -73.45 2.22 3.42
CA THR A 220 -74.54 2.73 4.23
C THR A 220 -75.14 1.60 5.06
N TYR A 221 -75.55 1.93 6.27
CA TYR A 221 -76.26 1.00 7.16
C TYR A 221 -77.40 1.75 7.82
N GLU A 222 -78.45 1.00 8.17
CA GLU A 222 -79.59 1.55 8.90
C GLU A 222 -79.51 1.12 10.36
N VAL A 223 -79.60 2.08 11.26
CA VAL A 223 -79.53 1.83 12.70
C VAL A 223 -80.94 1.61 13.24
N SER A 224 -81.11 0.54 14.00
CA SER A 224 -82.40 0.20 14.59
C SER A 224 -82.26 0.20 16.11
N LEU A 225 -82.88 1.19 16.77
CA LEU A 225 -82.85 1.25 18.23
C LEU A 225 -83.62 0.09 18.85
N ARG A 226 -84.65 -0.40 18.18
CA ARG A 226 -85.46 -1.49 18.73
C ARG A 226 -84.70 -2.82 18.70
N GLU A 227 -84.15 -3.16 17.54
CA GLU A 227 -83.40 -4.42 17.39
C GLU A 227 -81.98 -4.33 17.94
N LYS A 228 -81.43 -3.13 18.07
CA LYS A 228 -80.04 -2.93 18.48
C LYS A 228 -79.08 -3.64 17.53
N GLU A 229 -79.23 -3.36 16.24
CA GLU A 229 -78.38 -3.96 15.22
C GLU A 229 -78.51 -3.13 13.94
N PHE A 230 -77.64 -3.44 12.99
CA PHE A 230 -77.66 -2.77 11.68
C PHE A 230 -78.54 -3.54 10.72
N ASN A 231 -79.30 -2.79 9.92
CA ASN A 231 -80.08 -3.34 8.81
C ASN A 231 -79.49 -2.88 7.48
N LYS A 232 -80.10 -3.36 6.40
CA LYS A 232 -79.61 -3.09 5.06
C LYS A 232 -79.68 -1.59 4.76
N GLY A 233 -78.61 -1.07 4.15
CA GLY A 233 -78.51 0.33 3.82
C GLY A 233 -79.35 0.70 2.61
N PRO A 234 -79.60 2.00 2.43
CA PRO A 234 -80.43 2.45 1.30
C PRO A 234 -79.77 2.15 -0.05
N TRP A 235 -78.64 2.79 -0.32
CA TRP A 235 -77.95 2.66 -1.60
C TRP A 235 -76.66 1.86 -1.44
N LYS A 236 -76.25 1.23 -2.54
CA LYS A 236 -75.19 0.24 -2.52
C LYS A 236 -73.82 0.91 -2.34
N GLN A 237 -72.80 0.07 -2.16
CA GLN A 237 -71.44 0.54 -2.01
C GLN A 237 -70.84 0.88 -3.36
N GLU A 238 -69.99 1.91 -3.38
CA GLU A 238 -69.28 2.31 -4.57
C GLU A 238 -67.81 2.47 -4.25
N ASN A 239 -66.97 2.15 -5.25
CA ASN A 239 -65.53 2.37 -5.12
C ASN A 239 -65.25 3.86 -5.29
N VAL A 240 -64.65 4.47 -4.27
CA VAL A 240 -64.40 5.91 -4.28
C VAL A 240 -62.91 6.18 -4.35
N GLU A 241 -62.54 7.46 -4.23
CA GLU A 241 -61.16 7.88 -4.33
C GLU A 241 -60.32 7.23 -3.23
N ALA A 242 -59.05 6.95 -3.57
CA ALA A 242 -58.14 6.34 -2.61
C ALA A 242 -57.83 7.25 -1.43
N GLU A 243 -58.04 8.56 -1.59
CA GLU A 243 -57.81 9.53 -0.52
C GLU A 243 -59.11 10.18 -0.07
N ALA A 244 -60.19 9.40 0.01
CA ALA A 244 -61.45 9.93 0.51
C ALA A 244 -61.28 10.34 1.97
N SER A 245 -61.65 11.58 2.28
CA SER A 245 -61.38 12.19 3.58
C SER A 245 -62.65 12.38 4.41
N MET A 246 -63.61 13.17 3.90
CA MET A 246 -64.74 13.61 4.70
C MET A 246 -66.05 13.22 4.04
N VAL A 247 -67.09 13.08 4.87
CA VAL A 247 -68.44 12.77 4.43
C VAL A 247 -69.32 13.96 4.78
N ILE A 248 -70.13 14.40 3.82
CA ILE A 248 -71.01 15.56 3.98
C ILE A 248 -72.45 15.09 3.82
N ALA A 249 -73.23 15.21 4.89
CA ALA A 249 -74.64 14.80 4.87
C ALA A 249 -75.44 15.91 4.22
N VAL A 250 -75.78 15.73 2.95
CA VAL A 250 -76.56 16.74 2.23
C VAL A 250 -77.97 16.77 2.79
N PRO A 251 -78.54 17.95 3.08
CA PRO A 251 -79.85 18.02 3.75
C PRO A 251 -81.01 17.46 2.92
N GLU A 252 -82.21 17.65 3.44
CA GLU A 252 -83.40 17.08 2.80
C GLU A 252 -83.61 17.48 1.34
N PRO A 253 -83.42 18.75 0.93
CA PRO A 253 -83.72 19.10 -0.47
C PRO A 253 -83.03 18.21 -1.51
N PHE A 254 -81.71 18.00 -1.40
CA PHE A 254 -81.02 17.12 -2.32
C PHE A 254 -80.99 15.68 -1.83
N GLY A 255 -80.66 15.47 -0.56
CA GLY A 255 -80.52 14.14 0.00
C GLY A 255 -79.20 13.50 -0.38
N GLY A 256 -78.88 12.41 0.31
CA GLY A 256 -77.66 11.69 0.02
C GLY A 256 -76.44 12.26 0.74
N ALA A 257 -75.28 12.11 0.12
CA ALA A 257 -74.03 12.52 0.75
C ALA A 257 -73.03 12.97 -0.31
N ILE A 258 -72.04 13.73 0.15
CA ILE A 258 -70.95 14.22 -0.69
C ILE A 258 -69.64 13.74 -0.06
N ILE A 259 -68.76 13.19 -0.89
CA ILE A 259 -67.48 12.65 -0.43
C ILE A 259 -66.37 13.55 -0.94
N ILE A 260 -65.61 14.14 -0.02
CA ILE A 260 -64.49 15.00 -0.35
C ILE A 260 -63.22 14.17 -0.31
N GLY A 261 -62.33 14.37 -1.28
CA GLY A 261 -61.08 13.66 -1.37
C GLY A 261 -59.92 14.61 -1.57
N GLN A 262 -58.88 14.09 -2.24
CA GLN A 262 -57.70 14.87 -2.56
C GLN A 262 -57.80 15.56 -3.92
N GLU A 263 -58.43 14.88 -4.90
CA GLU A 263 -58.55 15.41 -6.24
C GLU A 263 -59.98 15.53 -6.75
N SER A 264 -60.95 14.85 -6.13
CA SER A 264 -62.30 14.79 -6.66
C SER A 264 -63.33 14.97 -5.55
N ILE A 265 -64.46 15.57 -5.92
CA ILE A 265 -65.62 15.70 -5.06
C ILE A 265 -66.75 14.89 -5.69
N THR A 266 -67.32 13.96 -4.93
CA THR A 266 -68.30 13.03 -5.45
C THR A 266 -69.58 13.09 -4.64
N TYR A 267 -70.71 12.96 -5.34
CA TYR A 267 -72.04 12.95 -4.72
C TYR A 267 -72.66 11.58 -4.93
N HIS A 268 -73.11 10.96 -3.84
CA HIS A 268 -73.73 9.64 -3.89
C HIS A 268 -75.10 9.71 -3.25
N ASN A 269 -76.13 9.32 -4.01
CA ASN A 269 -77.49 9.23 -3.48
C ASN A 269 -78.30 8.32 -4.39
N GLY A 270 -78.60 7.12 -3.91
CA GLY A 270 -79.35 6.18 -4.73
C GLY A 270 -78.59 5.80 -5.99
N ASP A 271 -79.27 5.87 -7.13
CA ASP A 271 -78.63 5.60 -8.41
C ASP A 271 -77.85 6.78 -8.94
N LYS A 272 -78.14 8.00 -8.47
CA LYS A 272 -77.45 9.18 -8.96
C LYS A 272 -76.01 9.20 -8.48
N TYR A 273 -75.08 9.43 -9.41
CA TYR A 273 -73.66 9.56 -9.08
C TYR A 273 -73.08 10.70 -9.90
N LEU A 274 -72.47 11.66 -9.21
CA LEU A 274 -71.83 12.79 -9.84
C LEU A 274 -70.43 12.95 -9.25
N ALA A 275 -69.48 13.35 -10.09
CA ALA A 275 -68.09 13.47 -9.67
C ALA A 275 -67.46 14.63 -10.42
N ILE A 276 -67.04 15.66 -9.68
CA ILE A 276 -66.30 16.78 -10.23
C ILE A 276 -64.86 16.69 -9.74
N ALA A 277 -63.92 17.00 -10.62
CA ALA A 277 -62.49 16.96 -10.29
C ALA A 277 -61.83 18.22 -10.82
N PRO A 278 -62.01 19.34 -10.13
CA PRO A 278 -61.35 20.58 -10.58
C PRO A 278 -59.89 20.53 -10.31
N PRO A 279 -59.05 21.15 -11.16
CA PRO A 279 -57.61 21.11 -10.95
C PRO A 279 -57.13 21.97 -9.79
N ILE A 280 -58.00 22.83 -9.24
CA ILE A 280 -57.57 23.75 -8.20
C ILE A 280 -57.43 23.03 -6.87
N ILE A 281 -58.33 22.09 -6.57
CA ILE A 281 -58.31 21.40 -5.28
C ILE A 281 -57.23 20.34 -5.17
N LYS A 282 -56.63 19.93 -6.29
CA LYS A 282 -55.57 18.94 -6.24
C LYS A 282 -54.27 19.49 -5.68
N GLN A 283 -54.06 20.81 -5.77
CA GLN A 283 -52.79 21.39 -5.35
C GLN A 283 -52.58 21.29 -3.84
N SER A 284 -53.65 21.32 -3.06
CA SER A 284 -53.54 21.24 -1.61
C SER A 284 -54.70 20.43 -1.06
N THR A 285 -54.43 19.73 0.04
CA THR A 285 -55.44 18.84 0.62
C THR A 285 -56.53 19.64 1.30
N ILE A 286 -57.79 19.31 0.99
CA ILE A 286 -58.94 19.93 1.64
C ILE A 286 -59.17 19.26 2.98
N VAL A 287 -59.43 20.07 4.01
CA VAL A 287 -59.46 19.57 5.38
C VAL A 287 -60.76 19.88 6.13
N CYS A 288 -61.51 20.93 5.78
CA CYS A 288 -62.68 21.30 6.56
C CYS A 288 -63.85 21.61 5.62
N HIS A 289 -65.06 21.59 6.19
CA HIS A 289 -66.27 21.87 5.44
C HIS A 289 -67.34 22.39 6.38
N ASN A 290 -68.28 23.15 5.82
CA ASN A 290 -69.41 23.68 6.59
C ASN A 290 -70.52 24.03 5.62
N ARG A 291 -71.76 23.92 6.10
CA ARG A 291 -72.93 24.20 5.28
C ARG A 291 -73.32 25.66 5.43
N VAL A 292 -73.52 26.33 4.30
CA VAL A 292 -73.93 27.73 4.29
C VAL A 292 -75.46 27.81 4.24
N ASP A 293 -76.03 27.25 3.17
CA ASP A 293 -77.48 27.26 2.97
C ASP A 293 -78.12 26.06 3.64
N PRO A 294 -79.10 26.26 4.52
CA PRO A 294 -79.77 25.10 5.15
C PRO A 294 -80.38 24.14 4.14
N ASN A 295 -80.75 24.64 2.95
CA ASN A 295 -81.21 23.78 1.88
C ASN A 295 -80.08 22.95 1.26
N GLY A 296 -78.82 23.30 1.52
CA GLY A 296 -77.70 22.52 1.04
C GLY A 296 -77.16 22.89 -0.33
N SER A 297 -77.53 24.06 -0.87
CA SER A 297 -77.07 24.41 -2.21
C SER A 297 -75.60 24.83 -2.22
N ARG A 298 -75.13 25.47 -1.15
CA ARG A 298 -73.78 26.01 -1.11
C ARG A 298 -73.04 25.53 0.13
N TYR A 299 -71.75 25.25 -0.03
CA TYR A 299 -70.92 24.75 1.04
C TYR A 299 -69.57 25.47 1.01
N LEU A 300 -68.96 25.59 2.18
CA LEU A 300 -67.64 26.20 2.32
C LEU A 300 -66.58 25.11 2.46
N LEU A 301 -65.43 25.34 1.83
CA LEU A 301 -64.32 24.40 1.89
C LEU A 301 -63.01 25.15 2.11
N GLY A 302 -62.07 24.47 2.77
CA GLY A 302 -60.76 25.04 3.03
C GLY A 302 -59.66 24.00 2.91
N ASP A 303 -58.50 24.42 2.41
CA ASP A 303 -57.37 23.52 2.20
C ASP A 303 -56.25 23.84 3.17
N MET A 304 -55.16 23.08 3.07
CA MET A 304 -54.01 23.27 3.94
C MET A 304 -53.24 24.55 3.64
N GLU A 305 -53.40 25.10 2.44
CA GLU A 305 -52.74 26.35 2.08
C GLU A 305 -53.56 27.58 2.43
N GLY A 306 -54.64 27.42 3.20
CA GLY A 306 -55.45 28.55 3.63
C GLY A 306 -56.48 29.02 2.63
N ARG A 307 -56.54 28.42 1.44
CA ARG A 307 -57.49 28.85 0.44
C ARG A 307 -58.92 28.51 0.86
N LEU A 308 -59.85 29.39 0.53
CA LEU A 308 -61.26 29.22 0.86
C LEU A 308 -62.04 29.01 -0.42
N PHE A 309 -62.80 27.92 -0.48
CA PHE A 309 -63.57 27.55 -1.65
C PHE A 309 -65.06 27.56 -1.33
N MET A 310 -65.86 27.54 -2.39
CA MET A 310 -67.31 27.47 -2.29
C MET A 310 -67.78 26.30 -3.15
N LEU A 311 -68.40 25.31 -2.53
CA LEU A 311 -68.90 24.14 -3.24
C LEU A 311 -70.36 24.38 -3.59
N LEU A 312 -70.64 24.51 -4.88
CA LEU A 312 -71.97 24.81 -5.36
C LEU A 312 -72.62 23.53 -5.88
N LEU A 313 -73.86 23.30 -5.46
CA LEU A 313 -74.64 22.14 -5.88
C LEU A 313 -75.72 22.64 -6.82
N GLU A 314 -75.53 22.43 -8.11
CA GLU A 314 -76.54 22.85 -9.07
C GLU A 314 -77.72 21.88 -9.02
N LYS A 315 -78.92 22.44 -8.93
CA LYS A 315 -80.14 21.66 -8.85
C LYS A 315 -80.93 21.83 -10.13
N GLU A 316 -81.46 20.73 -10.65
CA GLU A 316 -82.37 20.75 -11.79
C GLU A 316 -83.71 20.17 -11.36
N GLU A 317 -84.71 21.04 -11.21
CA GLU A 317 -86.04 20.58 -10.87
C GLU A 317 -86.65 19.97 -12.13
N GLN A 318 -87.25 18.80 -12.01
CA GLN A 318 -87.71 18.05 -13.17
C GLN A 318 -89.22 18.16 -13.31
N MET A 319 -89.72 17.63 -14.42
CA MET A 319 -91.14 17.77 -14.72
C MET A 319 -92.01 16.96 -13.77
N ASP A 320 -91.43 16.36 -12.74
CA ASP A 320 -92.16 15.60 -11.74
C ASP A 320 -92.26 16.33 -10.41
N GLY A 321 -91.74 17.55 -10.34
CA GLY A 321 -91.77 18.29 -9.09
C GLY A 321 -90.63 17.98 -8.15
N THR A 322 -89.64 17.20 -8.58
CA THR A 322 -88.55 16.78 -7.70
C THR A 322 -87.23 17.33 -8.22
N VAL A 323 -86.31 17.56 -7.29
CA VAL A 323 -85.13 18.38 -7.51
C VAL A 323 -83.84 17.57 -7.38
N THR A 324 -83.46 16.88 -8.45
CA THR A 324 -82.21 16.12 -8.45
C THR A 324 -81.02 17.06 -8.68
N LEU A 325 -79.82 16.50 -8.53
CA LEU A 325 -78.59 17.27 -8.62
C LEU A 325 -78.14 17.35 -10.07
N LYS A 326 -78.14 18.56 -10.64
CA LYS A 326 -77.67 18.75 -12.00
C LYS A 326 -76.16 18.56 -12.10
N ASP A 327 -75.40 19.31 -11.30
CA ASP A 327 -73.94 19.25 -11.34
C ASP A 327 -73.39 19.84 -10.05
N LEU A 328 -72.07 19.72 -9.90
CA LEU A 328 -71.35 20.28 -8.76
C LEU A 328 -70.35 21.31 -9.26
N ARG A 329 -70.16 22.38 -8.49
CA ARG A 329 -69.29 23.47 -8.88
C ARG A 329 -68.47 23.93 -7.69
N VAL A 330 -67.22 24.32 -7.96
CA VAL A 330 -66.31 24.87 -6.96
C VAL A 330 -65.79 26.20 -7.46
N GLU A 331 -65.85 27.22 -6.61
CA GLU A 331 -65.35 28.55 -6.93
C GLU A 331 -64.39 29.02 -5.85
N LEU A 332 -63.30 29.65 -6.26
CA LEU A 332 -62.30 30.16 -5.34
C LEU A 332 -62.76 31.51 -4.78
N LEU A 333 -62.85 31.61 -3.46
CA LEU A 333 -63.30 32.84 -2.83
C LEU A 333 -62.15 33.75 -2.42
N GLY A 334 -61.12 33.19 -1.78
CA GLY A 334 -60.00 34.00 -1.35
C GLY A 334 -59.09 33.19 -0.44
N GLU A 335 -58.31 33.91 0.36
CA GLU A 335 -57.37 33.30 1.30
C GLU A 335 -57.76 33.65 2.73
N THR A 336 -57.85 32.63 3.58
CA THR A 336 -58.07 32.77 5.01
C THR A 336 -56.91 32.11 5.75
N SER A 337 -56.99 32.13 7.08
CA SER A 337 -56.03 31.39 7.88
C SER A 337 -56.25 29.89 7.73
N ILE A 338 -55.17 29.13 7.83
CA ILE A 338 -55.22 27.67 7.77
C ILE A 338 -56.16 27.19 8.85
N ALA A 339 -57.39 26.82 8.46
CA ALA A 339 -58.48 26.60 9.39
C ALA A 339 -58.62 25.13 9.75
N GLU A 340 -58.83 24.87 11.04
CA GLU A 340 -59.20 23.53 11.48
C GLU A 340 -60.68 23.27 11.30
N CYS A 341 -61.50 24.30 11.54
CA CYS A 341 -62.95 24.22 11.41
C CYS A 341 -63.48 25.55 10.87
N LEU A 342 -64.44 25.47 9.95
CA LEU A 342 -65.14 26.63 9.42
C LEU A 342 -66.62 26.60 9.82
N THR A 343 -67.18 27.79 10.06
CA THR A 343 -68.60 27.93 10.33
C THR A 343 -69.12 29.23 9.73
N TYR A 344 -70.24 29.14 9.02
CA TYR A 344 -70.88 30.31 8.44
C TYR A 344 -71.85 30.89 9.45
N LEU A 345 -71.67 32.16 9.78
CA LEU A 345 -72.58 32.85 10.69
C LEU A 345 -73.77 33.41 9.91
N ASP A 346 -73.72 34.70 9.57
CA ASP A 346 -74.83 35.32 8.86
C ASP A 346 -74.35 36.62 8.23
N ASN A 347 -75.10 37.08 7.22
CA ASN A 347 -74.83 38.32 6.51
C ASN A 347 -73.49 38.29 5.80
N GLY A 348 -73.00 37.10 5.46
CA GLY A 348 -71.76 36.97 4.73
C GLY A 348 -70.52 36.88 5.59
N VAL A 349 -70.67 36.70 6.90
CA VAL A 349 -69.54 36.61 7.82
C VAL A 349 -69.31 35.15 8.15
N VAL A 350 -68.03 34.76 8.24
CA VAL A 350 -67.63 33.39 8.53
C VAL A 350 -66.55 33.42 9.60
N PHE A 351 -66.70 32.58 10.61
CA PHE A 351 -65.65 32.42 11.62
C PHE A 351 -64.66 31.37 11.15
N VAL A 352 -63.40 31.77 11.02
CA VAL A 352 -62.32 30.89 10.59
C VAL A 352 -61.59 30.43 11.84
N GLY A 353 -61.91 29.23 12.30
CA GLY A 353 -61.25 28.68 13.48
C GLY A 353 -59.96 27.95 13.12
N SER A 354 -58.83 28.47 13.58
CA SER A 354 -57.52 27.96 13.19
C SER A 354 -56.80 27.38 14.39
N ARG A 355 -56.10 26.26 14.16
CA ARG A 355 -55.25 25.65 15.17
C ARG A 355 -53.77 25.98 14.97
N LEU A 356 -53.36 26.25 13.74
CA LEU A 356 -51.97 26.60 13.42
C LEU A 356 -51.73 28.09 13.32
N GLY A 357 -52.77 28.90 13.25
CA GLY A 357 -52.63 30.33 13.16
C GLY A 357 -53.76 31.10 13.81
N ASP A 358 -53.82 32.40 13.58
CA ASP A 358 -54.85 33.23 14.20
C ASP A 358 -56.22 32.92 13.62
N SER A 359 -57.20 32.79 14.51
CA SER A 359 -58.59 32.67 14.08
C SER A 359 -59.10 34.01 13.54
N GLN A 360 -60.12 33.95 12.69
CA GLN A 360 -60.55 35.12 11.96
C GLN A 360 -62.07 35.20 11.87
N LEU A 361 -62.55 36.42 11.68
CA LEU A 361 -63.89 36.70 11.19
C LEU A 361 -63.74 37.34 9.81
N VAL A 362 -64.28 36.70 8.79
CA VAL A 362 -64.09 37.16 7.42
C VAL A 362 -65.43 37.55 6.82
N LYS A 363 -65.39 38.53 5.93
CA LYS A 363 -66.56 39.02 5.21
C LYS A 363 -66.54 38.52 3.78
N LEU A 364 -67.63 37.91 3.34
CA LEU A 364 -67.77 37.39 1.99
C LEU A 364 -68.59 38.36 1.15
N ASN A 365 -67.95 38.97 0.15
CA ASN A 365 -68.60 39.93 -0.73
C ASN A 365 -69.08 39.25 -2.00
N VAL A 366 -70.16 39.77 -2.58
CA VAL A 366 -70.64 39.25 -3.85
C VAL A 366 -69.74 39.69 -5.00
N ASP A 367 -69.13 40.87 -4.88
CA ASP A 367 -68.21 41.39 -5.89
C ASP A 367 -66.78 41.19 -5.43
N SER A 368 -65.91 40.79 -6.36
CA SER A 368 -64.50 40.66 -6.08
C SER A 368 -63.83 42.03 -6.06
N ASN A 369 -62.81 42.15 -5.21
CA ASN A 369 -62.06 43.39 -5.08
C ASN A 369 -61.07 43.52 -6.23
N GLU A 370 -60.10 44.44 -6.08
CA GLU A 370 -59.12 44.67 -7.14
C GLU A 370 -58.14 43.50 -7.31
N GLN A 371 -58.05 42.62 -6.31
CA GLN A 371 -57.14 41.48 -6.37
C GLN A 371 -57.82 40.19 -6.81
N GLY A 372 -59.13 40.21 -7.03
CA GLY A 372 -59.86 39.02 -7.40
C GLY A 372 -60.36 38.20 -6.24
N SER A 373 -60.23 38.70 -5.02
CA SER A 373 -60.64 37.99 -3.81
C SER A 373 -62.00 38.46 -3.35
N TYR A 374 -62.86 37.51 -2.98
CA TYR A 374 -64.18 37.80 -2.44
C TYR A 374 -64.19 37.82 -0.91
N VAL A 375 -63.04 37.64 -0.27
CA VAL A 375 -62.93 37.52 1.17
C VAL A 375 -62.19 38.73 1.72
N VAL A 376 -62.73 39.33 2.79
CA VAL A 376 -62.10 40.44 3.48
C VAL A 376 -62.15 40.14 4.97
N ALA A 377 -61.01 40.31 5.65
CA ALA A 377 -60.91 39.99 7.06
C ALA A 377 -61.51 41.10 7.92
N MET A 378 -62.32 40.71 8.90
CA MET A 378 -62.92 41.68 9.81
C MET A 378 -62.09 41.82 11.09
N GLU A 379 -62.01 40.73 11.87
CA GLU A 379 -61.28 40.72 13.13
C GLU A 379 -60.27 39.58 13.13
N THR A 380 -59.27 39.72 13.99
CA THR A 380 -58.21 38.74 14.13
C THR A 380 -58.11 38.31 15.58
N PHE A 381 -58.31 37.02 15.84
CA PHE A 381 -58.22 36.44 17.18
C PHE A 381 -56.82 35.83 17.35
N THR A 382 -56.07 36.38 18.30
CA THR A 382 -54.69 35.92 18.51
C THR A 382 -54.67 34.46 18.96
N ASN A 383 -53.87 33.65 18.26
CA ASN A 383 -53.68 32.24 18.59
C ASN A 383 -52.18 31.96 18.63
N LEU A 384 -51.67 31.62 19.82
CA LEU A 384 -50.26 31.26 19.94
C LEU A 384 -49.90 30.00 19.17
N GLY A 385 -50.90 29.24 18.73
CA GLY A 385 -50.69 28.07 17.91
C GLY A 385 -49.69 27.09 18.49
N PRO A 386 -49.02 26.34 17.62
CA PRO A 386 -47.97 25.42 18.07
C PRO A 386 -46.74 26.18 18.54
N ILE A 387 -46.40 26.02 19.82
CA ILE A 387 -45.20 26.64 20.39
C ILE A 387 -44.08 25.62 20.27
N VAL A 388 -43.32 25.70 19.17
CA VAL A 388 -42.29 24.70 18.92
C VAL A 388 -41.09 24.91 19.85
N ASP A 389 -40.67 26.16 20.02
CA ASP A 389 -39.59 26.50 20.93
C ASP A 389 -39.84 27.90 21.46
N MET A 390 -39.23 28.20 22.62
CA MET A 390 -39.41 29.51 23.23
C MET A 390 -38.26 29.78 24.19
N CYS A 391 -37.99 31.06 24.42
CA CYS A 391 -36.92 31.50 25.30
C CYS A 391 -37.36 32.74 26.06
N VAL A 392 -37.02 32.80 27.34
CA VAL A 392 -37.30 33.96 28.17
C VAL A 392 -36.11 34.90 28.11
N VAL A 393 -36.35 36.16 27.79
CA VAL A 393 -35.30 37.16 27.62
C VAL A 393 -35.77 38.50 28.17
N ASP A 394 -34.89 39.17 28.92
CA ASP A 394 -35.17 40.50 29.45
C ASP A 394 -34.72 41.54 28.42
N LEU A 395 -35.62 41.82 27.47
CA LEU A 395 -35.32 42.77 26.41
C LEU A 395 -35.00 44.15 26.99
N GLU A 396 -35.92 44.70 27.76
CA GLU A 396 -35.67 45.95 28.49
C GLU A 396 -34.98 45.63 29.81
N ARG A 397 -33.84 44.94 29.69
CA ARG A 397 -32.95 44.43 30.73
C ARG A 397 -33.41 44.59 32.18
N GLN A 398 -34.71 44.58 32.43
CA GLN A 398 -35.26 44.70 33.77
C GLN A 398 -35.54 43.31 34.34
N GLY A 399 -36.01 43.27 35.59
CA GLY A 399 -36.27 41.99 36.19
C GLY A 399 -37.52 41.30 35.67
N GLN A 400 -38.37 42.04 34.97
CA GLN A 400 -39.58 41.48 34.37
C GLN A 400 -39.21 40.78 33.07
N GLY A 401 -39.43 39.47 33.02
CA GLY A 401 -39.06 38.69 31.85
C GLY A 401 -40.11 38.77 30.73
N GLN A 402 -39.62 38.65 29.49
CA GLN A 402 -40.48 38.53 28.33
C GLN A 402 -40.22 37.18 27.67
N LEU A 403 -41.25 36.61 27.07
CA LEU A 403 -41.18 35.29 26.46
C LEU A 403 -41.37 35.41 24.95
N VAL A 404 -40.36 34.98 24.20
CA VAL A 404 -40.40 34.98 22.73
C VAL A 404 -40.55 33.54 22.27
N THR A 405 -41.63 33.26 21.54
CA THR A 405 -41.99 31.91 21.15
C THR A 405 -41.94 31.74 19.64
N CYS A 406 -41.59 30.54 19.20
CA CYS A 406 -41.75 30.12 17.81
C CYS A 406 -43.17 29.57 17.66
N SER A 407 -44.03 30.31 16.98
CA SER A 407 -45.45 30.01 16.95
C SER A 407 -45.95 29.93 15.51
N GLY A 408 -46.88 29.01 15.28
CA GLY A 408 -47.47 28.85 13.96
C GLY A 408 -46.69 27.91 13.07
N ALA A 409 -47.31 27.59 11.93
CA ALA A 409 -46.70 26.72 10.94
C ALA A 409 -47.11 27.19 9.55
N PHE A 410 -46.21 26.96 8.59
CA PHE A 410 -46.43 27.27 7.17
C PHE A 410 -46.63 28.77 7.05
N LYS A 411 -47.62 29.25 6.29
CA LYS A 411 -47.82 30.69 6.14
C LYS A 411 -48.19 31.36 7.45
N GLU A 412 -48.70 30.62 8.42
CA GLU A 412 -49.10 31.16 9.71
C GLU A 412 -47.95 31.18 10.71
N GLY A 413 -46.74 30.83 10.27
CA GLY A 413 -45.60 30.86 11.17
C GLY A 413 -45.25 32.29 11.57
N SER A 414 -44.86 32.44 12.84
CA SER A 414 -44.61 33.77 13.38
C SER A 414 -43.81 33.64 14.66
N LEU A 415 -43.31 34.78 15.12
CA LEU A 415 -42.74 34.90 16.45
C LEU A 415 -43.69 35.72 17.32
N ARG A 416 -43.80 35.34 18.59
CA ARG A 416 -44.68 36.02 19.53
C ARG A 416 -43.86 36.47 20.72
N ILE A 417 -43.98 37.75 21.06
CA ILE A 417 -43.29 38.33 22.20
C ILE A 417 -44.35 38.62 23.26
N ILE A 418 -44.26 37.91 24.37
CA ILE A 418 -45.27 37.95 25.42
C ILE A 418 -44.64 38.56 26.66
N ARG A 419 -45.35 39.49 27.28
CA ARG A 419 -44.89 40.15 28.49
C ARG A 419 -46.07 40.34 29.43
N ASN A 420 -45.77 40.34 30.73
CA ASN A 420 -46.79 40.63 31.73
C ASN A 420 -47.07 42.12 31.76
N GLY A 421 -48.35 42.48 31.70
CA GLY A 421 -48.72 43.88 31.64
C GLY A 421 -48.95 44.48 33.03
N ILE A 422 -48.91 45.80 33.07
CA ILE A 422 -49.13 46.52 34.32
C ILE A 422 -50.30 47.49 34.18
N GLN A 432 -55.07 42.69 35.12
CA GLN A 432 -53.87 41.94 34.78
C GLN A 432 -54.09 41.05 33.56
N LYS A 433 -53.39 41.35 32.46
CA LYS A 433 -53.46 40.56 31.24
C LYS A 433 -52.06 40.43 30.66
N LEU A 434 -51.96 39.77 29.51
CA LEU A 434 -50.71 39.61 28.78
C LEU A 434 -50.75 40.47 27.52
N HIS A 435 -49.64 41.16 27.26
CA HIS A 435 -49.48 41.92 26.03
C HIS A 435 -48.62 41.10 25.08
N ILE A 436 -49.15 40.82 23.89
CA ILE A 436 -48.52 39.94 22.92
C ILE A 436 -48.28 40.71 21.63
N ARG A 437 -47.03 40.70 21.18
CA ARG A 437 -46.65 41.27 19.88
C ARG A 437 -46.36 40.14 18.92
N THR A 438 -46.91 40.24 17.71
CA THR A 438 -46.79 39.19 16.69
C THR A 438 -45.86 39.67 15.58
N VAL A 439 -44.90 38.82 15.23
CA VAL A 439 -44.00 39.06 14.11
C VAL A 439 -44.19 37.94 13.10
N PRO A 440 -45.01 38.17 12.06
CA PRO A 440 -45.26 37.10 11.09
C PRO A 440 -44.02 36.74 10.30
N LEU A 441 -43.81 35.43 10.10
CA LEU A 441 -42.67 34.92 9.35
C LEU A 441 -43.05 34.27 8.03
N TYR A 442 -44.29 33.82 7.87
CA TYR A 442 -44.80 33.20 6.65
C TYR A 442 -44.02 31.93 6.27
N GLU A 443 -43.31 31.35 7.22
CA GLU A 443 -42.70 30.04 7.06
C GLU A 443 -42.67 29.37 8.43
N SER A 444 -42.41 28.06 8.42
CA SER A 444 -42.51 27.27 9.64
C SER A 444 -41.29 27.49 10.52
N PRO A 445 -41.45 28.06 11.72
CA PRO A 445 -40.32 28.15 12.65
C PRO A 445 -40.11 26.86 13.41
N ARG A 446 -38.86 26.60 13.76
CA ARG A 446 -38.50 25.36 14.45
C ARG A 446 -37.93 25.66 15.84
N LYS A 447 -36.71 26.20 15.93
CA LYS A 447 -36.09 26.49 17.22
C LYS A 447 -35.56 27.92 17.22
N ILE A 448 -35.53 28.50 18.42
CA ILE A 448 -35.10 29.87 18.63
C ILE A 448 -34.04 29.89 19.71
N CYS A 449 -33.10 30.84 19.59
CA CYS A 449 -32.06 31.03 20.58
C CYS A 449 -31.68 32.50 20.61
N TYR A 450 -31.28 32.97 21.78
CA TYR A 450 -30.97 34.38 22.00
C TYR A 450 -29.47 34.56 22.19
N GLN A 451 -28.92 35.61 21.57
CA GLN A 451 -27.51 35.95 21.65
C GLN A 451 -27.40 37.41 22.05
N GLU A 452 -27.14 37.66 23.34
CA GLU A 452 -27.07 39.03 23.84
C GLU A 452 -25.90 39.79 23.24
N VAL A 453 -24.82 39.09 22.88
CA VAL A 453 -23.64 39.76 22.32
C VAL A 453 -23.99 40.49 21.03
N SER A 454 -24.96 39.98 20.26
CA SER A 454 -25.34 40.60 19.01
C SER A 454 -26.70 41.28 19.06
N GLN A 455 -27.35 41.33 20.23
CA GLN A 455 -28.66 41.98 20.39
C GLN A 455 -29.66 41.43 19.38
N CYS A 456 -29.60 40.13 19.13
CA CYS A 456 -30.43 39.53 18.10
C CYS A 456 -30.76 38.09 18.48
N PHE A 457 -31.75 37.53 17.79
CA PHE A 457 -32.14 36.15 17.97
C PHE A 457 -31.65 35.31 16.80
N GLY A 458 -31.47 34.01 17.06
CA GLY A 458 -31.25 33.03 16.02
C GLY A 458 -32.48 32.14 15.93
N VAL A 459 -33.02 32.01 14.72
CA VAL A 459 -34.26 31.28 14.50
C VAL A 459 -34.05 30.31 13.34
N LEU A 460 -34.31 29.03 13.60
CA LEU A 460 -34.35 28.03 12.56
C LEU A 460 -35.75 27.96 11.98
N SER A 461 -35.85 27.91 10.65
CA SER A 461 -37.13 27.95 9.97
C SER A 461 -37.08 27.06 8.74
N SER A 462 -38.25 26.65 8.28
CA SER A 462 -38.38 25.83 7.09
C SER A 462 -39.53 26.35 6.25
N ARG A 463 -39.32 26.40 4.93
CA ARG A 463 -40.33 26.81 3.98
C ARG A 463 -40.54 25.71 2.93
N ILE A 464 -41.71 25.73 2.31
CA ILE A 464 -42.12 24.72 1.35
C ILE A 464 -41.99 25.29 -0.06
N GLU A 465 -41.16 24.64 -0.87
CA GLU A 465 -41.05 24.95 -2.29
C GLU A 465 -41.40 23.71 -3.10
N VAL A 466 -41.84 23.93 -4.33
CA VAL A 466 -42.33 22.87 -5.20
C VAL A 466 -41.44 22.76 -6.42
N GLN A 467 -41.15 21.53 -6.83
CA GLN A 467 -40.34 21.29 -8.03
C GLN A 467 -41.02 21.88 -9.25
N ASP A 468 -40.37 22.87 -9.85
CA ASP A 468 -40.93 23.56 -11.01
C ASP A 468 -40.44 22.90 -12.30
N THR A 469 -40.74 23.53 -13.44
CA THR A 469 -40.35 23.00 -14.74
C THR A 469 -38.89 23.28 -15.07
N SER A 470 -38.26 24.23 -14.39
CA SER A 470 -36.86 24.56 -14.64
C SER A 470 -35.90 23.55 -14.02
N GLY A 471 -36.42 22.53 -13.32
CA GLY A 471 -35.62 21.58 -12.61
C GLY A 471 -35.40 21.92 -11.15
N GLY A 472 -35.42 23.20 -10.81
CA GLY A 472 -35.29 23.65 -9.44
C GLY A 472 -36.60 23.67 -8.70
N THR A 473 -36.71 24.59 -7.74
CA THR A 473 -37.91 24.75 -6.94
C THR A 473 -38.33 26.21 -6.94
N THR A 474 -39.62 26.42 -6.70
CA THR A 474 -40.22 27.74 -6.68
C THR A 474 -41.12 27.85 -5.45
N ALA A 475 -40.90 28.89 -4.66
CA ALA A 475 -41.66 29.07 -3.42
C ALA A 475 -43.10 29.49 -3.73
N LEU A 476 -44.01 29.07 -2.85
CA LEU A 476 -45.41 29.39 -3.03
C LEU A 476 -45.69 30.86 -2.70
N ARG A 477 -45.05 31.38 -1.66
CA ARG A 477 -45.26 32.74 -1.16
C ARG A 477 -43.94 33.29 -0.67
N PRO A 478 -43.77 34.60 -0.67
CA PRO A 478 -42.56 35.18 -0.07
C PRO A 478 -42.60 35.04 1.45
N SER A 479 -41.43 34.81 2.04
CA SER A 479 -41.32 34.57 3.47
C SER A 479 -40.09 35.30 3.99
N ALA A 480 -39.76 35.04 5.27
CA ALA A 480 -38.66 35.76 5.91
C ALA A 480 -37.32 35.37 5.31
N SER A 481 -37.14 34.10 4.96
CA SER A 481 -35.87 33.67 4.39
C SER A 481 -35.66 34.25 2.99
N THR A 482 -36.73 34.49 2.26
CA THR A 482 -36.62 35.05 0.91
C THR A 482 -36.59 36.57 0.91
N GLN A 483 -37.25 37.21 1.88
CA GLN A 483 -37.27 38.66 1.99
C GLN A 483 -36.24 39.19 2.97
N ALA A 484 -35.19 38.41 3.23
CA ALA A 484 -34.14 38.85 4.13
C ALA A 484 -33.28 39.94 3.51
N LEU A 485 -32.73 40.80 4.37
CA LEU A 485 -31.83 41.85 3.91
C LEU A 485 -30.58 41.27 3.27
N SER A 486 -29.84 40.47 4.03
CA SER A 486 -28.71 39.71 3.51
C SER A 486 -29.05 38.22 3.51
N SER A 487 -28.39 37.48 2.63
CA SER A 487 -28.67 36.06 2.48
C SER A 487 -27.39 35.32 2.12
N SER A 488 -27.35 34.04 2.48
CA SER A 488 -26.21 33.17 2.17
C SER A 488 -26.69 31.73 2.07
N VAL A 489 -25.89 30.91 1.38
CA VAL A 489 -26.18 29.49 1.19
C VAL A 489 -24.93 28.70 1.51
N SER A 490 -25.08 27.58 2.22
CA SER A 490 -23.95 26.73 2.56
C SER A 490 -23.31 26.16 1.30
N SER A 491 -22.02 26.45 1.12
CA SER A 491 -21.24 25.93 0.00
C SER A 491 -20.43 24.70 0.38
N SER A 492 -20.87 23.96 1.40
CA SER A 492 -20.10 22.84 1.91
C SER A 492 -20.08 21.69 0.91
N LYS A 493 -18.94 21.00 0.84
CA LYS A 493 -18.78 19.82 0.00
C LYS A 493 -18.62 18.55 0.83
N LEU A 494 -19.09 18.56 2.08
CA LEU A 494 -18.87 17.43 2.97
C LEU A 494 -19.54 16.17 2.46
N PHE A 495 -20.80 16.27 2.03
CA PHE A 495 -21.49 15.09 1.53
C PHE A 495 -21.33 14.91 0.03
N SER A 496 -20.77 15.91 -0.65
CA SER A 496 -20.37 15.88 -2.06
C SER A 496 -21.34 15.14 -2.98
N SER A 497 -20.78 14.32 -3.85
CA SER A 497 -21.53 13.43 -4.73
C SER A 497 -21.73 12.04 -4.16
N SER A 498 -21.17 11.74 -2.97
CA SER A 498 -21.12 10.35 -2.49
C SER A 498 -22.50 9.74 -2.37
N THR A 499 -23.47 10.51 -1.91
CA THR A 499 -24.83 10.01 -1.76
C THR A 499 -25.48 9.93 -3.13
N ALA A 500 -26.16 8.81 -3.38
CA ALA A 500 -26.80 8.58 -4.67
C ALA A 500 -27.79 9.70 -4.97
N PRO A 501 -27.79 10.27 -6.18
CA PRO A 501 -28.72 11.36 -6.50
C PRO A 501 -30.15 10.92 -6.77
N HIS A 502 -31.02 11.16 -5.78
CA HIS A 502 -32.43 10.78 -5.84
C HIS A 502 -33.16 11.49 -6.99
N GLU A 503 -34.16 10.79 -7.54
CA GLU A 503 -34.93 11.32 -8.66
C GLU A 503 -36.01 12.28 -8.18
N THR A 504 -36.17 13.40 -8.89
CA THR A 504 -37.17 14.41 -8.56
C THR A 504 -38.19 14.52 -9.67
N SER A 505 -39.46 14.47 -9.30
CA SER A 505 -40.57 14.69 -10.23
C SER A 505 -41.20 16.06 -10.00
N PHE A 506 -41.84 16.57 -11.05
CA PHE A 506 -42.46 17.89 -10.97
C PHE A 506 -43.68 17.82 -10.06
N GLY A 507 -43.82 18.84 -9.21
CA GLY A 507 -44.96 18.92 -8.30
C GLY A 507 -44.70 18.39 -6.91
N GLU A 508 -43.49 17.93 -6.61
CA GLU A 508 -43.17 17.38 -5.31
C GLU A 508 -42.75 18.50 -4.37
N GLU A 509 -43.34 18.51 -3.17
CA GLU A 509 -43.00 19.51 -2.18
C GLU A 509 -41.64 19.20 -1.56
N VAL A 510 -40.85 20.24 -1.31
CA VAL A 510 -39.56 20.11 -0.68
C VAL A 510 -39.47 21.15 0.43
N GLU A 511 -38.82 20.79 1.53
CA GLU A 511 -38.64 21.68 2.66
C GLU A 511 -37.25 22.29 2.60
N VAL A 512 -37.19 23.62 2.72
CA VAL A 512 -35.93 24.36 2.70
C VAL A 512 -35.75 25.01 4.06
N HIS A 513 -34.69 24.61 4.77
CA HIS A 513 -34.44 25.07 6.13
C HIS A 513 -33.45 26.24 6.11
N ASN A 514 -33.72 27.24 6.95
CA ASN A 514 -32.92 28.45 6.99
C ASN A 514 -32.67 28.86 8.43
N LEU A 515 -31.56 29.55 8.66
CA LEU A 515 -31.24 30.17 9.94
C LEU A 515 -31.42 31.68 9.82
N LEU A 516 -32.37 32.22 10.56
CA LEU A 516 -32.67 33.65 10.51
C LEU A 516 -31.97 34.38 11.64
N ILE A 517 -31.38 35.52 11.32
CA ILE A 517 -30.79 36.42 12.31
C ILE A 517 -31.71 37.62 12.41
N ILE A 518 -32.39 37.74 13.55
CA ILE A 518 -33.49 38.68 13.73
C ILE A 518 -33.15 39.63 14.87
N ASP A 519 -33.29 40.93 14.62
CA ASP A 519 -33.01 41.94 15.64
C ASP A 519 -33.96 41.78 16.82
N GLN A 520 -33.47 42.11 18.02
CA GLN A 520 -34.26 41.92 19.22
C GLN A 520 -35.25 43.06 19.47
N HIS A 521 -35.05 44.22 18.85
CA HIS A 521 -35.95 45.35 19.01
C HIS A 521 -36.89 45.53 17.82
N THR A 522 -36.34 45.57 16.60
CA THR A 522 -37.14 45.77 15.41
C THR A 522 -37.68 44.48 14.83
N PHE A 523 -37.05 43.35 15.15
CA PHE A 523 -37.42 42.04 14.61
C PHE A 523 -37.37 42.02 13.09
N GLU A 524 -36.36 42.67 12.53
CA GLU A 524 -36.12 42.65 11.09
C GLU A 524 -35.17 41.51 10.76
N VAL A 525 -35.48 40.78 9.69
CA VAL A 525 -34.64 39.67 9.26
C VAL A 525 -33.34 40.23 8.69
N LEU A 526 -32.30 40.28 9.53
CA LEU A 526 -31.03 40.87 9.10
C LEU A 526 -30.31 39.96 8.11
N HIS A 527 -30.40 38.65 8.31
CA HIS A 527 -29.69 37.70 7.46
C HIS A 527 -30.45 36.38 7.48
N ALA A 528 -30.32 35.62 6.38
CA ALA A 528 -30.92 34.30 6.26
C ALA A 528 -29.91 33.39 5.59
N HIS A 529 -29.49 32.34 6.30
CA HIS A 529 -28.54 31.37 5.77
C HIS A 529 -29.30 30.11 5.37
N GLN A 530 -29.29 29.78 4.09
CA GLN A 530 -29.98 28.60 3.59
C GLN A 530 -29.03 27.41 3.61
N PHE A 531 -29.46 26.34 4.27
CA PHE A 531 -28.64 25.14 4.41
C PHE A 531 -28.63 24.34 3.10
N LEU A 532 -27.94 23.21 3.13
CA LEU A 532 -27.80 22.39 1.94
C LEU A 532 -29.15 21.81 1.53
N GLN A 533 -29.21 21.29 0.31
CA GLN A 533 -30.43 20.67 -0.19
C GLN A 533 -30.73 19.41 0.61
N ASN A 534 -32.00 19.26 1.02
CA ASN A 534 -32.46 18.13 1.82
C ASN A 534 -31.81 18.08 3.19
N GLU A 535 -31.38 19.24 3.69
CA GLU A 535 -30.76 19.34 5.01
C GLU A 535 -31.74 20.04 5.94
N TYR A 536 -32.06 19.39 7.06
CA TYR A 536 -33.01 19.91 8.03
C TYR A 536 -32.26 20.48 9.23
N ALA A 537 -32.65 21.67 9.67
CA ALA A 537 -32.10 22.29 10.87
C ALA A 537 -32.90 21.82 12.07
N LEU A 538 -32.22 21.21 13.05
CA LEU A 538 -32.88 20.57 14.17
C LEU A 538 -32.54 21.18 15.53
N SER A 539 -31.30 21.61 15.73
CA SER A 539 -30.87 22.16 17.01
C SER A 539 -30.14 23.48 16.81
N LEU A 540 -30.21 24.34 17.82
CA LEU A 540 -29.60 25.66 17.75
C LEU A 540 -29.21 26.13 19.15
N VAL A 541 -27.96 26.57 19.29
CA VAL A 541 -27.44 27.08 20.55
C VAL A 541 -26.59 28.32 20.26
N SER A 542 -26.52 29.21 21.25
CA SER A 542 -25.68 30.40 21.19
C SER A 542 -24.87 30.46 22.47
N CYS A 543 -23.55 30.42 22.34
CA CYS A 543 -22.68 30.32 23.50
C CYS A 543 -21.24 30.55 23.07
N LYS A 544 -20.39 30.77 24.07
CA LYS A 544 -18.94 30.76 23.88
C LYS A 544 -18.41 29.36 24.15
N LEU A 545 -17.30 29.02 23.52
CA LEU A 545 -16.74 27.68 23.63
C LEU A 545 -15.24 27.74 23.86
N GLY A 546 -14.74 26.86 24.72
CA GLY A 546 -13.32 26.78 25.00
C GLY A 546 -12.76 28.10 25.51
N LYS A 547 -11.60 28.49 24.97
CA LYS A 547 -10.99 29.76 25.27
C LYS A 547 -11.26 30.81 24.21
N ASP A 548 -12.27 30.59 23.36
CA ASP A 548 -12.63 31.52 22.29
C ASP A 548 -13.61 32.55 22.82
N PRO A 549 -13.27 33.85 22.81
CA PRO A 549 -14.20 34.86 23.32
C PRO A 549 -15.37 35.15 22.40
N ASN A 550 -15.29 34.78 21.12
CA ASN A 550 -16.36 35.08 20.20
C ASN A 550 -17.57 34.20 20.48
N THR A 551 -18.75 34.83 20.54
CA THR A 551 -20.00 34.12 20.73
C THR A 551 -20.54 33.64 19.38
N TYR A 552 -20.88 32.35 19.31
CA TYR A 552 -21.23 31.72 18.04
C TYR A 552 -22.66 31.22 18.05
N PHE A 553 -23.26 31.16 16.87
CA PHE A 553 -24.48 30.41 16.61
C PHE A 553 -24.10 29.05 16.07
N ILE A 554 -24.59 27.99 16.71
CA ILE A 554 -24.26 26.62 16.33
C ILE A 554 -25.55 25.89 15.98
N VAL A 555 -25.57 25.26 14.81
CA VAL A 555 -26.74 24.57 14.30
C VAL A 555 -26.39 23.11 14.08
N GLY A 556 -27.25 22.21 14.62
CA GLY A 556 -27.14 20.80 14.35
C GLY A 556 -28.19 20.39 13.32
N THR A 557 -27.73 19.68 12.29
CA THR A 557 -28.55 19.38 11.13
C THR A 557 -28.64 17.87 10.91
N ALA A 558 -29.34 17.50 9.85
CA ALA A 558 -29.51 16.10 9.46
C ALA A 558 -29.85 16.05 7.97
N MET A 559 -29.30 15.06 7.27
CA MET A 559 -29.56 14.87 5.85
C MET A 559 -30.79 13.97 5.69
N VAL A 560 -31.88 14.55 5.19
CA VAL A 560 -33.16 13.87 5.08
C VAL A 560 -33.34 13.45 3.62
N TYR A 561 -33.50 12.14 3.40
CA TYR A 561 -33.69 11.54 2.09
C TYR A 561 -35.00 10.76 2.04
N PRO A 562 -35.53 10.49 0.83
CA PRO A 562 -36.84 9.80 0.76
C PRO A 562 -36.88 8.46 1.46
N GLU A 563 -35.75 7.77 1.62
CA GLU A 563 -35.75 6.52 2.39
C GLU A 563 -36.07 6.78 3.86
N GLU A 564 -35.91 8.02 4.31
CA GLU A 564 -36.13 8.45 5.69
C GLU A 564 -35.52 7.52 6.73
N ALA A 565 -36.36 6.83 7.49
CA ALA A 565 -35.95 5.86 8.50
C ALA A 565 -35.12 6.63 9.52
N GLU A 566 -33.84 6.36 9.68
CA GLU A 566 -32.99 7.12 10.59
C GLU A 566 -31.90 7.76 9.75
N PRO A 567 -31.76 9.09 9.76
CA PRO A 567 -30.72 9.72 8.94
C PRO A 567 -29.35 9.17 9.30
N LYS A 568 -28.52 8.96 8.27
CA LYS A 568 -27.19 8.42 8.47
C LYS A 568 -26.11 9.45 8.14
N GLN A 569 -26.51 10.70 7.90
CA GLN A 569 -25.60 11.80 7.65
C GLN A 569 -26.09 13.02 8.41
N GLY A 570 -25.17 13.91 8.75
CA GLY A 570 -25.51 15.12 9.46
C GLY A 570 -24.31 16.03 9.57
N ARG A 571 -24.58 17.27 9.97
CA ARG A 571 -23.54 18.29 10.09
C ARG A 571 -23.77 19.12 11.33
N ILE A 572 -22.69 19.54 11.98
CA ILE A 572 -22.71 20.54 13.04
C ILE A 572 -21.96 21.77 12.53
N VAL A 573 -22.66 22.88 12.36
CA VAL A 573 -22.08 24.08 11.75
C VAL A 573 -22.01 25.19 12.80
N VAL A 574 -20.89 25.92 12.79
CA VAL A 574 -20.64 27.01 13.71
C VAL A 574 -20.60 28.30 12.89
N PHE A 575 -21.45 29.26 13.27
CA PHE A 575 -21.50 30.56 12.63
C PHE A 575 -21.09 31.65 13.61
N GLN A 576 -20.58 32.75 13.08
CA GLN A 576 -20.35 33.96 13.88
C GLN A 576 -20.97 35.13 13.15
N TYR A 577 -21.96 35.76 13.77
CA TYR A 577 -22.57 36.97 13.24
C TYR A 577 -21.81 38.15 13.84
N SER A 578 -21.10 38.90 13.00
CA SER A 578 -20.29 40.01 13.49
C SER A 578 -20.29 41.13 12.45
N ASP A 579 -20.67 42.33 12.89
CA ASP A 579 -20.68 43.52 12.04
C ASP A 579 -21.59 43.32 10.82
N GLY A 580 -22.78 42.78 11.07
CA GLY A 580 -23.78 42.64 10.04
C GLY A 580 -23.56 41.54 9.03
N LYS A 581 -22.50 40.74 9.18
CA LYS A 581 -22.22 39.66 8.24
C LYS A 581 -22.07 38.34 8.98
N LEU A 582 -22.69 37.30 8.44
CA LEU A 582 -22.58 35.95 8.98
C LEU A 582 -21.45 35.19 8.29
N GLN A 583 -20.53 34.65 9.09
CA GLN A 583 -19.38 33.91 8.59
C GLN A 583 -19.44 32.47 9.05
N THR A 584 -19.22 31.54 8.13
CA THR A 584 -19.15 30.12 8.45
C THR A 584 -17.80 29.87 9.11
N VAL A 585 -17.79 29.51 10.39
CA VAL A 585 -16.55 29.35 11.14
C VAL A 585 -15.98 27.95 10.97
N ALA A 586 -16.78 26.91 11.19
CA ALA A 586 -16.30 25.55 11.09
C ALA A 586 -17.50 24.62 10.93
N GLU A 587 -17.23 23.44 10.36
CA GLU A 587 -18.24 22.41 10.21
C GLU A 587 -17.65 21.06 10.62
N LYS A 588 -18.49 20.24 11.26
CA LYS A 588 -18.13 18.90 11.69
C LYS A 588 -19.17 17.93 11.16
N GLU A 589 -18.73 16.94 10.39
CA GLU A 589 -19.64 15.95 9.84
C GLU A 589 -19.90 14.86 10.87
N VAL A 590 -21.18 14.53 11.07
CA VAL A 590 -21.58 13.47 11.97
C VAL A 590 -22.42 12.47 11.19
N LYS A 591 -22.55 11.27 11.76
CA LYS A 591 -23.24 10.16 11.08
C LYS A 591 -24.62 9.94 11.68
N GLY A 592 -25.45 10.98 11.63
CA GLY A 592 -26.80 10.89 12.14
C GLY A 592 -27.44 12.26 12.25
N ALA A 593 -28.54 12.31 13.00
CA ALA A 593 -29.29 13.53 13.19
C ALA A 593 -28.91 14.18 14.51
N VAL A 594 -28.62 15.48 14.47
CA VAL A 594 -28.26 16.26 15.66
C VAL A 594 -29.57 16.81 16.23
N TYR A 595 -30.24 16.00 17.06
CA TYR A 595 -31.55 16.39 17.56
C TYR A 595 -31.49 17.53 18.57
N SER A 596 -30.43 17.60 19.37
CA SER A 596 -30.33 18.65 20.38
C SER A 596 -28.87 18.88 20.75
N MET A 597 -28.57 20.13 21.09
CA MET A 597 -27.25 20.50 21.58
C MET A 597 -27.41 21.42 22.79
N VAL A 598 -26.38 21.46 23.62
CA VAL A 598 -26.34 22.34 24.79
C VAL A 598 -24.89 22.49 25.22
N GLU A 599 -24.54 23.68 25.67
CA GLU A 599 -23.20 23.99 26.16
C GLU A 599 -23.12 23.88 27.67
N PHE A 600 -22.16 23.10 28.17
CA PHE A 600 -21.77 23.25 29.57
C PHE A 600 -20.25 23.10 29.64
N ASN A 601 -19.67 23.75 30.66
CA ASN A 601 -18.22 23.73 30.91
C ASN A 601 -17.43 24.04 29.63
N GLY A 602 -17.88 25.04 28.88
CA GLY A 602 -17.17 25.42 27.68
C GLY A 602 -17.17 24.39 26.57
N LYS A 603 -17.90 23.29 26.74
CA LYS A 603 -17.92 22.22 25.76
C LYS A 603 -19.32 22.05 25.19
N LEU A 604 -19.37 21.53 23.96
CA LEU A 604 -20.61 21.35 23.21
C LEU A 604 -21.10 19.92 23.40
N LEU A 605 -22.23 19.76 24.05
CA LEU A 605 -22.87 18.47 24.23
C LEU A 605 -23.92 18.30 23.14
N ALA A 606 -23.75 17.29 22.28
CA ALA A 606 -24.64 17.07 21.16
C ALA A 606 -25.09 15.63 21.15
N SER A 607 -26.36 15.42 20.81
CA SER A 607 -26.96 14.10 20.69
C SER A 607 -27.15 13.78 19.21
N ILE A 608 -26.57 12.68 18.77
CA ILE A 608 -26.61 12.25 17.37
C ILE A 608 -27.24 10.87 17.35
N ASN A 609 -28.53 10.80 16.97
CA ASN A 609 -29.31 9.56 16.95
C ASN A 609 -29.27 8.96 18.35
N SER A 610 -28.71 7.77 18.54
CA SER A 610 -28.63 7.15 19.87
C SER A 610 -27.41 7.62 20.66
N THR A 611 -26.52 8.38 20.06
CA THR A 611 -25.26 8.77 20.68
C THR A 611 -25.38 10.14 21.33
N VAL A 612 -24.75 10.30 22.50
CA VAL A 612 -24.61 11.57 23.17
C VAL A 612 -23.13 11.88 23.27
N ARG A 613 -22.69 12.94 22.60
CA ARG A 613 -21.27 13.25 22.46
C ARG A 613 -20.95 14.57 23.14
N LEU A 614 -19.73 14.66 23.64
CA LEU A 614 -19.19 15.90 24.21
C LEU A 614 -18.02 16.33 23.34
N TYR A 615 -18.12 17.50 22.73
CA TYR A 615 -17.08 18.04 21.87
C TYR A 615 -16.27 19.10 22.60
N GLU A 616 -15.01 19.23 22.22
CA GLU A 616 -14.13 20.26 22.74
C GLU A 616 -13.73 21.23 21.63
N TRP A 617 -13.68 22.51 21.96
CA TRP A 617 -13.37 23.58 21.01
C TRP A 617 -11.88 23.84 21.03
N THR A 618 -11.17 23.31 20.03
CA THR A 618 -9.72 23.43 19.97
C THR A 618 -9.32 24.88 19.65
N THR A 619 -8.01 25.13 19.77
CA THR A 619 -7.47 26.44 19.42
C THR A 619 -7.44 26.69 17.91
N GLU A 620 -7.70 25.67 17.10
CA GLU A 620 -7.77 25.79 15.65
C GLU A 620 -9.18 26.07 15.15
N LYS A 621 -10.10 26.41 16.05
CA LYS A 621 -11.49 26.73 15.71
C LYS A 621 -12.18 25.55 15.00
N GLU A 622 -11.98 24.36 15.56
CA GLU A 622 -12.62 23.14 15.05
C GLU A 622 -13.01 22.25 16.22
N LEU A 623 -13.99 21.38 15.97
CA LEU A 623 -14.54 20.50 17.00
C LEU A 623 -13.76 19.20 17.12
N ARG A 624 -13.61 18.73 18.36
CA ARG A 624 -12.89 17.49 18.65
C ARG A 624 -13.70 16.69 19.67
N THR A 625 -13.90 15.40 19.36
CA THR A 625 -14.68 14.52 20.22
C THR A 625 -13.85 14.11 21.45
N GLU A 626 -14.47 14.16 22.63
CA GLU A 626 -13.82 13.73 23.86
C GLU A 626 -14.32 12.36 24.32
N CYS A 627 -15.61 12.26 24.62
CA CYS A 627 -16.18 11.01 25.10
C CYS A 627 -17.60 10.88 24.57
N ASN A 628 -18.11 9.65 24.56
CA ASN A 628 -19.40 9.33 23.96
C ASN A 628 -20.21 8.46 24.91
N HIS A 629 -21.53 8.46 24.69
CA HIS A 629 -22.48 7.56 25.33
C HIS A 629 -23.45 7.05 24.28
N TYR A 630 -23.73 5.74 24.31
CA TYR A 630 -24.48 5.09 23.25
C TYR A 630 -25.76 4.41 23.71
N ASN A 631 -25.95 4.16 25.02
CA ASN A 631 -27.08 3.37 25.51
C ASN A 631 -28.36 4.21 25.44
N ASN A 632 -28.79 4.50 24.22
CA ASN A 632 -30.04 5.19 23.95
C ASN A 632 -30.67 4.63 22.69
N ILE A 633 -31.93 5.01 22.47
CA ILE A 633 -32.63 4.65 21.23
C ILE A 633 -32.57 5.86 20.30
N MET A 634 -33.11 6.98 20.77
CA MET A 634 -33.09 8.25 20.02
C MET A 634 -32.95 9.38 21.04
N ALA A 635 -31.71 9.75 21.35
CA ALA A 635 -31.44 10.83 22.29
C ALA A 635 -31.97 12.15 21.75
N LEU A 636 -33.13 12.57 22.26
CA LEU A 636 -33.81 13.75 21.73
C LEU A 636 -33.49 14.99 22.54
N TYR A 637 -33.97 15.06 23.78
CA TYR A 637 -33.90 16.26 24.60
C TYR A 637 -32.76 16.16 25.61
N LEU A 638 -32.02 17.26 25.75
CA LEU A 638 -30.86 17.33 26.64
C LEU A 638 -30.98 18.53 27.56
N LYS A 639 -30.65 18.33 28.83
CA LYS A 639 -30.61 19.40 29.83
C LYS A 639 -29.41 19.17 30.74
N THR A 640 -28.78 20.26 31.18
CA THR A 640 -27.56 20.18 31.98
C THR A 640 -27.67 21.06 33.22
N LYS A 641 -26.92 20.66 34.26
CA LYS A 641 -26.78 21.46 35.46
C LYS A 641 -25.50 20.99 36.15
N GLY A 642 -24.47 21.83 36.13
CA GLY A 642 -23.16 21.40 36.60
C GLY A 642 -22.58 20.38 35.65
N ASP A 643 -22.14 19.24 36.18
CA ASP A 643 -21.64 18.15 35.37
C ASP A 643 -22.69 17.10 35.07
N PHE A 644 -23.89 17.23 35.63
CA PHE A 644 -24.97 16.29 35.36
C PHE A 644 -25.62 16.60 34.01
N ILE A 645 -26.13 15.56 33.38
CA ILE A 645 -26.77 15.64 32.08
C ILE A 645 -28.05 14.80 32.11
N LEU A 646 -29.17 15.42 31.76
CA LEU A 646 -30.45 14.72 31.68
C LEU A 646 -30.72 14.41 30.21
N VAL A 647 -30.89 13.13 29.91
CA VAL A 647 -31.06 12.66 28.54
C VAL A 647 -32.51 12.25 28.37
N GLY A 648 -33.17 12.86 27.39
CA GLY A 648 -34.53 12.52 27.05
C GLY A 648 -34.59 11.71 25.78
N ASP A 649 -34.90 10.43 25.89
CA ASP A 649 -34.91 9.54 24.74
C ASP A 649 -36.31 9.52 24.13
N LEU A 650 -36.36 9.10 22.86
CA LEU A 650 -37.66 8.91 22.21
C LEU A 650 -38.56 8.02 23.07
N MET A 651 -37.97 7.03 23.73
CA MET A 651 -38.71 6.21 24.69
C MET A 651 -37.86 6.15 25.95
N ARG A 652 -37.50 4.95 26.41
CA ARG A 652 -36.63 4.74 27.56
C ARG A 652 -36.79 5.72 28.74
N SER A 653 -37.64 6.74 28.59
CA SER A 653 -37.91 7.81 29.54
C SER A 653 -36.71 8.75 29.66
N VAL A 654 -36.21 8.94 30.88
CA VAL A 654 -35.11 9.86 31.14
C VAL A 654 -33.95 9.09 31.75
N LEU A 655 -32.73 9.48 31.39
CA LEU A 655 -31.51 8.90 31.95
C LEU A 655 -30.66 10.04 32.49
N LEU A 656 -29.97 9.79 33.60
CA LEU A 656 -29.06 10.76 34.17
C LEU A 656 -27.64 10.36 33.83
N LEU A 657 -26.91 11.27 33.18
CA LEU A 657 -25.52 11.06 32.81
C LEU A 657 -24.67 12.10 33.50
N ALA A 658 -23.50 11.68 33.97
CA ALA A 658 -22.56 12.57 34.61
C ALA A 658 -21.24 12.54 33.87
N TYR A 659 -20.75 13.71 33.47
CA TYR A 659 -19.44 13.81 32.88
C TYR A 659 -18.40 13.76 33.99
N LYS A 660 -17.55 12.73 33.98
CA LYS A 660 -16.57 12.57 35.04
C LYS A 660 -15.25 13.16 34.56
N PRO A 661 -14.86 14.35 35.05
CA PRO A 661 -13.65 15.00 34.51
C PRO A 661 -12.37 14.25 34.82
N MET A 662 -12.35 13.43 35.89
CA MET A 662 -11.16 12.65 36.21
C MET A 662 -10.87 11.64 35.11
N GLU A 663 -11.84 10.79 34.79
CA GLU A 663 -11.65 9.77 33.77
C GLU A 663 -11.79 10.34 32.37
N GLY A 664 -12.64 11.36 32.20
CA GLY A 664 -12.90 11.89 30.88
C GLY A 664 -13.92 11.12 30.09
N ASN A 665 -14.80 10.38 30.75
CA ASN A 665 -15.83 9.59 30.09
C ASN A 665 -17.15 9.74 30.83
N PHE A 666 -18.24 9.52 30.11
CA PHE A 666 -19.55 9.52 30.72
C PHE A 666 -19.74 8.27 31.58
N GLU A 667 -20.77 8.32 32.43
CA GLU A 667 -21.11 7.17 33.25
C GLU A 667 -22.58 7.31 33.66
N GLU A 668 -23.37 6.26 33.41
CA GLU A 668 -24.77 6.29 33.80
C GLU A 668 -24.90 6.39 35.32
N ILE A 669 -25.69 7.35 35.77
CA ILE A 669 -25.93 7.54 37.19
C ILE A 669 -27.22 6.83 37.58
N ALA A 670 -28.33 7.26 36.99
CA ALA A 670 -29.63 6.67 37.28
C ALA A 670 -30.53 6.86 36.06
N ARG A 671 -31.49 5.95 35.91
CA ARG A 671 -32.41 6.01 34.79
C ARG A 671 -33.81 5.71 35.28
N ASP A 672 -34.79 6.40 34.71
CA ASP A 672 -36.19 6.10 34.98
C ASP A 672 -36.59 4.92 34.11
N PHE A 673 -36.90 3.79 34.76
CA PHE A 673 -37.14 2.55 34.05
C PHE A 673 -38.59 2.40 33.58
N ASN A 674 -39.48 3.28 34.02
CA ASN A 674 -40.85 3.23 33.51
C ASN A 674 -40.86 3.79 32.09
N PRO A 675 -41.30 3.01 31.09
CA PRO A 675 -41.20 3.48 29.71
C PRO A 675 -42.19 4.60 29.44
N ASN A 676 -41.71 5.67 28.81
CA ASN A 676 -42.53 6.81 28.45
C ASN A 676 -42.07 7.36 27.11
N TRP A 677 -43.00 7.88 26.35
CA TRP A 677 -42.70 8.54 25.08
C TRP A 677 -42.50 10.02 25.40
N MET A 678 -41.24 10.43 25.47
CA MET A 678 -40.92 11.78 25.93
C MET A 678 -41.19 12.82 24.86
N SER A 679 -41.67 13.99 25.30
CA SER A 679 -41.85 15.14 24.43
C SER A 679 -41.00 16.34 24.85
N ALA A 680 -40.61 16.44 26.11
CA ALA A 680 -39.75 17.50 26.62
C ALA A 680 -39.32 17.14 28.03
N VAL A 681 -38.06 17.41 28.35
CA VAL A 681 -37.50 17.13 29.67
C VAL A 681 -36.98 18.43 30.27
N GLU A 682 -36.78 18.41 31.58
CA GLU A 682 -36.28 19.58 32.29
C GLU A 682 -35.73 19.15 33.64
N ILE A 683 -34.73 19.90 34.10
CA ILE A 683 -34.11 19.67 35.40
C ILE A 683 -34.68 20.68 36.38
N LEU A 684 -35.28 20.19 37.46
CA LEU A 684 -35.81 21.05 38.51
C LEU A 684 -34.73 21.41 39.53
N ASP A 685 -34.09 20.40 40.11
CA ASP A 685 -32.97 20.60 41.03
C ASP A 685 -31.98 19.46 40.81
N ASP A 686 -31.01 19.33 41.73
CA ASP A 686 -29.96 18.32 41.58
C ASP A 686 -30.48 16.89 41.77
N ASP A 687 -31.69 16.72 42.30
CA ASP A 687 -32.25 15.40 42.53
C ASP A 687 -33.62 15.19 41.88
N ASN A 688 -34.35 16.25 41.51
CA ASN A 688 -35.66 16.13 40.90
C ASN A 688 -35.54 16.48 39.42
N PHE A 689 -36.33 15.78 38.60
CA PHE A 689 -36.36 16.01 37.16
C PHE A 689 -37.80 16.02 36.69
N LEU A 690 -38.10 16.87 35.70
CA LEU A 690 -39.44 17.03 35.17
C LEU A 690 -39.48 16.61 33.71
N GLY A 691 -40.53 15.88 33.34
CA GLY A 691 -40.69 15.42 31.98
C GLY A 691 -42.13 15.54 31.52
N ALA A 692 -42.30 15.43 30.20
CA ALA A 692 -43.61 15.52 29.57
C ALA A 692 -43.77 14.35 28.61
N GLU A 693 -44.94 13.71 28.66
CA GLU A 693 -45.21 12.53 27.86
C GLU A 693 -46.18 12.87 26.74
N ASN A 694 -46.18 12.04 25.69
CA ASN A 694 -47.07 12.23 24.55
C ASN A 694 -48.53 12.00 24.91
N ALA A 695 -48.83 11.43 26.08
CA ALA A 695 -50.19 11.22 26.54
C ALA A 695 -50.71 12.38 27.38
N PHE A 696 -50.18 13.59 27.19
CA PHE A 696 -50.61 14.78 27.92
C PHE A 696 -50.43 14.61 29.43
N ASN A 697 -49.29 14.05 29.82
CA ASN A 697 -49.00 13.78 31.22
C ASN A 697 -47.65 14.36 31.60
N LEU A 698 -47.60 14.99 32.77
CA LEU A 698 -46.36 15.46 33.36
C LEU A 698 -45.99 14.54 34.52
N PHE A 699 -44.70 14.25 34.64
CA PHE A 699 -44.22 13.42 35.75
C PHE A 699 -42.89 13.94 36.25
N VAL A 700 -42.57 13.59 37.49
CA VAL A 700 -41.34 14.01 38.15
C VAL A 700 -40.71 12.79 38.80
N CYS A 701 -39.50 12.44 38.38
CA CYS A 701 -38.73 11.38 39.00
C CYS A 701 -37.65 11.99 39.90
N GLN A 702 -37.22 11.21 40.88
CA GLN A 702 -36.20 11.65 41.82
C GLN A 702 -35.38 10.45 42.28
N LYS A 703 -34.12 10.72 42.64
CA LYS A 703 -33.29 9.66 43.21
C LYS A 703 -33.86 9.22 44.55
N ASP A 704 -33.98 7.91 44.75
CA ASP A 704 -34.56 7.41 46.00
C ASP A 704 -33.65 7.68 47.19
N SER A 705 -32.34 7.54 47.00
CA SER A 705 -31.34 7.84 48.04
C SER A 705 -31.59 7.05 49.33
N ALA A 706 -32.05 5.80 49.19
CA ALA A 706 -32.31 4.95 50.35
C ALA A 706 -31.66 3.58 50.20
N ALA A 707 -31.60 2.88 51.34
CA ALA A 707 -31.05 1.53 51.49
C ALA A 707 -29.59 1.38 51.08
N THR A 708 -28.96 2.45 50.59
CA THR A 708 -27.53 2.45 50.23
C THR A 708 -27.18 1.35 49.24
N THR A 709 -28.16 0.90 48.45
CA THR A 709 -27.90 -0.10 47.41
C THR A 709 -27.57 0.61 46.11
N ASP A 710 -26.53 0.14 45.42
CA ASP A 710 -26.18 0.73 44.14
C ASP A 710 -27.27 0.52 43.09
N GLU A 711 -28.07 -0.53 43.23
CA GLU A 711 -29.16 -0.75 42.27
C GLU A 711 -30.35 0.16 42.54
N GLU A 712 -30.67 0.36 43.82
CA GLU A 712 -31.75 1.28 44.18
C GLU A 712 -31.40 2.71 43.78
N ARG A 713 -30.13 3.08 43.93
CA ARG A 713 -29.71 4.44 43.57
C ARG A 713 -29.87 4.69 42.08
N GLN A 714 -29.48 3.73 41.23
CA GLN A 714 -29.64 3.89 39.79
C GLN A 714 -31.09 3.88 39.35
N HIS A 715 -32.04 3.71 40.26
CA HIS A 715 -33.46 3.63 39.94
C HIS A 715 -34.08 5.00 40.23
N LEU A 716 -34.28 5.79 39.18
CA LEU A 716 -35.05 7.02 39.31
C LEU A 716 -36.51 6.66 39.56
N GLN A 717 -37.04 7.07 40.71
CA GLN A 717 -38.38 6.71 41.12
C GLN A 717 -39.34 7.84 40.75
N GLU A 718 -40.35 7.52 39.95
CA GLU A 718 -41.39 8.47 39.59
C GLU A 718 -42.22 8.80 40.83
N VAL A 719 -42.02 10.00 41.38
CA VAL A 719 -42.71 10.44 42.60
C VAL A 719 -43.83 11.42 42.33
N GLY A 720 -43.93 11.96 41.11
CA GLY A 720 -45.01 12.86 40.76
C GLY A 720 -45.70 12.43 39.48
N LEU A 721 -47.04 12.44 39.49
CA LEU A 721 -47.83 12.10 38.31
C LEU A 721 -48.97 13.10 38.19
N PHE A 722 -49.25 13.55 36.97
CA PHE A 722 -50.24 14.59 36.76
C PHE A 722 -50.62 14.61 35.28
N HIS A 723 -51.90 14.47 35.00
CA HIS A 723 -52.41 14.61 33.63
C HIS A 723 -52.62 16.08 33.35
N LEU A 724 -51.77 16.66 32.51
CA LEU A 724 -51.89 18.08 32.21
C LEU A 724 -53.01 18.35 31.22
N GLY A 725 -53.18 17.49 30.23
CA GLY A 725 -54.14 17.71 29.18
C GLY A 725 -53.61 18.45 27.98
N GLU A 726 -52.35 18.88 28.01
CA GLU A 726 -51.72 19.60 26.92
C GLU A 726 -50.45 18.88 26.50
N PHE A 727 -50.01 19.13 25.27
CA PHE A 727 -48.80 18.52 24.73
C PHE A 727 -47.66 19.52 24.87
N VAL A 728 -46.79 19.28 25.85
CA VAL A 728 -45.67 20.18 26.12
C VAL A 728 -44.55 19.93 25.12
N ASN A 729 -44.09 20.99 24.46
CA ASN A 729 -42.99 20.90 23.50
C ASN A 729 -41.67 21.43 24.04
N VAL A 730 -41.69 22.44 24.90
CA VAL A 730 -40.47 23.09 25.37
C VAL A 730 -40.66 23.51 26.83
N PHE A 731 -39.73 23.09 27.69
CA PHE A 731 -39.62 23.61 29.05
C PHE A 731 -38.58 24.71 29.09
N CYS A 732 -38.84 25.73 29.90
CA CYS A 732 -37.96 26.91 29.95
C CYS A 732 -37.98 27.49 31.35
N HIS A 733 -36.78 27.64 31.93
CA HIS A 733 -36.65 28.28 33.23
C HIS A 733 -36.83 29.78 33.11
N GLY A 734 -37.56 30.36 34.06
CA GLY A 734 -37.78 31.79 34.06
C GLY A 734 -39.18 32.18 34.47
N SER A 735 -39.44 33.48 34.56
CA SER A 735 -40.75 33.98 34.94
C SER A 735 -40.94 35.37 34.38
N LEU A 736 -42.16 35.69 33.98
CA LEU A 736 -42.46 36.99 33.42
C LEU A 736 -42.82 38.01 34.48
N VAL A 737 -42.91 37.61 35.74
CA VAL A 737 -43.23 38.53 36.82
C VAL A 737 -41.96 39.24 37.28
N MET A 738 -42.13 40.43 37.86
CA MET A 738 -41.00 41.20 38.36
C MET A 738 -40.43 40.51 39.60
N GLN A 739 -39.15 40.15 39.54
CA GLN A 739 -38.46 39.43 40.60
C GLN A 739 -37.43 40.34 41.24
N ASN A 740 -37.58 40.59 42.55
CA ASN A 740 -36.65 41.44 43.29
C ASN A 740 -35.71 40.56 44.10
N LEU A 741 -34.41 40.86 44.04
CA LEU A 741 -33.38 40.12 44.77
C LEU A 741 -33.62 40.10 46.28
N GLY A 742 -34.52 40.94 46.78
CA GLY A 742 -34.90 40.90 48.17
C GLY A 742 -35.37 39.50 48.52
N GLU A 743 -34.89 38.97 49.64
CA GLU A 743 -35.09 37.57 49.97
C GLU A 743 -36.23 37.47 50.97
N THR A 744 -37.27 36.74 50.59
CA THR A 744 -38.46 36.56 51.40
C THR A 744 -39.02 35.17 51.16
N SER A 745 -39.57 34.58 52.21
CA SER A 745 -40.13 33.23 52.14
C SER A 745 -41.39 33.24 51.27
N THR A 746 -41.24 32.82 50.02
CA THR A 746 -42.36 32.68 49.10
C THR A 746 -42.88 31.25 49.16
N PRO A 747 -44.19 31.02 49.04
CA PRO A 747 -44.70 29.64 49.09
C PRO A 747 -44.24 28.80 47.90
N THR A 748 -43.92 29.42 46.77
CA THR A 748 -43.42 28.72 45.60
C THR A 748 -41.91 28.87 45.51
N GLN A 749 -41.25 27.82 45.05
CA GLN A 749 -39.80 27.83 44.84
C GLN A 749 -39.51 27.36 43.43
N GLY A 750 -38.81 28.18 42.66
CA GLY A 750 -38.51 27.85 41.28
C GLY A 750 -39.59 28.33 40.32
N SER A 751 -39.23 28.33 39.03
CA SER A 751 -40.17 28.78 38.00
C SER A 751 -39.76 28.13 36.69
N VAL A 752 -40.66 27.31 36.12
CA VAL A 752 -40.44 26.64 34.85
C VAL A 752 -41.65 26.91 33.96
N LEU A 753 -41.41 27.54 32.82
CA LEU A 753 -42.44 27.82 31.84
C LEU A 753 -42.43 26.78 30.74
N PHE A 754 -43.61 26.50 30.18
CA PHE A 754 -43.72 25.56 29.09
C PHE A 754 -44.79 26.02 28.11
N GLY A 755 -44.54 25.76 26.83
CA GLY A 755 -45.50 26.04 25.76
C GLY A 755 -46.01 24.75 25.17
N THR A 756 -47.25 24.78 24.69
CA THR A 756 -47.93 23.58 24.21
C THR A 756 -48.39 23.78 22.76
N VAL A 757 -48.98 22.72 22.20
CA VAL A 757 -49.43 22.75 20.82
C VAL A 757 -50.67 23.63 20.68
N ASN A 758 -51.56 23.60 21.67
CA ASN A 758 -52.79 24.36 21.64
C ASN A 758 -52.60 25.81 22.06
N GLY A 759 -51.37 26.31 22.11
CA GLY A 759 -51.10 27.68 22.49
C GLY A 759 -51.07 27.95 23.98
N MET A 760 -51.40 26.97 24.81
CA MET A 760 -51.40 27.16 26.25
C MET A 760 -49.98 27.27 26.78
N ILE A 761 -49.76 28.23 27.68
CA ILE A 761 -48.48 28.40 28.37
C ILE A 761 -48.74 28.26 29.86
N GLY A 762 -47.97 27.39 30.52
CA GLY A 762 -48.15 27.13 31.93
C GLY A 762 -46.86 27.32 32.70
N LEU A 763 -46.96 27.10 34.02
CA LEU A 763 -45.83 27.29 34.92
C LEU A 763 -45.81 26.16 35.94
N VAL A 764 -44.64 25.58 36.14
CA VAL A 764 -44.43 24.54 37.14
C VAL A 764 -43.47 25.08 38.19
N THR A 765 -43.77 24.80 39.45
CA THR A 765 -42.92 25.23 40.56
C THR A 765 -43.03 24.22 41.68
N SER A 766 -41.99 24.15 42.50
CA SER A 766 -41.93 23.20 43.60
C SER A 766 -42.44 23.82 44.89
N LEU A 767 -42.87 22.96 45.81
CA LEU A 767 -43.41 23.38 47.09
C LEU A 767 -42.67 22.66 48.20
N SER A 768 -42.78 23.21 49.41
CA SER A 768 -42.34 22.49 50.58
C SER A 768 -43.41 21.49 51.00
N GLU A 769 -43.01 20.52 51.83
CA GLU A 769 -43.96 19.51 52.27
C GLU A 769 -45.09 20.12 53.08
N SER A 770 -44.82 21.22 53.80
CA SER A 770 -45.87 21.90 54.53
C SER A 770 -46.90 22.50 53.59
N TRP A 771 -46.45 23.15 52.51
CA TRP A 771 -47.39 23.78 51.58
C TRP A 771 -48.14 22.76 50.73
N TYR A 772 -47.50 21.64 50.39
CA TYR A 772 -48.17 20.62 49.59
C TYR A 772 -49.41 20.10 50.31
N ASN A 773 -49.26 19.73 51.59
CA ASN A 773 -50.39 19.19 52.35
C ASN A 773 -51.51 20.23 52.50
N LEU A 774 -51.15 21.51 52.61
CA LEU A 774 -52.18 22.54 52.72
C LEU A 774 -52.97 22.69 51.43
N LEU A 775 -52.27 22.81 50.29
CA LEU A 775 -52.96 22.98 49.03
C LEU A 775 -53.68 21.72 48.59
N LEU A 776 -53.12 20.55 48.89
CA LEU A 776 -53.80 19.30 48.55
C LEU A 776 -55.08 19.16 49.37
N ASP A 777 -55.04 19.54 50.65
CA ASP A 777 -56.24 19.49 51.48
C ASP A 777 -57.31 20.44 50.97
N MET A 778 -56.91 21.57 50.38
CA MET A 778 -57.90 22.51 49.83
C MET A 778 -58.54 21.96 48.57
N GLN A 779 -57.75 21.28 47.71
CA GLN A 779 -58.28 20.72 46.48
C GLN A 779 -59.44 19.76 46.78
N ASN A 780 -59.25 18.87 47.75
CA ASN A 780 -60.32 17.96 48.14
C ASN A 780 -61.52 18.71 48.69
N ARG A 781 -61.28 19.85 49.36
CA ARG A 781 -62.39 20.66 49.86
C ARG A 781 -63.06 21.44 48.74
N LEU A 782 -62.28 21.93 47.77
CA LEU A 782 -62.85 22.67 46.67
C LEU A 782 -63.64 21.77 45.71
N ASN A 783 -63.22 20.51 45.58
CA ASN A 783 -63.92 19.59 44.68
C ASN A 783 -65.33 19.28 45.19
N LYS A 784 -65.48 19.13 46.52
CA LYS A 784 -66.81 18.92 47.09
C LYS A 784 -67.68 20.16 46.97
N VAL A 785 -67.09 21.34 46.79
CA VAL A 785 -67.81 22.60 46.72
C VAL A 785 -68.10 23.01 45.29
N ILE A 786 -67.07 23.02 44.44
CA ILE A 786 -67.21 23.52 43.08
C ILE A 786 -67.93 22.49 42.23
N LYS A 787 -68.94 22.94 41.48
CA LYS A 787 -69.65 22.08 40.55
C LYS A 787 -68.94 22.12 39.19
N SER A 788 -68.62 20.95 38.67
CA SER A 788 -67.89 20.83 37.41
C SER A 788 -68.86 20.66 36.25
N VAL A 789 -68.46 21.15 35.08
CA VAL A 789 -69.30 21.04 33.89
C VAL A 789 -69.40 19.57 33.50
N GLY A 790 -70.63 19.08 33.40
CA GLY A 790 -70.85 17.68 33.12
C GLY A 790 -70.68 16.76 34.30
N LYS A 791 -70.47 17.31 35.50
CA LYS A 791 -70.30 16.53 36.72
C LYS A 791 -69.16 15.52 36.59
N ILE A 792 -68.02 16.00 36.07
CA ILE A 792 -66.82 15.19 35.92
C ILE A 792 -65.99 15.32 37.18
N GLU A 793 -65.58 14.17 37.75
CA GLU A 793 -64.75 14.18 38.94
C GLU A 793 -63.37 14.77 38.62
N HIS A 794 -62.91 15.69 39.48
CA HIS A 794 -61.62 16.32 39.26
C HIS A 794 -60.47 15.33 39.41
N SER A 795 -60.58 14.41 40.37
CA SER A 795 -59.51 13.43 40.56
C SER A 795 -59.36 12.52 39.35
N PHE A 796 -60.47 12.22 38.66
CA PHE A 796 -60.37 11.43 37.43
C PHE A 796 -59.73 12.22 36.31
N TRP A 797 -59.98 13.52 36.26
CA TRP A 797 -59.46 14.34 35.16
C TRP A 797 -57.94 14.50 35.27
N ARG A 798 -57.44 14.83 36.46
CA ARG A 798 -56.01 15.02 36.64
C ARG A 798 -55.23 13.73 36.84
N SER A 799 -55.89 12.57 36.75
CA SER A 799 -55.21 11.30 36.95
C SER A 799 -54.34 10.96 35.74
N PHE A 800 -53.11 10.54 36.01
CA PHE A 800 -52.21 10.04 34.98
C PHE A 800 -52.90 8.98 34.13
N HIS A 801 -52.87 9.16 32.81
CA HIS A 801 -53.66 8.34 31.90
C HIS A 801 -52.90 8.09 30.61
N THR A 802 -52.59 6.83 30.35
CA THR A 802 -52.17 6.35 29.04
C THR A 802 -53.22 5.37 28.52
N GLU A 803 -53.04 4.91 27.28
CA GLU A 803 -53.94 3.89 26.73
C GLU A 803 -53.83 2.58 27.50
N ARG A 804 -52.72 2.36 28.20
CA ARG A 804 -52.48 1.11 28.91
C ARG A 804 -52.61 1.22 30.41
N LYS A 805 -52.25 2.36 31.00
CA LYS A 805 -52.27 2.53 32.45
C LYS A 805 -53.02 3.80 32.83
N THR A 806 -53.69 3.73 33.98
CA THR A 806 -54.39 4.87 34.56
C THR A 806 -54.05 4.91 36.05
N GLU A 807 -53.34 5.95 36.47
CA GLU A 807 -52.90 6.13 37.84
C GLU A 807 -53.39 7.45 38.41
N PRO A 808 -53.69 7.50 39.71
CA PRO A 808 -54.12 8.77 40.31
C PRO A 808 -52.97 9.77 40.39
N ALA A 809 -53.33 11.04 40.39
CA ALA A 809 -52.32 12.09 40.44
C ALA A 809 -51.66 12.15 41.82
N THR A 810 -50.36 12.41 41.82
CA THR A 810 -49.60 12.51 43.06
C THR A 810 -48.48 13.53 42.88
N GLY A 811 -48.12 14.19 43.99
CA GLY A 811 -47.05 15.15 43.99
C GLY A 811 -47.31 16.44 43.23
N PHE A 812 -48.52 16.64 42.73
CA PHE A 812 -48.86 17.82 41.95
C PHE A 812 -50.12 18.48 42.53
N ILE A 813 -50.11 19.80 42.57
CA ILE A 813 -51.25 20.60 43.01
C ILE A 813 -51.81 21.32 41.80
N ASP A 814 -53.03 20.97 41.40
CA ASP A 814 -53.71 21.67 40.31
C ASP A 814 -53.95 23.12 40.70
N GLY A 815 -53.04 24.02 40.31
CA GLY A 815 -53.16 25.41 40.72
C GLY A 815 -54.38 26.11 40.17
N ASP A 816 -54.88 25.66 39.01
CA ASP A 816 -56.10 26.25 38.47
C ASP A 816 -57.30 25.96 39.36
N LEU A 817 -57.25 24.86 40.11
CA LEU A 817 -58.31 24.57 41.08
C LEU A 817 -58.13 25.36 42.36
N ILE A 818 -56.88 25.55 42.79
CA ILE A 818 -56.62 26.34 43.99
C ILE A 818 -56.96 27.79 43.75
N GLU A 819 -56.59 28.33 42.59
CA GLU A 819 -56.88 29.72 42.27
C GLU A 819 -58.37 29.96 42.03
N SER A 820 -59.16 28.91 41.89
CA SER A 820 -60.61 29.05 41.81
C SER A 820 -61.25 29.33 43.16
N PHE A 821 -60.47 29.29 44.24
CA PHE A 821 -61.01 29.62 45.55
C PHE A 821 -61.41 31.08 45.66
N LEU A 822 -60.73 31.96 44.91
CA LEU A 822 -61.04 33.38 44.90
C LEU A 822 -62.21 33.73 44.01
N ASP A 823 -62.90 32.74 43.42
CA ASP A 823 -64.01 32.98 42.52
C ASP A 823 -65.33 32.39 43.02
N ILE A 824 -65.31 31.46 43.97
CA ILE A 824 -66.54 30.93 44.54
C ILE A 824 -67.11 31.95 45.52
N SER A 825 -68.42 31.85 45.75
CA SER A 825 -69.09 32.80 46.62
C SER A 825 -68.59 32.69 48.05
N ARG A 826 -68.86 33.74 48.83
CA ARG A 826 -68.40 33.78 50.22
C ARG A 826 -68.92 32.62 51.05
N PRO A 827 -70.20 32.20 50.98
CA PRO A 827 -70.62 31.02 51.74
C PRO A 827 -69.86 29.76 51.38
N LYS A 828 -69.45 29.61 50.13
CA LYS A 828 -68.68 28.43 49.75
C LYS A 828 -67.24 28.50 50.26
N MET A 829 -66.68 29.71 50.41
CA MET A 829 -65.35 29.86 50.97
C MET A 829 -65.31 29.34 52.40
N GLN A 830 -66.28 29.76 53.22
CA GLN A 830 -66.35 29.29 54.60
C GLN A 830 -66.61 27.79 54.68
N GLU A 831 -67.33 27.24 53.71
CA GLU A 831 -67.54 25.80 53.67
C GLU A 831 -66.24 25.05 53.47
N VAL A 832 -65.27 25.67 52.79
CA VAL A 832 -63.96 25.05 52.57
C VAL A 832 -63.11 25.14 53.84
N VAL A 833 -63.21 26.25 54.58
CA VAL A 833 -62.37 26.48 55.74
C VAL A 833 -62.89 25.81 57.01
N ALA A 834 -64.04 25.13 56.94
CA ALA A 834 -64.58 24.48 58.12
C ALA A 834 -63.65 23.35 58.57
N ASN A 835 -63.37 23.29 59.87
CA ASN A 835 -62.48 22.32 60.50
C ASN A 835 -61.06 22.44 59.95
N LEU A 836 -60.84 23.38 59.04
CA LEU A 836 -59.52 23.63 58.48
C LEU A 836 -58.73 24.51 59.44
N GLN A 837 -57.55 24.06 59.84
CA GLN A 837 -56.70 24.80 60.76
C GLN A 837 -55.57 25.43 59.97
N TYR A 838 -55.34 26.72 60.21
CA TYR A 838 -54.33 27.48 59.51
C TYR A 838 -53.10 27.49 60.39
N ASP A 839 -51.92 27.35 59.78
CA ASP A 839 -50.70 27.10 60.55
C ASP A 839 -49.73 28.26 60.54
N ASP A 840 -50.18 29.46 60.18
CA ASP A 840 -49.27 30.61 60.14
C ASP A 840 -48.66 30.88 61.51
N GLY A 841 -49.40 30.59 62.58
CA GLY A 841 -48.92 30.82 63.92
C GLY A 841 -48.33 29.58 64.57
N SER A 842 -47.00 29.51 64.59
CA SER A 842 -46.30 28.35 65.13
C SER A 842 -46.88 27.91 66.47
N GLY A 843 -47.19 28.88 67.33
CA GLY A 843 -47.81 28.64 68.63
C GLY A 843 -49.07 27.80 68.54
N MET A 844 -50.15 28.41 68.08
CA MET A 844 -51.46 27.78 68.06
C MET A 844 -51.90 27.56 66.62
N LYS A 845 -52.57 26.43 66.38
CA LYS A 845 -53.09 26.09 65.05
C LYS A 845 -54.50 26.67 64.98
N ARG A 846 -54.53 27.97 64.72
CA ARG A 846 -55.77 28.73 64.69
C ARG A 846 -56.70 28.21 63.61
N GLU A 847 -58.00 28.27 63.90
CA GLU A 847 -58.99 27.84 62.93
C GLU A 847 -58.94 28.82 61.76
N ALA A 848 -59.06 28.30 60.55
CA ALA A 848 -58.81 29.13 59.39
C ALA A 848 -60.04 29.97 59.07
N THR A 849 -59.80 31.26 58.83
CA THR A 849 -60.80 32.17 58.32
C THR A 849 -60.77 32.16 56.80
N ALA A 850 -61.85 32.65 56.20
CA ALA A 850 -61.88 32.75 54.74
C ALA A 850 -60.80 33.71 54.25
N ASP A 851 -60.53 34.77 55.00
CA ASP A 851 -59.50 35.72 54.63
C ASP A 851 -58.10 35.15 54.78
N ASP A 852 -57.90 34.21 55.70
CA ASP A 852 -56.59 33.57 55.83
C ASP A 852 -56.24 32.78 54.57
N LEU A 853 -57.24 32.14 53.94
CA LEU A 853 -57.01 31.44 52.69
C LEU A 853 -56.99 32.40 51.50
N ILE A 854 -57.74 33.50 51.57
CA ILE A 854 -57.69 34.49 50.49
C ILE A 854 -56.31 35.11 50.42
N LYS A 855 -55.65 35.29 51.57
CA LYS A 855 -54.28 35.79 51.56
C LYS A 855 -53.33 34.81 50.89
N VAL A 856 -53.52 33.52 51.14
CA VAL A 856 -52.63 32.50 50.59
C VAL A 856 -52.81 32.38 49.08
N VAL A 857 -54.07 32.31 48.62
CA VAL A 857 -54.31 32.11 47.18
C VAL A 857 -53.88 33.35 46.39
N GLU A 858 -54.12 34.54 46.93
CA GLU A 858 -53.69 35.75 46.24
C GLU A 858 -52.18 35.81 46.10
N GLU A 859 -51.44 35.20 47.04
CA GLU A 859 -49.99 35.12 46.91
C GLU A 859 -49.59 34.15 45.80
N LEU A 860 -50.36 33.07 45.60
CA LEU A 860 -50.07 32.14 44.53
C LEU A 860 -50.41 32.70 43.15
N THR A 861 -51.33 33.67 43.09
CA THR A 861 -51.66 34.31 41.82
C THR A 861 -50.60 35.30 41.36
N ARG A 862 -49.64 35.64 42.22
CA ARG A 862 -48.60 36.58 41.87
C ARG A 862 -47.36 35.92 41.25
N ILE A 863 -47.31 34.59 41.24
CA ILE A 863 -46.17 33.89 40.64
C ILE A 863 -46.24 33.87 39.11
N HIS A 864 -47.36 34.26 38.53
CA HIS A 864 -47.51 34.30 37.07
C HIS A 864 -48.23 35.57 36.62
N GLY B 1 -11.36 -29.62 24.56
CA GLY B 1 -12.10 -28.52 23.97
C GLY B 1 -12.51 -27.44 24.96
N GLN B 2 -11.65 -27.19 25.96
CA GLN B 2 -11.83 -26.14 26.96
C GLN B 2 -12.56 -24.92 26.40
N THR B 3 -11.86 -24.11 25.61
CA THR B 3 -12.39 -22.99 24.82
C THR B 3 -13.92 -23.00 24.67
N GLU B 4 -14.59 -21.90 25.05
CA GLU B 4 -16.05 -21.75 24.96
C GLU B 4 -16.79 -22.68 25.92
N SER B 5 -16.29 -23.89 26.12
CA SER B 5 -16.91 -24.84 27.03
C SER B 5 -16.52 -24.60 28.47
N ASP B 6 -15.30 -24.12 28.70
CA ASP B 6 -14.84 -23.85 30.06
C ASP B 6 -15.50 -22.57 30.57
N TRP B 7 -16.32 -22.70 31.61
CA TRP B 7 -17.08 -21.60 32.16
C TRP B 7 -16.61 -21.33 33.58
N GLY B 8 -16.91 -20.13 34.07
CA GLY B 8 -16.53 -19.73 35.42
C GLY B 8 -15.08 -19.35 35.59
N LYS B 9 -14.21 -19.65 34.63
CA LYS B 9 -12.80 -19.28 34.71
C LYS B 9 -12.53 -17.88 34.17
N ARG B 10 -13.43 -17.32 33.38
CA ARG B 10 -13.27 -15.97 32.86
C ARG B 10 -13.73 -14.94 33.87
N CYS B 11 -13.06 -13.79 33.87
CA CYS B 11 -13.33 -12.72 34.81
C CYS B 11 -14.25 -11.67 34.20
N VAL B 12 -14.86 -10.87 35.07
CA VAL B 12 -15.74 -9.79 34.61
C VAL B 12 -14.95 -8.60 34.08
N ASP B 13 -13.62 -8.61 34.21
CA ASP B 13 -12.80 -7.53 33.66
C ASP B 13 -12.93 -7.45 32.15
N LYS B 14 -13.23 -8.56 31.49
CA LYS B 14 -13.37 -8.57 30.05
C LYS B 14 -14.62 -7.83 29.56
N PHE B 15 -15.54 -7.48 30.46
CA PHE B 15 -16.76 -6.77 30.12
C PHE B 15 -16.78 -5.41 30.78
N ASP B 16 -17.07 -4.37 30.00
CA ASP B 16 -17.27 -3.03 30.54
C ASP B 16 -18.76 -2.80 30.75
N ILE B 17 -19.14 -2.49 31.98
CA ILE B 17 -20.55 -2.40 32.37
C ILE B 17 -21.10 -1.05 31.97
N ILE B 18 -22.09 -1.04 31.07
CA ILE B 18 -22.72 0.20 30.64
C ILE B 18 -23.68 0.73 31.70
N GLY B 19 -24.62 -0.10 32.14
CA GLY B 19 -25.60 0.35 33.11
C GLY B 19 -26.73 -0.66 33.23
N ILE B 20 -27.74 -0.27 34.01
CA ILE B 20 -28.89 -1.14 34.26
C ILE B 20 -29.95 -0.91 33.18
N ILE B 21 -30.52 -1.99 32.69
CA ILE B 21 -31.54 -1.92 31.65
C ILE B 21 -32.92 -2.30 32.19
N GLY B 22 -32.99 -3.02 33.31
CA GLY B 22 -34.26 -3.41 33.87
C GLY B 22 -34.03 -4.37 35.02
N GLU B 23 -35.15 -4.77 35.64
CA GLU B 23 -35.13 -5.69 36.76
C GLU B 23 -35.62 -7.05 36.31
N GLY B 24 -34.83 -8.09 36.57
CA GLY B 24 -35.16 -9.44 36.18
C GLY B 24 -35.84 -10.21 37.30
N THR B 25 -35.78 -11.54 37.19
CA THR B 25 -36.37 -12.41 38.18
C THR B 25 -35.64 -12.31 39.52
N TYR B 26 -34.34 -12.60 39.53
CA TYR B 26 -33.59 -12.64 40.78
C TYR B 26 -32.80 -11.37 41.06
N GLY B 27 -32.29 -10.72 40.02
CA GLY B 27 -31.50 -9.52 40.18
C GLY B 27 -31.79 -8.52 39.07
N GLN B 28 -31.14 -7.37 39.17
CA GLN B 28 -31.25 -6.34 38.16
C GLN B 28 -30.41 -6.75 36.95
N VAL B 29 -30.89 -6.39 35.76
CA VAL B 29 -30.26 -6.78 34.50
C VAL B 29 -29.33 -5.66 34.07
N TYR B 30 -28.11 -6.03 33.65
CA TYR B 30 -27.10 -5.06 33.26
C TYR B 30 -26.73 -5.26 31.79
N LYS B 31 -26.17 -4.19 31.21
CA LYS B 31 -25.72 -4.19 29.83
C LYS B 31 -24.22 -3.94 29.79
N ALA B 32 -23.53 -4.63 28.88
CA ALA B 32 -22.08 -4.54 28.79
C ALA B 32 -21.62 -4.85 27.38
N LYS B 33 -20.36 -4.56 27.11
CA LYS B 33 -19.72 -4.85 25.84
C LYS B 33 -18.42 -5.59 26.10
N ASP B 34 -18.23 -6.69 25.38
CA ASP B 34 -16.99 -7.46 25.50
C ASP B 34 -15.84 -6.66 24.92
N LYS B 35 -14.73 -6.60 25.65
CA LYS B 35 -13.56 -5.87 25.16
C LYS B 35 -12.96 -6.54 23.94
N ASP B 36 -12.88 -7.87 23.93
CA ASP B 36 -12.21 -8.57 22.85
C ASP B 36 -13.05 -8.58 21.58
N THR B 37 -14.32 -8.98 21.69
CA THR B 37 -15.18 -9.14 20.52
C THR B 37 -16.01 -7.91 20.21
N GLY B 38 -16.30 -7.06 21.20
CA GLY B 38 -17.15 -5.91 20.97
C GLY B 38 -18.63 -6.19 20.95
N GLU B 39 -19.06 -7.36 21.43
CA GLU B 39 -20.47 -7.72 21.41
C GLU B 39 -21.16 -7.23 22.68
N LEU B 40 -22.39 -6.74 22.50
CA LEU B 40 -23.22 -6.34 23.63
C LEU B 40 -23.87 -7.55 24.26
N VAL B 41 -23.74 -7.68 25.59
CA VAL B 41 -24.26 -8.82 26.33
C VAL B 41 -25.08 -8.33 27.51
N ALA B 42 -26.00 -9.19 27.95
CA ALA B 42 -26.80 -8.95 29.14
C ALA B 42 -26.26 -9.80 30.28
N LEU B 43 -26.01 -9.17 31.42
CA LEU B 43 -25.43 -9.85 32.56
C LEU B 43 -26.43 -9.94 33.71
N LYS B 44 -26.20 -10.93 34.57
CA LYS B 44 -27.06 -11.22 35.71
C LYS B 44 -26.17 -11.61 36.87
N LYS B 45 -26.43 -11.03 38.04
CA LYS B 45 -25.60 -11.27 39.20
C LYS B 45 -26.00 -12.54 39.91
N VAL B 46 -25.04 -13.13 40.63
CA VAL B 46 -25.27 -14.36 41.37
C VAL B 46 -25.39 -14.09 42.86
N ARG B 47 -24.40 -13.41 43.46
CA ARG B 47 -24.50 -12.87 44.82
C ARG B 47 -24.44 -13.97 45.89
N LEU B 48 -23.46 -14.85 45.76
CA LEU B 48 -23.24 -15.98 46.66
C LEU B 48 -22.81 -15.55 48.06
N ASP B 49 -22.99 -14.27 48.41
CA ASP B 49 -22.49 -13.76 49.68
C ASP B 49 -23.20 -14.39 50.87
N ASN B 50 -24.47 -14.73 50.72
CA ASN B 50 -25.22 -15.37 51.79
C ASN B 50 -24.69 -16.79 51.99
N GLU B 51 -23.95 -17.02 53.07
CA GLU B 51 -23.38 -18.33 53.30
C GLU B 51 -24.44 -19.36 53.71
N LYS B 52 -25.71 -18.99 53.73
CA LYS B 52 -26.78 -19.97 53.91
C LYS B 52 -26.90 -20.77 52.62
N GLU B 53 -26.38 -21.98 52.63
CA GLU B 53 -26.45 -22.96 51.53
C GLU B 53 -25.60 -22.55 50.33
N GLY B 54 -24.71 -21.57 50.47
CA GLY B 54 -23.77 -21.24 49.42
C GLY B 54 -24.38 -20.66 48.16
N PHE B 55 -24.14 -21.33 47.04
CA PHE B 55 -24.66 -20.89 45.75
C PHE B 55 -26.18 -21.01 45.75
N PRO B 56 -26.91 -19.98 45.32
CA PRO B 56 -28.37 -20.04 45.39
C PRO B 56 -28.93 -21.17 44.52
N ILE B 57 -29.93 -21.86 45.06
CA ILE B 57 -30.53 -22.98 44.34
C ILE B 57 -31.41 -22.48 43.19
N THR B 58 -32.04 -21.31 43.37
CA THR B 58 -32.80 -20.74 42.26
C THR B 58 -31.89 -20.37 41.09
N ALA B 59 -30.64 -20.00 41.38
CA ALA B 59 -29.67 -19.78 40.31
C ALA B 59 -29.21 -21.10 39.70
N ILE B 60 -29.01 -22.12 40.54
CA ILE B 60 -28.64 -23.44 40.04
C ILE B 60 -29.73 -23.99 39.12
N ARG B 61 -30.99 -23.67 39.38
CA ARG B 61 -32.06 -24.08 38.49
C ARG B 61 -31.89 -23.44 37.12
N GLU B 62 -31.62 -22.13 37.09
CA GLU B 62 -31.50 -21.41 35.83
C GLU B 62 -30.26 -21.83 35.05
N ILE B 63 -29.19 -22.24 35.74
CA ILE B 63 -27.99 -22.68 35.01
C ILE B 63 -28.23 -24.05 34.39
N LYS B 64 -28.85 -24.96 35.14
CA LYS B 64 -29.07 -26.30 34.62
C LYS B 64 -30.14 -26.31 33.53
N ILE B 65 -31.25 -25.60 33.75
CA ILE B 65 -32.36 -25.67 32.81
C ILE B 65 -32.02 -24.96 31.52
N LEU B 66 -31.34 -23.80 31.60
CA LEU B 66 -31.08 -23.03 30.39
C LEU B 66 -29.96 -23.64 29.55
N ARG B 67 -29.00 -24.31 30.19
CA ARG B 67 -27.93 -24.93 29.41
C ARG B 67 -28.42 -26.18 28.67
N GLN B 68 -29.54 -26.76 29.09
CA GLN B 68 -30.11 -27.89 28.36
C GLN B 68 -30.97 -27.44 27.19
N LEU B 69 -31.57 -26.25 27.28
CA LEU B 69 -32.49 -25.77 26.27
C LEU B 69 -31.73 -24.98 25.21
N ILE B 70 -31.93 -25.34 23.95
CA ILE B 70 -31.31 -24.65 22.80
C ILE B 70 -32.36 -24.52 21.71
N HIS B 71 -32.70 -23.27 21.36
CA HIS B 71 -33.72 -23.03 20.33
C HIS B 71 -33.54 -21.62 19.78
N ARG B 72 -34.05 -21.42 18.57
CA ARG B 72 -33.99 -20.12 17.93
C ARG B 72 -34.83 -19.07 18.64
N SER B 73 -35.78 -19.49 19.47
CA SER B 73 -36.69 -18.57 20.15
C SER B 73 -36.45 -18.50 21.65
N VAL B 74 -35.28 -18.93 22.13
CA VAL B 74 -34.94 -18.88 23.54
C VAL B 74 -33.56 -18.25 23.69
N VAL B 75 -33.46 -17.24 24.56
CA VAL B 75 -32.17 -16.65 24.87
C VAL B 75 -31.29 -17.69 25.55
N ASN B 76 -30.14 -17.97 24.96
CA ASN B 76 -29.20 -18.97 25.46
C ASN B 76 -28.10 -18.28 26.26
N MET B 77 -27.81 -18.82 27.45
CA MET B 77 -26.70 -18.30 28.25
C MET B 77 -25.40 -18.49 27.50
N LYS B 78 -24.73 -17.38 27.20
CA LYS B 78 -23.49 -17.44 26.45
C LYS B 78 -22.37 -18.04 27.29
N GLU B 79 -22.11 -17.46 28.45
CA GLU B 79 -21.07 -17.96 29.35
C GLU B 79 -21.39 -17.53 30.77
N ILE B 80 -20.48 -17.83 31.69
CA ILE B 80 -20.59 -17.44 33.09
C ILE B 80 -19.23 -16.93 33.54
N VAL B 81 -19.19 -15.72 34.10
CA VAL B 81 -17.95 -15.11 34.55
C VAL B 81 -18.02 -14.82 36.04
N THR B 82 -16.85 -14.61 36.64
CA THR B 82 -16.70 -14.36 38.06
C THR B 82 -15.88 -13.10 38.28
N ASP B 83 -15.84 -12.64 39.53
CA ASP B 83 -14.95 -11.54 39.86
C ASP B 83 -13.51 -12.02 39.95
N LYS B 84 -12.58 -11.07 40.04
CA LYS B 84 -11.17 -11.41 40.08
C LYS B 84 -10.82 -12.13 41.38
N GLN B 85 -10.29 -13.34 41.24
CA GLN B 85 -9.83 -14.15 42.38
C GLN B 85 -8.33 -13.95 42.51
N ASP B 86 -7.94 -12.84 43.15
CA ASP B 86 -6.55 -12.42 43.17
C ASP B 86 -5.72 -13.12 44.23
N ALA B 87 -6.32 -13.48 45.35
CA ALA B 87 -5.59 -14.19 46.39
C ALA B 87 -5.27 -15.62 45.96
N LEU B 88 -4.13 -16.13 46.43
CA LEU B 88 -3.75 -17.52 46.17
C LEU B 88 -4.56 -18.49 47.01
N ASP B 89 -5.27 -17.99 48.02
CA ASP B 89 -6.09 -18.79 48.91
C ASP B 89 -7.53 -18.69 48.43
N PHE B 90 -8.01 -19.75 47.77
CA PHE B 90 -9.39 -19.78 47.30
C PHE B 90 -10.40 -19.65 48.44
N LYS B 91 -9.94 -19.63 49.69
CA LYS B 91 -10.81 -19.41 50.84
C LYS B 91 -11.16 -17.94 51.02
N LYS B 92 -10.25 -17.03 50.64
CA LYS B 92 -10.52 -15.61 50.81
C LYS B 92 -11.40 -15.04 49.71
N ASP B 93 -11.69 -15.81 48.66
CA ASP B 93 -12.47 -15.32 47.53
C ASP B 93 -13.95 -15.35 47.88
N LYS B 94 -14.54 -14.19 48.14
CA LYS B 94 -15.98 -14.06 48.32
C LYS B 94 -16.65 -13.41 47.12
N GLY B 95 -16.01 -13.46 45.95
CA GLY B 95 -16.54 -12.78 44.78
C GLY B 95 -17.74 -13.51 44.21
N ALA B 96 -18.59 -12.74 43.53
CA ALA B 96 -19.80 -13.27 42.94
C ALA B 96 -19.57 -13.69 41.49
N PHE B 97 -20.56 -14.36 40.93
CA PHE B 97 -20.55 -14.81 39.55
C PHE B 97 -21.55 -13.99 38.74
N TYR B 98 -21.38 -14.01 37.42
CA TYR B 98 -22.26 -13.27 36.52
C TYR B 98 -22.67 -14.19 35.38
N LEU B 99 -23.96 -14.19 35.07
CA LEU B 99 -24.48 -14.92 33.92
C LEU B 99 -24.48 -14.02 32.70
N VAL B 100 -23.91 -14.50 31.61
CA VAL B 100 -23.79 -13.73 30.38
C VAL B 100 -24.80 -14.26 29.38
N PHE B 101 -25.77 -13.42 29.02
CA PHE B 101 -26.76 -13.75 28.00
C PHE B 101 -26.48 -12.95 26.73
N GLU B 102 -27.19 -13.30 25.67
CA GLU B 102 -27.14 -12.52 24.45
C GLU B 102 -28.08 -11.32 24.55
N TYR B 103 -27.63 -10.18 24.04
CA TYR B 103 -28.41 -8.95 24.14
C TYR B 103 -29.30 -8.80 22.91
N MET B 104 -30.57 -8.44 23.15
CA MET B 104 -31.54 -8.20 22.10
C MET B 104 -31.84 -6.71 22.01
N ASP B 105 -32.44 -6.30 20.90
CA ASP B 105 -32.60 -4.88 20.63
C ASP B 105 -33.64 -4.23 21.54
N HIS B 106 -34.84 -4.82 21.60
CA HIS B 106 -35.90 -4.25 22.42
C HIS B 106 -36.71 -5.36 23.08
N ASP B 107 -37.62 -4.94 23.96
CA ASP B 107 -38.54 -5.83 24.65
C ASP B 107 -39.97 -5.36 24.46
N LEU B 108 -40.88 -6.33 24.38
CA LEU B 108 -42.29 -6.02 24.13
C LEU B 108 -42.84 -5.01 25.14
N MET B 109 -42.37 -5.08 26.39
CA MET B 109 -42.82 -4.15 27.42
C MET B 109 -42.48 -2.71 27.05
N GLY B 110 -41.19 -2.43 26.81
CA GLY B 110 -40.80 -1.07 26.46
C GLY B 110 -41.47 -0.55 25.21
N LEU B 111 -41.70 -1.44 24.23
CA LEU B 111 -42.31 -1.02 22.97
C LEU B 111 -43.78 -0.66 23.13
N LEU B 112 -44.54 -1.48 23.86
CA LEU B 112 -45.98 -1.23 23.98
C LEU B 112 -46.29 -0.09 24.95
N GLU B 113 -45.63 -0.06 26.11
CA GLU B 113 -45.91 0.99 27.08
C GLU B 113 -45.59 2.37 26.55
N SER B 114 -44.56 2.48 25.70
CA SER B 114 -44.25 3.76 25.09
C SER B 114 -45.28 4.14 24.03
N GLY B 115 -45.88 3.15 23.39
CA GLY B 115 -46.89 3.39 22.38
C GLY B 115 -46.39 3.68 20.98
N LEU B 116 -45.12 3.41 20.69
CA LEU B 116 -44.58 3.74 19.38
C LEU B 116 -44.91 2.66 18.34
N VAL B 117 -44.75 1.38 18.70
CA VAL B 117 -44.91 0.32 17.73
C VAL B 117 -46.39 0.04 17.49
N HIS B 118 -46.69 -0.44 16.30
CA HIS B 118 -48.02 -0.91 15.93
C HIS B 118 -47.87 -2.29 15.31
N PHE B 119 -48.75 -3.21 15.68
CA PHE B 119 -48.68 -4.59 15.22
C PHE B 119 -49.80 -4.86 14.24
N SER B 120 -49.45 -5.21 13.00
CA SER B 120 -50.41 -5.70 12.03
C SER B 120 -50.70 -7.17 12.29
N GLU B 121 -51.64 -7.73 11.54
CA GLU B 121 -52.00 -9.13 11.73
C GLU B 121 -50.84 -10.06 11.38
N ASP B 122 -50.08 -9.72 10.33
CA ASP B 122 -48.92 -10.53 9.96
C ASP B 122 -47.80 -10.42 10.99
N HIS B 123 -47.67 -9.26 11.65
CA HIS B 123 -46.69 -9.13 12.72
C HIS B 123 -47.07 -10.01 13.91
N ILE B 124 -48.36 -10.03 14.26
CA ILE B 124 -48.82 -10.87 15.37
C ILE B 124 -48.63 -12.35 15.03
N LYS B 125 -48.81 -12.71 13.76
CA LYS B 125 -48.56 -14.09 13.34
C LYS B 125 -47.10 -14.47 13.52
N SER B 126 -46.18 -13.59 13.10
CA SER B 126 -44.75 -13.83 13.30
C SER B 126 -44.39 -13.85 14.78
N PHE B 127 -45.07 -13.03 15.58
CA PHE B 127 -44.80 -13.00 17.02
C PHE B 127 -45.26 -14.30 17.67
N MET B 128 -46.52 -14.69 17.43
CA MET B 128 -47.09 -15.84 18.13
C MET B 128 -46.48 -17.15 17.66
N LYS B 129 -46.11 -17.25 16.38
CA LYS B 129 -45.53 -18.50 15.88
C LYS B 129 -44.20 -18.80 16.55
N GLN B 130 -43.31 -17.79 16.62
CA GLN B 130 -42.05 -17.98 17.33
C GLN B 130 -42.27 -18.18 18.82
N LEU B 131 -43.23 -17.46 19.40
CA LEU B 131 -43.50 -17.59 20.83
C LEU B 131 -44.03 -18.99 21.16
N MET B 132 -44.92 -19.53 20.34
CA MET B 132 -45.48 -20.84 20.63
C MET B 132 -44.52 -21.97 20.26
N GLU B 133 -43.65 -21.75 19.26
CA GLU B 133 -42.63 -22.75 18.95
C GLU B 133 -41.64 -22.90 20.08
N GLY B 134 -41.22 -21.78 20.68
CA GLY B 134 -40.34 -21.86 21.83
C GLY B 134 -41.03 -22.42 23.06
N LEU B 135 -42.29 -22.02 23.29
CA LEU B 135 -43.02 -22.52 24.46
C LEU B 135 -43.30 -24.02 24.32
N GLU B 136 -43.63 -24.49 23.12
CA GLU B 136 -43.84 -25.92 22.92
C GLU B 136 -42.54 -26.68 23.09
N TYR B 137 -41.42 -26.09 22.65
CA TYR B 137 -40.12 -26.73 22.83
C TYR B 137 -39.81 -26.95 24.32
N CYS B 138 -40.01 -25.91 25.14
CA CYS B 138 -39.74 -26.03 26.56
C CYS B 138 -40.79 -26.90 27.26
N HIS B 139 -42.04 -26.84 26.81
CA HIS B 139 -43.06 -27.73 27.37
C HIS B 139 -42.79 -29.18 27.01
N LYS B 140 -42.23 -29.45 25.82
CA LYS B 140 -41.85 -30.81 25.48
C LYS B 140 -40.70 -31.32 26.36
N LYS B 141 -39.84 -30.42 26.83
CA LYS B 141 -38.78 -30.76 27.77
C LYS B 141 -39.24 -30.77 29.22
N ASN B 142 -40.55 -30.61 29.46
CA ASN B 142 -41.15 -30.65 30.79
C ASN B 142 -40.58 -29.53 31.68
N PHE B 143 -40.65 -28.30 31.17
CA PHE B 143 -40.27 -27.11 31.92
C PHE B 143 -41.39 -26.08 31.87
N LEU B 144 -41.48 -25.30 32.94
CA LEU B 144 -42.48 -24.26 33.11
C LEU B 144 -41.76 -22.94 33.36
N HIS B 145 -42.00 -21.95 32.51
CA HIS B 145 -41.32 -20.66 32.67
C HIS B 145 -41.84 -19.91 33.88
N ARG B 146 -43.14 -20.02 34.15
CA ARG B 146 -43.79 -19.51 35.37
C ARG B 146 -43.73 -17.98 35.51
N ASP B 147 -43.15 -17.27 34.54
CA ASP B 147 -43.12 -15.81 34.62
C ASP B 147 -43.18 -15.22 33.21
N ILE B 148 -44.28 -15.45 32.50
CA ILE B 148 -44.44 -14.91 31.16
C ILE B 148 -44.89 -13.46 31.27
N LYS B 149 -43.99 -12.53 30.93
CA LYS B 149 -44.29 -11.11 30.95
C LYS B 149 -43.71 -10.45 29.71
N CYS B 150 -44.22 -9.25 29.41
CA CYS B 150 -43.71 -8.49 28.28
C CYS B 150 -42.25 -8.08 28.49
N SER B 151 -41.81 -8.00 29.74
CA SER B 151 -40.41 -7.68 30.04
C SER B 151 -39.49 -8.87 29.78
N ASN B 152 -40.03 -10.09 29.78
CA ASN B 152 -39.26 -11.30 29.50
C ASN B 152 -39.37 -11.72 28.04
N ILE B 153 -40.01 -10.91 27.21
CA ILE B 153 -40.13 -11.16 25.78
C ILE B 153 -39.25 -10.16 25.06
N LEU B 154 -38.18 -10.65 24.43
CA LEU B 154 -37.19 -9.80 23.78
C LEU B 154 -37.31 -9.91 22.27
N LEU B 155 -36.96 -8.82 21.58
CA LEU B 155 -37.05 -8.77 20.13
C LEU B 155 -35.88 -7.98 19.57
N ASN B 156 -35.30 -8.50 18.49
CA ASN B 156 -34.29 -7.79 17.70
C ASN B 156 -34.91 -7.16 16.46
N ASN B 157 -34.16 -6.26 15.83
CA ASN B 157 -34.66 -5.52 14.67
C ASN B 157 -34.95 -6.40 13.46
N SER B 158 -34.46 -7.63 13.43
CA SER B 158 -34.78 -8.52 12.31
C SER B 158 -36.24 -8.97 12.33
N GLY B 159 -36.82 -9.08 13.52
CA GLY B 159 -38.18 -9.62 13.67
C GLY B 159 -38.25 -10.90 14.46
N GLN B 160 -37.13 -11.38 14.99
CA GLN B 160 -37.08 -12.61 15.76
C GLN B 160 -37.37 -12.33 17.23
N ILE B 161 -38.17 -13.21 17.84
CA ILE B 161 -38.56 -13.08 19.24
C ILE B 161 -37.90 -14.18 20.04
N LYS B 162 -37.53 -13.86 21.28
CA LYS B 162 -36.87 -14.81 22.18
C LYS B 162 -37.38 -14.60 23.60
N LEU B 163 -37.45 -15.69 24.36
CA LEU B 163 -37.79 -15.64 25.78
C LEU B 163 -36.53 -15.43 26.60
N ALA B 164 -36.69 -14.81 27.77
CA ALA B 164 -35.57 -14.18 28.46
C ALA B 164 -35.16 -14.88 29.75
N ASP B 165 -35.95 -14.75 30.83
CA ASP B 165 -35.40 -14.94 32.16
C ASP B 165 -35.23 -16.41 32.54
N PHE B 166 -36.33 -17.11 32.79
CA PHE B 166 -36.37 -18.51 33.22
C PHE B 166 -35.83 -18.69 34.63
N GLY B 167 -35.66 -17.61 35.39
CA GLY B 167 -35.16 -17.74 36.75
C GLY B 167 -36.14 -18.46 37.67
N LEU B 168 -37.43 -18.22 37.47
CA LEU B 168 -38.48 -18.88 38.23
C LEU B 168 -38.94 -20.19 37.60
N ALA B 169 -38.14 -20.74 36.69
CA ALA B 169 -38.55 -21.95 35.97
C ALA B 169 -38.20 -23.20 36.77
N ARG B 170 -39.14 -24.13 36.78
CA ARG B 170 -39.01 -25.42 37.46
C ARG B 170 -39.40 -26.52 36.46
N LEU B 171 -39.29 -27.77 36.91
CA LEU B 171 -39.62 -28.94 36.10
C LEU B 171 -41.04 -29.40 36.36
N TYR B 172 -41.68 -29.94 35.33
CA TYR B 172 -43.03 -30.45 35.45
C TYR B 172 -43.01 -31.97 35.42
N ASN B 173 -43.87 -32.58 36.24
CA ASN B 173 -44.01 -34.02 36.34
C ASN B 173 -45.47 -34.36 36.55
N SER B 174 -45.98 -35.34 35.81
CA SER B 174 -47.39 -35.70 35.95
C SER B 174 -47.67 -36.18 37.37
N GLU B 175 -46.72 -36.87 37.98
CA GLU B 175 -46.80 -37.20 39.39
C GLU B 175 -46.65 -35.91 40.19
N GLU B 176 -47.61 -35.64 41.08
CA GLU B 176 -47.68 -34.40 41.85
C GLU B 176 -46.33 -33.77 42.18
N SER B 177 -45.33 -34.59 42.49
CA SER B 177 -43.97 -34.13 42.77
C SER B 177 -43.92 -33.17 43.95
N ARG B 178 -43.57 -31.91 43.69
CA ARG B 178 -43.46 -30.90 44.72
C ARG B 178 -44.55 -29.85 44.58
N PRO B 179 -45.24 -29.50 45.66
CA PRO B 179 -46.23 -28.43 45.58
C PRO B 179 -45.52 -27.12 45.30
N TYR B 180 -46.09 -26.32 44.41
CA TYR B 180 -45.41 -25.10 43.98
C TYR B 180 -46.10 -23.83 44.46
N ASN B 182 -48.22 -20.80 44.60
CA ASN B 182 -49.50 -20.57 43.95
C ASN B 182 -49.52 -19.30 43.09
N LYS B 183 -48.97 -18.22 43.62
CA LYS B 183 -48.77 -16.98 42.85
C LYS B 183 -47.37 -16.98 42.27
N VAL B 184 -47.27 -16.92 40.94
CA VAL B 184 -45.96 -17.00 40.30
C VAL B 184 -45.93 -16.13 39.05
N ILE B 185 -47.09 -15.91 38.46
CA ILE B 185 -47.20 -15.10 37.26
C ILE B 185 -47.76 -13.73 37.65
N THR B 186 -47.33 -12.68 36.95
CA THR B 186 -47.85 -11.35 37.21
C THR B 186 -49.38 -11.36 37.19
N LEU B 187 -49.98 -10.65 38.15
CA LEU B 187 -51.42 -10.76 38.39
C LEU B 187 -52.23 -10.54 37.12
N TRP B 188 -51.76 -9.63 36.25
CA TRP B 188 -52.49 -9.38 35.00
C TRP B 188 -52.40 -10.55 34.04
N TYR B 189 -51.41 -11.43 34.19
CA TYR B 189 -51.25 -12.60 33.34
C TYR B 189 -51.41 -13.91 34.10
N ARG B 190 -51.93 -13.86 35.32
CA ARG B 190 -52.01 -15.05 36.15
C ARG B 190 -53.21 -15.90 35.74
N PRO B 191 -53.03 -17.21 35.63
CA PRO B 191 -54.14 -18.09 35.21
C PRO B 191 -55.23 -18.15 36.28
N PRO B 192 -56.46 -18.49 35.89
CA PRO B 192 -57.54 -18.58 36.90
C PRO B 192 -57.33 -19.68 37.90
N GLU B 193 -56.64 -20.77 37.52
CA GLU B 193 -56.37 -21.84 38.46
C GLU B 193 -55.41 -21.38 39.55
N LEU B 194 -54.51 -20.46 39.22
CA LEU B 194 -53.54 -19.97 40.19
C LEU B 194 -54.16 -19.01 41.21
N LEU B 195 -55.18 -18.25 40.80
CA LEU B 195 -55.88 -17.38 41.73
C LEU B 195 -56.64 -18.17 42.79
N LEU B 196 -57.24 -19.30 42.39
CA LEU B 196 -58.07 -20.09 43.29
C LEU B 196 -57.26 -21.02 44.19
N GLY B 197 -55.94 -20.98 44.14
CA GLY B 197 -55.11 -21.71 45.07
C GLY B 197 -54.56 -23.03 44.59
N GLU B 198 -54.46 -23.26 43.28
CA GLU B 198 -53.85 -24.48 42.78
C GLU B 198 -52.35 -24.39 42.98
N GLU B 199 -51.80 -25.30 43.79
CA GLU B 199 -50.37 -25.29 44.05
C GLU B 199 -49.59 -26.22 43.12
N ARG B 200 -50.21 -27.29 42.66
CA ARG B 200 -49.61 -28.18 41.67
C ARG B 200 -50.36 -27.97 40.36
N TYR B 201 -49.82 -27.10 39.52
CA TYR B 201 -50.48 -26.65 38.30
C TYR B 201 -49.84 -27.27 37.07
N THR B 202 -50.55 -27.15 35.96
CA THR B 202 -50.16 -27.74 34.68
C THR B 202 -49.35 -26.75 33.87
N PRO B 203 -48.70 -27.21 32.79
CA PRO B 203 -48.02 -26.27 31.89
C PRO B 203 -48.95 -25.27 31.21
N ALA B 204 -50.27 -25.43 31.34
CA ALA B 204 -51.21 -24.48 30.77
C ALA B 204 -51.16 -23.11 31.43
N ILE B 205 -50.31 -22.92 32.45
CA ILE B 205 -50.19 -21.60 33.07
C ILE B 205 -49.50 -20.63 32.12
N ASP B 206 -48.54 -21.11 31.34
CA ASP B 206 -47.89 -20.25 30.36
C ASP B 206 -48.76 -20.02 29.14
N VAL B 207 -49.61 -20.99 28.80
CA VAL B 207 -50.52 -20.82 27.67
C VAL B 207 -51.53 -19.72 27.98
N TRP B 208 -52.00 -19.66 29.22
CA TRP B 208 -52.92 -18.60 29.62
C TRP B 208 -52.24 -17.23 29.60
N SER B 209 -51.00 -17.16 30.08
CA SER B 209 -50.30 -15.89 30.11
C SER B 209 -50.08 -15.36 28.70
N CYS B 210 -49.66 -16.23 27.77
CA CYS B 210 -49.49 -15.82 26.38
C CYS B 210 -50.82 -15.49 25.73
N GLY B 211 -51.91 -16.09 26.20
CA GLY B 211 -53.23 -15.72 25.69
C GLY B 211 -53.58 -14.28 26.01
N CYS B 212 -53.24 -13.82 27.22
CA CYS B 212 -53.42 -12.42 27.57
C CYS B 212 -52.52 -11.51 26.76
N ILE B 213 -51.40 -12.05 26.25
CA ILE B 213 -50.51 -11.27 25.41
C ILE B 213 -51.05 -11.17 23.99
N LEU B 214 -51.65 -12.26 23.50
CA LEU B 214 -52.23 -12.26 22.15
C LEU B 214 -53.31 -11.19 22.02
N GLY B 215 -54.25 -11.15 22.97
CA GLY B 215 -55.28 -10.13 22.94
C GLY B 215 -54.75 -8.73 23.18
N GLU B 216 -53.65 -8.61 23.94
CA GLU B 216 -53.06 -7.31 24.21
C GLU B 216 -52.42 -6.69 22.96
N LEU B 217 -52.04 -7.51 21.98
CA LEU B 217 -51.50 -6.99 20.73
C LEU B 217 -52.58 -6.47 19.79
N PHE B 218 -53.83 -6.92 19.97
CA PHE B 218 -54.94 -6.44 19.15
C PHE B 218 -55.63 -5.22 19.75
N THR B 219 -55.66 -5.11 21.08
CA THR B 219 -56.32 -3.98 21.74
C THR B 219 -55.34 -2.89 22.17
N LYS B 220 -54.03 -3.15 22.12
CA LYS B 220 -53.00 -2.22 22.58
C LYS B 220 -53.13 -1.90 24.07
N LYS B 221 -53.89 -2.72 24.79
CA LYS B 221 -54.15 -2.55 26.21
C LYS B 221 -54.23 -3.93 26.87
N PRO B 222 -53.62 -4.10 28.04
CA PRO B 222 -53.71 -5.39 28.73
C PRO B 222 -55.16 -5.77 29.00
N ILE B 223 -55.44 -7.07 28.92
CA ILE B 223 -56.82 -7.55 28.99
C ILE B 223 -57.37 -7.37 30.41
N PHE B 224 -56.79 -8.08 31.36
CA PHE B 224 -57.23 -8.02 32.75
C PHE B 224 -56.23 -7.20 33.55
N GLN B 225 -56.70 -6.07 34.09
CA GLN B 225 -55.86 -5.17 34.88
C GLN B 225 -56.52 -4.99 36.25
N ALA B 226 -55.94 -5.62 37.26
CA ALA B 226 -56.45 -5.50 38.62
C ALA B 226 -55.28 -5.54 39.59
N ASN B 227 -55.52 -4.99 40.79
CA ASN B 227 -54.49 -4.96 41.83
C ASN B 227 -54.61 -6.08 42.84
N LEU B 228 -55.75 -6.77 42.87
CA LEU B 228 -55.98 -7.85 43.83
C LEU B 228 -56.46 -9.10 43.11
N GLU B 229 -56.27 -10.24 43.77
CA GLU B 229 -56.63 -11.52 43.17
C GLU B 229 -58.14 -11.64 42.96
N LEU B 230 -58.93 -11.17 43.93
CA LEU B 230 -60.38 -11.24 43.76
C LEU B 230 -60.87 -10.33 42.63
N ALA B 231 -60.33 -9.11 42.56
CA ALA B 231 -60.67 -8.22 41.45
C ALA B 231 -60.16 -8.78 40.12
N GLN B 232 -59.02 -9.47 40.13
CA GLN B 232 -58.52 -10.08 38.90
C GLN B 232 -59.43 -11.24 38.47
N LEU B 233 -59.85 -12.08 39.41
CA LEU B 233 -60.76 -13.17 39.09
C LEU B 233 -62.10 -12.64 38.59
N GLU B 234 -62.51 -11.47 39.07
CA GLU B 234 -63.77 -10.88 38.62
C GLU B 234 -63.69 -10.46 37.16
N LEU B 235 -62.60 -9.79 36.77
CA LEU B 235 -62.44 -9.37 35.38
C LEU B 235 -62.33 -10.57 34.44
N ILE B 236 -61.68 -11.65 34.89
CA ILE B 236 -61.61 -12.86 34.07
C ILE B 236 -63.01 -13.45 33.88
N SER B 237 -63.84 -13.36 34.93
CA SER B 237 -65.20 -13.89 34.83
C SER B 237 -66.08 -13.04 33.93
N ARG B 238 -65.86 -11.72 33.91
CA ARG B 238 -66.64 -10.84 33.04
C ARG B 238 -66.42 -11.15 31.57
N LEU B 239 -65.30 -11.77 31.22
CA LEU B 239 -64.97 -12.08 29.83
C LEU B 239 -65.10 -13.56 29.52
N CYS B 240 -64.42 -14.42 30.27
CA CYS B 240 -64.41 -15.86 30.01
C CYS B 240 -65.50 -16.61 30.77
N GLY B 241 -66.32 -15.93 31.55
CA GLY B 241 -67.32 -16.63 32.35
C GLY B 241 -66.81 -16.94 33.73
N SER B 242 -67.75 -17.03 34.68
CA SER B 242 -67.39 -17.31 36.05
C SER B 242 -66.99 -18.78 36.20
N PRO B 243 -65.95 -19.08 36.99
CA PRO B 243 -65.58 -20.48 37.23
C PRO B 243 -66.70 -21.22 37.94
N CYS B 244 -67.24 -22.22 37.26
CA CYS B 244 -68.36 -23.02 37.76
C CYS B 244 -68.13 -24.46 37.34
N PRO B 245 -68.71 -25.42 38.07
CA PRO B 245 -68.53 -26.82 37.69
C PRO B 245 -69.07 -27.17 36.31
N ALA B 246 -69.92 -26.32 35.72
CA ALA B 246 -70.47 -26.63 34.40
C ALA B 246 -69.39 -26.59 33.34
N VAL B 247 -68.64 -25.48 33.26
CA VAL B 247 -67.55 -25.36 32.29
C VAL B 247 -66.22 -25.83 32.87
N TRP B 248 -66.15 -26.12 34.17
CA TRP B 248 -64.91 -26.48 34.82
C TRP B 248 -65.23 -27.51 35.89
N PRO B 249 -65.23 -28.80 35.53
CA PRO B 249 -65.66 -29.82 36.51
C PRO B 249 -64.79 -29.89 37.76
N ASP B 250 -63.48 -29.70 37.63
CA ASP B 250 -62.56 -29.77 38.75
C ASP B 250 -62.39 -28.45 39.47
N VAL B 251 -63.25 -27.47 39.19
CA VAL B 251 -63.17 -26.18 39.88
C VAL B 251 -63.43 -26.35 41.37
N ILE B 252 -64.18 -27.39 41.75
CA ILE B 252 -64.46 -27.66 43.16
C ILE B 252 -63.18 -28.00 43.91
N LYS B 253 -62.24 -28.68 43.23
CA LYS B 253 -60.98 -29.07 43.87
C LYS B 253 -60.20 -27.88 44.39
N LEU B 254 -60.28 -26.73 43.71
CA LEU B 254 -59.53 -25.56 44.13
C LEU B 254 -59.96 -25.09 45.51
N PRO B 255 -59.01 -24.72 46.39
CA PRO B 255 -59.40 -24.33 47.76
C PRO B 255 -60.28 -23.09 47.80
N TYR B 256 -59.87 -22.02 47.11
CA TYR B 256 -60.57 -20.74 47.17
C TYR B 256 -61.79 -20.68 46.27
N PHE B 257 -62.36 -21.81 45.85
CA PHE B 257 -63.54 -21.76 44.98
C PHE B 257 -64.72 -21.16 45.73
N ASN B 258 -64.97 -21.64 46.95
CA ASN B 258 -66.00 -21.04 47.80
C ASN B 258 -65.53 -19.72 48.41
N THR B 259 -64.22 -19.56 48.59
CA THR B 259 -63.71 -18.34 49.22
C THR B 259 -63.77 -17.17 48.25
N MET B 260 -63.23 -17.33 47.04
CA MET B 260 -63.17 -16.26 46.06
C MET B 260 -64.26 -16.50 45.02
N LYS B 261 -65.47 -16.08 45.37
CA LYS B 261 -66.58 -16.21 44.44
C LYS B 261 -66.77 -14.89 43.69
N PRO B 262 -67.01 -14.94 42.39
CA PRO B 262 -67.25 -13.71 41.63
C PRO B 262 -68.55 -13.06 42.07
N LYS B 263 -68.71 -11.80 41.65
CA LYS B 263 -69.91 -11.04 41.98
C LYS B 263 -71.16 -11.74 41.43
N LYS B 264 -71.13 -12.12 40.17
CA LYS B 264 -72.21 -12.85 39.53
C LYS B 264 -71.65 -14.11 38.88
N GLN B 265 -72.54 -14.94 38.36
CA GLN B 265 -72.14 -16.09 37.54
C GLN B 265 -72.20 -15.66 36.07
N TYR B 266 -71.17 -14.93 35.66
CA TYR B 266 -71.15 -14.34 34.33
C TYR B 266 -71.10 -15.39 33.24
N ARG B 267 -71.67 -15.06 32.09
CA ARG B 267 -71.56 -15.85 30.89
C ARG B 267 -70.33 -15.43 30.09
N ARG B 268 -69.82 -16.35 29.28
CA ARG B 268 -68.64 -16.07 28.49
C ARG B 268 -68.97 -15.09 27.38
N ARG B 269 -68.30 -13.94 27.38
CA ARG B 269 -68.50 -12.91 26.38
C ARG B 269 -67.23 -12.65 25.58
N LEU B 270 -66.34 -13.64 25.51
CA LEU B 270 -65.04 -13.42 24.89
C LEU B 270 -65.18 -13.12 23.40
N ARG B 271 -65.96 -13.92 22.67
CA ARG B 271 -66.12 -13.69 21.25
C ARG B 271 -66.89 -12.41 20.96
N GLU B 272 -67.78 -12.01 21.85
CA GLU B 272 -68.54 -10.77 21.65
C GLU B 272 -67.65 -9.55 21.85
N GLU B 273 -66.91 -9.51 22.95
CA GLU B 273 -66.07 -8.36 23.26
C GLU B 273 -64.79 -8.31 22.42
N PHE B 274 -64.48 -9.36 21.67
CA PHE B 274 -63.34 -9.40 20.77
C PHE B 274 -63.79 -9.63 19.34
N SER B 275 -64.94 -9.04 18.97
CA SER B 275 -65.50 -9.25 17.65
C SER B 275 -64.66 -8.62 16.55
N PHE B 276 -63.83 -7.62 16.89
CA PHE B 276 -63.00 -6.96 15.90
C PHE B 276 -61.74 -7.74 15.55
N ILE B 277 -61.49 -8.84 16.26
CA ILE B 277 -60.32 -9.68 16.00
C ILE B 277 -60.68 -10.64 14.87
N PRO B 278 -59.76 -10.89 13.93
CA PRO B 278 -60.05 -11.86 12.86
C PRO B 278 -60.49 -13.20 13.42
N SER B 279 -61.31 -13.91 12.64
CA SER B 279 -61.86 -15.18 13.10
C SER B 279 -60.76 -16.20 13.36
N ALA B 280 -59.70 -16.19 12.54
CA ALA B 280 -58.59 -17.11 12.73
C ALA B 280 -57.89 -16.88 14.07
N ALA B 281 -57.73 -15.61 14.45
CA ALA B 281 -57.07 -15.28 15.71
C ALA B 281 -58.03 -15.38 16.88
N LEU B 282 -59.30 -15.03 16.66
CA LEU B 282 -60.29 -15.10 17.74
C LEU B 282 -60.50 -16.55 18.17
N ASP B 283 -60.44 -17.49 17.22
CA ASP B 283 -60.54 -18.90 17.57
C ASP B 283 -59.37 -19.34 18.44
N LEU B 284 -58.16 -18.84 18.13
CA LEU B 284 -57.01 -19.14 18.96
C LEU B 284 -57.14 -18.53 20.35
N LEU B 285 -57.61 -17.28 20.44
CA LEU B 285 -57.73 -16.61 21.73
C LEU B 285 -58.75 -17.31 22.62
N ASP B 286 -59.86 -17.78 22.03
CA ASP B 286 -60.89 -18.43 22.84
C ASP B 286 -60.37 -19.71 23.48
N HIS B 287 -59.55 -20.47 22.74
CA HIS B 287 -59.02 -21.72 23.28
C HIS B 287 -57.93 -21.45 24.33
N MET B 288 -57.08 -20.46 24.09
CA MET B 288 -56.02 -20.15 25.05
C MET B 288 -56.60 -19.60 26.35
N LEU B 289 -57.70 -18.86 26.28
CA LEU B 289 -58.35 -18.31 27.47
C LEU B 289 -59.54 -19.15 27.90
N THR B 290 -59.34 -20.47 27.96
CA THR B 290 -60.34 -21.38 28.49
C THR B 290 -60.09 -21.54 29.99
N LEU B 291 -61.16 -21.45 30.78
CA LEU B 291 -61.02 -21.44 32.24
C LEU B 291 -60.36 -22.73 32.73
N ASP B 292 -60.90 -23.87 32.36
CA ASP B 292 -60.38 -25.15 32.83
C ASP B 292 -59.01 -25.41 32.19
N PRO B 293 -57.95 -25.58 32.97
CA PRO B 293 -56.63 -25.88 32.37
C PRO B 293 -56.58 -27.23 31.69
N SER B 294 -57.46 -28.17 32.03
CA SER B 294 -57.53 -29.43 31.31
C SER B 294 -58.22 -29.28 29.97
N LYS B 295 -59.11 -28.29 29.83
CA LYS B 295 -59.75 -27.97 28.55
C LYS B 295 -59.01 -26.88 27.79
N ARG B 296 -58.03 -26.24 28.42
CA ARG B 296 -57.24 -25.21 27.75
C ARG B 296 -56.26 -25.85 26.78
N CYS B 297 -56.09 -25.22 25.62
CA CYS B 297 -55.23 -25.79 24.60
C CYS B 297 -53.77 -25.77 25.05
N THR B 298 -52.97 -26.60 24.40
CA THR B 298 -51.55 -26.71 24.68
C THR B 298 -50.75 -25.84 23.72
N ALA B 299 -49.43 -25.82 23.92
CA ALA B 299 -48.57 -25.03 23.04
C ALA B 299 -48.48 -25.64 21.65
N GLU B 300 -48.48 -26.97 21.56
CA GLU B 300 -48.44 -27.63 20.26
C GLU B 300 -49.72 -27.39 19.48
N GLN B 301 -50.88 -27.41 20.16
CA GLN B 301 -52.15 -27.23 19.48
C GLN B 301 -52.31 -25.83 18.90
N THR B 302 -51.69 -24.82 19.54
CA THR B 302 -51.75 -23.47 19.00
C THR B 302 -50.99 -23.36 17.69
N LEU B 303 -49.92 -24.13 17.52
CA LEU B 303 -49.19 -24.15 16.27
C LEU B 303 -49.98 -24.87 15.17
N GLN B 304 -50.95 -25.70 15.54
CA GLN B 304 -51.86 -26.34 14.59
C GLN B 304 -53.18 -25.59 14.50
N SER B 305 -53.12 -24.26 14.53
CA SER B 305 -54.30 -23.43 14.47
C SER B 305 -54.31 -22.67 13.15
N ASP B 306 -55.53 -22.40 12.68
CA ASP B 306 -55.74 -21.68 11.43
C ASP B 306 -55.01 -20.33 11.40
N PHE B 307 -54.69 -19.76 12.57
CA PHE B 307 -53.95 -18.51 12.65
C PHE B 307 -52.45 -18.71 12.53
N LEU B 308 -51.91 -19.84 12.98
CA LEU B 308 -50.47 -20.04 13.05
C LEU B 308 -49.96 -21.25 12.28
N LYS B 309 -50.83 -22.12 11.78
CA LYS B 309 -50.36 -23.36 11.14
C LYS B 309 -49.54 -23.07 9.89
N ASP B 310 -49.99 -22.12 9.06
CA ASP B 310 -49.35 -21.83 7.79
C ASP B 310 -48.42 -20.64 7.85
N VAL B 311 -48.12 -20.13 9.04
CA VAL B 311 -47.16 -19.04 9.15
C VAL B 311 -45.76 -19.59 8.91
N GLU B 312 -44.98 -18.91 8.08
CA GLU B 312 -43.64 -19.34 7.71
C GLU B 312 -42.60 -18.49 8.43
N LEU B 313 -41.67 -19.17 9.10
CA LEU B 313 -40.60 -18.48 9.83
C LEU B 313 -39.56 -17.87 8.91
N SER B 314 -39.61 -18.12 7.60
CA SER B 314 -38.67 -17.46 6.71
C SER B 314 -39.02 -15.99 6.54
N LYS B 315 -40.30 -15.67 6.56
CA LYS B 315 -40.77 -14.28 6.55
C LYS B 315 -40.74 -13.81 7.99
N MET B 316 -39.63 -13.19 8.41
CA MET B 316 -39.55 -12.65 9.76
C MET B 316 -40.62 -11.60 9.99
N ALA B 317 -40.80 -10.69 9.02
CA ALA B 317 -41.68 -9.54 9.08
C ALA B 317 -41.54 -8.83 10.42
N PRO B 318 -40.60 -7.88 10.54
CA PRO B 318 -40.43 -7.19 11.82
C PRO B 318 -41.56 -6.22 12.04
N PRO B 319 -41.95 -5.96 13.29
CA PRO B 319 -42.99 -4.96 13.51
C PRO B 319 -42.51 -3.61 13.02
N ASP B 320 -43.33 -2.97 12.20
CA ASP B 320 -42.94 -1.69 11.62
C ASP B 320 -42.98 -0.62 12.70
N LEU B 321 -41.88 0.06 12.86
CA LEU B 321 -41.86 1.17 13.79
C LEU B 321 -41.95 2.47 12.99
N PRO B 322 -42.88 3.37 13.32
CA PRO B 322 -42.93 4.65 12.60
C PRO B 322 -41.59 5.36 12.74
N HIS B 323 -41.24 6.13 11.71
CA HIS B 323 -39.91 6.72 11.66
C HIS B 323 -39.91 8.06 10.96
N TRP B 324 -39.11 8.99 11.50
CA TRP B 324 -38.89 10.33 10.98
C TRP B 324 -40.16 11.19 11.01
N GLN B 325 -41.26 10.70 10.43
CA GLN B 325 -42.49 11.46 10.52
C GLN B 325 -43.03 11.47 11.94
N ASP B 326 -42.57 10.55 12.79
CA ASP B 326 -42.96 10.51 14.19
C ASP B 326 -42.31 11.64 15.00
N CYS B 327 -41.17 12.17 14.52
CA CYS B 327 -40.49 13.25 15.23
C CYS B 327 -41.45 14.37 15.62
N HIS B 328 -42.39 14.70 14.75
CA HIS B 328 -43.42 15.69 15.03
C HIS B 328 -44.76 15.08 14.62
N GLU B 329 -45.51 14.61 15.60
CA GLU B 329 -46.78 13.94 15.37
C GLU B 329 -47.91 14.96 15.35
N LEU B 330 -49.09 14.52 14.86
CA LEU B 330 -50.28 15.36 14.76
C LEU B 330 -50.03 16.55 13.84
N TRP B 331 -49.42 16.25 12.69
CA TRP B 331 -49.10 17.24 11.67
C TRP B 331 -49.61 16.74 10.33
N SER B 332 -49.67 17.65 9.34
CA SER B 332 -50.08 17.31 7.99
C SER B 332 -51.38 16.51 7.97
N LYS B 333 -51.26 15.19 8.03
CA LYS B 333 -52.41 14.30 8.11
C LYS B 333 -53.25 14.61 9.34
N LYS B 334 -54.39 15.28 9.15
CA LYS B 334 -55.26 15.66 10.27
C LYS B 334 -56.61 14.99 10.15
N ARG B 335 -57.46 15.39 9.20
CA ARG B 335 -58.79 14.81 9.05
C ARG B 335 -59.08 14.43 7.60
N THR C 21 -19.52 -26.43 22.09
CA THR C 21 -20.79 -26.37 22.81
C THR C 21 -20.64 -26.84 24.25
N LYS C 22 -20.64 -28.16 24.45
CA LYS C 22 -20.48 -28.77 25.75
C LYS C 22 -19.08 -29.38 25.91
N PRO C 23 -18.50 -29.32 27.09
CA PRO C 23 -17.15 -29.85 27.27
C PRO C 23 -17.14 -31.36 27.25
N CYS C 24 -15.97 -31.92 26.95
CA CYS C 24 -15.79 -33.36 26.95
C CYS C 24 -15.33 -33.81 28.34
N TRP C 25 -16.01 -34.82 28.88
CA TRP C 25 -15.76 -35.31 30.22
C TRP C 25 -15.31 -36.76 30.19
N TYR C 26 -14.65 -37.17 29.11
CA TYR C 26 -14.22 -38.54 28.91
C TYR C 26 -12.77 -38.57 28.47
N TRP C 27 -11.96 -39.39 29.15
CA TRP C 27 -10.57 -39.63 28.81
C TRP C 27 -10.41 -41.10 28.43
N ASP C 28 -9.17 -41.49 28.14
CA ASP C 28 -8.83 -42.88 27.89
C ASP C 28 -8.17 -43.47 29.12
N LYS C 29 -8.20 -44.81 29.21
CA LYS C 29 -7.62 -45.49 30.36
C LYS C 29 -6.14 -45.14 30.54
N LYS C 30 -5.39 -45.03 29.44
CA LYS C 30 -3.97 -44.73 29.53
C LYS C 30 -3.69 -43.33 30.08
N ASP C 31 -4.66 -42.41 29.98
CA ASP C 31 -4.44 -41.05 30.45
C ASP C 31 -4.47 -40.94 31.97
N LEU C 32 -5.05 -41.92 32.67
CA LEU C 32 -5.15 -41.85 34.13
C LEU C 32 -3.78 -41.88 34.80
N ALA C 33 -2.75 -42.37 34.12
CA ALA C 33 -1.40 -42.34 34.68
C ALA C 33 -0.81 -40.93 34.70
N HIS C 34 -1.53 -39.93 34.19
CA HIS C 34 -1.03 -38.56 34.14
C HIS C 34 -1.96 -37.59 34.84
N THR C 35 -2.77 -38.05 35.79
CA THR C 35 -3.58 -37.16 36.59
C THR C 35 -2.68 -36.29 37.47
N PRO C 36 -3.18 -35.13 37.90
CA PRO C 36 -2.39 -34.30 38.84
C PRO C 36 -2.01 -35.05 40.09
N SER C 37 -2.82 -36.01 40.53
CA SER C 37 -2.46 -36.82 41.69
C SER C 37 -1.28 -37.73 41.38
N GLN C 38 -1.29 -38.38 40.21
CA GLN C 38 -0.19 -39.25 39.82
C GLN C 38 1.10 -38.46 39.68
N LEU C 39 1.02 -37.27 39.08
CA LEU C 39 2.20 -36.48 38.80
C LEU C 39 2.80 -35.81 40.03
N GLU C 40 2.12 -35.88 41.18
CA GLU C 40 2.66 -35.32 42.42
C GLU C 40 3.29 -36.37 43.32
N GLY C 41 3.48 -37.59 42.82
CA GLY C 41 4.13 -38.65 43.58
C GLY C 41 3.20 -39.73 44.08
N LEU C 42 1.89 -39.57 43.92
CA LEU C 42 0.96 -40.60 44.38
C LEU C 42 1.00 -41.80 43.44
N ASP C 43 1.05 -43.00 44.02
CA ASP C 43 1.09 -44.22 43.23
C ASP C 43 -0.31 -44.57 42.72
N PRO C 44 -0.40 -45.34 41.63
CA PRO C 44 -1.72 -45.65 41.07
C PRO C 44 -2.66 -46.33 42.05
N ALA C 45 -2.15 -47.18 42.94
CA ALA C 45 -3.01 -47.86 43.90
C ALA C 45 -3.61 -46.88 44.90
N THR C 46 -2.84 -45.85 45.30
CA THR C 46 -3.33 -44.92 46.30
C THR C 46 -4.43 -44.02 45.74
N GLU C 47 -4.26 -43.54 44.51
CA GLU C 47 -5.31 -42.69 43.93
C GLU C 47 -6.58 -43.49 43.69
N ALA C 48 -6.45 -44.73 43.23
CA ALA C 48 -7.62 -45.60 43.09
C ALA C 48 -8.26 -45.86 44.44
N ARG C 49 -7.45 -46.05 45.49
CA ARG C 49 -7.98 -46.19 46.83
C ARG C 49 -8.66 -44.90 47.29
N TYR C 50 -8.00 -43.75 47.06
CA TYR C 50 -8.60 -42.47 47.44
C TYR C 50 -9.89 -42.21 46.69
N ARG C 51 -10.03 -42.74 45.47
CA ARG C 51 -11.28 -42.57 44.73
C ARG C 51 -12.38 -43.46 45.29
N ARG C 52 -12.07 -44.72 45.59
CA ARG C 52 -13.07 -45.59 46.21
C ARG C 52 -13.47 -45.06 47.59
N GLU C 53 -12.51 -44.53 48.34
CA GLU C 53 -12.83 -43.94 49.64
C GLU C 53 -13.78 -42.76 49.48
N GLY C 54 -13.48 -41.86 48.55
CA GLY C 54 -14.34 -40.72 48.33
C GLY C 54 -15.69 -41.12 47.76
N ALA C 55 -15.71 -42.12 46.88
CA ALA C 55 -16.96 -42.57 46.29
C ALA C 55 -17.87 -43.21 47.34
N ARG C 56 -17.33 -44.15 48.12
CA ARG C 56 -18.12 -44.77 49.16
C ARG C 56 -18.49 -43.77 50.26
N PHE C 57 -17.64 -42.77 50.49
CA PHE C 57 -17.96 -41.72 51.46
C PHE C 57 -19.18 -40.92 51.00
N ILE C 58 -19.21 -40.51 49.73
CA ILE C 58 -20.37 -39.82 49.19
C ILE C 58 -21.58 -40.74 49.18
N PHE C 59 -21.34 -42.03 48.91
CA PHE C 59 -22.45 -42.99 48.85
C PHE C 59 -23.07 -43.19 50.24
N ASP C 60 -22.24 -43.40 51.26
CA ASP C 60 -22.74 -43.68 52.59
C ASP C 60 -23.36 -42.45 53.23
N VAL C 61 -22.77 -41.27 53.02
CA VAL C 61 -23.28 -40.05 53.64
C VAL C 61 -24.66 -39.71 53.09
N GLY C 62 -24.80 -39.69 51.76
CA GLY C 62 -26.09 -39.40 51.18
C GLY C 62 -27.13 -40.45 51.47
N THR C 63 -26.71 -41.71 51.65
CA THR C 63 -27.65 -42.75 52.05
C THR C 63 -28.17 -42.51 53.46
N ARG C 64 -27.30 -42.07 54.37
CA ARG C 64 -27.73 -41.75 55.72
C ARG C 64 -28.72 -40.59 55.72
N LEU C 65 -28.53 -39.63 54.81
CA LEU C 65 -29.45 -38.50 54.69
C LEU C 65 -30.71 -38.84 53.91
N GLY C 66 -30.86 -40.07 53.44
CA GLY C 66 -32.05 -40.45 52.69
C GLY C 66 -32.15 -39.81 51.33
N LEU C 67 -31.03 -39.73 50.60
CA LEU C 67 -30.99 -39.03 49.33
C LEU C 67 -31.33 -39.98 48.17
N HIS C 68 -31.85 -39.39 47.09
CA HIS C 68 -32.16 -40.13 45.88
C HIS C 68 -30.89 -40.68 45.25
N TYR C 69 -31.04 -41.80 44.52
CA TYR C 69 -29.86 -42.46 43.96
C TYR C 69 -29.20 -41.62 42.88
N ASP C 70 -29.98 -40.84 42.12
CA ASP C 70 -29.37 -39.95 41.13
C ASP C 70 -28.53 -38.86 41.80
N THR C 71 -28.94 -38.39 42.97
CA THR C 71 -28.16 -37.38 43.68
C THR C 71 -26.82 -37.95 44.13
N LEU C 72 -26.80 -39.22 44.57
CA LEU C 72 -25.55 -39.83 44.99
C LEU C 72 -24.55 -39.92 43.84
N ALA C 73 -25.00 -40.43 42.69
CA ALA C 73 -24.10 -40.59 41.56
C ALA C 73 -23.64 -39.25 41.00
N THR C 74 -24.52 -38.25 41.00
CA THR C 74 -24.14 -36.93 40.49
C THR C 74 -22.98 -36.33 41.28
N GLY C 75 -23.03 -36.46 42.61
CA GLY C 75 -21.91 -36.00 43.42
C GLY C 75 -20.67 -36.84 43.21
N ILE C 76 -20.84 -38.14 42.99
CA ILE C 76 -19.69 -39.01 42.76
C ILE C 76 -19.03 -38.67 41.42
N ILE C 77 -19.84 -38.34 40.41
CA ILE C 77 -19.28 -37.96 39.12
C ILE C 77 -18.59 -36.60 39.21
N TYR C 78 -19.20 -35.65 39.93
CA TYR C 78 -18.50 -34.41 40.23
C TYR C 78 -17.17 -34.68 40.93
N PHE C 79 -17.17 -35.62 41.87
CA PHE C 79 -15.96 -35.96 42.61
C PHE C 79 -14.90 -36.55 41.68
N HIS C 80 -15.30 -37.50 40.82
CA HIS C 80 -14.35 -38.11 39.90
C HIS C 80 -13.77 -37.09 38.94
N ARG C 81 -14.61 -36.20 38.40
CA ARG C 81 -14.12 -35.19 37.47
C ARG C 81 -13.22 -34.18 38.16
N PHE C 82 -13.45 -33.90 39.45
CA PHE C 82 -12.67 -32.87 40.14
C PHE C 82 -11.20 -33.25 40.22
N TYR C 83 -10.90 -34.50 40.57
CA TYR C 83 -9.52 -34.92 40.72
C TYR C 83 -8.89 -35.35 39.40
N MET C 84 -9.56 -35.06 38.28
CA MET C 84 -8.90 -35.05 36.99
C MET C 84 -8.20 -33.73 36.73
N PHE C 85 -8.58 -32.67 37.44
CA PHE C 85 -7.96 -31.35 37.32
C PHE C 85 -7.09 -30.98 38.50
N HIS C 86 -7.24 -31.64 39.64
CA HIS C 86 -6.51 -31.32 40.86
C HIS C 86 -5.95 -32.59 41.46
N SER C 87 -5.08 -32.40 42.46
CA SER C 87 -4.41 -33.51 43.13
C SER C 87 -5.05 -33.79 44.48
N PHE C 88 -5.06 -35.07 44.86
CA PHE C 88 -5.59 -35.46 46.15
C PHE C 88 -4.77 -34.89 47.31
N LYS C 89 -3.48 -34.64 47.09
CA LYS C 89 -2.64 -34.11 48.15
C LYS C 89 -2.96 -32.65 48.48
N GLN C 90 -3.37 -31.87 47.48
CA GLN C 90 -3.66 -30.46 47.71
C GLN C 90 -5.08 -30.20 48.18
N PHE C 91 -6.02 -31.07 47.84
CA PHE C 91 -7.41 -30.93 48.26
C PHE C 91 -7.80 -32.17 49.05
N PRO C 92 -8.23 -32.05 50.31
CA PRO C 92 -8.64 -33.24 51.06
C PRO C 92 -9.79 -33.93 50.38
N ARG C 93 -9.72 -35.28 50.35
CA ARG C 93 -10.72 -36.05 49.62
C ARG C 93 -12.09 -35.94 50.26
N TYR C 94 -12.17 -36.07 51.59
CA TYR C 94 -13.48 -36.07 52.24
C TYR C 94 -14.09 -34.67 52.28
N VAL C 95 -13.26 -33.63 52.32
CA VAL C 95 -13.78 -32.27 52.22
C VAL C 95 -14.36 -32.01 50.84
N THR C 96 -13.67 -32.50 49.80
CA THR C 96 -14.17 -32.35 48.43
C THR C 96 -15.45 -33.16 48.21
N GLY C 97 -15.48 -34.41 48.70
CA GLY C 97 -16.65 -35.25 48.49
C GLY C 97 -17.91 -34.67 49.11
N ALA C 98 -17.78 -34.05 50.28
CA ALA C 98 -18.94 -33.41 50.90
C ALA C 98 -19.45 -32.26 50.05
N CYS C 99 -18.53 -31.48 49.45
CA CYS C 99 -18.93 -30.37 48.60
C CYS C 99 -19.63 -30.85 47.34
N CYS C 100 -19.18 -31.97 46.77
CA CYS C 100 -19.84 -32.52 45.58
C CYS C 100 -21.26 -32.95 45.89
N LEU C 101 -21.44 -33.67 47.00
CA LEU C 101 -22.78 -34.10 47.39
C LEU C 101 -23.67 -32.92 47.72
N PHE C 102 -23.11 -31.89 48.36
CA PHE C 102 -23.89 -30.69 48.68
C PHE C 102 -24.35 -30.01 47.41
N LEU C 103 -23.46 -29.88 46.41
CA LEU C 103 -23.85 -29.30 45.13
C LEU C 103 -24.81 -30.21 44.39
N ALA C 104 -24.57 -31.53 44.43
CA ALA C 104 -25.45 -32.47 43.75
C ALA C 104 -26.86 -32.43 44.30
N GLY C 105 -27.02 -32.11 45.58
CA GLY C 105 -28.36 -31.99 46.15
C GLY C 105 -29.14 -30.83 45.56
N LYS C 106 -28.49 -29.68 45.43
CA LYS C 106 -29.15 -28.53 44.80
C LYS C 106 -29.32 -28.74 43.30
N VAL C 107 -28.43 -29.51 42.68
CA VAL C 107 -28.56 -29.77 41.25
C VAL C 107 -29.73 -30.70 40.97
N GLU C 108 -29.77 -31.85 41.65
CA GLU C 108 -30.81 -32.84 41.42
C GLU C 108 -32.09 -32.56 42.22
N GLU C 109 -32.25 -31.34 42.73
CA GLU C 109 -33.48 -30.91 43.42
C GLU C 109 -33.79 -31.80 44.63
N THR C 110 -32.76 -32.30 45.30
CA THR C 110 -32.91 -33.03 46.57
C THR C 110 -31.97 -32.40 47.59
N PRO C 111 -32.24 -31.16 47.99
CA PRO C 111 -31.26 -30.41 48.78
C PRO C 111 -31.24 -30.81 50.25
N LYS C 112 -30.07 -30.64 50.86
CA LYS C 112 -29.87 -30.80 52.29
C LYS C 112 -28.99 -29.65 52.78
N LYS C 113 -29.17 -29.27 54.03
CA LYS C 113 -28.38 -28.19 54.59
C LYS C 113 -26.93 -28.63 54.76
N CYS C 114 -26.01 -27.66 54.62
CA CYS C 114 -24.59 -27.96 54.75
C CYS C 114 -24.25 -28.46 56.15
N LYS C 115 -24.96 -27.98 57.17
CA LYS C 115 -24.72 -28.46 58.52
C LYS C 115 -25.16 -29.91 58.68
N ASP C 116 -26.17 -30.34 57.94
CA ASP C 116 -26.63 -31.72 58.02
C ASP C 116 -25.60 -32.68 57.42
N ILE C 117 -24.92 -32.25 56.36
CA ILE C 117 -23.92 -33.11 55.73
C ILE C 117 -22.68 -33.21 56.61
N ILE C 118 -22.27 -32.10 57.23
CA ILE C 118 -21.13 -32.12 58.14
C ILE C 118 -21.41 -33.02 59.33
N LYS C 119 -22.62 -32.96 59.88
CA LYS C 119 -22.99 -33.82 61.00
C LYS C 119 -22.88 -35.29 60.63
N THR C 120 -23.37 -35.66 59.44
CA THR C 120 -23.26 -37.05 58.99
C THR C 120 -21.81 -37.44 58.76
N ALA C 121 -20.98 -36.49 58.28
CA ALA C 121 -19.58 -36.78 58.03
C ALA C 121 -18.85 -37.12 59.32
N ARG C 122 -19.11 -36.38 60.40
CA ARG C 122 -18.48 -36.69 61.67
C ARG C 122 -18.87 -38.06 62.18
N SER C 123 -20.10 -38.50 61.88
CA SER C 123 -20.55 -39.81 62.30
C SER C 123 -19.74 -40.93 61.63
N LEU C 124 -19.44 -40.75 60.34
CA LEU C 124 -18.78 -41.79 59.56
C LEU C 124 -17.26 -41.65 59.49
N LEU C 125 -16.70 -40.52 59.93
CA LEU C 125 -15.26 -40.31 59.92
C LEU C 125 -14.70 -40.34 61.33
N ASN C 126 -13.50 -40.90 61.48
CA ASN C 126 -12.79 -40.91 62.76
C ASN C 126 -12.14 -39.54 63.00
N ASP C 127 -11.48 -39.41 64.15
CA ASP C 127 -10.83 -38.14 64.47
C ASP C 127 -9.77 -37.78 63.44
N VAL C 128 -9.01 -38.77 62.97
CA VAL C 128 -7.96 -38.52 61.99
C VAL C 128 -8.57 -38.03 60.67
N GLN C 129 -9.56 -38.76 60.16
CA GLN C 129 -10.14 -38.42 58.87
C GLN C 129 -10.88 -37.09 58.91
N PHE C 130 -11.59 -36.81 60.01
CA PHE C 130 -12.35 -35.57 60.10
C PHE C 130 -11.45 -34.34 60.24
N GLY C 131 -10.17 -34.53 60.57
CA GLY C 131 -9.26 -33.41 60.68
C GLY C 131 -9.05 -32.67 59.38
N GLN C 132 -9.42 -33.28 58.25
CA GLN C 132 -9.30 -32.59 56.96
C GLN C 132 -10.21 -31.37 56.89
N PHE C 133 -11.33 -31.37 57.60
CA PHE C 133 -12.26 -30.25 57.59
C PHE C 133 -11.75 -29.05 58.38
N GLY C 134 -10.62 -29.18 59.06
CA GLY C 134 -10.05 -28.04 59.76
C GLY C 134 -10.89 -27.61 60.95
N ASP C 135 -10.63 -26.38 61.38
CA ASP C 135 -11.34 -25.84 62.54
C ASP C 135 -12.80 -25.55 62.22
N ASP C 136 -13.07 -25.07 61.01
CA ASP C 136 -14.44 -24.79 60.58
C ASP C 136 -14.80 -25.74 59.45
N PRO C 137 -15.51 -26.84 59.74
CA PRO C 137 -15.86 -27.77 58.66
C PRO C 137 -16.80 -27.18 57.63
N LYS C 138 -17.76 -26.36 58.05
CA LYS C 138 -18.71 -25.77 57.09
C LYS C 138 -17.99 -24.83 56.13
N GLU C 139 -17.08 -24.00 56.64
CA GLU C 139 -16.43 -23.01 55.78
C GLU C 139 -15.51 -23.67 54.77
N GLU C 140 -14.80 -24.73 55.19
CA GLU C 140 -13.93 -25.45 54.26
C GLU C 140 -14.71 -26.07 53.11
N VAL C 141 -15.99 -26.37 53.33
CA VAL C 141 -16.84 -26.92 52.28
C VAL C 141 -17.47 -25.83 51.42
N MET C 142 -18.05 -24.80 52.05
CA MET C 142 -18.66 -23.72 51.31
C MET C 142 -17.65 -23.01 50.42
N VAL C 143 -16.41 -22.90 50.89
CA VAL C 143 -15.35 -22.27 50.10
C VAL C 143 -15.05 -23.09 48.86
N LEU C 144 -14.97 -24.41 49.01
CA LEU C 144 -14.63 -25.29 47.89
C LEU C 144 -15.69 -25.31 46.80
N GLU C 145 -16.89 -24.77 47.05
CA GLU C 145 -17.93 -24.80 46.04
C GLU C 145 -17.58 -23.96 44.83
N ARG C 146 -16.92 -22.81 45.05
CA ARG C 146 -16.50 -21.96 43.94
C ARG C 146 -15.54 -22.71 43.02
N ILE C 147 -14.54 -23.37 43.60
CA ILE C 147 -13.57 -24.09 42.78
C ILE C 147 -14.22 -25.30 42.11
N LEU C 148 -15.20 -25.92 42.77
CA LEU C 148 -15.88 -27.06 42.16
C LEU C 148 -16.68 -26.64 40.94
N LEU C 149 -17.45 -25.56 41.06
CA LEU C 149 -18.24 -25.08 39.93
C LEU C 149 -17.34 -24.66 38.78
N GLN C 150 -16.21 -24.01 39.09
CA GLN C 150 -15.28 -23.62 38.04
C GLN C 150 -14.62 -24.85 37.40
N THR C 151 -14.25 -25.84 38.21
CA THR C 151 -13.61 -27.03 37.68
C THR C 151 -14.57 -27.82 36.79
N ILE C 152 -15.82 -28.01 37.24
CA ILE C 152 -16.80 -28.73 36.43
C ILE C 152 -17.37 -27.88 35.31
N LYS C 153 -16.86 -26.65 35.13
CA LYS C 153 -17.22 -25.78 34.03
C LYS C 153 -18.73 -25.46 34.01
N PHE C 154 -19.36 -25.52 35.18
CA PHE C 154 -20.80 -25.26 35.33
C PHE C 154 -21.63 -26.18 34.44
N ASP C 155 -21.10 -27.37 34.13
CA ASP C 155 -21.86 -28.37 33.39
C ASP C 155 -22.51 -29.28 34.43
N LEU C 156 -23.66 -28.82 34.92
CA LEU C 156 -24.29 -29.47 36.07
C LEU C 156 -25.11 -30.69 35.67
N GLN C 157 -25.74 -30.66 34.50
CA GLN C 157 -26.59 -31.77 34.08
C GLN C 157 -25.73 -33.00 33.81
N VAL C 158 -25.96 -34.06 34.59
CA VAL C 158 -25.26 -35.32 34.45
C VAL C 158 -26.27 -36.45 34.43
N GLU C 159 -26.14 -37.36 33.48
CA GLU C 159 -26.98 -38.54 33.38
C GLU C 159 -26.20 -39.77 33.82
N HIS C 160 -26.95 -40.78 34.30
CA HIS C 160 -26.36 -41.96 34.92
C HIS C 160 -26.92 -43.21 34.25
N PRO C 161 -26.16 -44.31 34.28
CA PRO C 161 -26.62 -45.55 33.63
C PRO C 161 -27.91 -46.13 34.21
N TYR C 162 -28.39 -45.63 35.35
CA TYR C 162 -29.61 -46.19 35.94
C TYR C 162 -30.80 -46.00 35.02
N GLN C 163 -31.00 -44.78 34.52
CA GLN C 163 -32.16 -44.52 33.67
C GLN C 163 -32.06 -45.28 32.35
N PHE C 164 -30.84 -45.55 31.89
CA PHE C 164 -30.67 -46.33 30.67
C PHE C 164 -30.82 -47.83 30.93
N LEU C 165 -30.38 -48.29 32.11
CA LEU C 165 -30.62 -49.69 32.48
C LEU C 165 -32.11 -49.99 32.53
N LEU C 166 -32.91 -49.02 32.98
CA LEU C 166 -34.36 -49.21 33.05
C LEU C 166 -35.01 -49.02 31.69
N LYS C 167 -34.51 -48.08 30.88
CA LYS C 167 -35.06 -47.86 29.55
C LYS C 167 -34.88 -49.07 28.66
N TYR C 168 -33.78 -49.81 28.83
CA TYR C 168 -33.51 -50.98 28.00
C TYR C 168 -34.24 -52.22 28.51
N ALA C 169 -34.42 -52.34 29.82
CA ALA C 169 -35.08 -53.52 30.37
C ALA C 169 -36.57 -53.53 30.03
N LYS C 170 -37.21 -52.36 29.90
CA LYS C 170 -38.63 -52.34 29.57
C LYS C 170 -38.88 -52.92 28.18
N GLN C 171 -37.93 -52.81 27.27
CA GLN C 171 -38.06 -53.36 25.93
C GLN C 171 -37.81 -54.86 25.88
N LEU C 172 -37.46 -55.47 27.01
CA LEU C 172 -37.27 -56.91 27.09
C LEU C 172 -38.59 -57.59 27.44
N LYS C 173 -38.88 -58.69 26.74
CA LYS C 173 -40.12 -59.44 26.96
C LYS C 173 -39.77 -60.90 27.17
N GLY C 174 -40.31 -61.48 28.24
CA GLY C 174 -40.04 -62.87 28.57
C GLY C 174 -40.36 -63.20 30.01
N ASP C 175 -39.53 -64.05 30.63
CA ASP C 175 -39.71 -64.40 32.03
C ASP C 175 -39.52 -63.17 32.92
N LYS C 176 -40.59 -62.73 33.59
CA LYS C 176 -40.50 -61.54 34.43
C LYS C 176 -39.51 -61.72 35.56
N ASN C 177 -39.45 -62.92 36.14
CA ASN C 177 -38.54 -63.16 37.25
C ASN C 177 -37.09 -63.20 36.78
N LYS C 178 -36.84 -63.76 35.60
CA LYS C 178 -35.48 -63.79 35.08
C LYS C 178 -35.00 -62.39 34.69
N ILE C 179 -35.88 -61.58 34.12
CA ILE C 179 -35.50 -60.22 33.76
C ILE C 179 -35.25 -59.39 35.01
N GLN C 180 -36.05 -59.62 36.06
CA GLN C 180 -35.88 -58.85 37.29
C GLN C 180 -34.57 -59.19 37.99
N LYS C 181 -34.18 -60.46 37.96
CA LYS C 181 -32.88 -60.83 38.51
C LYS C 181 -31.74 -60.21 37.70
N LEU C 182 -31.93 -60.07 36.39
CA LEU C 182 -30.94 -59.39 35.56
C LEU C 182 -30.80 -57.92 35.93
N VAL C 183 -31.92 -57.25 36.19
CA VAL C 183 -31.88 -55.81 36.45
C VAL C 183 -31.19 -55.51 37.78
N GLN C 184 -31.63 -56.17 38.85
CA GLN C 184 -31.06 -55.90 40.17
C GLN C 184 -29.57 -56.20 40.21
N MET C 185 -29.14 -57.29 39.57
CA MET C 185 -27.72 -57.63 39.54
C MET C 185 -26.93 -56.59 38.75
N ALA C 186 -27.46 -56.16 37.61
CA ALA C 186 -26.82 -55.08 36.86
C ALA C 186 -26.84 -53.78 37.64
N TRP C 187 -27.95 -53.49 38.32
CA TRP C 187 -28.02 -52.31 39.18
C TRP C 187 -26.95 -52.35 40.26
N THR C 188 -26.70 -53.54 40.83
CA THR C 188 -25.63 -53.69 41.79
C THR C 188 -24.28 -53.38 41.14
N PHE C 189 -24.10 -53.80 39.89
CA PHE C 189 -22.85 -53.52 39.19
C PHE C 189 -22.68 -52.04 38.93
N VAL C 190 -23.78 -51.31 38.70
CA VAL C 190 -23.69 -49.88 38.50
C VAL C 190 -23.28 -49.18 39.80
N ASN C 191 -23.84 -49.61 40.92
CA ASN C 191 -23.45 -49.04 42.21
C ASN C 191 -21.97 -49.30 42.50
N ASP C 192 -21.48 -50.47 42.11
CA ASP C 192 -20.06 -50.79 42.34
C ASP C 192 -19.15 -50.07 41.36
N SER C 193 -19.64 -49.80 40.14
CA SER C 193 -18.83 -49.12 39.14
C SER C 193 -18.59 -47.65 39.49
N LEU C 194 -19.38 -47.09 40.41
CA LEU C 194 -19.14 -45.71 40.84
C LEU C 194 -17.82 -45.56 41.57
N CYS C 195 -17.36 -46.62 42.25
CA CYS C 195 -16.08 -46.60 42.93
C CYS C 195 -14.90 -46.56 41.97
N THR C 196 -15.14 -46.72 40.67
CA THR C 196 -14.10 -46.81 39.67
C THR C 196 -14.10 -45.57 38.79
N THR C 197 -13.10 -45.51 37.91
CA THR C 197 -12.99 -44.45 36.92
C THR C 197 -13.84 -44.69 35.69
N LEU C 198 -14.64 -45.77 35.68
CA LEU C 198 -15.52 -46.07 34.56
C LEU C 198 -16.44 -44.89 34.24
N SER C 199 -16.86 -44.15 35.26
CA SER C 199 -17.67 -42.95 35.04
C SER C 199 -16.99 -41.98 34.08
N LEU C 200 -15.66 -41.93 34.11
CA LEU C 200 -14.89 -41.06 33.22
C LEU C 200 -14.48 -41.75 31.92
N GLN C 201 -14.43 -43.08 31.88
CA GLN C 201 -13.93 -43.76 30.68
C GLN C 201 -14.98 -43.83 29.58
N TRP C 202 -16.24 -44.10 29.93
CA TRP C 202 -17.27 -44.38 28.94
C TRP C 202 -18.55 -43.65 29.30
N GLU C 203 -19.39 -43.43 28.29
CA GLU C 203 -20.68 -42.79 28.48
C GLU C 203 -21.58 -43.66 29.34
N PRO C 204 -22.58 -43.05 29.99
CA PRO C 204 -23.46 -43.85 30.87
C PRO C 204 -24.29 -44.88 30.12
N GLU C 205 -24.58 -44.66 28.84
CA GLU C 205 -25.35 -45.63 28.08
C GLU C 205 -24.58 -46.93 27.88
N ILE C 206 -23.27 -46.82 27.60
CA ILE C 206 -22.45 -48.02 27.41
C ILE C 206 -22.29 -48.79 28.71
N ILE C 207 -22.19 -48.07 29.83
CA ILE C 207 -22.07 -48.72 31.13
C ILE C 207 -23.33 -49.53 31.43
N ALA C 208 -24.50 -48.97 31.12
CA ALA C 208 -25.75 -49.69 31.35
C ALA C 208 -25.85 -50.95 30.51
N VAL C 209 -25.29 -50.93 29.29
CA VAL C 209 -25.29 -52.13 28.47
C VAL C 209 -24.27 -53.14 28.99
N ALA C 210 -23.13 -52.66 29.47
CA ALA C 210 -22.09 -53.57 29.96
C ALA C 210 -22.54 -54.30 31.22
N VAL C 211 -23.27 -53.62 32.10
CA VAL C 211 -23.76 -54.28 33.30
C VAL C 211 -24.86 -55.27 32.95
N MET C 212 -25.65 -54.99 31.91
CA MET C 212 -26.54 -56.00 31.38
C MET C 212 -25.75 -57.16 30.78
N TYR C 213 -24.64 -56.84 30.12
CA TYR C 213 -23.80 -57.87 29.52
C TYR C 213 -23.15 -58.75 30.58
N LEU C 214 -22.71 -58.15 31.69
CA LEU C 214 -22.08 -58.92 32.75
C LEU C 214 -23.09 -59.77 33.48
N ALA C 215 -24.22 -59.17 33.87
CA ALA C 215 -25.25 -59.92 34.59
C ALA C 215 -25.85 -61.02 33.73
N GLY C 216 -25.82 -60.86 32.40
CA GLY C 216 -26.32 -61.92 31.54
C GLY C 216 -25.42 -63.14 31.52
N ARG C 217 -24.10 -62.93 31.55
CA ARG C 217 -23.18 -64.06 31.57
C ARG C 217 -23.21 -64.79 32.90
N LEU C 218 -23.26 -64.04 34.00
CA LEU C 218 -23.28 -64.66 35.33
C LEU C 218 -24.58 -65.43 35.55
N CYS C 219 -25.71 -64.83 35.17
CA CYS C 219 -27.01 -65.49 35.30
C CYS C 219 -27.29 -66.49 34.20
N LYS C 220 -26.36 -66.66 33.25
CA LYS C 220 -26.53 -67.60 32.13
C LYS C 220 -27.76 -67.27 31.31
N PHE C 221 -27.99 -65.98 31.07
CA PHE C 221 -29.13 -65.51 30.29
C PHE C 221 -28.75 -65.23 28.84
N GLU C 222 -29.68 -65.54 27.94
CA GLU C 222 -29.56 -65.20 26.52
C GLU C 222 -30.40 -63.95 26.32
N ILE C 223 -29.78 -62.77 26.48
CA ILE C 223 -30.53 -61.53 26.46
C ILE C 223 -31.16 -61.28 25.10
N GLN C 224 -30.56 -61.83 24.04
CA GLN C 224 -31.08 -61.61 22.69
C GLN C 224 -32.51 -62.13 22.55
N GLU C 225 -32.87 -63.17 23.29
CA GLU C 225 -34.21 -63.76 23.16
C GLU C 225 -35.30 -62.80 23.62
N TRP C 226 -35.01 -61.93 24.58
CA TRP C 226 -36.00 -61.00 25.10
C TRP C 226 -36.14 -59.74 24.25
N THR C 227 -35.37 -59.61 23.18
CA THR C 227 -35.41 -58.41 22.36
C THR C 227 -36.39 -58.59 21.20
N SER C 228 -36.62 -57.49 20.46
CA SER C 228 -37.48 -57.55 19.29
C SER C 228 -36.84 -58.32 18.15
N LYS C 229 -35.52 -58.55 18.22
CA LYS C 229 -34.76 -59.34 17.25
C LYS C 229 -34.18 -60.52 18.03
N PRO C 230 -34.97 -61.57 18.22
CA PRO C 230 -34.52 -62.69 19.08
C PRO C 230 -33.32 -63.38 18.53
N MET C 231 -33.02 -63.17 17.26
CA MET C 231 -31.86 -63.77 16.65
C MET C 231 -30.65 -62.87 16.72
N TYR C 232 -30.81 -61.59 17.09
CA TYR C 232 -29.70 -60.64 16.99
C TYR C 232 -28.71 -60.91 18.11
N ARG C 233 -27.66 -61.66 17.75
CA ARG C 233 -26.66 -62.12 18.69
C ARG C 233 -25.96 -60.92 19.33
N ARG C 234 -25.88 -59.80 18.60
CA ARG C 234 -25.44 -58.53 19.15
C ARG C 234 -26.65 -57.79 19.73
N TRP C 235 -27.16 -58.35 20.85
CA TRP C 235 -28.36 -57.79 21.45
C TRP C 235 -28.15 -56.35 21.86
N TRP C 236 -26.90 -56.02 22.25
CA TRP C 236 -26.57 -54.68 22.71
C TRP C 236 -26.74 -53.62 21.63
N GLU C 237 -26.68 -54.01 20.35
CA GLU C 237 -26.73 -53.02 19.27
C GLU C 237 -28.09 -52.35 19.18
N GLN C 238 -29.17 -53.08 19.48
CA GLN C 238 -30.51 -52.49 19.42
C GLN C 238 -30.69 -51.42 20.48
N PHE C 239 -29.86 -51.40 21.52
CA PHE C 239 -29.90 -50.36 22.53
C PHE C 239 -28.91 -49.24 22.21
N VAL C 240 -27.62 -49.56 22.19
CA VAL C 240 -26.56 -48.60 21.92
C VAL C 240 -25.82 -49.02 20.67
N GLN C 241 -25.77 -48.14 19.68
CA GLN C 241 -25.13 -48.45 18.40
C GLN C 241 -23.61 -48.24 18.49
N ASP C 242 -22.89 -48.96 17.64
CA ASP C 242 -21.45 -48.78 17.44
C ASP C 242 -20.66 -49.10 18.71
N VAL C 243 -21.00 -50.22 19.34
CA VAL C 243 -20.31 -50.67 20.54
C VAL C 243 -19.66 -52.03 20.28
N PRO C 244 -18.33 -52.10 20.19
CA PRO C 244 -17.68 -53.40 20.02
C PRO C 244 -17.69 -54.20 21.30
N VAL C 245 -17.51 -55.52 21.14
CA VAL C 245 -17.47 -56.41 22.30
C VAL C 245 -16.23 -56.15 23.15
N ASP C 246 -15.17 -55.58 22.56
CA ASP C 246 -13.96 -55.29 23.32
C ASP C 246 -14.24 -54.32 24.46
N VAL C 247 -15.11 -53.34 24.23
CA VAL C 247 -15.43 -52.38 25.29
C VAL C 247 -16.22 -53.05 26.40
N LEU C 248 -17.21 -53.88 26.03
CA LEU C 248 -18.01 -54.57 27.05
C LEU C 248 -17.16 -55.49 27.91
N GLU C 249 -16.23 -56.22 27.29
CA GLU C 249 -15.33 -57.08 28.06
C GLU C 249 -14.40 -56.26 28.94
N ASP C 250 -13.97 -55.09 28.46
CA ASP C 250 -13.11 -54.22 29.26
C ASP C 250 -13.83 -53.69 30.48
N ILE C 251 -15.08 -53.25 30.32
CA ILE C 251 -15.85 -52.75 31.46
C ILE C 251 -16.14 -53.86 32.45
N CYS C 252 -16.52 -55.04 31.95
CA CYS C 252 -16.78 -56.17 32.84
C CYS C 252 -15.53 -56.56 33.61
N HIS C 253 -14.36 -56.44 32.98
CA HIS C 253 -13.11 -56.76 33.67
C HIS C 253 -12.84 -55.80 34.81
N GLN C 254 -13.19 -54.52 34.63
CA GLN C 254 -12.93 -53.53 35.67
C GLN C 254 -13.87 -53.69 36.85
N ILE C 255 -15.14 -54.02 36.59
CA ILE C 255 -16.10 -54.20 37.68
C ILE C 255 -15.73 -55.42 38.51
N LEU C 256 -15.39 -56.52 37.86
CA LEU C 256 -15.03 -57.74 38.59
C LEU C 256 -13.71 -57.62 39.34
N ASP C 257 -12.87 -56.65 38.97
CA ASP C 257 -11.64 -56.43 39.74
C ASP C 257 -11.94 -55.99 41.16
N LEU C 258 -13.03 -55.26 41.36
CA LEU C 258 -13.43 -54.86 42.71
C LEU C 258 -13.84 -56.06 43.55
N TYR C 259 -14.59 -57.00 42.95
CA TYR C 259 -15.09 -58.15 43.70
C TYR C 259 -13.94 -59.05 44.13
N SER C 260 -12.97 -59.30 43.25
CA SER C 260 -11.86 -60.16 43.61
C SER C 260 -10.91 -59.46 44.58
N GLN C 261 -10.77 -58.14 44.46
CA GLN C 261 -9.89 -57.39 45.37
C GLN C 261 -10.50 -57.29 46.76
N GLY C 262 -11.75 -56.84 46.86
CA GLY C 262 -12.42 -56.71 48.13
C GLY C 262 -12.82 -58.04 48.71
N LYS C 263 -13.67 -57.98 49.73
CA LYS C 263 -14.17 -59.17 50.39
C LYS C 263 -15.54 -59.62 49.90
N GLN C 264 -16.23 -58.79 49.12
CA GLN C 264 -17.50 -59.18 48.53
C GLN C 264 -17.28 -60.15 47.38
N GLN C 265 -18.23 -61.06 47.20
CA GLN C 265 -18.19 -62.02 46.11
C GLN C 265 -19.16 -61.58 45.02
N MET C 266 -19.00 -62.16 43.83
CA MET C 266 -19.90 -61.86 42.74
C MET C 266 -21.33 -62.21 43.13
N PRO C 267 -22.32 -61.40 42.73
CA PRO C 267 -23.71 -61.68 43.11
C PRO C 267 -24.19 -63.06 42.70
N HIS C 268 -24.10 -63.37 41.40
CA HIS C 268 -24.48 -64.66 40.86
C HIS C 268 -25.89 -65.08 41.28
N MET D 29 8.79 52.95 -30.00
CA MET D 29 9.80 52.53 -30.96
C MET D 29 11.17 52.43 -30.28
N SER D 30 12.02 51.53 -30.77
CA SER D 30 13.36 51.36 -30.24
C SER D 30 14.39 51.69 -31.32
N TYR D 31 15.58 52.08 -30.87
CA TYR D 31 16.64 52.53 -31.76
C TYR D 31 17.94 51.87 -31.32
N ASN D 32 18.62 51.22 -32.25
CA ASN D 32 19.82 50.45 -31.94
C ASN D 32 20.89 50.68 -33.01
N TYR D 33 22.09 50.22 -32.72
CA TYR D 33 23.26 50.51 -33.54
C TYR D 33 24.20 49.32 -33.50
N VAL D 34 24.54 48.77 -34.67
CA VAL D 34 25.31 47.54 -34.78
C VAL D 34 26.55 47.81 -35.61
N VAL D 35 27.71 47.38 -35.10
CA VAL D 35 28.98 47.51 -35.80
C VAL D 35 29.67 46.16 -35.81
N THR D 36 30.53 45.96 -36.81
CA THR D 36 31.35 44.77 -36.90
C THR D 36 32.68 45.02 -36.19
N ALA D 37 32.97 44.23 -35.17
CA ALA D 37 34.24 44.33 -34.45
C ALA D 37 35.32 43.48 -35.11
N GLN D 38 34.97 42.28 -35.56
CA GLN D 38 35.88 41.41 -36.29
C GLN D 38 35.17 40.91 -37.53
N LYS D 39 35.76 41.16 -38.70
CA LYS D 39 35.16 40.73 -39.95
C LYS D 39 35.17 39.20 -40.06
N PRO D 40 34.30 38.64 -40.90
CA PRO D 40 34.27 37.18 -41.08
C PRO D 40 35.63 36.64 -41.51
N THR D 41 36.07 35.57 -40.82
CA THR D 41 37.36 34.95 -41.09
C THR D 41 37.28 33.61 -41.80
N ALA D 42 36.12 32.96 -41.77
CA ALA D 42 35.99 31.65 -42.40
C ALA D 42 35.96 31.78 -43.91
N VAL D 43 36.77 30.98 -44.59
CA VAL D 43 36.85 31.00 -46.04
C VAL D 43 35.73 30.15 -46.62
N ASN D 44 34.83 30.78 -47.37
CA ASN D 44 33.71 30.08 -47.98
C ASN D 44 34.01 29.62 -49.41
N GLY D 45 35.06 30.15 -50.03
CA GLY D 45 35.43 29.76 -51.37
C GLY D 45 36.74 30.39 -51.81
N CYS D 46 37.46 29.72 -52.71
CA CYS D 46 38.73 30.23 -53.20
C CYS D 46 38.95 29.77 -54.63
N VAL D 47 39.38 30.69 -55.49
CA VAL D 47 39.60 30.43 -56.91
C VAL D 47 40.92 31.07 -57.35
N THR D 48 41.49 30.52 -58.42
CA THR D 48 42.73 31.02 -59.00
C THR D 48 42.49 31.40 -60.46
N GLY D 49 43.06 32.53 -60.87
CA GLY D 49 42.93 32.99 -62.24
C GLY D 49 43.83 34.18 -62.56
N HIS D 50 43.39 35.02 -63.49
CA HIS D 50 44.14 36.21 -63.92
C HIS D 50 43.15 37.37 -63.99
N PHE D 51 42.73 37.84 -62.82
CA PHE D 51 41.66 38.83 -62.71
C PHE D 51 42.19 40.26 -62.74
N THR D 52 43.22 40.55 -61.95
CA THR D 52 43.75 41.91 -61.89
C THR D 52 44.42 42.29 -63.21
N SER D 53 45.24 41.40 -63.74
CA SER D 53 45.89 41.63 -65.02
C SER D 53 46.04 40.29 -65.73
N ALA D 54 46.28 40.36 -67.04
CA ALA D 54 46.44 39.16 -67.84
C ALA D 54 47.72 38.41 -67.51
N GLU D 55 48.68 39.06 -66.85
CA GLU D 55 49.96 38.44 -66.52
C GLU D 55 50.00 37.84 -65.13
N ASP D 56 49.44 38.53 -64.13
CA ASP D 56 49.51 38.07 -62.75
C ASP D 56 48.61 36.86 -62.52
N LEU D 57 49.03 36.02 -61.57
CA LEU D 57 48.23 34.90 -61.10
C LEU D 57 47.58 35.32 -59.78
N ASN D 58 46.26 35.39 -59.77
CA ASN D 58 45.52 35.91 -58.63
C ASN D 58 44.85 34.77 -57.86
N LEU D 59 44.75 34.96 -56.55
CA LEU D 59 44.01 34.06 -55.67
C LEU D 59 42.90 34.87 -54.99
N LEU D 60 41.67 34.66 -55.42
CA LEU D 60 40.52 35.37 -54.86
C LEU D 60 39.89 34.54 -53.75
N ILE D 61 40.10 34.97 -52.50
CA ILE D 61 39.54 34.30 -51.34
C ILE D 61 38.20 34.95 -51.01
N ALA D 62 37.18 34.13 -50.77
CA ALA D 62 35.83 34.61 -50.52
C ALA D 62 35.42 34.25 -49.09
N LYS D 63 35.33 35.26 -48.24
CA LYS D 63 34.69 35.13 -46.94
C LYS D 63 33.29 35.74 -47.02
N ASN D 64 32.52 35.59 -45.94
CA ASN D 64 31.13 36.01 -45.97
C ASN D 64 31.04 37.51 -46.23
N THR D 65 30.42 37.88 -47.34
CA THR D 65 30.21 39.26 -47.80
C THR D 65 31.53 40.00 -48.06
N ARG D 66 32.66 39.31 -47.98
CA ARG D 66 33.97 39.92 -48.17
C ARG D 66 34.71 39.20 -49.29
N LEU D 67 35.42 39.96 -50.11
CA LEU D 67 36.24 39.42 -51.19
C LEU D 67 37.66 39.92 -51.06
N GLU D 68 38.60 39.00 -50.91
CA GLU D 68 40.02 39.32 -50.78
C GLU D 68 40.73 38.93 -52.06
N ILE D 69 41.50 39.87 -52.63
CA ILE D 69 42.25 39.65 -53.85
C ILE D 69 43.73 39.64 -53.51
N TYR D 70 44.41 38.54 -53.84
CA TYR D 70 45.84 38.42 -53.62
C TYR D 70 46.55 38.15 -54.94
N VAL D 71 47.87 38.34 -54.92
CA VAL D 71 48.74 38.06 -56.06
C VAL D 71 49.77 37.03 -55.62
N VAL D 72 49.85 35.92 -56.35
CA VAL D 72 50.75 34.83 -55.98
C VAL D 72 52.19 35.24 -56.24
N THR D 73 53.03 35.10 -55.22
CA THR D 73 54.46 35.36 -55.31
C THR D 73 55.23 34.08 -55.01
N ALA D 74 56.56 34.16 -55.05
CA ALA D 74 57.40 33.02 -54.72
C ALA D 74 57.49 32.77 -53.21
N GLU D 75 57.25 33.79 -52.39
CA GLU D 75 57.26 33.65 -50.94
C GLU D 75 55.87 33.44 -50.35
N GLY D 76 54.82 33.82 -51.09
CA GLY D 76 53.46 33.71 -50.60
C GLY D 76 52.48 34.55 -51.38
N LEU D 77 51.57 35.22 -50.68
CA LEU D 77 50.54 36.05 -51.30
C LEU D 77 50.78 37.52 -50.99
N ARG D 78 50.52 38.37 -51.97
CA ARG D 78 50.61 39.81 -51.78
C ARG D 78 49.21 40.40 -51.91
N PRO D 79 48.63 40.95 -50.86
CA PRO D 79 47.30 41.54 -50.98
C PRO D 79 47.34 42.77 -51.88
N VAL D 80 46.25 42.99 -52.61
CA VAL D 80 46.19 44.09 -53.57
C VAL D 80 44.90 44.87 -53.39
N LYS D 81 43.81 44.20 -53.03
CA LYS D 81 42.52 44.86 -52.93
C LYS D 81 41.56 43.96 -52.15
N GLU D 82 40.75 44.59 -51.30
CA GLU D 82 39.67 43.90 -50.60
C GLU D 82 38.43 44.77 -50.66
N VAL D 83 37.34 44.22 -51.18
CA VAL D 83 36.08 44.96 -51.32
C VAL D 83 34.99 44.23 -50.55
N GLY D 84 34.02 45.00 -50.09
CA GLY D 84 32.84 44.47 -49.42
C GLY D 84 31.63 44.55 -50.34
N MET D 85 30.81 43.51 -50.29
CA MET D 85 29.60 43.43 -51.10
C MET D 85 28.39 43.38 -50.19
N TYR D 86 27.29 43.97 -50.67
CA TYR D 86 26.05 44.00 -49.91
C TYR D 86 25.26 42.71 -50.14
N GLY D 87 25.90 41.60 -49.80
CA GLY D 87 25.31 40.30 -49.98
C GLY D 87 26.31 39.21 -49.65
N LYS D 88 25.77 38.06 -49.28
CA LYS D 88 26.59 36.89 -48.96
C LYS D 88 27.05 36.23 -50.25
N ILE D 89 28.37 36.18 -50.45
CA ILE D 89 28.93 35.64 -51.69
C ILE D 89 28.66 34.14 -51.72
N ALA D 90 27.80 33.70 -52.64
CA ALA D 90 27.48 32.29 -52.81
C ALA D 90 28.28 31.64 -53.94
N VAL D 91 28.26 32.26 -55.13
CA VAL D 91 28.98 31.74 -56.29
C VAL D 91 30.08 32.75 -56.64
N MET D 92 31.28 32.24 -56.90
CA MET D 92 32.40 33.09 -57.29
C MET D 92 33.26 32.30 -58.27
N GLU D 93 33.28 32.74 -59.53
CA GLU D 93 34.03 32.04 -60.58
C GLU D 93 34.67 33.06 -61.51
N LEU D 94 35.87 32.74 -61.99
CA LEU D 94 36.61 33.59 -62.92
C LEU D 94 36.51 33.00 -64.33
N PHE D 95 36.24 33.86 -65.30
CA PHE D 95 36.11 33.44 -66.70
C PHE D 95 36.66 34.53 -67.60
N ARG D 96 37.07 34.12 -68.81
CA ARG D 96 37.62 35.03 -69.81
C ARG D 96 36.97 34.77 -71.16
N PRO D 97 35.99 35.57 -71.57
CA PRO D 97 35.37 35.38 -72.89
C PRO D 97 36.30 35.86 -73.99
N LYS D 98 35.97 35.48 -75.22
CA LYS D 98 36.74 35.89 -76.38
C LYS D 98 36.63 37.39 -76.59
N GLY D 99 37.77 38.07 -76.59
CA GLY D 99 37.85 39.50 -76.77
C GLY D 99 38.19 40.26 -75.51
N GLU D 100 38.36 39.58 -74.38
CA GLU D 100 38.76 40.21 -73.13
C GLU D 100 40.26 39.98 -72.91
N SER D 101 40.92 41.00 -72.36
CA SER D 101 42.35 40.90 -72.10
C SER D 101 42.64 40.04 -70.88
N LYS D 102 41.85 40.19 -69.82
CA LYS D 102 42.04 39.48 -68.56
C LYS D 102 40.71 38.89 -68.09
N ASP D 103 40.81 38.04 -67.08
CA ASP D 103 39.64 37.34 -66.58
C ASP D 103 38.65 38.30 -65.92
N LEU D 104 37.36 38.00 -66.09
CA LEU D 104 36.29 38.70 -65.40
C LEU D 104 35.77 37.82 -64.25
N LEU D 105 35.11 38.46 -63.29
CA LEU D 105 34.62 37.79 -62.11
C LEU D 105 33.09 37.81 -62.10
N PHE D 106 32.48 36.65 -61.85
CA PHE D 106 31.05 36.54 -61.66
C PHE D 106 30.76 36.19 -60.21
N ILE D 107 29.83 36.91 -59.59
CA ILE D 107 29.46 36.70 -58.20
C ILE D 107 27.95 36.72 -58.10
N LEU D 108 27.38 35.69 -57.48
CA LEU D 108 25.96 35.61 -57.18
C LEU D 108 25.78 35.55 -55.67
N THR D 109 24.95 36.44 -55.13
CA THR D 109 24.76 36.51 -53.69
C THR D 109 23.68 35.53 -53.25
N ALA D 110 23.52 35.41 -51.93
CA ALA D 110 22.48 34.53 -51.39
C ALA D 110 21.09 35.05 -51.69
N LYS D 111 20.93 36.38 -51.81
CA LYS D 111 19.66 36.98 -52.17
C LYS D 111 19.46 37.08 -53.68
N TYR D 112 20.17 36.27 -54.46
CA TYR D 112 20.03 36.16 -55.91
C TYR D 112 20.48 37.41 -56.66
N ASN D 113 21.33 38.23 -56.06
CA ASN D 113 21.91 39.36 -56.77
C ASN D 113 23.09 38.87 -57.62
N ALA D 114 23.00 39.04 -58.93
CA ALA D 114 24.04 38.62 -59.84
C ALA D 114 24.72 39.83 -60.47
N CYS D 115 26.02 39.70 -60.72
CA CYS D 115 26.80 40.78 -61.29
C CYS D 115 28.08 40.22 -61.91
N ILE D 116 28.64 40.97 -62.85
CA ILE D 116 29.91 40.66 -63.48
C ILE D 116 30.85 41.83 -63.24
N LEU D 117 32.03 41.54 -62.70
CA LEU D 117 32.95 42.57 -62.23
C LEU D 117 34.27 42.52 -63.00
N GLU D 118 34.90 43.68 -63.14
CA GLU D 118 36.19 43.81 -63.81
C GLU D 118 37.14 44.62 -62.93
N TYR D 119 38.41 44.25 -62.95
CA TYR D 119 39.45 44.96 -62.23
C TYR D 119 40.05 46.04 -63.12
N LYS D 120 40.10 47.26 -62.60
CA LYS D 120 40.70 48.37 -63.35
C LYS D 120 41.59 49.17 -62.41
N GLN D 121 42.85 49.35 -62.80
CA GLN D 121 43.82 50.08 -62.00
C GLN D 121 44.49 51.13 -62.88
N SER D 122 44.32 52.39 -62.51
CA SER D 122 44.96 53.52 -63.19
C SER D 122 46.02 54.08 -62.24
N GLY D 123 47.19 53.44 -62.23
CA GLY D 123 48.25 53.84 -61.34
C GLY D 123 48.04 53.36 -59.92
N GLU D 124 47.80 54.31 -59.01
CA GLU D 124 47.56 54.00 -57.61
C GLU D 124 46.08 53.86 -57.28
N SER D 125 45.20 54.26 -58.19
CA SER D 125 43.76 54.15 -57.97
C SER D 125 43.28 52.79 -58.46
N ILE D 126 42.88 51.94 -57.52
CA ILE D 126 42.38 50.61 -57.82
C ILE D 126 40.87 50.64 -57.63
N ASP D 127 40.13 50.32 -58.69
CA ASP D 127 38.68 50.32 -58.64
C ASP D 127 38.13 49.08 -59.33
N ILE D 128 36.99 48.61 -58.85
CA ILE D 128 36.31 47.45 -59.41
C ILE D 128 35.07 47.94 -60.13
N ILE D 129 34.96 47.61 -61.41
CA ILE D 129 33.88 48.09 -62.28
C ILE D 129 32.79 47.03 -62.34
N THR D 130 31.54 47.49 -62.26
CA THR D 130 30.39 46.61 -62.38
C THR D 130 29.97 46.58 -63.85
N ARG D 131 30.33 45.51 -64.54
CA ARG D 131 30.02 45.38 -65.96
C ARG D 131 28.55 45.08 -66.18
N ALA D 132 27.99 44.17 -65.38
CA ALA D 132 26.58 43.79 -65.49
C ALA D 132 26.02 43.63 -64.08
N HIS D 133 24.69 43.72 -63.98
CA HIS D 133 24.02 43.57 -62.70
C HIS D 133 22.56 43.18 -62.93
N GLY D 134 22.02 42.44 -61.97
CA GLY D 134 20.63 42.01 -62.06
C GLY D 134 20.30 41.09 -60.91
N ASN D 135 19.00 40.83 -60.77
CA ASN D 135 18.47 39.95 -59.75
C ASN D 135 17.82 38.75 -60.44
N VAL D 136 18.31 37.56 -60.15
CA VAL D 136 17.87 36.35 -60.83
C VAL D 136 16.88 35.56 -59.99
N GLN D 137 16.23 36.19 -59.02
CA GLN D 137 15.25 35.48 -58.19
C GLN D 137 13.97 35.23 -58.99
N ASP D 138 13.46 34.00 -58.88
CA ASP D 138 12.20 33.65 -59.51
C ASP D 138 11.05 33.84 -58.53
N ARG D 139 9.90 34.27 -59.07
CA ARG D 139 8.73 34.48 -58.24
C ARG D 139 8.26 33.17 -57.59
N ILE D 140 8.37 32.05 -58.31
CA ILE D 140 7.94 30.76 -57.83
C ILE D 140 9.09 29.78 -57.96
N GLY D 141 9.36 29.01 -56.90
CA GLY D 141 10.39 27.99 -56.94
C GLY D 141 10.76 27.45 -55.58
N ARG D 142 10.96 26.13 -55.50
CA ARG D 142 11.39 25.50 -54.26
C ARG D 142 12.91 25.50 -54.18
N PRO D 143 13.50 26.17 -53.19
CA PRO D 143 14.96 26.16 -53.07
C PRO D 143 15.50 24.74 -52.91
N SER D 144 16.56 24.45 -53.65
CA SER D 144 17.13 23.11 -53.68
C SER D 144 17.81 22.77 -52.36
N GLU D 145 18.05 21.47 -52.16
CA GLU D 145 18.66 21.01 -50.92
C GLU D 145 20.16 21.25 -50.91
N THR D 146 20.84 21.01 -52.03
CA THR D 146 22.29 21.12 -52.08
C THR D 146 22.78 22.54 -52.32
N GLY D 147 21.88 23.53 -52.27
CA GLY D 147 22.28 24.92 -52.33
C GLY D 147 22.47 25.45 -53.74
N ILE D 148 22.75 26.75 -53.81
CA ILE D 148 22.98 27.42 -55.09
C ILE D 148 24.26 26.89 -55.70
N ILE D 149 24.20 26.53 -56.98
CA ILE D 149 25.36 26.05 -57.73
C ILE D 149 25.56 26.97 -58.93
N GLY D 150 26.82 27.34 -59.16
CA GLY D 150 27.15 28.18 -60.30
C GLY D 150 28.28 27.62 -61.13
N ILE D 151 28.02 27.37 -62.42
CA ILE D 151 29.01 26.84 -63.35
C ILE D 151 28.98 27.68 -64.63
N ILE D 152 30.13 27.76 -65.28
CA ILE D 152 30.28 28.53 -66.51
C ILE D 152 30.81 27.62 -67.60
N ASP D 153 30.27 27.79 -68.80
CA ASP D 153 30.68 27.00 -69.95
C ASP D 153 32.18 27.20 -70.21
N PRO D 154 32.89 26.14 -70.60
CA PRO D 154 34.32 26.31 -70.92
C PRO D 154 34.58 27.33 -72.02
N GLU D 155 33.69 27.45 -73.00
CA GLU D 155 33.79 28.47 -74.03
C GLU D 155 33.21 29.80 -73.60
N CYS D 156 32.79 29.92 -72.33
CA CYS D 156 32.20 31.14 -71.78
C CYS D 156 30.99 31.59 -72.59
N ARG D 157 30.16 30.63 -72.99
CA ARG D 157 28.94 30.95 -73.73
C ARG D 157 27.76 31.24 -72.82
N MET D 158 27.75 30.72 -71.60
CA MET D 158 26.62 30.89 -70.71
C MET D 158 27.05 30.63 -69.27
N ILE D 159 26.24 31.13 -68.34
CA ILE D 159 26.40 30.87 -66.92
C ILE D 159 25.24 29.99 -66.46
N GLY D 160 25.56 28.84 -65.88
CA GLY D 160 24.56 27.91 -65.40
C GLY D 160 24.32 28.09 -63.92
N LEU D 161 23.05 28.26 -63.56
CA LEU D 161 22.63 28.45 -62.18
C LEU D 161 21.59 27.41 -61.80
N ARG D 162 21.78 26.78 -60.65
CA ARG D 162 20.82 25.83 -60.08
C ARG D 162 20.29 26.46 -58.80
N LEU D 163 19.16 27.16 -58.92
CA LEU D 163 18.55 27.84 -57.79
C LEU D 163 17.33 27.15 -57.22
N TYR D 164 16.59 26.40 -58.04
CA TYR D 164 15.36 25.76 -57.60
C TYR D 164 15.29 24.34 -58.13
N ASP D 165 14.50 23.52 -57.43
CA ASP D 165 14.30 22.14 -57.84
C ASP D 165 13.52 22.08 -59.16
N GLY D 166 14.01 21.27 -60.10
CA GLY D 166 13.34 21.12 -61.37
C GLY D 166 13.47 22.30 -62.31
N LEU D 167 14.44 23.19 -62.07
CA LEU D 167 14.64 24.36 -62.90
C LEU D 167 16.14 24.60 -63.06
N PHE D 168 16.57 24.80 -64.31
CA PHE D 168 17.95 25.14 -64.61
C PHE D 168 17.97 26.48 -65.34
N LYS D 169 18.52 27.49 -64.67
CA LYS D 169 18.56 28.85 -65.20
C LYS D 169 19.84 29.05 -65.98
N VAL D 170 19.73 29.65 -67.17
CA VAL D 170 20.84 29.85 -68.08
C VAL D 170 20.96 31.34 -68.36
N ILE D 171 22.12 31.92 -68.04
CA ILE D 171 22.42 33.30 -68.38
C ILE D 171 23.36 33.31 -69.58
N PRO D 172 22.86 33.59 -70.78
CA PRO D 172 23.75 33.60 -71.96
C PRO D 172 24.75 34.75 -71.90
N LEU D 173 26.03 34.42 -72.05
CA LEU D 173 27.09 35.41 -71.97
C LEU D 173 27.25 36.12 -73.32
N ASP D 174 26.24 36.93 -73.64
CA ASP D 174 26.24 37.76 -74.83
C ASP D 174 26.69 39.18 -74.48
N ARG D 175 27.22 39.87 -75.48
CA ARG D 175 27.74 41.22 -75.26
C ARG D 175 26.63 42.20 -74.86
N ASP D 176 25.39 41.93 -75.26
CA ASP D 176 24.29 42.84 -75.00
C ASP D 176 23.55 42.55 -73.70
N ASN D 177 23.88 41.46 -73.01
CA ASN D 177 23.17 41.08 -71.78
C ASN D 177 23.79 41.75 -70.56
N LYS D 178 23.70 43.09 -70.52
CA LYS D 178 24.19 43.81 -69.35
C LYS D 178 23.21 43.77 -68.19
N GLU D 179 21.95 43.44 -68.43
CA GLU D 179 20.97 43.28 -67.35
C GLU D 179 20.95 41.86 -66.79
N LEU D 180 21.71 40.94 -67.38
CA LEU D 180 21.81 39.56 -66.91
C LEU D 180 20.46 38.87 -66.85
N LYS D 181 19.62 39.10 -67.85
CA LYS D 181 18.36 38.38 -67.96
C LYS D 181 18.63 36.91 -68.24
N ALA D 182 17.71 36.05 -67.78
CA ALA D 182 17.93 34.62 -67.87
C ALA D 182 16.59 33.90 -68.04
N PHE D 183 16.66 32.70 -68.61
CA PHE D 183 15.50 31.84 -68.80
C PHE D 183 15.72 30.52 -68.08
N ASN D 184 14.61 29.84 -67.79
CA ASN D 184 14.63 28.57 -67.08
C ASN D 184 14.27 27.43 -68.03
N ILE D 185 15.08 26.38 -68.01
CA ILE D 185 14.80 25.15 -68.75
C ILE D 185 14.26 24.13 -67.77
N ARG D 186 13.13 23.52 -68.13
CA ARG D 186 12.53 22.51 -67.26
C ARG D 186 13.48 21.33 -67.10
N LEU D 187 13.59 20.85 -65.86
CA LEU D 187 14.46 19.73 -65.52
C LEU D 187 13.62 18.61 -64.94
N GLU D 188 13.65 17.45 -65.59
CA GLU D 188 12.89 16.29 -65.11
C GLU D 188 13.40 15.84 -63.76
N GLU D 189 14.73 15.74 -63.61
CA GLU D 189 15.34 15.31 -62.36
C GLU D 189 15.27 16.44 -61.35
N LEU D 190 14.45 16.27 -60.31
CA LEU D 190 14.21 17.34 -59.35
C LEU D 190 15.35 17.46 -58.35
N HIS D 191 15.83 16.34 -57.81
CA HIS D 191 16.83 16.33 -56.75
C HIS D 191 18.20 16.14 -57.38
N VAL D 192 18.96 17.23 -57.52
CA VAL D 192 20.29 17.22 -58.09
C VAL D 192 21.30 17.41 -56.98
N ILE D 193 22.42 16.70 -57.08
CA ILE D 193 23.48 16.76 -56.07
C ILE D 193 24.58 17.75 -56.45
N ASP D 194 25.06 17.68 -57.69
CA ASP D 194 26.12 18.57 -58.15
C ASP D 194 26.10 18.54 -59.68
N VAL D 195 26.57 19.64 -60.29
CA VAL D 195 26.56 19.76 -61.74
C VAL D 195 27.79 20.57 -62.17
N LYS D 196 28.35 20.19 -63.32
CA LYS D 196 29.48 20.89 -63.91
C LYS D 196 29.31 20.92 -65.43
N PHE D 197 29.93 21.91 -66.06
CA PHE D 197 29.99 21.96 -67.52
C PHE D 197 31.11 21.06 -68.02
N LEU D 198 30.77 20.12 -68.90
CA LEU D 198 31.74 19.16 -69.38
C LEU D 198 32.68 19.78 -70.40
N TYR D 199 33.85 19.18 -70.54
CA TYR D 199 34.85 19.61 -71.51
C TYR D 199 34.82 18.73 -72.75
N GLY D 200 35.20 19.31 -73.88
CA GLY D 200 35.36 18.54 -75.10
C GLY D 200 34.08 18.19 -75.82
N CYS D 201 32.99 18.91 -75.58
CA CYS D 201 31.72 18.64 -76.21
C CYS D 201 31.44 19.63 -77.34
N GLN D 202 30.80 19.13 -78.40
CA GLN D 202 30.47 19.98 -79.54
C GLN D 202 29.50 21.08 -79.14
N ALA D 203 28.42 20.71 -78.46
CA ALA D 203 27.46 21.63 -77.89
C ALA D 203 27.67 21.77 -76.40
N PRO D 204 27.27 22.88 -75.79
CA PRO D 204 27.39 23.02 -74.34
C PRO D 204 26.64 21.92 -73.61
N THR D 205 27.36 21.19 -72.76
CA THR D 205 26.84 20.00 -72.11
C THR D 205 27.05 20.09 -70.60
N ILE D 206 26.00 19.77 -69.84
CA ILE D 206 26.07 19.72 -68.39
C ILE D 206 26.08 18.25 -67.96
N CYS D 207 26.78 17.99 -66.86
CA CYS D 207 26.83 16.66 -66.26
C CYS D 207 26.48 16.77 -64.79
N PHE D 208 25.48 16.02 -64.36
CA PHE D 208 24.95 16.17 -63.00
C PHE D 208 24.62 14.80 -62.43
N VAL D 209 24.80 14.68 -61.11
CA VAL D 209 24.38 13.50 -60.37
C VAL D 209 23.09 13.84 -59.65
N TYR D 210 22.03 13.08 -59.94
CA TYR D 210 20.73 13.28 -59.33
C TYR D 210 20.35 12.05 -58.52
N GLN D 211 19.36 12.22 -57.63
CA GLN D 211 18.90 11.15 -56.76
C GLN D 211 17.41 10.94 -56.96
N ASP D 212 17.04 9.72 -57.38
CA ASP D 212 15.66 9.29 -57.47
C ASP D 212 15.46 8.12 -56.50
N PRO D 213 14.23 7.61 -56.31
CA PRO D 213 14.06 6.48 -55.39
C PRO D 213 14.89 5.25 -55.72
N GLN D 214 15.39 5.10 -56.94
CA GLN D 214 16.20 3.96 -57.34
C GLN D 214 17.69 4.19 -57.07
N GLY D 215 18.04 5.11 -56.18
CA GLY D 215 19.42 5.45 -55.93
C GLY D 215 19.84 6.72 -56.63
N ARG D 216 21.15 6.91 -56.73
CA ARG D 216 21.72 8.06 -57.43
C ARG D 216 22.28 7.63 -58.77
N HIS D 217 22.16 8.51 -59.75
CA HIS D 217 22.65 8.27 -61.10
C HIS D 217 23.30 9.54 -61.61
N VAL D 218 24.08 9.41 -62.69
CA VAL D 218 24.69 10.53 -63.38
C VAL D 218 24.09 10.60 -64.78
N LYS D 219 23.72 11.80 -65.20
CA LYS D 219 23.07 12.00 -66.49
C LYS D 219 23.66 13.24 -67.15
N THR D 220 23.39 13.38 -68.44
CA THR D 220 23.92 14.49 -69.23
C THR D 220 22.84 15.08 -70.10
N TYR D 221 22.91 16.40 -70.29
CA TYR D 221 22.03 17.13 -71.17
C TYR D 221 22.84 18.14 -71.97
N GLU D 222 22.36 18.47 -73.16
CA GLU D 222 22.96 19.49 -73.99
C GLU D 222 22.11 20.76 -73.92
N VAL D 223 22.75 21.88 -73.65
CA VAL D 223 22.06 23.16 -73.54
C VAL D 223 22.11 23.84 -74.91
N SER D 224 20.95 24.30 -75.38
CA SER D 224 20.84 24.96 -76.67
C SER D 224 20.33 26.37 -76.45
N LEU D 225 21.21 27.36 -76.67
CA LEU D 225 20.78 28.75 -76.58
C LEU D 225 19.78 29.11 -77.67
N ARG D 226 19.88 28.47 -78.83
CA ARG D 226 18.97 28.78 -79.93
C ARG D 226 17.57 28.24 -79.67
N GLU D 227 17.47 26.95 -79.31
CA GLU D 227 16.17 26.35 -79.02
C GLU D 227 15.68 26.68 -77.61
N LYS D 228 16.59 27.04 -76.70
CA LYS D 228 16.26 27.32 -75.31
C LYS D 228 15.58 26.10 -74.66
N GLU D 229 16.23 24.96 -74.79
CA GLU D 229 15.73 23.71 -74.23
C GLU D 229 16.86 22.69 -74.18
N PHE D 230 16.61 21.58 -73.49
CA PHE D 230 17.55 20.49 -73.41
C PHE D 230 17.34 19.49 -74.53
N ASN D 231 18.44 19.00 -75.08
CA ASN D 231 18.43 17.88 -76.01
C ASN D 231 19.08 16.67 -75.31
N LYS D 232 19.08 15.54 -75.99
CA LYS D 232 19.66 14.34 -75.41
C LYS D 232 21.16 14.53 -75.18
N GLY D 233 21.64 14.08 -74.03
CA GLY D 233 23.01 14.25 -73.64
C GLY D 233 23.96 13.35 -74.41
N PRO D 234 25.26 13.65 -74.34
CA PRO D 234 26.25 12.87 -75.09
C PRO D 234 26.32 11.41 -74.68
N TRP D 235 26.69 11.13 -73.43
CA TRP D 235 26.84 9.76 -72.98
C TRP D 235 25.70 9.39 -72.04
N LYS D 236 25.40 8.09 -71.98
CA LYS D 236 24.21 7.60 -71.32
C LYS D 236 24.32 7.72 -69.81
N GLN D 237 23.20 7.44 -69.15
CA GLN D 237 23.14 7.44 -67.69
C GLN D 237 23.67 6.14 -67.12
N GLU D 238 24.31 6.24 -65.96
CA GLU D 238 24.84 5.09 -65.26
C GLU D 238 24.36 5.12 -63.81
N ASN D 239 24.13 3.93 -63.25
CA ASN D 239 23.78 3.82 -61.84
C ASN D 239 25.05 4.00 -61.01
N VAL D 240 25.08 5.03 -60.16
CA VAL D 240 26.28 5.32 -59.39
C VAL D 240 26.04 5.10 -57.91
N GLU D 241 27.04 5.45 -57.09
CA GLU D 241 26.96 5.24 -55.65
C GLU D 241 25.84 6.06 -55.04
N ALA D 242 25.22 5.52 -53.99
CA ALA D 242 24.15 6.22 -53.30
C ALA D 242 24.65 7.47 -52.58
N GLU D 243 25.95 7.57 -52.31
CA GLU D 243 26.52 8.72 -51.63
C GLU D 243 27.44 9.53 -52.55
N ALA D 244 27.05 9.66 -53.82
CA ALA D 244 27.81 10.50 -54.75
C ALA D 244 27.72 11.96 -54.32
N SER D 245 28.87 12.62 -54.23
CA SER D 245 28.95 13.96 -53.67
C SER D 245 29.23 15.02 -54.72
N MET D 246 30.36 14.94 -55.42
CA MET D 246 30.83 16.02 -56.26
C MET D 246 31.07 15.54 -57.69
N VAL D 247 30.99 16.49 -58.62
CA VAL D 247 31.26 16.24 -60.04
C VAL D 247 32.50 17.03 -60.42
N ILE D 248 33.45 16.38 -61.10
CA ILE D 248 34.71 16.99 -61.49
C ILE D 248 34.81 16.97 -63.01
N ALA D 249 34.86 18.16 -63.62
CA ALA D 249 34.95 18.29 -65.07
C ALA D 249 36.39 18.07 -65.50
N VAL D 250 36.68 16.88 -66.01
CA VAL D 250 38.03 16.57 -66.49
C VAL D 250 38.30 17.37 -67.76
N PRO D 251 39.46 18.02 -67.91
CA PRO D 251 39.68 18.88 -69.08
C PRO D 251 39.73 18.14 -70.40
N GLU D 252 40.07 18.88 -71.46
CA GLU D 252 40.05 18.32 -72.81
C GLU D 252 40.93 17.09 -73.00
N PRO D 253 42.18 17.02 -72.47
CA PRO D 253 43.01 15.84 -72.76
C PRO D 253 42.34 14.50 -72.49
N PHE D 254 41.73 14.33 -71.32
CA PHE D 254 41.00 13.10 -71.05
C PHE D 254 39.53 13.20 -71.42
N GLY D 255 38.88 14.31 -71.06
CA GLY D 255 37.47 14.48 -71.32
C GLY D 255 36.61 13.73 -70.32
N GLY D 256 35.32 14.07 -70.32
CA GLY D 256 34.38 13.40 -69.44
C GLY D 256 34.34 14.01 -68.05
N ALA D 257 34.03 13.17 -67.06
CA ALA D 257 33.86 13.66 -65.69
C ALA D 257 34.27 12.57 -64.71
N ILE D 258 34.54 13.01 -63.47
CA ILE D 258 34.90 12.13 -62.36
C ILE D 258 33.91 12.37 -61.24
N ILE D 259 33.38 11.29 -60.67
CA ILE D 259 32.37 11.37 -59.61
C ILE D 259 33.02 10.90 -58.30
N ILE D 260 33.04 11.79 -57.31
CA ILE D 260 33.58 11.49 -55.99
C ILE D 260 32.44 11.11 -55.08
N GLY D 261 32.65 10.07 -54.27
CA GLY D 261 31.68 9.60 -53.32
C GLY D 261 32.28 9.42 -51.94
N GLN D 262 31.71 8.50 -51.18
CA GLN D 262 32.22 8.17 -49.85
C GLN D 262 33.23 7.03 -49.88
N GLU D 263 33.00 6.03 -50.74
CA GLU D 263 33.88 4.87 -50.81
C GLU D 263 34.46 4.62 -52.19
N SER D 264 33.90 5.21 -53.24
CA SER D 264 34.35 4.91 -54.59
C SER D 264 34.47 6.19 -55.40
N ILE D 265 35.46 6.22 -56.30
CA ILE D 265 35.65 7.28 -57.26
C ILE D 265 35.51 6.70 -58.65
N THR D 266 34.64 7.29 -59.46
CA THR D 266 34.29 6.74 -60.77
C THR D 266 34.52 7.78 -61.85
N TYR D 267 35.02 7.33 -63.00
CA TYR D 267 35.23 8.17 -64.17
C TYR D 267 34.28 7.74 -65.27
N HIS D 268 33.53 8.69 -65.81
CA HIS D 268 32.54 8.41 -66.85
C HIS D 268 32.82 9.30 -68.06
N ASN D 269 33.01 8.67 -69.21
CA ASN D 269 33.18 9.42 -70.47
C ASN D 269 32.83 8.48 -71.62
N GLY D 270 31.67 8.70 -72.23
CA GLY D 270 31.25 7.84 -73.32
C GLY D 270 31.06 6.41 -72.85
N ASP D 271 31.64 5.47 -73.60
CA ASP D 271 31.61 4.07 -73.21
C ASP D 271 32.68 3.73 -72.18
N LYS D 272 33.69 4.57 -72.02
CA LYS D 272 34.75 4.31 -71.06
C LYS D 272 34.21 4.46 -69.64
N TYR D 273 34.48 3.48 -68.79
CA TYR D 273 34.05 3.51 -67.40
C TYR D 273 35.17 2.96 -66.53
N LEU D 274 35.60 3.74 -65.55
CA LEU D 274 36.65 3.35 -64.62
C LEU D 274 36.16 3.63 -63.19
N ALA D 275 36.51 2.75 -62.26
CA ALA D 275 36.05 2.89 -60.89
C ALA D 275 37.10 2.37 -59.93
N ILE D 276 37.64 3.25 -59.09
CA ILE D 276 38.56 2.88 -58.02
C ILE D 276 37.86 3.09 -56.68
N ALA D 277 38.12 2.19 -55.75
CA ALA D 277 37.53 2.24 -54.41
C ALA D 277 38.63 1.98 -53.39
N PRO D 278 39.48 2.97 -53.12
CA PRO D 278 40.56 2.75 -52.16
C PRO D 278 40.02 2.69 -50.75
N PRO D 279 40.64 1.89 -49.87
CA PRO D 279 40.13 1.77 -48.49
C PRO D 279 40.43 2.97 -47.62
N ILE D 280 41.31 3.88 -48.05
CA ILE D 280 41.69 5.00 -47.20
C ILE D 280 40.60 6.07 -47.17
N ILE D 281 39.92 6.28 -48.30
CA ILE D 281 38.90 7.32 -48.38
C ILE D 281 37.61 6.92 -47.70
N LYS D 282 37.44 5.63 -47.37
CA LYS D 282 36.24 5.21 -46.66
C LYS D 282 36.25 5.71 -45.22
N GLN D 283 37.44 5.95 -44.65
CA GLN D 283 37.53 6.33 -43.25
C GLN D 283 36.96 7.72 -43.00
N SER D 284 37.06 8.63 -43.98
CA SER D 284 36.59 9.98 -43.80
C SER D 284 35.98 10.50 -45.10
N THR D 285 34.95 11.33 -44.96
CA THR D 285 34.21 11.84 -46.11
C THR D 285 35.00 12.92 -46.83
N ILE D 286 35.11 12.79 -48.14
CA ILE D 286 35.77 13.80 -48.97
C ILE D 286 34.81 14.95 -49.22
N VAL D 287 35.33 16.18 -49.14
CA VAL D 287 34.47 17.36 -49.15
C VAL D 287 34.85 18.35 -50.25
N CYS D 288 36.11 18.35 -50.67
CA CYS D 288 36.58 19.35 -51.62
C CYS D 288 37.43 18.71 -52.71
N HIS D 289 37.62 19.45 -53.80
CA HIS D 289 38.40 18.99 -54.94
C HIS D 289 39.00 20.20 -55.65
N ASN D 290 40.12 19.97 -56.32
CA ASN D 290 40.79 21.01 -57.10
C ASN D 290 41.72 20.36 -58.10
N ARG D 291 41.89 21.01 -59.24
CA ARG D 291 42.77 20.51 -60.30
C ARG D 291 44.17 21.10 -60.15
N VAL D 292 45.19 20.24 -60.19
CA VAL D 292 46.58 20.67 -60.11
C VAL D 292 47.13 20.88 -61.51
N ASP D 293 47.15 19.81 -62.32
CA ASP D 293 47.70 19.86 -63.67
C ASP D 293 46.62 20.28 -64.66
N PRO D 294 46.86 21.34 -65.45
CA PRO D 294 45.87 21.73 -66.47
C PRO D 294 45.57 20.62 -67.46
N ASN D 295 46.52 19.70 -67.67
CA ASN D 295 46.29 18.52 -68.51
C ASN D 295 45.32 17.55 -67.86
N GLY D 296 45.04 17.69 -66.57
CA GLY D 296 44.10 16.84 -65.87
C GLY D 296 44.67 15.57 -65.30
N SER D 297 46.00 15.45 -65.23
CA SER D 297 46.62 14.24 -64.74
C SER D 297 46.51 14.10 -63.22
N ARG D 298 46.55 15.21 -62.50
CA ARG D 298 46.56 15.18 -61.05
C ARG D 298 45.48 16.08 -60.48
N TYR D 299 44.86 15.63 -59.39
CA TYR D 299 43.80 16.34 -58.70
C TYR D 299 44.02 16.25 -57.20
N LEU D 300 43.58 17.28 -56.48
CA LEU D 300 43.68 17.32 -55.03
C LEU D 300 42.33 16.98 -54.40
N LEU D 301 42.38 16.23 -53.29
CA LEU D 301 41.18 15.87 -52.55
C LEU D 301 41.46 16.04 -51.06
N GLY D 302 40.41 16.35 -50.32
CA GLY D 302 40.52 16.53 -48.89
C GLY D 302 39.30 15.97 -48.19
N ASP D 303 39.54 15.40 -47.01
CA ASP D 303 38.49 14.77 -46.23
C ASP D 303 38.18 15.61 -44.98
N MET D 304 37.20 15.13 -44.20
CA MET D 304 36.80 15.84 -43.00
C MET D 304 37.83 15.77 -41.89
N GLU D 305 38.72 14.79 -41.91
CA GLU D 305 39.76 14.66 -40.90
C GLU D 305 41.03 15.42 -41.26
N GLY D 306 40.98 16.28 -42.27
CA GLY D 306 42.11 17.10 -42.66
C GLY D 306 43.14 16.46 -43.56
N ARG D 307 42.98 15.18 -43.91
CA ARG D 307 43.96 14.55 -44.78
C ARG D 307 43.88 15.12 -46.18
N LEU D 308 45.03 15.24 -46.83
CA LEU D 308 45.13 15.77 -48.19
C LEU D 308 45.54 14.64 -49.11
N PHE D 309 44.76 14.44 -50.17
CA PHE D 309 44.99 13.36 -51.10
C PHE D 309 45.36 13.90 -52.48
N MET D 310 45.91 13.02 -53.31
CA MET D 310 46.27 13.35 -54.69
C MET D 310 45.66 12.30 -55.60
N LEU D 311 44.78 12.73 -56.49
CA LEU D 311 44.14 11.83 -57.45
C LEU D 311 44.97 11.85 -58.75
N LEU D 312 45.60 10.73 -59.07
CA LEU D 312 46.48 10.64 -60.22
C LEU D 312 45.75 9.96 -61.38
N LEU D 313 45.85 10.56 -62.56
CA LEU D 313 45.23 10.01 -63.76
C LEU D 313 46.35 9.50 -64.66
N GLU D 314 46.54 8.19 -64.69
CA GLU D 314 47.55 7.60 -65.56
C GLU D 314 47.06 7.63 -66.99
N LYS D 315 47.95 7.94 -67.92
CA LYS D 315 47.59 8.10 -69.32
C LYS D 315 48.07 6.89 -70.11
N GLU D 316 47.18 6.35 -70.95
CA GLU D 316 47.51 5.32 -71.93
C GLU D 316 47.18 5.88 -73.29
N GLU D 317 48.19 6.20 -74.08
CA GLU D 317 47.97 6.76 -75.40
C GLU D 317 47.99 5.63 -76.41
N GLN D 318 46.97 5.60 -77.27
CA GLN D 318 46.81 4.52 -78.23
C GLN D 318 47.46 4.93 -79.54
N MET D 319 48.11 3.96 -80.18
CA MET D 319 48.86 4.16 -81.41
C MET D 319 48.06 4.89 -82.50
N ASP D 320 46.95 5.51 -82.09
CA ASP D 320 46.09 6.32 -82.94
C ASP D 320 46.23 7.80 -82.64
N GLY D 321 47.09 8.18 -81.69
CA GLY D 321 47.26 9.57 -81.33
C GLY D 321 46.36 10.06 -80.23
N THR D 322 45.60 9.18 -79.57
CA THR D 322 44.63 9.58 -78.56
C THR D 322 45.01 9.03 -77.19
N VAL D 323 44.59 9.76 -76.16
CA VAL D 323 45.06 9.60 -74.79
C VAL D 323 43.96 9.09 -73.87
N THR D 324 43.75 7.77 -73.86
CA THR D 324 42.75 7.21 -72.96
C THR D 324 43.33 7.06 -71.56
N LEU D 325 42.43 6.76 -70.61
CA LEU D 325 42.78 6.66 -69.20
C LEU D 325 43.18 5.24 -68.85
N LYS D 326 44.44 5.05 -68.46
CA LYS D 326 44.91 3.72 -68.06
C LYS D 326 44.26 3.29 -66.74
N ASP D 327 44.43 4.09 -65.70
CA ASP D 327 43.88 3.75 -64.38
C ASP D 327 43.86 5.02 -63.54
N LEU D 328 43.24 4.90 -62.36
CA LEU D 328 43.17 5.99 -61.40
C LEU D 328 43.87 5.57 -60.11
N ARG D 329 44.57 6.51 -59.48
CA ARG D 329 45.33 6.23 -58.28
C ARG D 329 45.12 7.35 -57.27
N VAL D 330 45.10 6.98 -55.99
CA VAL D 330 44.97 7.94 -54.90
C VAL D 330 46.14 7.73 -53.95
N GLU D 331 46.83 8.81 -53.61
CA GLU D 331 47.95 8.77 -52.69
C GLU D 331 47.76 9.82 -51.61
N LEU D 332 48.07 9.45 -50.37
CA LEU D 332 47.94 10.36 -49.24
C LEU D 332 49.17 11.26 -49.15
N LEU D 333 48.94 12.57 -49.13
CA LEU D 333 50.03 13.53 -49.07
C LEU D 333 50.37 13.94 -47.64
N GLY D 334 49.36 14.21 -46.83
CA GLY D 334 49.60 14.61 -45.46
C GLY D 334 48.30 15.07 -44.81
N GLU D 335 48.46 15.85 -43.74
CA GLU D 335 47.32 16.37 -42.99
C GLU D 335 47.31 17.89 -43.11
N THR D 336 46.15 18.43 -43.47
CA THR D 336 45.91 19.87 -43.51
C THR D 336 44.76 20.21 -42.57
N SER D 337 44.41 21.49 -42.53
CA SER D 337 43.21 21.91 -41.83
C SER D 337 41.97 21.43 -42.59
N ILE D 338 40.91 21.14 -41.83
CA ILE D 338 39.64 20.73 -42.40
C ILE D 338 39.17 21.83 -43.34
N ALA D 339 39.37 21.62 -44.64
CA ALA D 339 39.27 22.69 -45.64
C ALA D 339 37.90 22.69 -46.31
N GLU D 340 37.35 23.90 -46.49
CA GLU D 340 36.15 24.06 -47.31
C GLU D 340 36.51 24.12 -48.79
N CYS D 341 37.63 24.74 -49.14
CA CYS D 341 38.07 24.84 -50.52
C CYS D 341 39.57 24.64 -50.58
N LEU D 342 40.01 23.90 -51.59
CA LEU D 342 41.43 23.77 -51.89
C LEU D 342 41.69 24.41 -53.25
N THR D 343 42.85 25.05 -53.38
CA THR D 343 43.26 25.63 -54.65
C THR D 343 44.77 25.49 -54.77
N TYR D 344 45.23 24.96 -55.91
CA TYR D 344 46.65 24.78 -56.15
C TYR D 344 47.23 26.01 -56.84
N LEU D 345 48.20 26.64 -56.19
CA LEU D 345 49.01 27.69 -56.79
C LEU D 345 50.23 27.03 -57.41
N ASP D 346 50.81 27.67 -58.42
CA ASP D 346 51.93 27.08 -59.14
C ASP D 346 53.14 26.90 -58.21
N ASN D 347 54.08 26.07 -58.67
CA ASN D 347 55.33 25.75 -57.99
C ASN D 347 55.15 24.95 -56.70
N GLY D 348 54.04 24.21 -56.57
CA GLY D 348 53.89 23.27 -55.48
C GLY D 348 53.25 23.81 -54.20
N VAL D 349 52.72 25.02 -54.21
CA VAL D 349 52.08 25.59 -53.02
C VAL D 349 50.58 25.49 -53.17
N VAL D 350 49.89 25.20 -52.07
CA VAL D 350 48.43 25.05 -52.07
C VAL D 350 47.86 25.88 -50.93
N PHE D 351 46.82 26.65 -51.24
CA PHE D 351 46.08 27.40 -50.23
C PHE D 351 44.97 26.52 -49.66
N VAL D 352 45.01 26.29 -48.35
CA VAL D 352 44.02 25.48 -47.67
C VAL D 352 43.02 26.44 -47.03
N GLY D 353 41.87 26.63 -47.69
CA GLY D 353 40.84 27.49 -47.17
C GLY D 353 39.91 26.74 -46.23
N SER D 354 39.91 27.13 -44.96
CA SER D 354 39.19 26.38 -43.93
C SER D 354 38.06 27.22 -43.34
N ARG D 355 36.93 26.55 -43.08
CA ARG D 355 35.79 27.13 -42.39
C ARG D 355 35.74 26.75 -40.92
N LEU D 356 36.27 25.58 -40.57
CA LEU D 356 36.25 25.07 -39.20
C LEU D 356 37.56 25.33 -38.46
N GLY D 357 38.62 25.71 -39.18
CA GLY D 357 39.89 25.99 -38.53
C GLY D 357 40.69 27.06 -39.26
N ASP D 358 41.95 27.21 -38.89
CA ASP D 358 42.79 28.24 -39.50
C ASP D 358 43.11 27.87 -40.94
N SER D 359 43.00 28.85 -41.84
CA SER D 359 43.42 28.65 -43.21
C SER D 359 44.95 28.60 -43.27
N GLN D 360 45.47 27.93 -44.30
CA GLN D 360 46.89 27.64 -44.37
C GLN D 360 47.40 27.80 -45.80
N LEU D 361 48.71 28.03 -45.90
CA LEU D 361 49.46 27.85 -47.13
C LEU D 361 50.41 26.68 -46.91
N VAL D 362 50.26 25.63 -47.72
CA VAL D 362 51.03 24.41 -47.54
C VAL D 362 51.91 24.18 -48.75
N LYS D 363 53.07 23.57 -48.50
CA LYS D 363 54.04 23.23 -49.54
C LYS D 363 54.01 21.72 -49.77
N LEU D 364 53.86 21.33 -51.02
CA LEU D 364 53.82 19.92 -51.41
C LEU D 364 55.21 19.51 -51.91
N ASN D 365 55.87 18.63 -51.17
CA ASN D 365 57.22 18.18 -51.49
C ASN D 365 57.17 16.88 -52.27
N VAL D 366 58.17 16.69 -53.14
CA VAL D 366 58.27 15.44 -53.88
C VAL D 366 58.78 14.31 -52.98
N ASP D 367 59.62 14.63 -52.00
CA ASP D 367 60.15 13.65 -51.06
C ASP D 367 59.44 13.76 -49.73
N SER D 368 59.11 12.62 -49.14
CA SER D 368 58.52 12.60 -47.80
C SER D 368 59.59 12.81 -46.74
N ASN D 369 59.19 13.46 -45.65
CA ASN D 369 60.12 13.73 -44.55
C ASN D 369 60.30 12.45 -43.74
N GLU D 370 60.87 12.58 -42.53
CA GLU D 370 61.12 11.42 -41.68
C GLU D 370 59.83 10.83 -41.13
N GLN D 371 58.72 11.57 -41.18
CA GLN D 371 57.44 11.10 -40.68
C GLN D 371 56.55 10.54 -41.79
N GLY D 372 57.00 10.60 -43.03
CA GLY D 372 56.21 10.11 -44.15
C GLY D 372 55.26 11.10 -44.76
N SER D 373 55.31 12.37 -44.37
CA SER D 373 54.41 13.39 -44.88
C SER D 373 55.08 14.20 -45.97
N TYR D 374 54.35 14.45 -47.06
CA TYR D 374 54.83 15.30 -48.14
C TYR D 374 54.38 16.75 -47.99
N VAL D 375 53.69 17.08 -46.92
CA VAL D 375 53.10 18.41 -46.72
C VAL D 375 53.81 19.11 -45.58
N VAL D 376 54.17 20.37 -45.79
CA VAL D 376 54.80 21.22 -44.79
C VAL D 376 54.09 22.56 -44.80
N ALA D 377 53.72 23.06 -43.63
CA ALA D 377 52.98 24.30 -43.52
C ALA D 377 53.90 25.50 -43.68
N MET D 378 53.46 26.48 -44.48
CA MET D 378 54.23 27.71 -44.70
C MET D 378 53.76 28.80 -43.74
N GLU D 379 52.52 29.27 -43.92
CA GLU D 379 51.94 30.31 -43.09
C GLU D 379 50.59 29.83 -42.56
N THR D 380 50.16 30.46 -41.47
CA THR D 380 48.89 30.14 -40.83
C THR D 380 48.06 31.41 -40.74
N PHE D 381 46.90 31.40 -41.38
CA PHE D 381 45.96 32.52 -41.35
C PHE D 381 44.91 32.26 -40.28
N THR D 382 44.88 33.10 -39.26
CA THR D 382 43.98 32.90 -38.13
C THR D 382 42.52 32.98 -38.56
N ASN D 383 41.76 31.96 -38.18
CA ASN D 383 40.33 31.89 -38.45
C ASN D 383 39.63 31.55 -37.13
N LEU D 384 38.83 32.49 -36.62
CA LEU D 384 38.06 32.22 -35.41
C LEU D 384 37.04 31.11 -35.60
N GLY D 385 36.77 30.70 -36.84
CA GLY D 385 35.88 29.61 -37.12
C GLY D 385 34.51 29.77 -36.47
N PRO D 386 33.86 28.66 -36.18
CA PRO D 386 32.57 28.71 -35.47
C PRO D 386 32.77 29.12 -34.02
N ILE D 387 32.19 30.25 -33.65
CA ILE D 387 32.22 30.73 -32.26
C ILE D 387 30.92 30.25 -31.63
N VAL D 388 30.96 29.08 -31.02
CA VAL D 388 29.74 28.48 -30.46
C VAL D 388 29.34 29.18 -29.16
N ASP D 389 30.32 29.49 -28.30
CA ASP D 389 30.04 30.21 -27.07
C ASP D 389 31.25 31.07 -26.74
N MET D 390 31.01 32.12 -25.94
CA MET D 390 32.08 33.05 -25.60
C MET D 390 31.69 33.79 -24.33
N CYS D 391 32.70 34.27 -23.62
CA CYS D 391 32.52 35.02 -22.39
C CYS D 391 33.54 36.13 -22.30
N VAL D 392 33.11 37.30 -21.85
CA VAL D 392 34.00 38.45 -21.64
C VAL D 392 34.49 38.42 -20.20
N VAL D 393 35.81 38.43 -20.03
CA VAL D 393 36.42 38.37 -18.70
C VAL D 393 37.67 39.23 -18.69
N ASP D 394 37.85 40.01 -17.62
CA ASP D 394 39.05 40.82 -17.44
C ASP D 394 40.08 39.98 -16.68
N LEU D 395 40.76 39.12 -17.45
CA LEU D 395 41.76 38.22 -16.87
C LEU D 395 42.90 38.98 -16.22
N GLU D 396 43.52 39.91 -16.95
CA GLU D 396 44.61 40.71 -16.42
C GLU D 396 44.15 41.90 -15.58
N ARG D 397 42.85 41.97 -15.27
CA ARG D 397 42.29 43.05 -14.45
C ARG D 397 42.61 44.44 -14.98
N GLN D 398 42.70 44.60 -16.30
CA GLN D 398 43.08 45.89 -16.87
C GLN D 398 41.89 46.82 -17.11
N GLY D 399 40.70 46.48 -16.61
CA GLY D 399 39.51 47.28 -16.83
C GLY D 399 39.05 47.26 -18.27
N GLN D 400 39.90 46.70 -19.13
CA GLN D 400 39.61 46.58 -20.55
C GLN D 400 38.63 45.44 -20.80
N GLY D 401 39.07 44.21 -20.56
CA GLY D 401 38.28 43.01 -20.78
C GLY D 401 38.81 42.25 -21.99
N GLN D 402 38.80 40.93 -21.89
CA GLN D 402 39.17 40.04 -22.97
C GLN D 402 38.01 39.11 -23.29
N LEU D 403 37.95 38.66 -24.54
CA LEU D 403 36.88 37.80 -25.01
C LEU D 403 37.47 36.42 -25.25
N VAL D 404 36.96 35.43 -24.53
CA VAL D 404 37.39 34.04 -24.63
C VAL D 404 36.30 33.27 -25.35
N THR D 405 36.63 32.72 -26.51
CA THR D 405 35.66 32.06 -27.36
C THR D 405 35.99 30.59 -27.49
N CYS D 406 34.94 29.78 -27.61
CA CYS D 406 35.07 28.39 -28.03
C CYS D 406 35.02 28.38 -29.56
N SER D 407 36.17 28.14 -30.18
CA SER D 407 36.33 28.31 -31.62
C SER D 407 36.87 27.04 -32.25
N GLY D 408 36.42 26.76 -33.46
CA GLY D 408 36.86 25.59 -34.20
C GLY D 408 36.05 24.36 -33.88
N ALA D 409 36.28 23.32 -34.68
CA ALA D 409 35.59 22.06 -34.50
C ALA D 409 36.54 20.90 -34.84
N PHE D 410 36.32 19.78 -34.17
CA PHE D 410 37.07 18.54 -34.41
C PHE D 410 38.55 18.82 -34.12
N LYS D 411 39.47 18.43 -34.99
CA LYS D 411 40.89 18.66 -34.73
C LYS D 411 41.23 20.14 -34.65
N GLU D 412 40.43 21.00 -35.26
CA GLU D 412 40.67 22.43 -35.28
C GLU D 412 40.04 23.17 -34.10
N GLY D 413 39.45 22.45 -33.14
CA GLY D 413 38.85 23.10 -31.99
C GLY D 413 39.89 23.77 -31.12
N SER D 414 39.55 24.94 -30.58
CA SER D 414 40.50 25.74 -29.82
C SER D 414 39.76 26.78 -29.01
N LEU D 415 40.50 27.41 -28.09
CA LEU D 415 40.06 28.60 -27.38
C LEU D 415 40.85 29.81 -27.90
N ARG D 416 40.19 30.95 -27.98
CA ARG D 416 40.78 32.17 -28.50
C ARG D 416 40.70 33.26 -27.46
N ILE D 417 41.83 33.92 -27.20
CA ILE D 417 41.91 35.02 -26.24
C ILE D 417 42.08 36.29 -27.06
N ILE D 418 41.06 37.16 -27.05
CA ILE D 418 41.02 38.34 -27.89
C ILE D 418 41.05 39.58 -27.01
N ARG D 419 41.87 40.55 -27.38
CA ARG D 419 41.94 41.82 -26.67
C ARG D 419 42.14 42.95 -27.68
N ASN D 420 41.63 44.13 -27.33
CA ASN D 420 41.88 45.33 -28.11
C ASN D 420 43.29 45.83 -27.84
N GLY D 421 44.05 46.08 -28.90
CA GLY D 421 45.44 46.50 -28.75
C GLY D 421 45.98 47.22 -29.96
N GLN D 432 46.72 49.83 -34.34
CA GLN D 432 45.32 49.51 -34.08
C GLN D 432 44.94 48.16 -34.69
N LYS D 433 45.08 47.10 -33.90
CA LYS D 433 44.76 45.75 -34.35
C LYS D 433 44.47 44.88 -33.14
N LEU D 434 43.61 43.89 -33.33
CA LEU D 434 43.27 42.96 -32.27
C LEU D 434 44.40 41.97 -32.04
N HIS D 435 44.71 41.73 -30.78
CA HIS D 435 45.69 40.72 -30.39
C HIS D 435 44.94 39.46 -29.96
N ILE D 436 45.22 38.35 -30.64
CA ILE D 436 44.51 37.10 -30.43
C ILE D 436 45.51 36.01 -30.05
N ARG D 437 45.25 35.36 -28.92
CA ARG D 437 46.03 34.20 -28.48
C ARG D 437 45.18 32.96 -28.66
N THR D 438 45.78 31.92 -29.23
CA THR D 438 45.08 30.68 -29.55
C THR D 438 45.49 29.57 -28.60
N VAL D 439 44.50 28.88 -28.05
CA VAL D 439 44.72 27.74 -27.17
C VAL D 439 44.13 26.50 -27.85
N PRO D 440 44.96 25.72 -28.54
CA PRO D 440 44.43 24.56 -29.28
C PRO D 440 43.87 23.50 -28.34
N LEU D 441 42.71 22.96 -28.72
CA LEU D 441 42.06 21.90 -27.96
C LEU D 441 42.00 20.57 -28.68
N TYR D 442 42.06 20.57 -30.01
CA TYR D 442 42.02 19.37 -30.84
C TYR D 442 40.75 18.56 -30.63
N GLU D 443 39.72 19.18 -30.07
CA GLU D 443 38.39 18.57 -30.02
C GLU D 443 37.37 19.71 -30.06
N SER D 444 36.11 19.33 -30.28
CA SER D 444 35.05 20.32 -30.51
C SER D 444 34.63 20.95 -29.19
N PRO D 445 34.82 22.25 -28.99
CA PRO D 445 34.32 22.91 -27.79
C PRO D 445 32.84 23.26 -27.91
N ARG D 446 32.15 23.27 -26.77
CA ARG D 446 30.71 23.52 -26.75
C ARG D 446 30.38 24.82 -26.01
N LYS D 447 30.48 24.84 -24.67
CA LYS D 447 30.15 26.04 -23.91
C LYS D 447 31.26 26.33 -22.92
N ILE D 448 31.43 27.61 -22.60
CA ILE D 448 32.48 28.07 -21.70
C ILE D 448 31.87 28.96 -20.62
N CYS D 449 32.46 28.90 -19.43
CA CYS D 449 32.07 29.75 -18.32
C CYS D 449 33.30 29.98 -17.45
N TYR D 450 33.35 31.13 -16.78
CA TYR D 450 34.49 31.53 -15.98
C TYR D 450 34.14 31.48 -14.50
N GLN D 451 35.09 30.99 -13.70
CA GLN D 451 34.96 30.88 -12.25
C GLN D 451 36.17 31.55 -11.62
N GLU D 452 35.99 32.80 -11.17
CA GLU D 452 37.11 33.55 -10.60
C GLU D 452 37.59 32.94 -9.29
N VAL D 453 36.69 32.28 -8.55
CA VAL D 453 37.06 31.69 -7.27
C VAL D 453 38.15 30.64 -7.45
N SER D 454 38.18 29.96 -8.59
CA SER D 454 39.16 28.93 -8.86
C SER D 454 40.23 29.35 -9.85
N GLN D 455 40.22 30.61 -10.29
CA GLN D 455 41.22 31.13 -11.24
C GLN D 455 41.30 30.26 -12.49
N CYS D 456 40.15 29.76 -12.94
CA CYS D 456 40.11 28.81 -14.04
C CYS D 456 38.80 28.97 -14.81
N PHE D 457 38.78 28.38 -16.00
CA PHE D 457 37.59 28.34 -16.84
C PHE D 457 36.96 26.96 -16.79
N GLY D 458 35.66 26.91 -17.06
CA GLY D 458 34.94 25.67 -17.30
C GLY D 458 34.54 25.60 -18.76
N VAL D 459 34.92 24.51 -19.42
CA VAL D 459 34.70 24.34 -20.86
C VAL D 459 34.08 22.97 -21.09
N LEU D 460 32.93 22.95 -21.77
CA LEU D 460 32.34 21.70 -22.25
C LEU D 460 32.92 21.38 -23.62
N SER D 461 33.29 20.12 -23.83
CA SER D 461 33.95 19.72 -25.06
C SER D 461 33.49 18.33 -25.45
N SER D 462 33.64 18.02 -26.74
CA SER D 462 33.29 16.72 -27.28
C SER D 462 34.38 16.26 -28.24
N ARG D 463 34.71 14.98 -28.16
CA ARG D 463 35.70 14.38 -29.06
C ARG D 463 35.07 13.19 -29.77
N ILE D 464 35.64 12.86 -30.92
CA ILE D 464 35.12 11.81 -31.79
C ILE D 464 35.97 10.56 -31.61
N GLU D 465 35.34 9.47 -31.20
CA GLU D 465 35.98 8.16 -31.13
C GLU D 465 35.22 7.16 -31.99
N VAL D 466 35.93 6.13 -32.44
CA VAL D 466 35.39 5.14 -33.36
C VAL D 466 35.36 3.78 -32.67
N GLN D 467 34.28 3.04 -32.90
CA GLN D 467 34.13 1.70 -32.36
C GLN D 467 35.25 0.78 -32.87
N ASP D 468 36.12 0.34 -31.97
CA ASP D 468 37.24 -0.51 -32.35
C ASP D 468 36.86 -1.98 -32.22
N THR D 469 37.85 -2.86 -32.34
CA THR D 469 37.60 -4.29 -32.27
C THR D 469 37.47 -4.81 -30.84
N SER D 470 37.90 -4.03 -29.85
CA SER D 470 37.78 -4.44 -28.46
C SER D 470 36.38 -4.30 -27.90
N GLY D 471 35.43 -3.78 -28.69
CA GLY D 471 34.10 -3.51 -28.23
C GLY D 471 33.90 -2.09 -27.73
N GLY D 472 34.96 -1.47 -27.24
CA GLY D 472 34.93 -0.09 -26.80
C GLY D 472 35.18 0.87 -27.95
N THR D 473 35.78 2.00 -27.62
CA THR D 473 36.07 3.04 -28.61
C THR D 473 37.53 3.46 -28.50
N THR D 474 38.06 3.95 -29.62
CA THR D 474 39.44 4.41 -29.71
C THR D 474 39.46 5.74 -30.44
N ALA D 475 40.07 6.75 -29.83
CA ALA D 475 40.11 8.08 -30.40
C ALA D 475 41.08 8.14 -31.58
N LEU D 476 40.76 9.02 -32.54
CA LEU D 476 41.64 9.17 -33.71
C LEU D 476 42.91 9.92 -33.35
N ARG D 477 42.80 10.93 -32.48
CA ARG D 477 43.94 11.75 -32.10
C ARG D 477 43.78 12.13 -30.63
N PRO D 478 44.89 12.38 -29.94
CA PRO D 478 44.80 12.91 -28.57
C PRO D 478 44.33 14.35 -28.58
N SER D 479 43.56 14.71 -27.55
CA SER D 479 42.96 16.04 -27.45
C SER D 479 43.08 16.51 -26.01
N ALA D 480 42.41 17.63 -25.71
CA ALA D 480 42.52 18.22 -24.39
C ALA D 480 41.89 17.34 -23.33
N SER D 481 40.81 16.64 -23.67
CA SER D 481 40.15 15.78 -22.70
C SER D 481 41.01 14.58 -22.33
N THR D 482 41.86 14.13 -23.24
CA THR D 482 42.75 13.00 -22.99
C THR D 482 44.07 13.40 -22.34
N GLN D 483 44.55 14.61 -22.59
CA GLN D 483 45.82 15.08 -22.08
C GLN D 483 45.69 15.88 -20.79
N ALA D 484 44.60 15.69 -20.04
CA ALA D 484 44.43 16.39 -18.79
C ALA D 484 45.40 15.87 -17.73
N LEU D 485 45.76 16.74 -16.79
CA LEU D 485 46.62 16.35 -15.69
C LEU D 485 45.95 15.28 -14.83
N SER D 486 44.80 15.61 -14.27
CA SER D 486 43.94 14.65 -13.58
C SER D 486 42.67 14.43 -14.38
N SER D 487 42.05 13.27 -14.17
CA SER D 487 40.86 12.91 -14.93
C SER D 487 39.92 12.11 -14.05
N SER D 488 38.64 12.17 -14.39
CA SER D 488 37.60 11.43 -13.67
C SER D 488 36.46 11.14 -14.63
N VAL D 489 35.66 10.13 -14.31
CA VAL D 489 34.52 9.70 -15.12
C VAL D 489 33.31 9.55 -14.21
N SER D 490 32.15 10.03 -14.69
CA SER D 490 30.93 9.94 -13.92
C SER D 490 30.52 8.48 -13.71
N SER D 491 30.37 8.10 -12.44
CA SER D 491 29.93 6.76 -12.06
C SER D 491 28.44 6.72 -11.73
N SER D 492 27.66 7.61 -12.34
CA SER D 492 26.25 7.73 -11.98
C SER D 492 25.47 6.47 -12.36
N LYS D 493 24.52 6.10 -11.52
CA LYS D 493 23.67 4.94 -11.77
C LYS D 493 22.22 5.34 -12.04
N LEU D 494 21.97 6.60 -12.41
CA LEU D 494 20.59 7.06 -12.58
C LEU D 494 19.92 6.37 -13.75
N PHE D 495 20.58 6.33 -14.90
CA PHE D 495 20.03 5.73 -16.11
C PHE D 495 20.42 4.26 -16.29
N SER D 496 21.25 3.72 -15.39
CA SER D 496 21.61 2.30 -15.43
C SER D 496 20.40 1.38 -15.25
N SER D 497 19.22 1.79 -15.74
CA SER D 497 18.04 0.94 -15.69
C SER D 497 17.88 0.10 -16.96
N SER D 498 18.57 0.45 -18.04
CA SER D 498 18.55 -0.30 -19.29
C SER D 498 19.35 -1.59 -19.12
N THR D 499 18.68 -2.73 -19.18
CA THR D 499 19.39 -4.01 -19.02
C THR D 499 20.18 -4.35 -20.28
N ALA D 500 19.61 -4.07 -21.46
CA ALA D 500 20.18 -4.39 -22.75
C ALA D 500 20.83 -3.15 -23.35
N PRO D 501 22.15 -3.05 -23.43
CA PRO D 501 22.76 -1.87 -24.05
C PRO D 501 22.56 -1.90 -25.56
N HIS D 502 22.33 -0.72 -26.12
CA HIS D 502 22.06 -0.59 -27.55
C HIS D 502 23.19 -1.20 -28.38
N GLU D 503 22.85 -1.69 -29.57
CA GLU D 503 23.80 -2.42 -30.39
C GLU D 503 24.80 -1.48 -31.03
N THR D 504 26.07 -1.84 -30.95
CA THR D 504 27.16 -1.07 -31.53
C THR D 504 27.88 -1.91 -32.57
N SER D 505 28.07 -1.34 -33.76
CA SER D 505 28.85 -1.98 -34.81
C SER D 505 30.21 -1.30 -34.92
N PHE D 506 31.17 -2.05 -35.43
CA PHE D 506 32.54 -1.53 -35.55
C PHE D 506 32.62 -0.46 -36.62
N GLY D 507 33.32 0.63 -36.31
CA GLY D 507 33.54 1.71 -37.25
C GLY D 507 32.59 2.88 -37.13
N GLU D 508 31.66 2.85 -36.17
CA GLU D 508 30.68 3.92 -36.01
C GLU D 508 31.23 5.02 -35.11
N GLU D 509 31.09 6.27 -35.54
CA GLU D 509 31.58 7.40 -34.77
C GLU D 509 30.67 7.67 -33.58
N VAL D 510 31.29 8.02 -32.44
CA VAL D 510 30.57 8.37 -31.22
C VAL D 510 31.18 9.64 -30.64
N GLU D 511 30.34 10.45 -30.00
CA GLU D 511 30.77 11.68 -29.35
C GLU D 511 30.99 11.44 -27.87
N VAL D 512 32.15 11.86 -27.37
CA VAL D 512 32.50 11.74 -25.96
C VAL D 512 32.58 13.14 -25.37
N HIS D 513 31.69 13.44 -24.44
CA HIS D 513 31.57 14.77 -23.87
C HIS D 513 32.34 14.86 -22.56
N ASN D 514 33.03 15.98 -22.36
CA ASN D 514 33.88 16.20 -21.20
C ASN D 514 33.70 17.62 -20.69
N LEU D 515 33.96 17.79 -19.40
CA LEU D 515 34.03 19.11 -18.76
C LEU D 515 35.49 19.41 -18.46
N LEU D 516 36.03 20.42 -19.12
CA LEU D 516 37.45 20.76 -18.99
C LEU D 516 37.62 21.88 -17.97
N ILE D 517 38.60 21.72 -17.09
CA ILE D 517 38.99 22.74 -16.13
C ILE D 517 40.33 23.31 -16.58
N ILE D 518 40.33 24.55 -17.05
CA ILE D 518 41.48 25.15 -17.72
C ILE D 518 41.91 26.38 -16.93
N ASP D 519 43.19 26.45 -16.60
CA ASP D 519 43.72 27.58 -15.84
C ASP D 519 43.59 28.87 -16.64
N GLN D 520 43.40 29.98 -15.91
CA GLN D 520 43.20 31.28 -16.55
C GLN D 520 44.50 31.94 -16.98
N HIS D 521 45.64 31.50 -16.45
CA HIS D 521 46.94 32.07 -16.80
C HIS D 521 47.70 31.24 -17.83
N THR D 522 47.86 29.95 -17.57
CA THR D 522 48.60 29.06 -18.46
C THR D 522 47.72 28.41 -19.51
N PHE D 523 46.41 28.37 -19.30
CA PHE D 523 45.48 27.69 -20.19
C PHE D 523 45.86 26.22 -20.34
N GLU D 524 46.30 25.62 -19.25
CA GLU D 524 46.60 24.20 -19.20
C GLU D 524 45.39 23.42 -18.73
N VAL D 525 45.12 22.30 -19.39
CA VAL D 525 43.98 21.47 -19.02
C VAL D 525 44.28 20.82 -17.67
N LEU D 526 43.77 21.43 -16.60
CA LEU D 526 44.07 20.94 -15.25
C LEU D 526 43.33 19.64 -14.96
N HIS D 527 42.09 19.53 -15.45
CA HIS D 527 41.27 18.35 -15.17
C HIS D 527 40.26 18.17 -16.29
N ALA D 528 39.85 16.93 -16.52
CA ALA D 528 38.84 16.60 -17.51
C ALA D 528 37.92 15.54 -16.94
N HIS D 529 36.63 15.86 -16.82
CA HIS D 529 35.63 14.93 -16.34
C HIS D 529 34.83 14.41 -17.53
N GLN D 530 34.92 13.11 -17.77
CA GLN D 530 34.22 12.48 -18.88
C GLN D 530 32.83 12.05 -18.41
N PHE D 531 31.81 12.51 -19.13
CA PHE D 531 30.44 12.22 -18.75
C PHE D 531 30.07 10.79 -19.15
N LEU D 532 28.83 10.41 -18.88
CA LEU D 532 28.37 9.06 -19.16
C LEU D 532 28.34 8.79 -20.66
N GLN D 533 28.25 7.51 -21.01
CA GLN D 533 28.15 7.11 -22.40
C GLN D 533 26.81 7.59 -22.96
N ASN D 534 26.85 8.17 -24.16
CA ASN D 534 25.69 8.74 -24.85
C ASN D 534 25.11 9.94 -24.10
N GLU D 535 25.92 10.63 -23.31
CA GLU D 535 25.50 11.81 -22.57
C GLU D 535 26.13 13.04 -23.20
N TYR D 536 25.30 14.00 -23.60
CA TYR D 536 25.76 15.22 -24.25
C TYR D 536 25.74 16.38 -23.26
N ALA D 537 26.82 17.14 -23.22
CA ALA D 537 26.90 18.35 -22.40
C ALA D 537 26.36 19.51 -23.21
N LEU D 538 25.33 20.17 -22.67
CA LEU D 538 24.62 21.22 -23.38
C LEU D 538 24.69 22.58 -22.70
N SER D 539 24.67 22.62 -21.37
CA SER D 539 24.68 23.86 -20.61
C SER D 539 25.75 23.82 -19.53
N LEU D 540 26.25 25.00 -19.17
CA LEU D 540 27.31 25.12 -18.18
C LEU D 540 27.21 26.47 -17.48
N VAL D 541 27.20 26.45 -16.15
CA VAL D 541 27.13 27.67 -15.35
C VAL D 541 28.07 27.55 -14.16
N SER D 542 28.58 28.68 -13.69
CA SER D 542 29.42 28.75 -12.50
C SER D 542 28.87 29.82 -11.58
N CYS D 543 28.45 29.43 -10.39
CA CYS D 543 27.81 30.35 -9.46
C CYS D 543 27.66 29.67 -8.11
N LYS D 544 27.37 30.50 -7.09
CA LYS D 544 26.94 30.03 -5.79
C LYS D 544 25.42 29.97 -5.74
N LEU D 545 24.89 29.09 -4.90
CA LEU D 545 23.45 28.88 -4.83
C LEU D 545 22.98 28.82 -3.38
N GLY D 546 21.82 29.41 -3.13
CA GLY D 546 21.21 29.36 -1.80
C GLY D 546 22.12 29.96 -0.74
N LYS D 547 22.24 29.25 0.37
CA LYS D 547 23.14 29.63 1.45
C LYS D 547 24.47 28.88 1.38
N ASP D 548 24.78 28.29 0.23
CA ASP D 548 26.02 27.54 0.06
C ASP D 548 27.13 28.48 -0.38
N PRO D 549 28.19 28.65 0.42
CA PRO D 549 29.27 29.57 0.02
C PRO D 549 30.19 29.02 -1.05
N ASN D 550 30.18 27.72 -1.29
CA ASN D 550 31.07 27.12 -2.29
C ASN D 550 30.62 27.48 -3.69
N THR D 551 31.58 27.89 -4.53
CA THR D 551 31.30 28.18 -5.92
C THR D 551 31.37 26.88 -6.71
N TYR D 552 30.34 26.58 -7.49
CA TYR D 552 30.19 25.29 -8.14
C TYR D 552 30.22 25.42 -9.65
N PHE D 553 30.66 24.35 -10.30
CA PHE D 553 30.45 24.14 -11.72
C PHE D 553 29.22 23.25 -11.89
N ILE D 554 28.24 23.71 -12.64
CA ILE D 554 26.99 22.98 -12.84
C ILE D 554 26.82 22.72 -14.33
N VAL D 555 26.58 21.46 -14.69
CA VAL D 555 26.44 21.04 -16.07
C VAL D 555 25.07 20.41 -16.27
N GLY D 556 24.34 20.86 -17.28
CA GLY D 556 23.10 20.24 -17.69
C GLY D 556 23.35 19.38 -18.91
N THR D 557 22.91 18.13 -18.85
CA THR D 557 23.22 17.13 -19.85
C THR D 557 21.94 16.53 -20.42
N ALA D 558 22.13 15.56 -21.33
CA ALA D 558 21.01 14.87 -21.95
C ALA D 558 21.50 13.52 -22.47
N MET D 559 20.66 12.50 -22.32
CA MET D 559 20.97 11.17 -22.82
C MET D 559 20.46 11.07 -24.25
N VAL D 560 21.39 11.04 -25.20
CA VAL D 560 21.08 11.07 -26.63
C VAL D 560 21.24 9.66 -27.19
N TYR D 561 20.15 9.10 -27.72
CA TYR D 561 20.18 7.84 -28.42
C TYR D 561 19.63 8.07 -29.83
N PRO D 562 20.12 7.33 -30.83
CA PRO D 562 19.66 7.58 -32.21
C PRO D 562 18.17 7.34 -32.43
N GLU D 563 17.57 6.42 -31.68
CA GLU D 563 16.14 6.15 -31.81
C GLU D 563 15.29 7.29 -31.29
N GLU D 564 15.84 8.14 -30.43
CA GLU D 564 15.06 9.15 -29.71
C GLU D 564 14.31 10.12 -30.62
N ALA D 565 13.00 10.25 -30.35
CA ALA D 565 12.17 11.30 -30.92
C ALA D 565 12.16 12.47 -29.93
N GLU D 566 13.38 13.03 -29.74
CA GLU D 566 13.78 14.09 -28.81
C GLU D 566 14.16 13.44 -27.49
N PRO D 567 15.36 13.70 -26.98
CA PRO D 567 15.82 13.02 -25.76
C PRO D 567 14.86 13.16 -24.60
N LYS D 568 14.68 12.06 -23.87
CA LYS D 568 13.78 12.00 -22.73
C LYS D 568 14.50 11.74 -21.41
N GLN D 569 15.83 11.79 -21.40
CA GLN D 569 16.61 11.61 -20.18
C GLN D 569 17.70 12.67 -20.11
N GLY D 570 18.07 13.04 -18.90
CA GLY D 570 19.08 14.05 -18.70
C GLY D 570 19.42 14.19 -17.22
N ARG D 571 20.50 14.93 -16.97
CA ARG D 571 20.98 15.15 -15.61
C ARG D 571 21.38 16.61 -15.44
N ILE D 572 21.17 17.11 -14.24
CA ILE D 572 21.76 18.36 -13.80
C ILE D 572 22.74 17.99 -12.70
N VAL D 573 24.03 18.15 -12.98
CA VAL D 573 25.09 17.70 -12.10
C VAL D 573 25.83 18.92 -11.56
N VAL D 574 26.15 18.88 -10.27
CA VAL D 574 26.84 19.98 -9.60
C VAL D 574 28.24 19.49 -9.24
N PHE D 575 29.25 20.23 -9.71
CA PHE D 575 30.64 19.94 -9.41
C PHE D 575 31.23 21.06 -8.59
N GLN D 576 32.26 20.74 -7.81
CA GLN D 576 33.06 21.75 -7.12
C GLN D 576 34.52 21.47 -7.41
N TYR D 577 35.20 22.44 -8.03
CA TYR D 577 36.63 22.34 -8.29
C TYR D 577 37.37 22.87 -7.08
N SER D 578 38.08 21.98 -6.39
CA SER D 578 38.80 22.36 -5.18
C SER D 578 40.08 21.54 -5.09
N ASP D 579 41.21 22.22 -4.98
CA ASP D 579 42.52 21.58 -4.80
C ASP D 579 42.85 20.64 -5.96
N GLY D 580 42.64 21.11 -7.18
CA GLY D 580 43.04 20.35 -8.35
C GLY D 580 42.18 19.16 -8.68
N LYS D 581 41.10 18.92 -7.93
CA LYS D 581 40.24 17.78 -8.16
C LYS D 581 38.80 18.26 -8.29
N LEU D 582 38.09 17.73 -9.28
CA LEU D 582 36.68 18.04 -9.48
C LEU D 582 35.87 17.02 -8.70
N GLN D 583 34.96 17.50 -7.86
CA GLN D 583 34.19 16.64 -6.98
C GLN D 583 32.72 16.66 -7.38
N THR D 584 32.14 15.46 -7.49
CA THR D 584 30.72 15.34 -7.78
C THR D 584 29.93 15.65 -6.52
N VAL D 585 29.21 16.77 -6.52
CA VAL D 585 28.49 17.21 -5.32
C VAL D 585 27.09 16.60 -5.27
N ALA D 586 26.33 16.74 -6.35
CA ALA D 586 24.97 16.22 -6.39
C ALA D 586 24.53 16.13 -7.85
N GLU D 587 23.53 15.27 -8.08
CA GLU D 587 22.93 15.13 -9.40
C GLU D 587 21.42 15.10 -9.25
N LYS D 588 20.73 15.68 -10.24
CA LYS D 588 19.28 15.72 -10.26
C LYS D 588 18.82 15.15 -11.60
N GLU D 589 17.97 14.13 -11.55
CA GLU D 589 17.48 13.48 -12.77
C GLU D 589 16.33 14.27 -13.35
N VAL D 590 16.41 14.55 -14.66
CA VAL D 590 15.34 15.22 -15.38
C VAL D 590 14.94 14.35 -16.56
N LYS D 591 13.75 14.60 -17.08
CA LYS D 591 13.18 13.79 -18.15
C LYS D 591 13.24 14.54 -19.48
N GLY D 592 14.46 14.90 -19.88
CA GLY D 592 14.64 15.60 -21.14
C GLY D 592 16.05 16.17 -21.24
N ALA D 593 16.21 17.09 -22.19
CA ALA D 593 17.50 17.71 -22.45
C ALA D 593 17.57 19.07 -21.74
N VAL D 594 18.67 19.28 -21.01
CA VAL D 594 18.89 20.55 -20.32
C VAL D 594 19.66 21.44 -21.30
N TYR D 595 18.91 22.14 -22.15
CA TYR D 595 19.52 22.93 -23.21
C TYR D 595 20.27 24.14 -22.67
N SER D 596 19.78 24.73 -21.58
CA SER D 596 20.42 25.93 -21.04
C SER D 596 20.09 26.06 -19.56
N MET D 597 21.05 26.62 -18.82
CA MET D 597 20.89 26.94 -17.41
C MET D 597 21.42 28.34 -17.17
N VAL D 598 20.95 28.95 -16.08
CA VAL D 598 21.35 30.31 -15.74
C VAL D 598 21.09 30.51 -14.25
N GLU D 599 21.87 31.40 -13.64
CA GLU D 599 21.71 31.70 -12.23
C GLU D 599 20.60 32.73 -12.08
N PHE D 600 19.66 32.45 -11.18
CA PHE D 600 18.53 33.33 -10.90
C PHE D 600 18.40 33.55 -9.41
N ASN D 601 18.76 34.75 -8.94
CA ASN D 601 18.59 35.17 -7.55
C ASN D 601 19.00 34.06 -6.59
N GLY D 602 20.18 33.49 -6.84
CA GLY D 602 20.64 32.36 -6.04
C GLY D 602 19.93 31.05 -6.30
N LYS D 603 19.02 30.99 -7.29
CA LYS D 603 18.30 29.78 -7.63
C LYS D 603 18.68 29.37 -9.05
N LEU D 604 18.54 28.07 -9.34
CA LEU D 604 18.96 27.51 -10.63
C LEU D 604 17.77 27.44 -11.57
N LEU D 605 17.82 28.23 -12.65
CA LEU D 605 16.82 28.20 -13.70
C LEU D 605 17.31 27.33 -14.85
N ALA D 606 16.59 26.26 -15.14
CA ALA D 606 16.98 25.31 -16.17
C ALA D 606 15.80 25.04 -17.11
N SER D 607 16.10 24.88 -18.39
CA SER D 607 15.11 24.55 -19.41
C SER D 607 15.28 23.09 -19.82
N ILE D 608 14.21 22.31 -19.69
CA ILE D 608 14.24 20.88 -19.99
C ILE D 608 13.18 20.63 -21.06
N ASN D 609 13.63 20.47 -22.31
CA ASN D 609 12.75 20.26 -23.47
C ASN D 609 11.76 21.42 -23.54
N SER D 610 10.46 21.20 -23.42
CA SER D 610 9.48 22.27 -23.47
C SER D 610 9.27 22.96 -22.12
N THR D 611 9.86 22.43 -21.05
CA THR D 611 9.63 22.93 -19.70
C THR D 611 10.75 23.89 -19.29
N VAL D 612 10.38 24.94 -18.56
CA VAL D 612 11.33 25.86 -17.93
C VAL D 612 11.12 25.74 -16.43
N ARG D 613 12.14 25.24 -15.73
CA ARG D 613 12.01 24.90 -14.32
C ARG D 613 12.95 25.76 -13.48
N LEU D 614 12.51 26.04 -12.24
CA LEU D 614 13.31 26.77 -11.26
C LEU D 614 13.59 25.85 -10.09
N TYR D 615 14.88 25.63 -9.81
CA TYR D 615 15.32 24.78 -8.70
C TYR D 615 15.77 25.63 -7.53
N GLU D 616 15.62 25.07 -6.33
CA GLU D 616 16.13 25.66 -5.10
C GLU D 616 17.21 24.77 -4.51
N TRP D 617 18.27 25.38 -4.01
CA TRP D 617 19.42 24.66 -3.46
C TRP D 617 19.22 24.54 -1.95
N THR D 618 18.78 23.37 -1.51
CA THR D 618 18.46 23.16 -0.11
C THR D 618 19.73 23.16 0.74
N THR D 619 19.54 23.16 2.06
CA THR D 619 20.66 23.08 2.99
C THR D 619 21.31 21.70 3.01
N GLU D 620 20.69 20.71 2.38
CA GLU D 620 21.26 19.37 2.26
C GLU D 620 22.07 19.21 0.97
N LYS D 621 22.37 20.32 0.29
CA LYS D 621 23.14 20.30 -0.95
C LYS D 621 22.47 19.45 -2.03
N GLU D 622 21.17 19.67 -2.22
CA GLU D 622 20.39 18.99 -3.24
C GLU D 622 19.44 19.98 -3.88
N LEU D 623 19.04 19.68 -5.12
CA LEU D 623 18.16 20.55 -5.89
C LEU D 623 16.70 20.21 -5.62
N ARG D 624 15.87 21.25 -5.54
CA ARG D 624 14.45 21.09 -5.26
C ARG D 624 13.65 21.96 -6.21
N THR D 625 12.64 21.37 -6.84
CA THR D 625 11.81 22.08 -7.80
C THR D 625 10.86 23.02 -7.08
N GLU D 626 10.77 24.26 -7.56
CA GLU D 626 9.82 25.23 -7.01
C GLU D 626 8.62 25.44 -7.93
N CYS D 627 8.86 25.90 -9.15
CA CYS D 627 7.78 26.20 -10.08
C CYS D 627 8.21 25.84 -11.50
N ASN D 628 7.22 25.67 -12.37
CA ASN D 628 7.45 25.23 -13.73
C ASN D 628 6.64 26.07 -14.70
N HIS D 629 7.08 26.08 -15.96
CA HIS D 629 6.34 26.64 -17.08
C HIS D 629 6.45 25.68 -18.25
N TYR D 630 5.33 25.44 -18.93
CA TYR D 630 5.27 24.38 -19.94
C TYR D 630 4.90 24.85 -21.33
N ASN D 631 4.35 26.05 -21.49
CA ASN D 631 3.84 26.51 -22.79
C ASN D 631 5.02 26.90 -23.70
N ASN D 632 5.79 25.88 -24.08
CA ASN D 632 6.90 26.03 -25.00
C ASN D 632 6.97 24.80 -25.88
N ILE D 633 7.76 24.90 -26.95
CA ILE D 633 8.03 23.78 -27.84
C ILE D 633 9.37 23.17 -27.46
N MET D 634 10.42 23.99 -27.56
CA MET D 634 11.77 23.56 -27.19
C MET D 634 12.47 24.78 -26.59
N ALA D 635 12.36 24.94 -25.27
CA ALA D 635 12.99 26.04 -24.57
C ALA D 635 14.50 25.96 -24.71
N LEU D 636 15.07 26.76 -25.62
CA LEU D 636 16.49 26.67 -25.94
C LEU D 636 17.30 27.70 -25.16
N TYR D 637 17.14 28.98 -25.49
CA TYR D 637 17.97 30.03 -24.94
C TYR D 637 17.24 30.75 -23.81
N LEU D 638 17.97 31.00 -22.71
CA LEU D 638 17.42 31.66 -21.53
C LEU D 638 18.31 32.82 -21.13
N LYS D 639 17.68 33.94 -20.78
CA LYS D 639 18.37 35.11 -20.25
C LYS D 639 17.52 35.70 -19.14
N THR D 640 18.19 36.25 -18.13
CA THR D 640 17.51 36.78 -16.95
C THR D 640 18.00 38.18 -16.62
N LYS D 641 17.13 38.95 -15.98
CA LYS D 641 17.48 40.28 -15.48
C LYS D 641 16.49 40.61 -14.37
N GLY D 642 16.96 40.62 -13.14
CA GLY D 642 16.05 40.78 -12.01
C GLY D 642 15.19 39.55 -11.86
N ASP D 643 13.87 39.74 -11.76
CA ASP D 643 12.93 38.63 -11.70
C ASP D 643 12.33 38.28 -13.05
N PHE D 644 12.61 39.05 -14.10
CA PHE D 644 12.13 38.75 -15.44
C PHE D 644 13.01 37.71 -16.11
N ILE D 645 12.40 36.92 -16.99
CA ILE D 645 13.10 35.83 -17.68
C ILE D 645 12.70 35.86 -19.15
N LEU D 646 13.70 35.88 -20.04
CA LEU D 646 13.50 35.83 -21.48
C LEU D 646 13.74 34.42 -21.98
N VAL D 647 12.73 33.82 -22.61
CA VAL D 647 12.78 32.45 -23.10
C VAL D 647 12.83 32.50 -24.62
N GLY D 648 13.84 31.85 -25.19
CA GLY D 648 13.95 31.75 -26.64
C GLY D 648 13.54 30.39 -27.15
N ASP D 649 12.39 30.33 -27.82
CA ASP D 649 11.85 29.06 -28.29
C ASP D 649 12.30 28.75 -29.71
N LEU D 650 12.23 27.46 -30.04
CA LEU D 650 12.56 26.99 -31.39
C LEU D 650 11.72 27.68 -32.47
N MET D 651 10.42 27.87 -32.22
CA MET D 651 9.57 28.54 -33.21
C MET D 651 8.59 29.54 -32.63
N ARG D 652 8.48 29.69 -31.31
CA ARG D 652 7.59 30.67 -30.70
C ARG D 652 8.26 32.03 -30.55
N SER D 653 9.54 32.15 -30.93
CA SER D 653 10.35 33.35 -30.82
C SER D 653 10.75 33.59 -29.36
N VAL D 654 10.41 34.74 -28.82
CA VAL D 654 10.81 35.10 -27.46
C VAL D 654 9.57 35.26 -26.60
N LEU D 655 9.68 34.80 -25.35
CA LEU D 655 8.63 34.92 -24.35
C LEU D 655 9.21 35.55 -23.10
N LEU D 656 8.42 36.37 -22.42
CA LEU D 656 8.81 36.99 -21.17
C LEU D 656 8.13 36.27 -20.01
N LEU D 657 8.94 35.82 -19.05
CA LEU D 657 8.44 35.11 -17.88
C LEU D 657 8.78 35.88 -16.60
N ALA D 658 7.86 35.84 -15.64
CA ALA D 658 8.00 36.50 -14.35
C ALA D 658 7.93 35.44 -13.26
N TYR D 659 8.90 35.47 -12.34
CA TYR D 659 8.90 34.52 -11.23
C TYR D 659 7.85 34.86 -10.19
N LYS D 660 7.65 36.15 -9.92
CA LYS D 660 6.76 36.67 -8.87
C LYS D 660 7.04 35.94 -7.55
N PRO D 661 7.82 36.55 -6.66
CA PRO D 661 8.23 35.83 -5.45
C PRO D 661 7.09 35.55 -4.48
N MET D 662 6.03 36.37 -4.49
CA MET D 662 4.91 36.16 -3.59
C MET D 662 4.20 34.84 -3.87
N GLU D 663 3.78 34.64 -5.12
CA GLU D 663 3.01 33.44 -5.45
C GLU D 663 3.89 32.21 -5.55
N GLY D 664 5.14 32.36 -5.99
CA GLY D 664 6.02 31.22 -6.14
C GLY D 664 5.83 30.43 -7.41
N ASN D 665 5.24 31.02 -8.45
CA ASN D 665 5.03 30.35 -9.73
C ASN D 665 5.32 31.31 -10.86
N PHE D 666 5.66 30.75 -12.02
CA PHE D 666 5.88 31.59 -13.19
C PHE D 666 4.57 32.19 -13.69
N GLU D 667 4.68 33.21 -14.52
CA GLU D 667 3.52 33.85 -15.12
C GLU D 667 3.94 34.55 -16.39
N GLU D 668 3.28 34.21 -17.50
CA GLU D 668 3.58 34.83 -18.78
C GLU D 668 3.27 36.32 -18.75
N ILE D 669 4.24 37.14 -19.17
CA ILE D 669 4.06 38.58 -19.22
C ILE D 669 3.68 38.99 -20.63
N ALA D 670 4.57 38.76 -21.59
CA ALA D 670 4.32 39.10 -22.98
C ALA D 670 5.15 38.19 -23.88
N ARG D 671 4.65 37.96 -25.10
CA ARG D 671 5.32 37.08 -26.04
C ARG D 671 5.28 37.69 -27.43
N ASP D 672 6.36 37.46 -28.19
CA ASP D 672 6.43 37.87 -29.59
C ASP D 672 5.66 36.88 -30.45
N PHE D 673 4.58 37.35 -31.08
CA PHE D 673 3.68 36.48 -31.81
C PHE D 673 4.09 36.23 -33.25
N ASN D 674 5.05 36.98 -33.78
CA ASN D 674 5.57 36.68 -35.11
C ASN D 674 6.50 35.48 -35.03
N PRO D 675 6.23 34.40 -35.76
CA PRO D 675 7.03 33.18 -35.59
C PRO D 675 8.44 33.37 -36.15
N ASN D 676 9.43 32.97 -35.35
CA ASN D 676 10.82 33.07 -35.74
C ASN D 676 11.59 31.89 -35.19
N TRP D 677 12.60 31.46 -35.94
CA TRP D 677 13.50 30.38 -35.54
C TRP D 677 14.70 31.02 -34.85
N MET D 678 14.72 30.97 -33.52
CA MET D 678 15.72 31.68 -32.74
C MET D 678 17.06 30.95 -32.76
N SER D 679 18.15 31.73 -32.78
CA SER D 679 19.50 31.20 -32.66
C SER D 679 20.25 31.70 -31.43
N ALA D 680 19.89 32.85 -30.89
CA ALA D 680 20.47 33.42 -29.69
C ALA D 680 19.62 34.59 -29.24
N VAL D 681 19.42 34.73 -27.93
CA VAL D 681 18.62 35.81 -27.38
C VAL D 681 19.49 36.61 -26.41
N GLU D 682 19.01 37.81 -26.09
CA GLU D 682 19.71 38.70 -25.17
C GLU D 682 18.75 39.78 -24.69
N ILE D 683 18.98 40.24 -23.46
CA ILE D 683 18.19 41.31 -22.84
C ILE D 683 18.99 42.60 -22.96
N LEU D 684 18.38 43.62 -23.58
CA LEU D 684 19.01 44.93 -23.72
C LEU D 684 18.76 45.80 -22.49
N ASP D 685 17.50 46.02 -22.16
CA ASP D 685 17.12 46.75 -20.95
C ASP D 685 15.82 46.15 -20.42
N ASP D 686 15.18 46.86 -19.49
CA ASP D 686 13.96 46.34 -18.87
C ASP D 686 12.78 46.31 -19.83
N ASP D 687 12.87 46.96 -21.00
CA ASP D 687 11.79 46.96 -21.97
C ASP D 687 12.18 46.49 -23.36
N ASN D 688 13.46 46.47 -23.71
CA ASN D 688 13.92 46.02 -25.01
C ASN D 688 14.60 44.67 -24.91
N PHE D 689 14.42 43.84 -25.93
CA PHE D 689 15.02 42.52 -26.00
C PHE D 689 15.61 42.31 -27.38
N LEU D 690 16.73 41.61 -27.45
CA LEU D 690 17.43 41.38 -28.71
C LEU D 690 17.47 39.89 -29.03
N GLY D 691 17.22 39.55 -30.29
CA GLY D 691 17.20 38.17 -30.72
C GLY D 691 17.88 38.01 -32.06
N ALA D 692 18.20 36.75 -32.37
CA ALA D 692 18.86 36.39 -33.62
C ALA D 692 18.13 35.22 -34.26
N GLU D 693 17.93 35.28 -35.57
CA GLU D 693 17.20 34.27 -36.30
C GLU D 693 18.15 33.42 -37.12
N ASN D 694 17.70 32.20 -37.45
CA ASN D 694 18.48 31.31 -38.29
C ASN D 694 18.62 31.80 -39.72
N ALA D 695 17.82 32.80 -40.12
CA ALA D 695 17.89 33.38 -41.45
C ALA D 695 18.83 34.58 -41.50
N PHE D 696 19.80 34.64 -40.60
CA PHE D 696 20.80 35.72 -40.55
C PHE D 696 20.13 37.08 -40.34
N ASN D 697 19.15 37.12 -39.45
CA ASN D 697 18.40 38.34 -39.18
C ASN D 697 18.37 38.62 -37.69
N LEU D 698 18.57 39.88 -37.33
CA LEU D 698 18.44 40.35 -35.96
C LEU D 698 17.17 41.18 -35.82
N PHE D 699 16.49 41.03 -34.68
CA PHE D 699 15.28 41.80 -34.40
C PHE D 699 15.26 42.18 -32.93
N VAL D 700 14.46 43.21 -32.62
CA VAL D 700 14.35 43.74 -31.27
C VAL D 700 12.87 43.87 -30.92
N CYS D 701 12.44 43.19 -29.86
CA CYS D 701 11.10 43.31 -29.34
C CYS D 701 11.06 44.26 -28.16
N GLN D 702 9.89 44.84 -27.93
CA GLN D 702 9.71 45.75 -26.80
C GLN D 702 8.27 45.68 -26.34
N LYS D 703 8.06 45.97 -25.05
CA LYS D 703 6.71 46.14 -24.54
C LYS D 703 6.05 47.31 -25.25
N ASP D 704 4.75 47.16 -25.53
CA ASP D 704 4.01 48.18 -26.28
C ASP D 704 4.08 49.55 -25.61
N SER D 705 4.34 49.59 -24.30
CA SER D 705 4.49 50.81 -23.51
C SER D 705 3.22 51.66 -23.48
N ALA D 706 2.10 51.12 -23.92
CA ALA D 706 0.81 51.77 -23.81
C ALA D 706 -0.13 50.74 -23.19
N ALA D 707 -0.52 50.97 -21.94
CA ALA D 707 -1.34 50.02 -21.19
C ALA D 707 -2.80 50.46 -21.29
N THR D 708 -3.41 50.14 -22.43
CA THR D 708 -4.83 50.37 -22.64
C THR D 708 -5.55 49.07 -22.30
N THR D 709 -5.47 48.12 -23.23
CA THR D 709 -5.98 46.77 -23.03
C THR D 709 -4.83 45.92 -22.50
N ASP D 710 -5.15 45.01 -21.58
CA ASP D 710 -4.13 44.11 -21.04
C ASP D 710 -3.44 43.31 -22.13
N GLU D 711 -4.09 43.15 -23.29
CA GLU D 711 -3.51 42.43 -24.41
C GLU D 711 -2.40 43.21 -25.11
N GLU D 712 -2.54 44.54 -25.18
CA GLU D 712 -1.46 45.34 -25.76
C GLU D 712 -0.17 45.17 -24.98
N ARG D 713 -0.28 45.07 -23.65
CA ARG D 713 0.90 44.81 -22.82
C ARG D 713 1.46 43.43 -23.12
N GLN D 714 0.59 42.42 -23.24
CA GLN D 714 0.96 41.05 -23.57
C GLN D 714 1.47 40.90 -24.99
N HIS D 715 1.43 41.95 -25.81
CA HIS D 715 1.88 41.91 -27.20
C HIS D 715 3.26 42.53 -27.27
N LEU D 716 4.29 41.69 -27.34
CA LEU D 716 5.63 42.18 -27.65
C LEU D 716 5.67 42.63 -29.10
N GLN D 717 5.97 43.90 -29.31
CA GLN D 717 5.95 44.48 -30.65
C GLN D 717 7.38 44.49 -31.20
N GLU D 718 7.57 43.84 -32.34
CA GLU D 718 8.86 43.86 -33.02
C GLU D 718 9.11 45.26 -33.54
N VAL D 719 10.01 45.99 -32.88
CA VAL D 719 10.30 47.38 -33.25
C VAL D 719 11.62 47.52 -33.98
N GLY D 720 12.43 46.48 -34.03
CA GLY D 720 13.67 46.52 -34.79
C GLY D 720 13.80 45.33 -35.72
N LEU D 721 14.19 45.60 -36.96
CA LEU D 721 14.42 44.54 -37.95
C LEU D 721 15.70 44.87 -38.70
N PHE D 722 16.52 43.86 -38.93
CA PHE D 722 17.84 44.08 -39.53
C PHE D 722 18.40 42.75 -40.01
N HIS D 723 18.73 42.68 -41.30
CA HIS D 723 19.40 41.51 -41.85
C HIS D 723 20.90 41.64 -41.58
N LEU D 724 21.42 40.84 -40.66
CA LEU D 724 22.82 40.93 -40.31
C LEU D 724 23.71 40.27 -41.35
N GLY D 725 23.26 39.13 -41.89
CA GLY D 725 24.06 38.35 -42.81
C GLY D 725 24.91 37.29 -42.15
N GLU D 726 24.91 37.21 -40.83
CA GLU D 726 25.69 36.23 -40.08
C GLU D 726 24.77 35.46 -39.16
N PHE D 727 25.23 34.27 -38.77
CA PHE D 727 24.47 33.38 -37.89
C PHE D 727 25.00 33.58 -36.47
N VAL D 728 24.24 34.29 -35.65
CA VAL D 728 24.65 34.58 -34.28
C VAL D 728 24.38 33.36 -33.41
N ASN D 729 25.40 32.92 -32.68
CA ASN D 729 25.28 31.78 -31.78
C ASN D 729 25.23 32.18 -30.32
N VAL D 730 25.92 33.24 -29.92
CA VAL D 730 26.02 33.62 -28.51
C VAL D 730 26.02 35.14 -28.41
N PHE D 731 25.12 35.67 -27.60
CA PHE D 731 25.14 37.06 -27.20
C PHE D 731 25.81 37.19 -25.84
N CYS D 732 26.57 38.25 -25.65
CA CYS D 732 27.32 38.44 -24.41
C CYS D 732 27.45 39.93 -24.11
N HIS D 733 27.02 40.31 -22.91
CA HIS D 733 27.17 41.69 -22.45
C HIS D 733 28.62 41.95 -22.05
N GLY D 734 29.12 43.13 -22.42
CA GLY D 734 30.48 43.49 -22.10
C GLY D 734 31.14 44.24 -23.23
N SER D 735 32.38 44.67 -23.04
CA SER D 735 33.10 45.40 -24.07
C SER D 735 34.60 45.18 -23.90
N LEU D 736 35.29 45.04 -25.02
CA LEU D 736 36.73 44.83 -25.07
C LEU D 736 37.53 46.12 -25.13
N VAL D 737 36.89 47.28 -25.07
CA VAL D 737 37.64 48.53 -25.19
C VAL D 737 38.32 48.84 -23.87
N MET D 738 39.46 49.53 -23.97
CA MET D 738 40.21 49.94 -22.79
C MET D 738 39.47 51.08 -22.10
N GLN D 739 39.14 50.90 -20.82
CA GLN D 739 38.42 51.92 -20.07
C GLN D 739 39.38 52.51 -19.04
N ASN D 740 39.76 53.76 -19.27
CA ASN D 740 40.66 54.44 -18.35
C ASN D 740 39.87 55.51 -17.60
N LEU D 741 38.76 55.11 -16.97
CA LEU D 741 37.85 55.94 -16.19
C LEU D 741 36.88 56.73 -17.06
N GLY D 742 37.06 56.78 -18.39
CA GLY D 742 36.11 57.45 -19.26
C GLY D 742 34.71 56.88 -19.12
N GLU D 743 33.74 57.78 -18.93
CA GLU D 743 32.37 57.39 -18.58
C GLU D 743 31.39 58.40 -19.16
N THR D 744 30.38 57.91 -19.88
CA THR D 744 29.29 58.69 -20.46
C THR D 744 29.72 59.52 -21.66
N SER D 745 31.02 59.55 -21.95
CA SER D 745 31.51 60.30 -23.09
C SER D 745 31.06 59.72 -24.43
N THR D 746 30.42 58.55 -24.43
CA THR D 746 29.97 57.99 -25.70
C THR D 746 28.53 58.37 -26.00
N PRO D 747 28.23 58.65 -27.27
CA PRO D 747 26.83 58.90 -27.68
C PRO D 747 25.96 57.66 -27.58
N THR D 748 26.57 56.48 -27.58
CA THR D 748 25.89 55.20 -27.53
C THR D 748 25.82 54.70 -26.09
N GLN D 749 24.76 53.96 -25.79
CA GLN D 749 24.51 53.43 -24.46
C GLN D 749 24.35 51.92 -24.53
N GLY D 750 25.14 51.20 -23.75
CA GLY D 750 25.14 49.76 -23.73
C GLY D 750 26.16 49.15 -24.69
N SER D 751 26.43 47.87 -24.47
CA SER D 751 27.41 47.14 -25.29
C SER D 751 27.07 45.66 -25.23
N VAL D 752 26.76 45.07 -26.39
CA VAL D 752 26.44 43.65 -26.50
C VAL D 752 27.31 43.05 -27.60
N LEU D 753 28.14 42.09 -27.23
CA LEU D 753 28.99 41.39 -28.18
C LEU D 753 28.35 40.07 -28.59
N PHE D 754 28.59 39.67 -29.83
CA PHE D 754 28.08 38.40 -30.34
C PHE D 754 29.11 37.78 -31.28
N GLY D 755 29.18 36.45 -31.25
CA GLY D 755 30.03 35.69 -32.15
C GLY D 755 29.18 34.90 -33.13
N THR D 756 29.70 34.71 -34.34
CA THR D 756 28.96 34.08 -35.42
C THR D 756 29.70 32.85 -35.93
N VAL D 757 29.08 32.16 -36.89
CA VAL D 757 29.65 30.93 -37.42
C VAL D 757 30.89 31.22 -38.25
N ASN D 758 30.86 32.30 -39.02
CA ASN D 758 31.97 32.65 -39.90
C ASN D 758 33.10 33.38 -39.17
N GLY D 759 33.11 33.34 -37.84
CA GLY D 759 34.14 34.01 -37.08
C GLY D 759 33.90 35.48 -36.83
N MET D 760 32.86 36.06 -37.43
CA MET D 760 32.59 37.48 -37.26
C MET D 760 32.12 37.77 -35.84
N ILE D 761 32.67 38.83 -35.24
CA ILE D 761 32.27 39.29 -33.92
C ILE D 761 31.78 40.73 -34.07
N GLY D 762 30.59 41.00 -33.56
CA GLY D 762 29.99 42.32 -33.68
C GLY D 762 29.57 42.88 -32.34
N LEU D 763 29.03 44.09 -32.39
CA LEU D 763 28.61 44.82 -31.19
C LEU D 763 27.29 45.51 -31.48
N VAL D 764 26.33 45.37 -30.57
CA VAL D 764 25.03 46.02 -30.65
C VAL D 764 24.91 47.02 -29.51
N THR D 765 24.38 48.20 -29.81
CA THR D 765 24.19 49.24 -28.80
C THR D 765 22.97 50.07 -29.17
N SER D 766 22.37 50.68 -28.16
CA SER D 766 21.17 51.48 -28.33
C SER D 766 21.53 52.96 -28.52
N LEU D 767 20.60 53.68 -29.16
CA LEU D 767 20.78 55.10 -29.43
C LEU D 767 19.58 55.88 -28.90
N SER D 768 19.79 57.18 -28.74
CA SER D 768 18.67 58.09 -28.50
C SER D 768 17.98 58.41 -29.82
N GLU D 769 16.75 58.92 -29.72
CA GLU D 769 16.02 59.27 -30.93
C GLU D 769 16.73 60.38 -31.70
N SER D 770 17.41 61.28 -30.99
CA SER D 770 18.17 62.34 -31.66
C SER D 770 19.34 61.78 -32.46
N TRP D 771 20.08 60.85 -31.86
CA TRP D 771 21.24 60.28 -32.56
C TRP D 771 20.81 59.31 -33.65
N TYR D 772 19.71 58.58 -33.45
CA TYR D 772 19.23 57.63 -34.45
C TYR D 772 18.86 58.34 -35.74
N ASN D 773 18.04 59.39 -35.66
CA ASN D 773 17.64 60.12 -36.85
C ASN D 773 18.82 60.79 -37.54
N LEU D 774 19.84 61.18 -36.77
CA LEU D 774 21.03 61.78 -37.36
C LEU D 774 21.78 60.76 -38.22
N LEU D 775 22.05 59.59 -37.66
CA LEU D 775 22.77 58.56 -38.40
C LEU D 775 21.91 57.95 -39.50
N LEU D 776 20.62 57.79 -39.25
CA LEU D 776 19.73 57.23 -40.27
C LEU D 776 19.61 58.14 -41.48
N ASP D 777 19.46 59.45 -41.26
CA ASP D 777 19.42 60.39 -42.37
C ASP D 777 20.76 60.42 -43.10
N MET D 778 21.85 60.17 -42.37
CA MET D 778 23.17 60.14 -42.99
C MET D 778 23.36 58.90 -43.87
N GLN D 779 22.81 57.76 -43.43
CA GLN D 779 22.90 56.53 -44.23
C GLN D 779 22.27 56.72 -45.60
N ASN D 780 21.07 57.32 -45.65
CA ASN D 780 20.42 57.57 -46.92
C ASN D 780 21.25 58.48 -47.81
N ARG D 781 22.01 59.41 -47.22
CA ARG D 781 22.89 60.27 -48.00
C ARG D 781 24.13 59.52 -48.45
N LEU D 782 24.66 58.61 -47.62
CA LEU D 782 25.83 57.84 -48.00
C LEU D 782 25.50 56.79 -49.05
N ASN D 783 24.29 56.22 -49.02
CA ASN D 783 23.92 55.22 -50.01
C ASN D 783 23.82 55.82 -51.40
N LYS D 784 23.27 57.03 -51.50
CA LYS D 784 23.22 57.71 -52.80
C LYS D 784 24.61 58.13 -53.27
N VAL D 785 25.57 58.23 -52.37
CA VAL D 785 26.93 58.68 -52.69
C VAL D 785 27.86 57.51 -52.92
N ILE D 786 27.86 56.54 -51.99
CA ILE D 786 28.81 55.44 -52.07
C ILE D 786 28.39 54.47 -53.17
N LYS D 787 29.33 54.09 -54.02
CA LYS D 787 29.10 53.12 -55.08
C LYS D 787 29.32 51.71 -54.55
N SER D 788 28.31 50.86 -54.72
CA SER D 788 28.36 49.50 -54.20
C SER D 788 28.87 48.53 -55.25
N VAL D 789 29.55 47.49 -54.78
CA VAL D 789 30.08 46.47 -55.67
C VAL D 789 28.91 45.68 -56.26
N GLY D 790 28.86 45.62 -57.59
CA GLY D 790 27.76 44.95 -58.24
C GLY D 790 26.48 45.75 -58.34
N LYS D 791 26.51 47.03 -57.97
CA LYS D 791 25.35 47.90 -57.97
C LYS D 791 24.22 47.31 -57.13
N ILE D 792 24.58 46.86 -55.93
CA ILE D 792 23.62 46.27 -54.99
C ILE D 792 23.09 47.37 -54.09
N GLU D 793 21.77 47.48 -54.01
CA GLU D 793 21.14 48.45 -53.13
C GLU D 793 21.40 48.08 -51.67
N HIS D 794 21.85 49.05 -50.89
CA HIS D 794 22.13 48.80 -49.48
C HIS D 794 20.85 48.51 -48.70
N SER D 795 19.76 49.23 -49.01
CA SER D 795 18.50 49.00 -48.33
C SER D 795 17.94 47.60 -48.61
N PHE D 796 18.18 47.08 -49.82
CA PHE D 796 17.77 45.72 -50.11
C PHE D 796 18.61 44.69 -49.36
N TRP D 797 19.89 45.01 -49.15
CA TRP D 797 20.79 44.08 -48.47
C TRP D 797 20.43 43.93 -47.00
N ARG D 798 20.18 45.05 -46.31
CA ARG D 798 19.88 45.02 -44.90
C ARG D 798 18.41 44.72 -44.61
N SER D 799 17.61 44.41 -45.64
CA SER D 799 16.21 44.12 -45.44
C SER D 799 16.03 42.74 -44.81
N PHE D 800 15.18 42.67 -43.77
CA PHE D 800 14.80 41.39 -43.17
C PHE D 800 14.34 40.43 -44.25
N HIS D 801 14.91 39.24 -44.27
CA HIS D 801 14.70 38.31 -45.38
C HIS D 801 14.65 36.88 -44.88
N THR D 802 13.49 36.25 -45.03
CA THR D 802 13.30 34.81 -44.97
C THR D 802 12.82 34.32 -46.33
N GLU D 803 12.67 33.00 -46.47
CA GLU D 803 12.11 32.45 -47.69
C GLU D 803 10.68 32.91 -47.93
N ARG D 804 9.99 33.31 -46.86
CA ARG D 804 8.58 33.70 -46.92
C ARG D 804 8.34 35.20 -46.78
N LYS D 805 9.20 35.91 -46.06
CA LYS D 805 8.98 37.33 -45.80
C LYS D 805 10.20 38.14 -46.21
N THR D 806 9.93 39.35 -46.70
CA THR D 806 10.96 40.33 -47.00
C THR D 806 10.48 41.67 -46.46
N GLU D 807 11.15 42.18 -45.43
CA GLU D 807 10.75 43.42 -44.79
C GLU D 807 11.92 44.38 -44.77
N PRO D 808 11.65 45.69 -44.87
CA PRO D 808 12.73 46.67 -44.81
C PRO D 808 13.30 46.79 -43.40
N ALA D 809 14.57 47.20 -43.34
CA ALA D 809 15.23 47.33 -42.05
C ALA D 809 14.67 48.52 -41.28
N THR D 810 14.52 48.34 -39.96
CA THR D 810 14.00 49.40 -39.10
C THR D 810 14.63 49.30 -37.73
N GLY D 811 14.77 50.45 -37.07
CA GLY D 811 15.29 50.51 -35.71
C GLY D 811 16.76 50.19 -35.57
N PHE D 812 17.48 50.00 -36.67
CA PHE D 812 18.90 49.66 -36.64
C PHE D 812 19.68 50.61 -37.53
N ILE D 813 20.86 51.00 -37.07
CA ILE D 813 21.78 51.84 -37.84
C ILE D 813 22.96 50.96 -38.25
N ASP D 814 23.11 50.73 -39.55
CA ASP D 814 24.24 49.97 -40.06
C ASP D 814 25.52 50.75 -39.77
N GLY D 815 26.18 50.43 -38.66
CA GLY D 815 27.37 51.17 -38.28
C GLY D 815 28.51 51.01 -39.26
N ASP D 816 28.55 49.89 -39.98
CA ASP D 816 29.57 49.70 -41.01
C ASP D 816 29.40 50.69 -42.16
N LEU D 817 28.17 51.16 -42.39
CA LEU D 817 27.95 52.17 -43.42
C LEU D 817 28.24 53.57 -42.89
N ILE D 818 27.91 53.83 -41.62
CA ILE D 818 28.20 55.14 -41.05
C ILE D 818 29.70 55.35 -40.89
N GLU D 819 30.40 54.32 -40.42
CA GLU D 819 31.85 54.43 -40.23
C GLU D 819 32.61 54.50 -41.54
N SER D 820 31.97 54.21 -42.68
CA SER D 820 32.59 54.38 -43.98
C SER D 820 32.63 55.83 -44.43
N PHE D 821 32.03 56.75 -43.67
CA PHE D 821 32.09 58.17 -44.02
C PHE D 821 33.51 58.72 -43.90
N LEU D 822 34.33 58.13 -43.03
CA LEU D 822 35.70 58.57 -42.84
C LEU D 822 36.65 58.07 -43.93
N ASP D 823 36.12 57.39 -44.95
CA ASP D 823 36.95 56.84 -46.01
C ASP D 823 36.61 57.37 -47.41
N ILE D 824 35.45 57.97 -47.60
CA ILE D 824 35.11 58.54 -48.90
C ILE D 824 35.87 59.84 -49.11
N SER D 825 36.03 60.21 -50.38
CA SER D 825 36.79 61.42 -50.70
C SER D 825 36.10 62.68 -50.19
N ARG D 826 36.88 63.76 -50.12
CA ARG D 826 36.34 65.02 -49.61
C ARG D 826 35.15 65.54 -50.41
N PRO D 827 35.15 65.52 -51.75
CA PRO D 827 33.94 65.95 -52.47
C PRO D 827 32.71 65.14 -52.10
N LYS D 828 32.87 63.85 -51.80
CA LYS D 828 31.73 63.04 -51.39
C LYS D 828 31.31 63.35 -49.96
N MET D 829 32.26 63.74 -49.10
CA MET D 829 31.92 64.09 -47.72
C MET D 829 31.01 65.32 -47.69
N GLN D 830 31.40 66.39 -48.39
CA GLN D 830 30.60 67.60 -48.39
C GLN D 830 29.25 67.38 -49.06
N GLU D 831 29.19 66.48 -50.05
CA GLU D 831 27.93 66.15 -50.69
C GLU D 831 26.97 65.47 -49.73
N VAL D 832 27.49 64.72 -48.75
CA VAL D 832 26.64 64.07 -47.76
C VAL D 832 26.16 65.09 -46.73
N VAL D 833 27.03 66.01 -46.32
CA VAL D 833 26.69 66.97 -45.28
C VAL D 833 25.97 68.20 -45.81
N ALA D 834 25.83 68.34 -47.13
CA ALA D 834 25.14 69.49 -47.68
C ALA D 834 23.66 69.44 -47.33
N ASN D 835 23.12 70.56 -46.89
CA ASN D 835 21.72 70.71 -46.50
C ASN D 835 21.30 69.82 -45.35
N LEU D 836 22.24 69.10 -44.72
CA LEU D 836 21.89 68.20 -43.63
C LEU D 836 21.64 69.01 -42.36
N GLN D 837 20.40 69.02 -41.92
CA GLN D 837 19.97 69.72 -40.71
C GLN D 837 19.54 68.69 -39.67
N TYR D 838 20.06 68.81 -38.45
CA TYR D 838 19.69 67.87 -37.39
C TYR D 838 18.66 68.54 -36.48
N ASP D 839 17.56 67.84 -36.23
CA ASP D 839 16.40 68.35 -35.50
C ASP D 839 16.25 67.61 -34.17
N ASP D 840 17.37 67.41 -33.46
CA ASP D 840 17.43 66.58 -32.26
C ASP D 840 16.36 66.91 -31.22
N GLY D 841 15.76 68.09 -31.28
CA GLY D 841 14.76 68.48 -30.30
C GLY D 841 15.36 69.39 -29.24
N SER D 842 14.47 69.99 -28.45
CA SER D 842 14.86 71.03 -27.50
C SER D 842 15.67 72.11 -28.20
N GLY D 843 15.33 72.35 -29.46
CA GLY D 843 15.98 73.34 -30.28
C GLY D 843 15.49 73.20 -31.71
N MET D 844 16.14 73.95 -32.61
CA MET D 844 15.71 74.00 -34.00
C MET D 844 16.79 73.43 -34.92
N LYS D 845 16.33 72.70 -35.95
CA LYS D 845 17.11 72.07 -37.01
C LYS D 845 18.41 72.78 -37.41
N ARG D 846 19.48 72.61 -36.63
CA ARG D 846 20.76 73.23 -36.96
C ARG D 846 21.42 72.49 -38.12
N GLU D 847 22.03 73.24 -39.03
CA GLU D 847 22.71 72.66 -40.19
C GLU D 847 24.05 72.03 -39.81
N ALA D 848 24.35 70.88 -40.39
CA ALA D 848 25.56 70.11 -40.08
C ALA D 848 26.74 70.54 -40.96
N THR D 849 27.92 70.65 -40.34
CA THR D 849 29.16 70.85 -41.07
C THR D 849 29.80 69.50 -41.44
N ALA D 850 30.67 69.54 -42.45
CA ALA D 850 31.35 68.32 -42.87
C ALA D 850 32.37 67.85 -41.84
N ASP D 851 33.10 68.78 -41.21
CA ASP D 851 34.09 68.39 -40.21
C ASP D 851 33.44 67.97 -38.90
N ASP D 852 32.27 68.53 -38.59
CA ASP D 852 31.56 68.13 -37.39
C ASP D 852 31.11 66.67 -37.45
N LEU D 853 30.78 66.19 -38.65
CA LEU D 853 30.38 64.79 -38.80
C LEU D 853 31.58 63.85 -38.78
N ILE D 854 32.75 64.31 -39.23
CA ILE D 854 33.94 63.47 -39.19
C ILE D 854 34.36 63.19 -37.75
N LYS D 855 34.23 64.18 -36.87
CA LYS D 855 34.56 63.98 -35.46
C LYS D 855 33.59 63.03 -34.78
N VAL D 856 32.31 63.10 -35.15
CA VAL D 856 31.30 62.25 -34.51
C VAL D 856 31.57 60.79 -34.81
N VAL D 857 31.87 60.47 -36.07
CA VAL D 857 32.14 59.08 -36.44
C VAL D 857 33.41 58.59 -35.74
N GLU D 858 34.41 59.47 -35.60
CA GLU D 858 35.63 59.10 -34.89
C GLU D 858 35.34 58.74 -33.44
N GLU D 859 34.31 59.36 -32.85
CA GLU D 859 33.87 58.96 -31.52
C GLU D 859 33.12 57.63 -31.57
N LEU D 860 32.39 57.36 -32.65
CA LEU D 860 31.70 56.08 -32.80
C LEU D 860 32.66 54.94 -33.08
N THR D 861 33.83 55.23 -33.66
CA THR D 861 34.84 54.20 -33.89
C THR D 861 35.56 53.78 -32.62
N ARG D 862 35.34 54.49 -31.52
CA ARG D 862 36.00 54.17 -30.26
C ARG D 862 35.24 53.16 -29.42
N ILE D 863 34.01 52.81 -29.82
CA ILE D 863 33.24 51.80 -29.10
C ILE D 863 33.71 50.38 -29.43
N HIS D 864 34.58 50.23 -30.41
CA HIS D 864 35.10 48.92 -30.78
C HIS D 864 36.61 48.99 -31.03
N GLY E 1 -27.60 13.53 -22.00
CA GLY E 1 -27.08 14.38 -23.05
C GLY E 1 -27.36 15.86 -22.81
N GLN E 2 -27.75 16.19 -21.58
CA GLN E 2 -28.03 17.56 -21.20
C GLN E 2 -27.02 18.14 -20.23
N THR E 3 -26.20 17.32 -19.57
CA THR E 3 -25.13 17.83 -18.73
C THR E 3 -24.18 18.69 -19.53
N GLU E 4 -23.77 18.22 -20.71
CA GLU E 4 -22.87 19.00 -21.56
C GLU E 4 -23.62 20.08 -22.33
N SER E 5 -24.95 20.06 -22.30
CA SER E 5 -25.76 21.04 -23.02
C SER E 5 -25.95 22.30 -22.20
N ASP E 6 -25.91 22.19 -20.87
CA ASP E 6 -26.11 23.35 -20.03
C ASP E 6 -24.89 24.25 -20.18
N TRP E 7 -25.10 25.41 -20.82
CA TRP E 7 -24.05 26.36 -21.15
C TRP E 7 -24.34 27.70 -20.51
N GLY E 8 -23.29 28.52 -20.42
CA GLY E 8 -23.36 29.87 -19.89
C GLY E 8 -23.46 29.93 -18.40
N LYS E 9 -23.76 28.80 -17.77
CA LYS E 9 -23.88 28.75 -16.33
C LYS E 9 -22.54 28.50 -15.64
N ARG E 10 -21.56 27.97 -16.36
CA ARG E 10 -20.25 27.71 -15.78
C ARG E 10 -19.39 28.97 -15.83
N CYS E 11 -18.53 29.11 -14.82
CA CYS E 11 -17.66 30.28 -14.69
C CYS E 11 -16.27 29.98 -15.25
N VAL E 12 -15.54 31.06 -15.54
CA VAL E 12 -14.16 30.94 -16.00
C VAL E 12 -13.20 30.58 -14.89
N ASP E 13 -13.68 30.54 -13.64
CA ASP E 13 -12.84 30.14 -12.53
C ASP E 13 -12.31 28.72 -12.68
N LYS E 14 -13.07 27.87 -13.38
CA LYS E 14 -12.64 26.49 -13.58
C LYS E 14 -11.48 26.36 -14.56
N PHE E 15 -11.13 27.43 -15.26
CA PHE E 15 -10.00 27.43 -16.19
C PHE E 15 -8.93 28.38 -15.69
N ASP E 16 -7.69 27.89 -15.62
CA ASP E 16 -6.53 28.70 -15.29
C ASP E 16 -5.85 29.13 -16.58
N ILE E 17 -5.69 30.43 -16.76
CA ILE E 17 -5.21 30.98 -18.02
C ILE E 17 -3.68 30.89 -18.09
N ILE E 18 -3.19 30.12 -19.06
CA ILE E 18 -1.74 30.02 -19.26
C ILE E 18 -1.20 31.30 -19.89
N GLY E 19 -1.83 31.74 -20.97
CA GLY E 19 -1.41 32.95 -21.64
C GLY E 19 -2.09 33.08 -22.99
N ILE E 20 -1.72 34.13 -23.69
CA ILE E 20 -2.28 34.43 -25.01
C ILE E 20 -1.42 33.75 -26.07
N ILE E 21 -2.08 33.15 -27.05
CA ILE E 21 -1.37 32.39 -28.09
C ILE E 21 -1.37 33.08 -29.45
N GLY E 22 -2.29 34.00 -29.72
CA GLY E 22 -2.32 34.64 -31.01
C GLY E 22 -3.56 35.49 -31.17
N GLU E 23 -3.64 36.12 -32.35
CA GLU E 23 -4.76 36.99 -32.70
C GLU E 23 -5.69 36.26 -33.67
N GLY E 24 -6.96 36.19 -33.32
CA GLY E 24 -7.96 35.50 -34.11
C GLY E 24 -8.68 36.41 -35.07
N THR E 25 -9.91 36.03 -35.43
CA THR E 25 -10.69 36.84 -36.36
C THR E 25 -11.02 38.20 -35.74
N TYR E 26 -11.84 38.21 -34.69
CA TYR E 26 -12.20 39.47 -34.04
C TYR E 26 -11.46 39.71 -32.74
N GLY E 27 -11.04 38.67 -32.01
CA GLY E 27 -10.29 38.86 -30.78
C GLY E 27 -9.14 37.88 -30.67
N GLN E 28 -8.29 38.13 -29.68
CA GLN E 28 -7.11 37.31 -29.46
C GLN E 28 -7.44 36.01 -28.73
N VAL E 29 -6.72 34.95 -29.08
CA VAL E 29 -6.96 33.62 -28.56
C VAL E 29 -6.01 33.39 -27.39
N TYR E 30 -6.55 32.89 -26.28
CA TYR E 30 -5.76 32.60 -25.10
C TYR E 30 -5.85 31.11 -24.79
N LYS E 31 -4.89 30.63 -23.99
CA LYS E 31 -4.75 29.22 -23.66
C LYS E 31 -5.01 29.00 -22.18
N ALA E 32 -5.69 27.90 -21.86
CA ALA E 32 -6.05 27.62 -20.48
C ALA E 32 -6.19 26.12 -20.28
N LYS E 33 -6.23 25.71 -19.02
CA LYS E 33 -6.43 24.32 -18.63
C LYS E 33 -7.53 24.25 -17.58
N ASP E 34 -8.46 23.32 -17.77
CA ASP E 34 -9.55 23.12 -16.82
C ASP E 34 -8.99 22.53 -15.52
N LYS E 35 -9.43 23.09 -14.39
CA LYS E 35 -9.00 22.57 -13.09
C LYS E 35 -9.52 21.16 -12.87
N ASP E 36 -10.77 20.90 -13.26
CA ASP E 36 -11.40 19.61 -12.98
C ASP E 36 -10.84 18.52 -13.88
N THR E 37 -10.77 18.78 -15.18
CA THR E 37 -10.36 17.76 -16.14
C THR E 37 -8.87 17.77 -16.44
N GLY E 38 -8.21 18.92 -16.27
CA GLY E 38 -6.80 19.01 -16.61
C GLY E 38 -6.52 19.11 -18.10
N GLU E 39 -7.53 19.36 -18.91
CA GLU E 39 -7.40 19.41 -20.36
C GLU E 39 -7.04 20.81 -20.82
N LEU E 40 -6.16 20.88 -21.82
CA LEU E 40 -5.83 22.15 -22.45
C LEU E 40 -6.93 22.52 -23.43
N VAL E 41 -7.42 23.76 -23.31
CA VAL E 41 -8.51 24.26 -24.13
C VAL E 41 -8.08 25.58 -24.74
N ALA E 42 -8.72 25.93 -25.85
CA ALA E 42 -8.50 27.20 -26.51
C ALA E 42 -9.65 28.13 -26.13
N LEU E 43 -9.32 29.30 -25.62
CA LEU E 43 -10.31 30.25 -25.15
C LEU E 43 -10.24 31.50 -26.02
N LYS E 44 -11.38 32.18 -26.15
CA LYS E 44 -11.53 33.36 -26.98
C LYS E 44 -12.97 33.80 -27.12
N LYS E 45 -13.25 35.10 -26.94
CA LYS E 45 -14.60 35.58 -27.18
C LYS E 45 -14.63 37.09 -27.39
N VAL E 46 -15.42 37.80 -26.59
CA VAL E 46 -15.62 39.23 -26.79
C VAL E 46 -16.07 39.85 -25.46
N ARG E 47 -16.67 41.04 -25.51
CA ARG E 47 -17.15 41.73 -24.34
C ARG E 47 -18.58 42.20 -24.58
N LEU E 48 -19.37 42.22 -23.51
CA LEU E 48 -20.74 42.70 -23.57
C LEU E 48 -20.88 44.13 -23.12
N ASP E 49 -19.76 44.85 -22.98
CA ASP E 49 -19.79 46.21 -22.44
C ASP E 49 -20.34 47.23 -23.42
N ASN E 50 -20.10 47.07 -24.73
CA ASN E 50 -20.67 47.99 -25.72
C ASN E 50 -22.15 47.73 -25.84
N GLU E 51 -22.95 48.58 -25.18
CA GLU E 51 -24.40 48.51 -25.18
C GLU E 51 -25.05 49.05 -26.45
N LYS E 52 -24.28 49.32 -27.51
CA LYS E 52 -24.89 49.77 -28.75
C LYS E 52 -25.76 48.67 -29.35
N GLU E 53 -25.32 47.43 -29.29
CA GLU E 53 -26.13 46.30 -29.72
C GLU E 53 -26.02 45.12 -28.76
N GLY E 54 -25.47 45.32 -27.57
CA GLY E 54 -25.39 44.27 -26.58
C GLY E 54 -24.48 43.15 -26.98
N PHE E 55 -25.01 41.94 -27.05
CA PHE E 55 -24.21 40.79 -27.47
C PHE E 55 -23.85 40.95 -28.94
N PRO E 56 -22.58 40.78 -29.30
CA PRO E 56 -22.18 40.99 -30.70
C PRO E 56 -22.85 40.01 -31.65
N ILE E 57 -23.28 40.53 -32.79
CA ILE E 57 -23.95 39.70 -33.78
C ILE E 57 -22.95 38.83 -34.54
N THR E 58 -21.73 39.33 -34.75
CA THR E 58 -20.70 38.50 -35.37
C THR E 58 -20.30 37.34 -34.48
N ALA E 59 -20.37 37.50 -33.16
CA ALA E 59 -20.14 36.39 -32.25
C ALA E 59 -21.33 35.43 -32.25
N ILE E 60 -22.56 35.96 -32.32
CA ILE E 60 -23.74 35.10 -32.41
C ILE E 60 -23.68 34.25 -33.66
N ARG E 61 -23.15 34.79 -34.75
CA ARG E 61 -23.00 33.99 -35.97
C ARG E 61 -22.02 32.83 -35.75
N GLU E 62 -20.88 33.09 -35.10
CA GLU E 62 -19.92 32.02 -34.88
C GLU E 62 -20.45 30.95 -33.94
N ILE E 63 -21.32 31.33 -33.01
CA ILE E 63 -21.92 30.34 -32.11
C ILE E 63 -22.97 29.50 -32.85
N LYS E 64 -23.77 30.15 -33.70
CA LYS E 64 -24.82 29.43 -34.41
C LYS E 64 -24.23 28.49 -35.46
N ILE E 65 -23.20 28.95 -36.20
CA ILE E 65 -22.64 28.15 -37.28
C ILE E 65 -21.86 26.96 -36.71
N LEU E 66 -21.11 27.18 -35.62
CA LEU E 66 -20.24 26.14 -35.09
C LEU E 66 -21.00 25.06 -34.33
N ARG E 67 -22.11 25.40 -33.68
CA ARG E 67 -22.87 24.39 -32.95
C ARG E 67 -23.61 23.44 -33.88
N GLN E 68 -23.84 23.82 -35.13
CA GLN E 68 -24.45 22.94 -36.12
C GLN E 68 -23.45 22.02 -36.80
N LEU E 69 -22.19 22.46 -36.91
CA LEU E 69 -21.17 21.72 -37.61
C LEU E 69 -20.45 20.77 -36.65
N ILE E 70 -20.38 19.49 -37.04
CA ILE E 70 -19.65 18.48 -36.28
C ILE E 70 -18.93 17.61 -37.30
N HIS E 71 -17.60 17.62 -37.25
CA HIS E 71 -16.80 16.86 -38.21
C HIS E 71 -15.42 16.62 -37.61
N ARG E 72 -14.77 15.57 -38.09
CA ARG E 72 -13.43 15.23 -37.62
C ARG E 72 -12.38 16.27 -38.01
N SER E 73 -12.69 17.11 -39.00
CA SER E 73 -11.73 18.10 -39.50
C SER E 73 -12.15 19.53 -39.14
N VAL E 74 -13.00 19.68 -38.14
CA VAL E 74 -13.49 20.99 -37.70
C VAL E 74 -13.30 21.11 -36.20
N VAL E 75 -12.72 22.23 -35.76
CA VAL E 75 -12.58 22.49 -34.33
C VAL E 75 -13.96 22.53 -33.69
N ASN E 76 -14.14 21.71 -32.66
CA ASN E 76 -15.42 21.62 -31.98
C ASN E 76 -15.42 22.57 -30.79
N MET E 77 -16.40 23.47 -30.75
CA MET E 77 -16.58 24.35 -29.60
C MET E 77 -17.04 23.52 -28.41
N LYS E 78 -16.22 23.49 -27.35
CA LYS E 78 -16.55 22.64 -26.21
C LYS E 78 -17.72 23.20 -25.41
N GLU E 79 -17.58 24.43 -24.91
CA GLU E 79 -18.63 25.02 -24.09
C GLU E 79 -18.48 26.55 -24.11
N ILE E 80 -19.30 27.23 -23.32
CA ILE E 80 -19.25 28.68 -23.17
C ILE E 80 -19.32 29.01 -21.68
N VAL E 81 -18.36 29.78 -21.19
CA VAL E 81 -18.27 30.15 -19.79
C VAL E 81 -18.35 31.66 -19.65
N THR E 82 -18.62 32.12 -18.43
CA THR E 82 -18.81 33.53 -18.13
C THR E 82 -17.90 33.94 -16.97
N ASP E 83 -17.82 35.25 -16.75
CA ASP E 83 -17.15 35.80 -15.59
C ASP E 83 -18.02 35.62 -14.35
N LYS E 84 -17.46 35.99 -13.20
CA LYS E 84 -18.22 35.85 -11.96
C LYS E 84 -19.44 36.76 -12.01
N GLN E 85 -20.62 36.17 -11.94
CA GLN E 85 -21.87 36.91 -11.94
C GLN E 85 -22.40 37.10 -10.53
N ASP E 86 -22.95 38.28 -10.25
CA ASP E 86 -23.42 38.60 -8.92
C ASP E 86 -24.83 38.06 -8.74
N ALA E 87 -25.08 37.46 -7.57
CA ALA E 87 -26.42 36.95 -7.29
C ALA E 87 -27.38 38.11 -7.07
N LEU E 88 -28.63 37.93 -7.53
CA LEU E 88 -29.72 38.88 -7.38
C LEU E 88 -29.43 40.25 -8.01
N ASP E 89 -28.16 40.53 -8.32
CA ASP E 89 -27.72 41.79 -8.92
C ASP E 89 -27.46 41.63 -10.41
N PHE E 90 -28.28 40.85 -11.13
CA PHE E 90 -28.05 40.65 -12.55
C PHE E 90 -28.19 41.91 -13.39
N LYS E 91 -28.70 43.01 -12.83
CA LYS E 91 -28.82 44.24 -13.61
C LYS E 91 -27.51 45.00 -13.68
N LYS E 92 -26.71 44.98 -12.62
CA LYS E 92 -25.41 45.62 -12.59
C LYS E 92 -24.31 44.74 -13.18
N ASP E 93 -24.66 43.55 -13.62
CA ASP E 93 -23.67 42.56 -14.07
C ASP E 93 -23.07 43.00 -15.40
N LYS E 94 -21.80 43.40 -15.36
CA LYS E 94 -21.05 43.78 -16.54
C LYS E 94 -20.07 42.69 -16.99
N GLY E 95 -20.30 41.44 -16.57
CA GLY E 95 -19.37 40.39 -16.89
C GLY E 95 -19.44 39.96 -18.33
N ALA E 96 -18.30 39.51 -18.85
CA ALA E 96 -18.19 39.04 -20.22
C ALA E 96 -18.32 37.51 -20.27
N PHE E 97 -18.44 37.01 -21.49
CA PHE E 97 -18.49 35.57 -21.75
C PHE E 97 -17.24 35.12 -22.50
N TYR E 98 -16.98 33.82 -22.45
CA TYR E 98 -15.83 33.21 -23.11
C TYR E 98 -16.25 31.97 -23.87
N LEU E 99 -15.78 31.83 -25.12
CA LEU E 99 -16.00 30.63 -25.91
C LEU E 99 -14.86 29.64 -25.67
N VAL E 100 -15.21 28.39 -25.39
CA VAL E 100 -14.25 27.35 -25.09
C VAL E 100 -14.11 26.45 -26.32
N PHE E 101 -12.94 26.45 -26.92
CA PHE E 101 -12.63 25.58 -28.06
C PHE E 101 -11.69 24.46 -27.63
N GLU E 102 -11.50 23.51 -28.54
CA GLU E 102 -10.51 22.46 -28.35
C GLU E 102 -9.13 22.95 -28.75
N TYR E 103 -8.13 22.62 -27.94
CA TYR E 103 -6.77 23.07 -28.19
C TYR E 103 -6.00 22.05 -29.04
N MET E 104 -5.28 22.56 -30.03
CA MET E 104 -4.48 21.74 -30.92
C MET E 104 -3.00 21.96 -30.64
N ASP E 105 -2.17 21.04 -31.14
CA ASP E 105 -0.76 21.03 -30.79
C ASP E 105 -0.01 22.20 -31.43
N HIS E 106 -0.22 22.41 -32.73
CA HIS E 106 0.51 23.45 -33.45
C HIS E 106 -0.44 24.16 -34.40
N ASP E 107 0.08 25.21 -35.04
CA ASP E 107 -0.65 25.96 -36.05
C ASP E 107 0.18 25.96 -37.32
N LEU E 108 -0.49 25.82 -38.47
CA LEU E 108 0.21 25.70 -39.75
C LEU E 108 1.07 26.92 -40.02
N MET E 109 0.62 28.11 -39.62
CA MET E 109 1.39 29.33 -39.86
C MET E 109 2.74 29.28 -39.16
N GLY E 110 2.73 29.08 -37.84
CA GLY E 110 3.99 29.03 -37.10
C GLY E 110 4.95 27.99 -37.60
N LEU E 111 4.43 26.85 -38.09
CA LEU E 111 5.30 25.79 -38.59
C LEU E 111 6.00 26.21 -39.88
N LEU E 112 5.25 26.82 -40.81
CA LEU E 112 5.84 27.22 -42.08
C LEU E 112 6.66 28.50 -41.95
N GLU E 113 6.17 29.48 -41.18
CA GLU E 113 6.86 30.74 -41.05
C GLU E 113 8.25 30.57 -40.46
N SER E 114 8.41 29.60 -39.54
CA SER E 114 9.73 29.33 -38.99
C SER E 114 10.62 28.59 -39.98
N GLY E 115 10.03 27.79 -40.86
CA GLY E 115 10.79 27.02 -41.82
C GLY E 115 11.34 25.71 -41.31
N LEU E 116 10.85 25.24 -40.16
CA LEU E 116 11.37 24.01 -39.55
C LEU E 116 10.75 22.76 -40.15
N VAL E 117 9.44 22.77 -40.38
CA VAL E 117 8.72 21.58 -40.81
C VAL E 117 8.98 21.34 -42.30
N HIS E 118 8.85 20.06 -42.70
CA HIS E 118 8.95 19.66 -44.10
C HIS E 118 7.74 18.83 -44.48
N PHE E 119 7.17 19.13 -45.65
CA PHE E 119 5.99 18.45 -46.17
C PHE E 119 6.39 17.59 -47.36
N SER E 120 6.23 16.28 -47.23
CA SER E 120 6.39 15.39 -48.36
C SER E 120 5.09 15.36 -49.17
N GLU E 121 5.12 14.66 -50.30
CA GLU E 121 3.92 14.57 -51.13
C GLU E 121 2.81 13.84 -50.38
N ASP E 122 3.16 12.79 -49.63
CA ASP E 122 2.17 12.08 -48.83
C ASP E 122 1.68 12.91 -47.67
N HIS E 123 2.54 13.78 -47.12
CA HIS E 123 2.10 14.67 -46.05
C HIS E 123 1.08 15.67 -46.57
N ILE E 124 1.33 16.23 -47.76
CA ILE E 124 0.41 17.20 -48.34
C ILE E 124 -0.92 16.52 -48.70
N LYS E 125 -0.86 15.26 -49.14
CA LYS E 125 -2.09 14.52 -49.42
C LYS E 125 -2.93 14.35 -48.16
N SER E 126 -2.29 13.99 -47.04
CA SER E 126 -3.01 13.89 -45.78
C SER E 126 -3.54 15.26 -45.35
N PHE E 127 -2.80 16.32 -45.65
CA PHE E 127 -3.25 17.68 -45.31
C PHE E 127 -4.45 18.08 -46.14
N MET E 128 -4.35 17.98 -47.47
CA MET E 128 -5.38 18.53 -48.34
C MET E 128 -6.67 17.73 -48.27
N LYS E 129 -6.59 16.41 -48.12
CA LYS E 129 -7.81 15.60 -48.07
C LYS E 129 -8.65 15.94 -46.85
N GLN E 130 -8.01 16.04 -45.69
CA GLN E 130 -8.73 16.44 -44.48
C GLN E 130 -9.27 17.87 -44.61
N LEU E 131 -8.50 18.74 -45.26
CA LEU E 131 -8.94 20.12 -45.43
C LEU E 131 -10.19 20.19 -46.30
N MET E 132 -10.23 19.41 -47.39
CA MET E 132 -11.37 19.45 -48.29
C MET E 132 -12.56 18.68 -47.76
N GLU E 133 -12.33 17.64 -46.95
CA GLU E 133 -13.45 16.91 -46.37
C GLU E 133 -14.23 17.79 -45.41
N GLY E 134 -13.54 18.56 -44.58
CA GLY E 134 -14.23 19.50 -43.70
C GLY E 134 -14.84 20.64 -44.47
N LEU E 135 -14.13 21.16 -45.48
CA LEU E 135 -14.66 22.26 -46.27
C LEU E 135 -15.89 21.84 -47.07
N GLU E 136 -15.89 20.61 -47.58
CA GLU E 136 -17.07 20.10 -48.28
C GLU E 136 -18.24 19.95 -47.32
N TYR E 137 -17.97 19.51 -46.08
CA TYR E 137 -19.04 19.38 -45.09
C TYR E 137 -19.68 20.73 -44.81
N CYS E 138 -18.86 21.76 -44.55
CA CYS E 138 -19.40 23.07 -44.22
C CYS E 138 -20.01 23.75 -45.45
N HIS E 139 -19.42 23.53 -46.63
CA HIS E 139 -20.02 24.03 -47.85
C HIS E 139 -21.34 23.32 -48.16
N LYS E 140 -21.44 22.04 -47.76
CA LYS E 140 -22.71 21.33 -47.91
C LYS E 140 -23.79 21.93 -47.03
N LYS E 141 -23.41 22.47 -45.87
CA LYS E 141 -24.34 23.16 -44.99
C LYS E 141 -24.54 24.63 -45.37
N ASN E 142 -23.98 25.06 -46.49
CA ASN E 142 -24.14 26.42 -47.02
C ASN E 142 -23.60 27.47 -46.03
N PHE E 143 -22.34 27.27 -45.63
CA PHE E 143 -21.62 28.24 -44.82
C PHE E 143 -20.28 28.55 -45.48
N LEU E 144 -19.81 29.78 -45.34
CA LEU E 144 -18.56 30.21 -45.97
C LEU E 144 -17.60 30.75 -44.93
N HIS E 145 -16.47 30.07 -44.77
CA HIS E 145 -15.38 30.54 -43.91
C HIS E 145 -14.60 31.60 -44.68
N ARG E 146 -15.11 32.79 -44.67
CA ARG E 146 -14.50 33.96 -45.30
C ARG E 146 -13.09 34.30 -44.74
N ASP E 147 -12.37 33.52 -43.90
CA ASP E 147 -11.03 33.88 -43.41
C ASP E 147 -10.13 32.64 -43.35
N ILE E 148 -9.84 32.07 -44.52
CA ILE E 148 -8.94 30.93 -44.62
C ILE E 148 -7.51 31.46 -44.58
N LYS E 149 -6.81 31.22 -43.46
CA LYS E 149 -5.41 31.61 -43.33
C LYS E 149 -4.65 30.51 -42.62
N CYS E 150 -3.32 30.56 -42.76
CA CYS E 150 -2.46 29.56 -42.14
C CYS E 150 -2.58 29.57 -40.62
N SER E 151 -2.93 30.70 -40.02
CA SER E 151 -3.10 30.76 -38.57
C SER E 151 -4.38 30.10 -38.11
N ASN E 152 -5.38 29.96 -38.99
CA ASN E 152 -6.63 29.31 -38.68
C ASN E 152 -6.66 27.84 -39.09
N ILE E 153 -5.53 27.29 -39.52
CA ILE E 153 -5.42 25.88 -39.87
C ILE E 153 -4.59 25.21 -38.77
N LEU E 154 -5.23 24.34 -38.00
CA LEU E 154 -4.61 23.71 -36.85
C LEU E 154 -4.37 22.23 -37.12
N LEU E 155 -3.32 21.70 -36.50
CA LEU E 155 -2.92 20.32 -36.67
C LEU E 155 -2.41 19.76 -35.36
N ASN E 156 -2.74 18.50 -35.09
CA ASN E 156 -2.17 17.78 -33.97
C ASN E 156 -0.98 16.95 -34.44
N ASN E 157 -0.16 16.51 -33.49
CA ASN E 157 1.02 15.74 -33.82
C ASN E 157 0.68 14.38 -34.42
N SER E 158 -0.57 13.93 -34.30
CA SER E 158 -0.98 12.69 -34.94
C SER E 158 -1.05 12.83 -36.45
N GLY E 159 -1.36 14.03 -36.93
CA GLY E 159 -1.58 14.27 -38.35
C GLY E 159 -2.97 14.74 -38.69
N GLN E 160 -3.84 14.97 -37.71
CA GLN E 160 -5.20 15.40 -37.95
C GLN E 160 -5.27 16.91 -38.09
N ILE E 161 -6.04 17.38 -39.07
CA ILE E 161 -6.17 18.79 -39.40
C ILE E 161 -7.56 19.26 -39.01
N LYS E 162 -7.67 20.50 -38.53
CA LYS E 162 -8.95 21.10 -38.18
C LYS E 162 -8.93 22.59 -38.51
N LEU E 163 -10.08 23.10 -38.94
CA LEU E 163 -10.26 24.54 -39.16
C LEU E 163 -10.76 25.21 -37.90
N ALA E 164 -10.40 26.48 -37.73
CA ALA E 164 -10.55 27.12 -36.42
C ALA E 164 -11.59 28.23 -36.41
N ASP E 165 -11.21 29.42 -36.88
CA ASP E 165 -11.96 30.64 -36.60
C ASP E 165 -13.13 30.79 -37.57
N PHE E 166 -14.35 30.79 -37.03
CA PHE E 166 -15.55 30.96 -37.84
C PHE E 166 -16.29 32.26 -37.51
N GLY E 167 -15.62 33.18 -36.83
CA GLY E 167 -16.25 34.46 -36.53
C GLY E 167 -16.56 35.26 -37.77
N LEU E 168 -15.72 35.15 -38.80
CA LEU E 168 -15.95 35.82 -40.07
C LEU E 168 -16.78 34.97 -41.03
N ALA E 169 -17.39 33.89 -40.53
CA ALA E 169 -18.20 33.01 -41.36
C ALA E 169 -19.65 33.46 -41.36
N ARG E 170 -20.28 33.41 -42.53
CA ARG E 170 -21.69 33.72 -42.69
C ARG E 170 -22.35 32.58 -43.46
N LEU E 171 -23.67 32.69 -43.66
CA LEU E 171 -24.43 31.67 -44.38
C LEU E 171 -24.59 32.05 -45.84
N TYR E 172 -24.55 31.04 -46.71
CA TYR E 172 -24.69 31.21 -48.15
C TYR E 172 -26.03 30.67 -48.63
N ASN E 173 -26.62 31.35 -49.60
CA ASN E 173 -27.85 30.89 -50.25
C ASN E 173 -27.76 31.22 -51.73
N SER E 174 -27.92 30.21 -52.58
CA SER E 174 -27.84 30.42 -54.02
C SER E 174 -29.03 31.24 -54.54
N GLU E 175 -30.22 31.01 -53.99
CA GLU E 175 -31.38 31.78 -54.38
C GLU E 175 -31.33 33.24 -53.92
N GLU E 176 -31.28 33.45 -52.61
CA GLU E 176 -31.31 34.80 -52.06
C GLU E 176 -29.89 35.33 -51.96
N SER E 177 -29.61 36.43 -52.65
CA SER E 177 -28.30 37.06 -52.66
C SER E 177 -28.28 38.21 -51.66
N ARG E 178 -27.35 38.15 -50.71
CA ARG E 178 -27.12 39.19 -49.72
C ARG E 178 -25.78 39.84 -50.00
N PRO E 179 -25.71 41.17 -50.11
CA PRO E 179 -24.40 41.80 -50.36
C PRO E 179 -23.49 41.65 -49.16
N TYR E 180 -22.26 41.21 -49.42
CA TYR E 180 -21.29 41.01 -48.37
C TYR E 180 -20.09 41.94 -48.59
N ASN E 182 -16.64 43.20 -49.69
CA ASN E 182 -15.78 42.80 -50.80
C ASN E 182 -14.40 42.37 -50.30
N LYS E 183 -13.85 43.08 -49.31
CA LYS E 183 -12.61 42.68 -48.67
C LYS E 183 -12.93 41.82 -47.46
N VAL E 184 -12.52 40.55 -47.48
CA VAL E 184 -12.87 39.68 -46.37
C VAL E 184 -11.79 38.62 -46.12
N ILE E 185 -11.04 38.26 -47.16
CA ILE E 185 -9.97 37.28 -47.04
C ILE E 185 -8.64 38.01 -47.06
N THR E 186 -7.65 37.47 -46.34
CA THR E 186 -6.30 38.04 -46.36
C THR E 186 -5.82 38.23 -47.79
N LEU E 187 -5.18 39.38 -48.04
CA LEU E 187 -4.85 39.78 -49.41
C LEU E 187 -4.04 38.71 -50.14
N TRP E 188 -3.16 38.01 -49.43
CA TRP E 188 -2.37 36.97 -50.07
C TRP E 188 -3.20 35.75 -50.43
N TYR E 189 -4.36 35.56 -49.79
CA TYR E 189 -5.25 34.43 -50.08
C TYR E 189 -6.60 34.86 -50.62
N ARG E 190 -6.74 36.12 -51.05
CA ARG E 190 -8.05 36.61 -51.50
C ARG E 190 -8.32 36.19 -52.94
N PRO E 191 -9.52 35.70 -53.23
CA PRO E 191 -9.84 35.32 -54.62
C PRO E 191 -9.94 36.55 -55.50
N PRO E 192 -9.77 36.39 -56.81
CA PRO E 192 -9.80 37.57 -57.70
C PRO E 192 -11.16 38.26 -57.77
N GLU E 193 -12.26 37.53 -57.56
CA GLU E 193 -13.58 38.17 -57.64
C GLU E 193 -13.78 39.18 -56.52
N LEU E 194 -13.19 38.94 -55.34
CA LEU E 194 -13.31 39.91 -54.26
C LEU E 194 -12.40 41.12 -54.49
N LEU E 195 -11.28 40.92 -55.17
CA LEU E 195 -10.43 42.05 -55.53
C LEU E 195 -11.17 42.99 -56.48
N LEU E 196 -11.94 42.42 -57.41
CA LEU E 196 -12.67 43.20 -58.39
C LEU E 196 -14.00 43.74 -57.87
N GLY E 197 -14.33 43.52 -56.60
CA GLY E 197 -15.48 44.15 -55.99
C GLY E 197 -16.75 43.33 -55.94
N GLU E 198 -16.66 42.01 -56.01
CA GLU E 198 -17.86 41.17 -55.91
C GLU E 198 -18.40 41.18 -54.49
N GLU E 199 -19.65 41.64 -54.33
CA GLU E 199 -20.29 41.71 -53.03
C GLU E 199 -21.08 40.45 -52.69
N ARG E 200 -21.61 39.77 -53.69
CA ARG E 200 -22.29 38.48 -53.52
C ARG E 200 -21.42 37.40 -54.15
N TYR E 201 -20.59 36.77 -53.34
CA TYR E 201 -19.61 35.81 -53.85
C TYR E 201 -20.05 34.38 -53.51
N THR E 202 -19.42 33.44 -54.22
CA THR E 202 -19.76 32.02 -54.14
C THR E 202 -18.89 31.32 -53.11
N PRO E 203 -19.24 30.09 -52.74
CA PRO E 203 -18.35 29.30 -51.86
C PRO E 203 -16.98 29.02 -52.46
N ALA E 204 -16.76 29.30 -53.75
CA ALA E 204 -15.47 29.10 -54.39
C ALA E 204 -14.40 30.05 -53.86
N ILE E 205 -14.74 30.95 -52.94
CA ILE E 205 -13.75 31.85 -52.36
C ILE E 205 -12.80 31.08 -51.45
N ASP E 206 -13.29 30.05 -50.77
CA ASP E 206 -12.42 29.24 -49.92
C ASP E 206 -11.56 28.29 -50.73
N VAL E 207 -12.05 27.83 -51.89
CA VAL E 207 -11.27 26.95 -52.73
C VAL E 207 -10.03 27.67 -53.26
N TRP E 208 -10.17 28.96 -53.59
CA TRP E 208 -9.03 29.72 -54.08
C TRP E 208 -7.97 29.89 -52.99
N SER E 209 -8.40 30.17 -51.76
CA SER E 209 -7.46 30.35 -50.67
C SER E 209 -6.69 29.06 -50.40
N CYS E 210 -7.39 27.93 -50.36
CA CYS E 210 -6.72 26.64 -50.16
C CYS E 210 -5.84 26.28 -51.35
N GLY E 211 -6.18 26.77 -52.54
CA GLY E 211 -5.30 26.56 -53.68
C GLY E 211 -3.98 27.27 -53.53
N CYS E 212 -4.00 28.50 -53.00
CA CYS E 212 -2.76 29.19 -52.69
C CYS E 212 -1.98 28.49 -51.59
N ILE E 213 -2.68 27.76 -50.72
CA ILE E 213 -2.02 27.00 -49.66
C ILE E 213 -1.41 25.72 -50.22
N LEU E 214 -2.09 25.09 -51.18
CA LEU E 214 -1.56 23.88 -51.80
C LEU E 214 -0.22 24.13 -52.46
N GLY E 215 -0.13 25.20 -53.26
CA GLY E 215 1.15 25.55 -53.88
C GLY E 215 2.18 26.04 -52.88
N GLU E 216 1.73 26.64 -51.77
CA GLU E 216 2.64 27.13 -50.76
C GLU E 216 3.33 25.99 -50.00
N LEU E 217 2.74 24.80 -49.99
CA LEU E 217 3.37 23.65 -49.35
C LEU E 217 4.46 23.04 -50.23
N PHE E 218 4.42 23.28 -51.54
CA PHE E 218 5.44 22.77 -52.44
C PHE E 218 6.60 23.73 -52.64
N THR E 219 6.35 25.03 -52.57
CA THR E 219 7.40 26.03 -52.75
C THR E 219 7.95 26.56 -51.45
N LYS E 220 7.27 26.31 -50.32
CA LYS E 220 7.63 26.84 -49.01
C LYS E 220 7.59 28.37 -48.97
N LYS E 221 6.92 28.99 -49.94
CA LYS E 221 6.78 30.43 -50.05
C LYS E 221 5.38 30.71 -50.56
N PRO E 222 4.68 31.69 -49.99
CA PRO E 222 3.33 32.03 -50.47
C PRO E 222 3.35 32.42 -51.95
N ILE E 223 2.28 32.05 -52.64
CA ILE E 223 2.24 32.23 -54.09
C ILE E 223 2.15 33.71 -54.44
N PHE E 224 1.07 34.37 -54.04
CA PHE E 224 0.84 35.78 -54.33
C PHE E 224 1.10 36.59 -53.06
N GLN E 225 2.14 37.43 -53.10
CA GLN E 225 2.51 38.28 -51.98
C GLN E 225 2.54 39.73 -52.46
N ALA E 226 1.53 40.50 -52.05
CA ALA E 226 1.48 41.91 -52.41
C ALA E 226 0.86 42.68 -51.25
N ASN E 227 1.17 43.98 -51.21
CA ASN E 227 0.67 44.86 -50.17
C ASN E 227 -0.58 45.63 -50.59
N LEU E 228 -0.90 45.66 -51.88
CA LEU E 228 -2.05 46.39 -52.39
C LEU E 228 -2.90 45.45 -53.23
N GLU E 229 -4.18 45.79 -53.35
CA GLU E 229 -5.11 44.93 -54.08
C GLU E 229 -4.78 44.87 -55.56
N LEU E 230 -4.42 46.01 -56.16
CA LEU E 230 -4.07 46.02 -57.58
C LEU E 230 -2.79 45.24 -57.84
N ALA E 231 -1.78 45.42 -56.97
CA ALA E 231 -0.55 44.64 -57.11
C ALA E 231 -0.80 43.15 -56.92
N GLN E 232 -1.78 42.80 -56.07
CA GLN E 232 -2.14 41.39 -55.92
C GLN E 232 -2.77 40.85 -57.19
N LEU E 233 -3.66 41.62 -57.82
CA LEU E 233 -4.27 41.20 -59.07
C LEU E 233 -3.22 41.06 -60.18
N GLU E 234 -2.16 41.86 -60.13
CA GLU E 234 -1.10 41.77 -61.12
C GLU E 234 -0.34 40.46 -61.00
N LEU E 235 0.03 40.08 -59.77
CA LEU E 235 0.73 38.82 -59.57
C LEU E 235 -0.15 37.63 -59.92
N ILE E 236 -1.45 37.73 -59.63
CA ILE E 236 -2.39 36.68 -60.03
C ILE E 236 -2.47 36.60 -61.54
N SER E 237 -2.40 37.74 -62.23
CA SER E 237 -2.51 37.74 -63.68
C SER E 237 -1.25 37.17 -64.33
N ARG E 238 -0.09 37.41 -63.75
CA ARG E 238 1.15 36.86 -64.31
C ARG E 238 1.20 35.34 -64.25
N LEU E 239 0.46 34.72 -63.34
CA LEU E 239 0.47 33.27 -63.18
C LEU E 239 -0.80 32.62 -63.72
N CYS E 240 -1.96 33.04 -63.25
CA CYS E 240 -3.24 32.44 -63.64
C CYS E 240 -3.86 33.09 -64.87
N GLY E 241 -3.19 34.09 -65.45
CA GLY E 241 -3.75 34.81 -66.57
C GLY E 241 -4.51 36.05 -66.15
N SER E 242 -4.52 37.04 -67.04
CA SER E 242 -5.23 38.28 -66.75
C SER E 242 -6.74 38.06 -66.84
N PRO E 243 -7.52 38.67 -65.96
CA PRO E 243 -8.98 38.56 -66.07
C PRO E 243 -9.47 39.13 -67.40
N CYS E 244 -10.09 38.27 -68.20
CA CYS E 244 -10.53 38.60 -69.54
C CYS E 244 -11.89 37.97 -69.77
N PRO E 245 -12.72 38.58 -70.63
CA PRO E 245 -14.04 37.97 -70.92
C PRO E 245 -13.95 36.60 -71.56
N ALA E 246 -12.81 36.22 -72.13
CA ALA E 246 -12.67 34.91 -72.76
C ALA E 246 -12.74 33.79 -71.72
N VAL E 247 -11.91 33.88 -70.67
CA VAL E 247 -11.91 32.87 -69.62
C VAL E 247 -12.87 33.20 -68.50
N TRP E 248 -13.48 34.39 -68.51
CA TRP E 248 -14.37 34.82 -67.43
C TRP E 248 -15.46 35.67 -68.06
N PRO E 249 -16.56 35.06 -68.48
CA PRO E 249 -17.60 35.84 -69.19
C PRO E 249 -18.19 36.95 -68.35
N ASP E 250 -18.38 36.73 -67.05
CA ASP E 250 -18.96 37.71 -66.16
C ASP E 250 -17.91 38.64 -65.54
N VAL E 251 -16.67 38.62 -66.04
CA VAL E 251 -15.66 39.53 -65.50
C VAL E 251 -16.07 40.97 -65.76
N ILE E 252 -16.78 41.23 -66.86
CA ILE E 252 -17.29 42.56 -67.14
C ILE E 252 -18.33 42.96 -66.10
N LYS E 253 -19.13 41.99 -65.64
CA LYS E 253 -20.14 42.26 -64.62
C LYS E 253 -19.52 42.81 -63.34
N LEU E 254 -18.32 42.35 -62.99
CA LEU E 254 -17.67 42.82 -61.78
C LEU E 254 -17.36 44.32 -61.91
N PRO E 255 -17.61 45.11 -60.86
CA PRO E 255 -17.46 46.57 -60.98
C PRO E 255 -16.04 47.03 -61.31
N TYR E 256 -15.04 46.57 -60.57
CA TYR E 256 -13.68 47.09 -60.72
C TYR E 256 -12.94 46.50 -61.91
N PHE E 257 -13.65 45.90 -62.86
CA PHE E 257 -12.99 45.29 -64.02
C PHE E 257 -12.35 46.35 -64.91
N ASN E 258 -13.08 47.43 -65.22
CA ASN E 258 -12.50 48.51 -66.01
C ASN E 258 -11.51 49.33 -65.19
N THR E 259 -11.71 49.38 -63.87
CA THR E 259 -10.83 50.17 -63.01
C THR E 259 -9.48 49.49 -62.80
N MET E 260 -9.49 48.22 -62.42
CA MET E 260 -8.27 47.50 -62.05
C MET E 260 -7.83 46.59 -63.20
N LYS E 261 -7.18 47.19 -64.20
CA LYS E 261 -6.65 46.38 -65.29
C LYS E 261 -5.16 46.11 -65.07
N PRO E 262 -4.68 44.89 -65.31
CA PRO E 262 -3.23 44.64 -65.23
C PRO E 262 -2.48 45.40 -66.31
N LYS E 263 -1.15 45.40 -66.18
CA LYS E 263 -0.31 46.10 -67.15
C LYS E 263 -0.54 45.59 -68.57
N LYS E 264 -0.49 44.28 -68.75
CA LYS E 264 -0.77 43.66 -70.04
C LYS E 264 -1.82 42.58 -69.83
N GLN E 265 -2.26 41.97 -70.93
CA GLN E 265 -3.16 40.82 -70.86
C GLN E 265 -2.32 39.55 -70.87
N TYR E 266 -1.78 39.23 -69.69
CA TYR E 266 -0.83 38.13 -69.57
C TYR E 266 -1.52 36.80 -69.86
N ARG E 267 -0.73 35.85 -70.37
CA ARG E 267 -1.19 34.48 -70.57
C ARG E 267 -0.94 33.64 -69.33
N ARG E 268 -1.73 32.58 -69.21
CA ARG E 268 -1.63 31.68 -68.06
C ARG E 268 -0.34 30.85 -68.15
N ARG E 269 0.52 30.98 -67.14
CA ARG E 269 1.77 30.24 -67.09
C ARG E 269 1.81 29.32 -65.86
N LEU E 270 0.64 28.89 -65.38
CA LEU E 270 0.59 28.13 -64.13
C LEU E 270 1.31 26.79 -64.26
N ARG E 271 1.02 26.05 -65.33
CA ARG E 271 1.67 24.75 -65.51
C ARG E 271 3.16 24.89 -65.79
N GLU E 272 3.58 25.99 -66.42
CA GLU E 272 4.98 26.19 -66.72
C GLU E 272 5.77 26.51 -65.45
N GLU E 273 5.29 27.46 -64.66
CA GLU E 273 5.99 27.89 -63.45
C GLU E 273 5.87 26.89 -62.30
N PHE E 274 5.04 25.87 -62.43
CA PHE E 274 4.89 24.83 -61.42
C PHE E 274 5.28 23.47 -61.98
N SER E 275 6.33 23.44 -62.81
CA SER E 275 6.74 22.18 -63.44
C SER E 275 7.31 21.19 -62.44
N PHE E 276 7.78 21.65 -61.29
CA PHE E 276 8.35 20.76 -60.28
C PHE E 276 7.29 20.09 -59.41
N ILE E 277 6.03 20.47 -59.55
CA ILE E 277 4.94 19.89 -58.76
C ILE E 277 4.46 18.61 -59.44
N PRO E 278 4.15 17.55 -58.68
CA PRO E 278 3.63 16.32 -59.31
C PRO E 278 2.40 16.59 -60.16
N SER E 279 2.23 15.75 -61.18
CA SER E 279 1.14 15.94 -62.14
C SER E 279 -0.23 15.84 -61.47
N ALA E 280 -0.36 14.94 -60.49
CA ALA E 280 -1.63 14.80 -59.79
C ALA E 280 -2.00 16.08 -59.05
N ALA E 281 -1.01 16.75 -58.46
CA ALA E 281 -1.27 17.98 -57.73
C ALA E 281 -1.35 19.19 -58.66
N LEU E 282 -0.55 19.20 -59.73
CA LEU E 282 -0.57 20.34 -60.64
C LEU E 282 -1.92 20.51 -61.32
N ASP E 283 -2.57 19.39 -61.68
CA ASP E 283 -3.92 19.48 -62.24
C ASP E 283 -4.90 20.01 -61.20
N LEU E 284 -4.74 19.58 -59.94
CA LEU E 284 -5.56 20.12 -58.87
C LEU E 284 -5.32 21.61 -58.68
N LEU E 285 -4.05 22.02 -58.71
CA LEU E 285 -3.72 23.43 -58.53
C LEU E 285 -4.30 24.28 -59.66
N ASP E 286 -4.27 23.75 -60.88
CA ASP E 286 -4.78 24.50 -62.03
C ASP E 286 -6.29 24.74 -61.90
N HIS E 287 -7.02 23.73 -61.40
CA HIS E 287 -8.47 23.89 -61.26
C HIS E 287 -8.81 24.77 -60.07
N MET E 288 -8.08 24.62 -58.96
CA MET E 288 -8.37 25.43 -57.78
C MET E 288 -8.05 26.90 -58.01
N LEU E 289 -7.03 27.20 -58.80
CA LEU E 289 -6.65 28.58 -59.11
C LEU E 289 -7.19 29.00 -60.48
N THR E 290 -8.46 28.74 -60.72
CA THR E 290 -9.13 29.19 -61.93
C THR E 290 -9.75 30.56 -61.69
N LEU E 291 -9.55 31.48 -62.63
CA LEU E 291 -9.99 32.86 -62.44
C LEU E 291 -11.50 32.94 -62.26
N ASP E 292 -12.25 32.36 -63.19
CA ASP E 292 -13.71 32.40 -63.13
C ASP E 292 -14.21 31.53 -61.98
N PRO E 293 -14.92 32.10 -60.99
CA PRO E 293 -15.44 31.27 -59.89
C PRO E 293 -16.48 30.26 -60.34
N SER E 294 -17.14 30.48 -61.47
CA SER E 294 -18.08 29.49 -61.99
C SER E 294 -17.35 28.31 -62.62
N LYS E 295 -16.14 28.54 -63.14
CA LYS E 295 -15.30 27.46 -63.66
C LYS E 295 -14.35 26.90 -62.63
N ARG E 296 -14.23 27.54 -61.47
CA ARG E 296 -13.37 27.04 -60.41
C ARG E 296 -14.02 25.82 -59.76
N CYS E 297 -13.20 24.83 -59.42
CA CYS E 297 -13.70 23.58 -58.88
C CYS E 297 -14.31 23.79 -57.49
N THR E 298 -15.13 22.82 -57.09
CA THR E 298 -15.78 22.81 -55.80
C THR E 298 -14.96 21.99 -54.81
N ALA E 299 -15.44 21.93 -53.56
CA ALA E 299 -14.73 21.17 -52.53
C ALA E 299 -14.85 19.67 -52.77
N GLU E 300 -16.00 19.19 -53.23
CA GLU E 300 -16.17 17.76 -53.50
C GLU E 300 -15.30 17.32 -54.67
N GLN E 301 -15.20 18.15 -55.71
CA GLN E 301 -14.43 17.77 -56.89
C GLN E 301 -12.95 17.60 -56.57
N THR E 302 -12.44 18.35 -55.60
CA THR E 302 -11.07 18.17 -55.16
C THR E 302 -10.88 16.83 -54.45
N LEU E 303 -11.90 16.36 -53.73
CA LEU E 303 -11.82 15.05 -53.10
C LEU E 303 -11.94 13.91 -54.11
N GLN E 304 -12.51 14.17 -55.28
CA GLN E 304 -12.58 13.21 -56.37
C GLN E 304 -11.49 13.49 -57.40
N SER E 305 -10.31 13.86 -56.94
CA SER E 305 -9.18 14.17 -57.79
C SER E 305 -8.12 13.09 -57.66
N ASP E 306 -7.40 12.89 -58.75
CA ASP E 306 -6.33 11.91 -58.82
C ASP E 306 -5.30 12.09 -57.71
N PHE E 307 -5.20 13.29 -57.15
CA PHE E 307 -4.28 13.57 -56.05
C PHE E 307 -4.87 13.18 -54.69
N LEU E 308 -6.19 13.26 -54.52
CA LEU E 308 -6.82 13.05 -53.22
C LEU E 308 -7.87 11.95 -53.19
N LYS E 309 -8.28 11.40 -54.34
CA LYS E 309 -9.36 10.41 -54.35
C LYS E 309 -8.97 9.14 -53.62
N ASP E 310 -7.73 8.68 -53.82
CA ASP E 310 -7.27 7.41 -53.27
C ASP E 310 -6.47 7.57 -51.98
N VAL E 311 -6.46 8.77 -51.40
CA VAL E 311 -5.76 8.97 -50.13
C VAL E 311 -6.56 8.33 -49.00
N GLU E 312 -5.84 7.65 -48.10
CA GLU E 312 -6.44 6.93 -46.99
C GLU E 312 -6.26 7.74 -45.70
N LEU E 313 -7.36 7.93 -44.97
CA LEU E 313 -7.28 8.65 -43.70
C LEU E 313 -6.61 7.83 -42.60
N SER E 314 -6.37 6.54 -42.84
CA SER E 314 -5.67 5.71 -41.85
C SER E 314 -4.16 5.97 -41.85
N LYS E 315 -3.58 6.29 -43.00
CA LYS E 315 -2.16 6.57 -43.15
C LYS E 315 -1.79 8.01 -42.75
N MET E 316 -2.60 8.65 -41.90
CA MET E 316 -2.34 9.99 -41.37
C MET E 316 -0.84 10.24 -41.19
N ALA E 317 -0.26 11.04 -42.08
CA ALA E 317 1.18 11.30 -42.15
C ALA E 317 1.52 12.63 -41.52
N PRO E 318 1.99 12.67 -40.27
CA PRO E 318 2.27 13.95 -39.63
C PRO E 318 3.52 14.60 -40.25
N PRO E 319 3.57 15.93 -40.27
CA PRO E 319 4.74 16.62 -40.85
C PRO E 319 6.03 16.29 -40.11
N ASP E 320 7.10 16.13 -40.88
CA ASP E 320 8.40 15.78 -40.34
C ASP E 320 8.97 16.93 -39.52
N LEU E 321 9.31 16.63 -38.26
CA LEU E 321 9.96 17.58 -37.37
C LEU E 321 11.44 17.24 -37.22
N PRO E 322 12.35 18.19 -37.42
CA PRO E 322 13.77 17.93 -37.18
C PRO E 322 14.03 17.49 -35.74
N HIS E 323 15.14 16.78 -35.55
CA HIS E 323 15.43 16.21 -34.24
C HIS E 323 16.61 16.88 -33.57
N TRP E 324 17.83 16.58 -33.99
CA TRP E 324 18.99 17.24 -33.44
C TRP E 324 19.52 18.35 -34.35
N GLN E 325 18.84 18.60 -35.47
CA GLN E 325 19.18 19.75 -36.31
C GLN E 325 18.77 21.06 -35.65
N ASP E 326 17.89 21.01 -34.64
CA ASP E 326 17.43 22.22 -33.98
C ASP E 326 18.52 22.86 -33.13
N CYS E 327 19.48 22.07 -32.65
CA CYS E 327 20.59 22.60 -31.86
C CYS E 327 21.78 22.98 -32.74
N HIS E 328 22.02 22.20 -33.79
CA HIS E 328 23.10 22.42 -34.75
C HIS E 328 22.86 21.46 -35.92
N GLU E 329 22.93 21.96 -37.16
CA GLU E 329 22.59 21.15 -38.33
C GLU E 329 23.47 19.93 -38.52
N LEU E 330 23.43 19.33 -39.70
CA LEU E 330 24.22 18.14 -40.00
C LEU E 330 24.91 18.26 -41.35
N THR F 21 -25.11 16.62 -25.07
CA THR F 21 -24.80 17.35 -26.29
C THR F 21 -25.72 18.56 -26.46
N LYS F 22 -26.93 18.32 -26.98
CA LYS F 22 -27.90 19.39 -27.18
C LYS F 22 -29.03 19.29 -26.16
N PRO F 23 -29.55 20.42 -25.67
CA PRO F 23 -30.57 20.38 -24.62
C PRO F 23 -31.93 19.96 -25.17
N CYS F 24 -32.77 19.47 -24.26
CA CYS F 24 -34.14 19.10 -24.60
C CYS F 24 -35.07 20.28 -24.33
N TRP F 25 -35.90 20.63 -25.31
CA TRP F 25 -36.77 21.79 -25.23
C TRP F 25 -38.25 21.41 -25.31
N TYR F 26 -38.60 20.21 -24.88
CA TYR F 26 -39.97 19.73 -24.98
C TYR F 26 -40.42 19.12 -23.66
N TRP F 27 -41.57 19.54 -23.18
CA TRP F 27 -42.22 19.01 -21.98
C TRP F 27 -43.54 18.36 -22.37
N ASP F 28 -44.25 17.87 -21.36
CA ASP F 28 -45.59 17.32 -21.52
C ASP F 28 -46.63 18.33 -21.05
N LYS F 29 -47.86 18.15 -21.54
CA LYS F 29 -48.95 19.03 -21.13
C LYS F 29 -49.13 19.02 -19.63
N LYS F 30 -48.97 17.85 -19.00
CA LYS F 30 -49.14 17.73 -17.56
C LYS F 30 -48.09 18.52 -16.78
N ASP F 31 -46.93 18.77 -17.38
CA ASP F 31 -45.87 19.50 -16.71
C ASP F 31 -46.11 21.01 -16.65
N LEU F 32 -46.98 21.53 -17.52
CA LEU F 32 -47.24 22.97 -17.55
C LEU F 32 -47.89 23.47 -16.27
N ALA F 33 -48.51 22.60 -15.49
CA ALA F 33 -49.10 22.99 -14.22
C ALA F 33 -48.05 23.30 -13.15
N HIS F 34 -46.76 23.12 -13.45
CA HIS F 34 -45.69 23.34 -12.48
C HIS F 34 -44.66 24.35 -12.98
N THR F 35 -45.07 25.25 -13.87
CA THR F 35 -44.18 26.32 -14.29
C THR F 35 -43.89 27.24 -13.11
N PRO F 36 -42.76 27.95 -13.14
CA PRO F 36 -42.48 28.92 -12.07
C PRO F 36 -43.58 29.94 -11.88
N SER F 37 -44.29 30.30 -12.95
CA SER F 37 -45.42 31.21 -12.82
C SER F 37 -46.58 30.57 -12.06
N GLN F 38 -46.88 29.30 -12.35
CA GLN F 38 -47.98 28.62 -11.69
C GLN F 38 -47.74 28.49 -10.19
N LEU F 39 -46.51 28.18 -9.80
CA LEU F 39 -46.21 27.93 -8.39
C LEU F 39 -46.15 29.19 -7.54
N GLU F 40 -46.23 30.37 -8.16
CA GLU F 40 -46.23 31.63 -7.42
C GLU F 40 -47.63 32.20 -7.20
N GLY F 41 -48.67 31.43 -7.49
CA GLY F 41 -50.04 31.85 -7.27
C GLY F 41 -50.81 32.19 -8.53
N LEU F 42 -50.14 32.22 -9.69
CA LEU F 42 -50.82 32.54 -10.93
C LEU F 42 -51.69 31.37 -11.38
N ASP F 43 -52.93 31.65 -11.74
CA ASP F 43 -53.84 30.61 -12.20
C ASP F 43 -53.55 30.25 -13.65
N PRO F 44 -53.93 29.03 -14.08
CA PRO F 44 -53.64 28.61 -15.46
C PRO F 44 -54.21 29.54 -16.53
N ALA F 45 -55.39 30.11 -16.30
CA ALA F 45 -55.99 30.99 -17.30
C ALA F 45 -55.16 32.26 -17.50
N THR F 46 -54.58 32.78 -16.42
CA THR F 46 -53.83 34.04 -16.52
C THR F 46 -52.52 33.85 -17.28
N GLU F 47 -51.80 32.76 -17.01
CA GLU F 47 -50.53 32.52 -17.69
C GLU F 47 -50.74 32.28 -19.18
N ALA F 48 -51.78 31.53 -19.54
CA ALA F 48 -52.09 31.33 -20.95
C ALA F 48 -52.42 32.66 -21.63
N ARG F 49 -53.14 33.53 -20.93
CA ARG F 49 -53.40 34.87 -21.46
C ARG F 49 -52.10 35.66 -21.59
N TYR F 50 -51.24 35.60 -20.56
CA TYR F 50 -49.97 36.31 -20.62
C TYR F 50 -49.09 35.80 -21.75
N ARG F 51 -49.24 34.53 -22.11
CA ARG F 51 -48.49 33.99 -23.25
C ARG F 51 -49.06 34.48 -24.57
N ARG F 52 -50.38 34.46 -24.72
CA ARG F 52 -50.99 34.99 -25.94
C ARG F 52 -50.73 36.49 -26.08
N GLU F 53 -50.79 37.23 -24.97
CA GLU F 53 -50.49 38.66 -25.03
C GLU F 53 -49.05 38.90 -25.44
N GLY F 54 -48.11 38.16 -24.83
CA GLY F 54 -46.71 38.32 -25.17
C GLY F 54 -46.39 37.86 -26.58
N ALA F 55 -47.06 36.82 -27.06
CA ALA F 55 -46.78 36.30 -28.40
C ALA F 55 -47.18 37.32 -29.46
N ARG F 56 -48.41 37.85 -29.40
CA ARG F 56 -48.81 38.88 -30.34
C ARG F 56 -47.99 40.15 -30.17
N PHE F 57 -47.52 40.43 -28.95
CA PHE F 57 -46.65 41.59 -28.75
C PHE F 57 -45.37 41.43 -29.55
N ILE F 58 -44.75 40.25 -29.48
CA ILE F 58 -43.60 39.97 -30.33
C ILE F 58 -44.03 39.95 -31.80
N PHE F 59 -45.23 39.43 -32.07
CA PHE F 59 -45.73 39.33 -33.43
C PHE F 59 -46.04 40.71 -34.02
N ASP F 60 -46.78 41.54 -33.27
CA ASP F 60 -47.20 42.82 -33.80
C ASP F 60 -46.03 43.79 -33.95
N VAL F 61 -45.12 43.80 -32.98
CA VAL F 61 -43.99 44.73 -33.02
C VAL F 61 -43.06 44.38 -34.17
N GLY F 62 -42.67 43.11 -34.29
CA GLY F 62 -41.81 42.71 -35.38
C GLY F 62 -42.44 42.86 -36.74
N THR F 63 -43.77 42.72 -36.81
CA THR F 63 -44.47 42.95 -38.07
C THR F 63 -44.40 44.42 -38.48
N ARG F 64 -44.54 45.32 -37.50
CA ARG F 64 -44.38 46.75 -37.78
C ARG F 64 -42.96 47.05 -38.26
N LEU F 65 -41.97 46.33 -37.74
CA LEU F 65 -40.58 46.51 -38.15
C LEU F 65 -40.26 45.82 -39.47
N GLY F 66 -41.23 45.16 -40.08
CA GLY F 66 -41.00 44.49 -41.35
C GLY F 66 -40.09 43.28 -41.26
N LEU F 67 -40.24 42.47 -40.22
CA LEU F 67 -39.34 41.36 -39.98
C LEU F 67 -39.84 40.10 -40.67
N HIS F 68 -38.90 39.22 -41.00
CA HIS F 68 -39.22 37.93 -41.58
C HIS F 68 -40.00 37.08 -40.59
N TYR F 69 -40.83 36.17 -41.11
CA TYR F 69 -41.68 35.37 -40.24
C TYR F 69 -40.87 34.42 -39.36
N ASP F 70 -39.73 33.94 -39.85
CA ASP F 70 -38.87 33.09 -39.01
C ASP F 70 -38.31 33.87 -37.83
N THR F 71 -38.01 35.16 -38.01
CA THR F 71 -37.52 35.97 -36.91
C THR F 71 -38.59 36.16 -35.84
N LEU F 72 -39.85 36.36 -36.26
CA LEU F 72 -40.93 36.52 -35.30
C LEU F 72 -41.12 35.27 -34.46
N ALA F 73 -41.16 34.11 -35.10
CA ALA F 73 -41.35 32.86 -34.37
C ALA F 73 -40.15 32.55 -33.48
N THR F 74 -38.94 32.91 -33.92
CA THR F 74 -37.75 32.66 -33.12
C THR F 74 -37.82 33.38 -31.78
N GLY F 75 -38.27 34.64 -31.79
CA GLY F 75 -38.45 35.35 -30.53
C GLY F 75 -39.58 34.77 -29.71
N ILE F 76 -40.63 34.29 -30.38
CA ILE F 76 -41.75 33.66 -29.67
C ILE F 76 -41.33 32.35 -29.03
N ILE F 77 -40.44 31.60 -29.71
CA ILE F 77 -39.96 30.35 -29.12
C ILE F 77 -39.07 30.64 -27.92
N TYR F 78 -38.20 31.65 -28.04
CA TYR F 78 -37.45 32.11 -26.88
C TYR F 78 -38.38 32.54 -25.75
N PHE F 79 -39.47 33.24 -26.10
CA PHE F 79 -40.42 33.72 -25.10
C PHE F 79 -41.09 32.55 -24.37
N HIS F 80 -41.56 31.56 -25.12
CA HIS F 80 -42.23 30.42 -24.50
C HIS F 80 -41.28 29.63 -23.62
N ARG F 81 -40.06 29.39 -24.10
CA ARG F 81 -39.09 28.63 -23.32
C ARG F 81 -38.63 29.41 -22.09
N PHE F 82 -38.59 30.75 -22.17
CA PHE F 82 -38.08 31.54 -21.06
C PHE F 82 -38.95 31.40 -19.82
N TYR F 83 -40.27 31.45 -20.00
CA TYR F 83 -41.21 31.35 -18.88
C TYR F 83 -41.52 29.90 -18.50
N MET F 84 -40.78 28.94 -19.03
CA MET F 84 -40.71 27.62 -18.45
C MET F 84 -39.66 27.55 -17.33
N PHE F 85 -38.71 28.49 -17.33
CA PHE F 85 -37.68 28.57 -16.31
C PHE F 85 -37.86 29.73 -15.34
N HIS F 86 -38.69 30.71 -15.67
CA HIS F 86 -38.88 31.89 -14.84
C HIS F 86 -40.37 32.17 -14.68
N SER F 87 -40.68 33.08 -13.76
CA SER F 87 -42.05 33.44 -13.44
C SER F 87 -42.42 34.77 -14.07
N PHE F 88 -43.68 34.88 -14.48
CA PHE F 88 -44.18 36.13 -15.05
C PHE F 88 -44.20 37.25 -14.01
N LYS F 89 -44.36 36.91 -12.73
CA LYS F 89 -44.38 37.94 -11.70
C LYS F 89 -43.00 38.55 -11.48
N GLN F 90 -41.94 37.78 -11.67
CA GLN F 90 -40.59 38.28 -11.43
C GLN F 90 -40.01 38.99 -12.65
N PHE F 91 -40.42 38.61 -13.85
CA PHE F 91 -39.95 39.23 -15.08
C PHE F 91 -41.12 39.77 -15.87
N PRO F 92 -41.16 41.07 -16.18
CA PRO F 92 -42.26 41.61 -16.98
C PRO F 92 -42.35 40.95 -18.35
N ARG F 93 -43.59 40.69 -18.78
CA ARG F 93 -43.81 39.96 -20.03
C ARG F 93 -43.34 40.77 -21.23
N TYR F 94 -43.73 42.03 -21.31
CA TYR F 94 -43.42 42.83 -22.50
C TYR F 94 -41.95 43.22 -22.55
N VAL F 95 -41.29 43.36 -21.40
CA VAL F 95 -39.84 43.59 -21.39
C VAL F 95 -39.11 42.36 -21.90
N THR F 96 -39.57 41.17 -21.48
CA THR F 96 -38.96 39.93 -21.96
C THR F 96 -39.21 39.72 -23.44
N GLY F 97 -40.45 39.96 -23.90
CA GLY F 97 -40.75 39.77 -25.31
C GLY F 97 -39.94 40.68 -26.21
N ALA F 98 -39.70 41.92 -25.77
CA ALA F 98 -38.86 42.83 -26.54
C ALA F 98 -37.43 42.31 -26.62
N CYS F 99 -36.92 41.75 -25.52
CA CYS F 99 -35.58 41.19 -25.53
C CYS F 99 -35.49 39.96 -26.42
N CYS F 100 -36.54 39.15 -26.48
CA CYS F 100 -36.55 37.98 -27.34
C CYS F 100 -36.50 38.39 -28.81
N LEU F 101 -37.31 39.38 -29.20
CA LEU F 101 -37.31 39.84 -30.58
C LEU F 101 -35.97 40.49 -30.95
N PHE F 102 -35.36 41.21 -30.01
CA PHE F 102 -34.05 41.81 -30.26
C PHE F 102 -33.00 40.75 -30.52
N LEU F 103 -32.98 39.69 -29.70
CA LEU F 103 -32.03 38.61 -29.91
C LEU F 103 -32.36 37.81 -31.16
N ALA F 104 -33.66 37.56 -31.41
CA ALA F 104 -34.05 36.79 -32.58
C ALA F 104 -33.64 37.47 -33.88
N GLY F 105 -33.58 38.80 -33.88
CA GLY F 105 -33.14 39.51 -35.07
C GLY F 105 -31.69 39.25 -35.40
N LYS F 106 -30.82 39.26 -34.39
CA LYS F 106 -29.41 38.98 -34.63
C LYS F 106 -29.19 37.51 -34.97
N VAL F 107 -30.04 36.61 -34.47
CA VAL F 107 -29.88 35.19 -34.76
C VAL F 107 -30.23 34.90 -36.21
N GLU F 108 -31.42 35.31 -36.64
CA GLU F 108 -31.91 35.03 -37.98
C GLU F 108 -31.41 36.04 -39.02
N GLU F 109 -30.37 36.81 -38.69
CA GLU F 109 -29.75 37.75 -39.63
C GLU F 109 -30.72 38.82 -40.13
N THR F 110 -31.65 39.23 -39.27
CA THR F 110 -32.55 40.34 -39.54
C THR F 110 -32.46 41.32 -38.37
N PRO F 111 -31.31 41.97 -38.20
CA PRO F 111 -31.07 42.73 -36.97
C PRO F 111 -31.80 44.07 -36.95
N LYS F 112 -32.11 44.50 -35.73
CA LYS F 112 -32.71 45.80 -35.48
C LYS F 112 -32.03 46.44 -34.28
N LYS F 113 -31.97 47.77 -34.27
CA LYS F 113 -31.42 48.48 -33.13
C LYS F 113 -32.39 48.39 -31.95
N CYS F 114 -31.83 48.38 -30.74
CA CYS F 114 -32.66 48.30 -29.55
C CYS F 114 -33.56 49.52 -29.41
N LYS F 115 -33.08 50.70 -29.85
CA LYS F 115 -33.91 51.89 -29.76
C LYS F 115 -35.09 51.83 -30.72
N ASP F 116 -34.92 51.16 -31.87
CA ASP F 116 -36.02 51.06 -32.83
C ASP F 116 -37.12 50.14 -32.34
N ILE F 117 -36.76 49.08 -31.61
CA ILE F 117 -37.77 48.16 -31.09
C ILE F 117 -38.53 48.80 -29.94
N ILE F 118 -37.82 49.54 -29.08
CA ILE F 118 -38.47 50.25 -27.98
C ILE F 118 -39.46 51.28 -28.52
N LYS F 119 -39.07 51.98 -29.58
CA LYS F 119 -39.95 52.97 -30.20
C LYS F 119 -41.23 52.34 -30.70
N THR F 120 -41.12 51.18 -31.37
CA THR F 120 -42.31 50.49 -31.87
C THR F 120 -43.17 49.98 -30.71
N ALA F 121 -42.54 49.51 -29.64
CA ALA F 121 -43.30 48.99 -28.50
C ALA F 121 -44.13 50.09 -27.85
N ARG F 122 -43.53 51.27 -27.64
CA ARG F 122 -44.24 52.36 -26.98
C ARG F 122 -45.44 52.81 -27.81
N SER F 123 -45.33 52.75 -29.15
CA SER F 123 -46.43 53.17 -30.00
C SER F 123 -47.65 52.26 -29.83
N LEU F 124 -47.43 50.95 -29.71
CA LEU F 124 -48.52 49.99 -29.66
C LEU F 124 -48.94 49.62 -28.23
N LEU F 125 -48.19 50.07 -27.22
CA LEU F 125 -48.50 49.82 -25.83
C LEU F 125 -49.01 51.09 -25.17
N ASN F 126 -49.93 50.94 -24.22
CA ASN F 126 -50.39 52.07 -23.45
C ASN F 126 -49.34 52.46 -22.41
N ASP F 127 -49.63 53.54 -21.66
CA ASP F 127 -48.68 54.01 -20.66
C ASP F 127 -48.45 52.96 -19.57
N VAL F 128 -49.50 52.25 -19.16
CA VAL F 128 -49.37 51.24 -18.11
C VAL F 128 -48.47 50.09 -18.57
N GLN F 129 -48.76 49.55 -19.76
CA GLN F 129 -48.00 48.40 -20.25
C GLN F 129 -46.54 48.76 -20.51
N PHE F 130 -46.30 49.95 -21.08
CA PHE F 130 -44.92 50.38 -21.32
C PHE F 130 -44.20 50.74 -20.04
N GLY F 131 -44.94 50.94 -18.94
CA GLY F 131 -44.33 51.21 -17.65
C GLY F 131 -43.49 50.06 -17.14
N GLN F 132 -43.68 48.86 -17.69
CA GLN F 132 -42.85 47.72 -17.30
C GLN F 132 -41.39 47.96 -17.67
N PHE F 133 -41.15 48.75 -18.73
CA PHE F 133 -39.81 49.05 -19.18
C PHE F 133 -39.07 50.01 -18.25
N GLY F 134 -39.74 50.52 -17.22
CA GLY F 134 -39.11 51.37 -16.23
C GLY F 134 -38.71 52.73 -16.77
N ASP F 135 -37.80 53.37 -16.03
CA ASP F 135 -37.35 54.70 -16.41
C ASP F 135 -36.46 54.64 -17.65
N ASP F 136 -35.66 53.60 -17.78
CA ASP F 136 -34.81 53.40 -18.95
C ASP F 136 -35.31 52.16 -19.69
N PRO F 137 -36.12 52.32 -20.73
CA PRO F 137 -36.64 51.13 -21.43
C PRO F 137 -35.57 50.32 -22.12
N LYS F 138 -34.56 50.99 -22.72
CA LYS F 138 -33.53 50.26 -23.43
C LYS F 138 -32.68 49.42 -22.48
N GLU F 139 -32.28 50.00 -21.35
CA GLU F 139 -31.37 49.28 -20.45
C GLU F 139 -32.06 48.10 -19.77
N GLU F 140 -33.34 48.25 -19.40
CA GLU F 140 -34.06 47.15 -18.79
C GLU F 140 -34.17 45.96 -19.75
N VAL F 141 -34.13 46.21 -21.05
CA VAL F 141 -34.16 45.14 -22.04
C VAL F 141 -32.77 44.60 -22.32
N MET F 142 -31.81 45.50 -22.54
CA MET F 142 -30.44 45.09 -22.83
C MET F 142 -29.84 44.25 -21.70
N VAL F 143 -30.19 44.59 -20.45
CA VAL F 143 -29.70 43.82 -19.32
C VAL F 143 -30.25 42.39 -19.37
N LEU F 144 -31.53 42.25 -19.70
CA LEU F 144 -32.16 40.94 -19.73
C LEU F 144 -31.58 40.01 -20.79
N GLU F 145 -30.75 40.54 -21.71
CA GLU F 145 -30.17 39.69 -22.75
C GLU F 145 -29.24 38.64 -22.16
N ARG F 146 -28.49 39.00 -21.11
CA ARG F 146 -27.62 38.03 -20.46
C ARG F 146 -28.42 36.89 -19.87
N ILE F 147 -29.52 37.21 -19.17
CA ILE F 147 -30.34 36.18 -18.56
C ILE F 147 -31.06 35.35 -19.61
N LEU F 148 -31.43 35.97 -20.74
CA LEU F 148 -32.09 35.23 -21.80
C LEU F 148 -31.15 34.21 -22.43
N LEU F 149 -29.92 34.62 -22.73
CA LEU F 149 -28.96 33.70 -23.35
C LEU F 149 -28.63 32.54 -22.42
N GLN F 150 -28.46 32.81 -21.13
CA GLN F 150 -28.19 31.74 -20.18
C GLN F 150 -29.40 30.82 -20.02
N THR F 151 -30.61 31.39 -20.03
CA THR F 151 -31.81 30.57 -19.87
C THR F 151 -31.99 29.63 -21.05
N ILE F 152 -31.80 30.14 -22.28
CA ILE F 152 -31.92 29.30 -23.47
C ILE F 152 -30.69 28.44 -23.70
N LYS F 153 -29.71 28.47 -22.78
CA LYS F 153 -28.53 27.61 -22.85
C LYS F 153 -27.77 27.79 -24.16
N PHE F 154 -27.85 28.99 -24.73
CA PHE F 154 -27.17 29.34 -25.98
C PHE F 154 -27.56 28.43 -27.13
N ASP F 155 -28.79 27.89 -27.10
CA ASP F 155 -29.33 27.10 -28.20
C ASP F 155 -30.10 28.04 -29.13
N LEU F 156 -29.35 28.69 -30.02
CA LEU F 156 -29.92 29.76 -30.84
C LEU F 156 -30.64 29.24 -32.07
N GLN F 157 -30.17 28.16 -32.67
CA GLN F 157 -30.79 27.62 -33.88
C GLN F 157 -32.16 27.06 -33.55
N VAL F 158 -33.20 27.62 -34.17
CA VAL F 158 -34.57 27.21 -33.94
C VAL F 158 -35.23 26.93 -35.28
N GLU F 159 -35.94 25.80 -35.36
CA GLU F 159 -36.67 25.42 -36.56
C GLU F 159 -38.16 25.68 -36.37
N HIS F 160 -38.85 25.96 -37.47
CA HIS F 160 -40.24 26.37 -37.40
C HIS F 160 -41.10 25.54 -38.33
N PRO F 161 -42.39 25.37 -38.01
CA PRO F 161 -43.26 24.56 -38.88
C PRO F 161 -43.48 25.14 -40.27
N TYR F 162 -43.06 26.38 -40.52
CA TYR F 162 -43.26 26.99 -41.83
C TYR F 162 -42.51 26.23 -42.92
N GLN F 163 -41.22 25.95 -42.69
CA GLN F 163 -40.42 25.29 -43.71
C GLN F 163 -40.91 23.87 -43.98
N PHE F 164 -41.49 23.20 -42.99
CA PHE F 164 -42.02 21.85 -43.21
C PHE F 164 -43.37 21.89 -43.89
N LEU F 165 -44.19 22.90 -43.61
CA LEU F 165 -45.45 23.05 -44.32
C LEU F 165 -45.20 23.22 -45.82
N LEU F 166 -44.14 23.94 -46.19
CA LEU F 166 -43.82 24.13 -47.60
C LEU F 166 -43.07 22.93 -48.18
N LYS F 167 -42.18 22.31 -47.40
CA LYS F 167 -41.45 21.15 -47.90
C LYS F 167 -42.38 19.98 -48.16
N TYR F 168 -43.44 19.83 -47.36
CA TYR F 168 -44.38 18.74 -47.57
C TYR F 168 -45.38 19.07 -48.67
N ALA F 169 -45.78 20.34 -48.78
CA ALA F 169 -46.73 20.73 -49.82
C ALA F 169 -46.10 20.67 -51.20
N LYS F 170 -44.79 20.89 -51.30
CA LYS F 170 -44.12 20.80 -52.59
C LYS F 170 -44.21 19.38 -53.16
N GLN F 171 -44.25 18.38 -52.30
CA GLN F 171 -44.39 16.99 -52.74
C GLN F 171 -45.84 16.63 -53.05
N LEU F 172 -46.79 17.54 -52.84
CA LEU F 172 -48.18 17.32 -53.19
C LEU F 172 -48.41 17.76 -54.62
N LYS F 173 -49.10 16.93 -55.39
CA LYS F 173 -49.42 17.23 -56.79
C LYS F 173 -50.90 17.01 -57.02
N GLY F 174 -51.55 17.99 -57.66
CA GLY F 174 -52.97 17.93 -57.91
C GLY F 174 -53.54 19.28 -58.26
N ASP F 175 -54.75 19.58 -57.77
CA ASP F 175 -55.36 20.87 -57.99
C ASP F 175 -54.53 21.97 -57.34
N LYS F 176 -53.97 22.86 -58.17
CA LYS F 176 -53.10 23.91 -57.66
C LYS F 176 -53.84 24.83 -56.70
N ASN F 177 -55.11 25.13 -56.98
CA ASN F 177 -55.88 26.02 -56.11
C ASN F 177 -56.25 25.34 -54.80
N LYS F 178 -56.54 24.03 -54.86
CA LYS F 178 -56.87 23.30 -53.63
C LYS F 178 -55.65 23.14 -52.73
N ILE F 179 -54.48 22.88 -53.32
CA ILE F 179 -53.27 22.74 -52.53
C ILE F 179 -52.87 24.08 -51.91
N GLN F 180 -53.03 25.16 -52.68
CA GLN F 180 -52.68 26.49 -52.15
C GLN F 180 -53.63 26.93 -51.05
N LYS F 181 -54.92 26.58 -51.17
CA LYS F 181 -55.84 26.87 -50.08
C LYS F 181 -55.49 26.08 -48.83
N LEU F 182 -54.99 24.85 -49.01
CA LEU F 182 -54.51 24.06 -47.88
C LEU F 182 -53.31 24.74 -47.22
N VAL F 183 -52.39 25.27 -48.01
CA VAL F 183 -51.17 25.85 -47.47
C VAL F 183 -51.48 27.10 -46.66
N GLN F 184 -52.22 28.04 -47.26
CA GLN F 184 -52.53 29.30 -46.56
C GLN F 184 -53.33 29.04 -45.29
N MET F 185 -54.29 28.12 -45.35
CA MET F 185 -55.09 27.81 -44.16
C MET F 185 -54.23 27.17 -43.07
N ALA F 186 -53.36 26.23 -43.46
CA ALA F 186 -52.43 25.65 -42.49
C ALA F 186 -51.43 26.69 -42.00
N TRP F 187 -50.95 27.54 -42.91
CA TRP F 187 -50.05 28.62 -42.51
C TRP F 187 -50.71 29.54 -41.48
N THR F 188 -52.00 29.82 -41.65
CA THR F 188 -52.72 30.62 -40.66
C THR F 188 -52.76 29.89 -39.31
N PHE F 189 -52.94 28.57 -39.33
CA PHE F 189 -52.95 27.82 -38.08
C PHE F 189 -51.59 27.81 -37.41
N VAL F 190 -50.51 27.88 -38.19
CA VAL F 190 -49.18 27.94 -37.60
C VAL F 190 -48.97 29.27 -36.88
N ASN F 191 -49.45 30.36 -37.47
CA ASN F 191 -49.34 31.66 -36.81
C ASN F 191 -50.12 31.69 -35.50
N ASP F 192 -51.28 31.01 -35.46
CA ASP F 192 -52.10 30.98 -34.26
C ASP F 192 -51.53 30.04 -33.20
N SER F 193 -50.83 28.98 -33.60
CA SER F 193 -50.26 28.05 -32.63
C SER F 193 -49.10 28.66 -31.86
N LEU F 194 -48.53 29.77 -32.35
CA LEU F 194 -47.48 30.46 -31.59
C LEU F 194 -48.03 31.04 -30.29
N CYS F 195 -49.32 31.39 -30.27
CA CYS F 195 -49.96 31.90 -29.07
C CYS F 195 -50.12 30.84 -27.98
N THR F 196 -49.87 29.58 -28.30
CA THR F 196 -50.07 28.46 -27.39
C THR F 196 -48.74 27.84 -26.98
N THR F 197 -48.81 26.90 -26.05
CA THR F 197 -47.65 26.15 -25.61
C THR F 197 -47.33 24.97 -26.52
N LEU F 198 -48.05 24.82 -27.63
CA LEU F 198 -47.76 23.75 -28.58
C LEU F 198 -46.32 23.78 -29.04
N SER F 199 -45.74 24.98 -29.16
CA SER F 199 -44.33 25.11 -29.54
C SER F 199 -43.41 24.35 -28.58
N LEU F 200 -43.79 24.27 -27.30
CA LEU F 200 -43.03 23.54 -26.31
C LEU F 200 -43.42 22.07 -26.21
N GLN F 201 -44.64 21.72 -26.61
CA GLN F 201 -45.11 20.35 -26.45
C GLN F 201 -44.57 19.42 -27.53
N TRP F 202 -44.51 19.88 -28.78
CA TRP F 202 -44.21 19.01 -29.91
C TRP F 202 -43.21 19.67 -30.84
N GLU F 203 -42.52 18.83 -31.60
CA GLU F 203 -41.55 19.29 -32.58
C GLU F 203 -42.26 20.05 -33.71
N PRO F 204 -41.53 20.91 -34.43
CA PRO F 204 -42.18 21.68 -35.51
C PRO F 204 -42.67 20.82 -36.66
N GLU F 205 -42.08 19.66 -36.88
CA GLU F 205 -42.53 18.79 -37.96
C GLU F 205 -43.94 18.26 -37.69
N ILE F 206 -44.24 17.92 -36.43
CA ILE F 206 -45.57 17.44 -36.08
C ILE F 206 -46.59 18.56 -36.19
N ILE F 207 -46.19 19.78 -35.82
CA ILE F 207 -47.08 20.93 -35.93
C ILE F 207 -47.41 21.21 -37.39
N ALA F 208 -46.42 21.14 -38.27
CA ALA F 208 -46.65 21.38 -39.70
C ALA F 208 -47.55 20.31 -40.29
N VAL F 209 -47.45 19.07 -39.80
CA VAL F 209 -48.36 18.02 -40.25
C VAL F 209 -49.74 18.22 -39.64
N ALA F 210 -49.79 18.65 -38.38
CA ALA F 210 -51.09 18.83 -37.72
C ALA F 210 -51.90 19.94 -38.36
N VAL F 211 -51.24 21.03 -38.78
CA VAL F 211 -51.98 22.11 -39.44
C VAL F 211 -52.43 21.69 -40.83
N MET F 212 -51.65 20.84 -41.50
CA MET F 212 -52.14 20.21 -42.72
C MET F 212 -53.30 19.27 -42.41
N TYR F 213 -53.23 18.57 -41.28
CA TYR F 213 -54.31 17.68 -40.88
C TYR F 213 -55.58 18.45 -40.56
N LEU F 214 -55.44 19.61 -39.90
CA LEU F 214 -56.61 20.40 -39.54
C LEU F 214 -57.23 21.05 -40.76
N ALA F 215 -56.40 21.70 -41.59
CA ALA F 215 -56.92 22.34 -42.80
C ALA F 215 -57.50 21.32 -43.76
N GLY F 216 -57.03 20.07 -43.71
CA GLY F 216 -57.61 19.03 -44.55
C GLY F 216 -59.02 18.64 -44.12
N ARG F 217 -59.25 18.59 -42.80
CA ARG F 217 -60.58 18.25 -42.30
C ARG F 217 -61.57 19.38 -42.57
N LEU F 218 -61.14 20.62 -42.37
CA LEU F 218 -62.05 21.75 -42.58
C LEU F 218 -62.41 21.91 -44.05
N CYS F 219 -61.43 21.81 -44.95
CA CYS F 219 -61.70 21.89 -46.38
C CYS F 219 -62.20 20.59 -46.98
N LYS F 220 -62.27 19.50 -46.19
CA LYS F 220 -62.72 18.20 -46.66
C LYS F 220 -61.88 17.70 -47.83
N PHE F 221 -60.57 17.90 -47.74
CA PHE F 221 -59.63 17.42 -48.74
C PHE F 221 -59.04 16.10 -48.27
N GLU F 222 -58.89 15.15 -49.19
CA GLU F 222 -58.23 13.88 -48.91
C GLU F 222 -56.79 13.99 -49.42
N ILE F 223 -55.89 14.39 -48.52
CA ILE F 223 -54.53 14.73 -48.91
C ILE F 223 -53.78 13.52 -49.46
N GLN F 224 -54.19 12.30 -49.07
CA GLN F 224 -53.49 11.11 -49.54
C GLN F 224 -53.54 11.00 -51.06
N GLU F 225 -54.59 11.54 -51.69
CA GLU F 225 -54.70 11.47 -53.14
C GLU F 225 -53.61 12.27 -53.83
N TRP F 226 -53.15 13.36 -53.21
CA TRP F 226 -52.09 14.19 -53.78
C TRP F 226 -50.71 13.66 -53.49
N THR F 227 -50.58 12.55 -52.76
CA THR F 227 -49.28 12.02 -52.38
C THR F 227 -48.80 10.98 -53.40
N SER F 228 -47.56 10.56 -53.24
CA SER F 228 -47.00 9.51 -54.08
C SER F 228 -47.59 8.14 -53.77
N LYS F 229 -48.24 8.00 -52.61
CA LYS F 229 -48.91 6.78 -52.18
C LYS F 229 -50.39 7.10 -52.01
N PRO F 230 -51.17 7.09 -53.10
CA PRO F 230 -52.55 7.59 -53.02
C PRO F 230 -53.48 6.75 -52.16
N MET F 231 -53.14 5.49 -51.89
CA MET F 231 -53.96 4.63 -51.06
C MET F 231 -53.48 4.59 -49.62
N TYR F 232 -52.34 5.18 -49.32
CA TYR F 232 -51.79 5.24 -47.97
C TYR F 232 -52.60 6.31 -47.24
N ARG F 233 -53.67 5.89 -46.58
CA ARG F 233 -54.61 6.84 -45.96
C ARG F 233 -53.95 7.65 -44.86
N ARG F 234 -52.95 7.08 -44.18
CA ARG F 234 -52.15 7.84 -43.22
C ARG F 234 -51.01 8.54 -43.97
N TRP F 235 -51.41 9.57 -44.72
CA TRP F 235 -50.48 10.25 -45.61
C TRP F 235 -49.31 10.88 -44.86
N TRP F 236 -49.53 11.36 -43.63
CA TRP F 236 -48.49 12.08 -42.92
C TRP F 236 -47.29 11.20 -42.58
N GLU F 237 -47.47 9.88 -42.52
CA GLU F 237 -46.40 9.00 -42.07
C GLU F 237 -45.20 9.04 -42.99
N GLN F 238 -45.41 9.20 -44.29
CA GLN F 238 -44.29 9.37 -45.20
C GLN F 238 -43.57 10.69 -44.99
N PHE F 239 -44.19 11.64 -44.31
CA PHE F 239 -43.54 12.90 -43.96
C PHE F 239 -42.84 12.81 -42.61
N VAL F 240 -43.61 12.61 -41.54
CA VAL F 240 -43.08 12.50 -40.19
C VAL F 240 -43.44 11.12 -39.65
N GLN F 241 -42.43 10.36 -39.26
CA GLN F 241 -42.63 9.00 -38.80
C GLN F 241 -43.05 8.97 -37.33
N ASP F 242 -43.77 7.91 -36.96
CA ASP F 242 -44.13 7.63 -35.56
C ASP F 242 -45.03 8.72 -34.97
N VAL F 243 -46.03 9.12 -35.75
CA VAL F 243 -47.00 10.11 -35.27
C VAL F 243 -48.39 9.48 -35.24
N PRO F 244 -48.94 9.18 -34.08
CA PRO F 244 -50.32 8.69 -34.01
C PRO F 244 -51.32 9.80 -34.23
N VAL F 245 -52.55 9.39 -34.59
CA VAL F 245 -53.61 10.36 -34.78
C VAL F 245 -53.97 11.05 -33.47
N ASP F 246 -53.68 10.41 -32.33
CA ASP F 246 -53.96 11.01 -31.03
C ASP F 246 -53.22 12.33 -30.87
N VAL F 247 -51.97 12.40 -31.34
CA VAL F 247 -51.20 13.64 -31.24
C VAL F 247 -51.77 14.71 -32.16
N LEU F 248 -52.11 14.32 -33.40
CA LEU F 248 -52.69 15.29 -34.33
C LEU F 248 -54.02 15.82 -33.81
N GLU F 249 -54.86 14.96 -33.26
CA GLU F 249 -56.12 15.42 -32.69
C GLU F 249 -55.90 16.31 -31.47
N ASP F 250 -54.87 16.02 -30.69
CA ASP F 250 -54.55 16.86 -29.53
C ASP F 250 -54.14 18.25 -30.00
N ILE F 251 -53.29 18.33 -31.02
CA ILE F 251 -52.86 19.63 -31.53
C ILE F 251 -54.03 20.36 -32.17
N CYS F 252 -54.83 19.66 -32.98
CA CYS F 252 -55.99 20.28 -33.61
C CYS F 252 -56.98 20.78 -32.56
N HIS F 253 -57.15 20.03 -31.48
CA HIS F 253 -58.07 20.47 -30.43
C HIS F 253 -57.57 21.74 -29.77
N GLN F 254 -56.26 21.88 -29.60
CA GLN F 254 -55.72 23.07 -28.95
C GLN F 254 -55.79 24.29 -29.86
N ILE F 255 -55.55 24.09 -31.16
CA ILE F 255 -55.59 25.22 -32.09
C ILE F 255 -57.00 25.78 -32.21
N LEU F 256 -58.00 24.90 -32.35
CA LEU F 256 -59.38 25.36 -32.47
C LEU F 256 -59.92 25.93 -31.17
N ASP F 257 -59.31 25.61 -30.03
CA ASP F 257 -59.71 26.22 -28.76
C ASP F 257 -59.46 27.72 -28.76
N LEU F 258 -58.43 28.17 -29.49
CA LEU F 258 -58.18 29.61 -29.61
C LEU F 258 -59.33 30.29 -30.34
N TYR F 259 -59.80 29.68 -31.43
CA TYR F 259 -60.89 30.26 -32.21
C TYR F 259 -62.20 30.21 -31.44
N SER F 260 -62.47 29.11 -30.74
CA SER F 260 -63.74 28.98 -30.01
C SER F 260 -63.80 29.89 -28.81
N GLN F 261 -62.67 30.21 -28.18
CA GLN F 261 -62.67 31.11 -27.05
C GLN F 261 -63.03 32.53 -27.48
N GLY F 262 -62.34 33.04 -28.49
CA GLY F 262 -62.64 34.34 -29.05
C GLY F 262 -63.87 34.39 -29.92
N LYS F 263 -64.57 33.28 -30.10
CA LYS F 263 -65.80 33.13 -30.88
C LYS F 263 -65.57 33.28 -32.37
N GLN F 264 -64.35 33.60 -32.81
CA GLN F 264 -64.07 33.71 -34.24
C GLN F 264 -64.21 32.36 -34.92
N GLN F 265 -64.56 32.40 -36.19
CA GLN F 265 -64.79 31.18 -36.98
C GLN F 265 -63.55 30.84 -37.79
N MET F 266 -63.52 29.60 -38.28
CA MET F 266 -62.39 29.13 -39.05
C MET F 266 -62.18 30.01 -40.28
N PRO F 267 -60.92 30.22 -40.70
CA PRO F 267 -60.66 31.10 -41.85
C PRO F 267 -61.42 30.66 -43.09
N HIS F 268 -61.21 29.41 -43.50
CA HIS F 268 -61.92 28.82 -44.64
C HIS F 268 -61.86 29.68 -45.89
N MET G 29 55.77 -20.33 23.10
CA MET G 29 55.66 -18.89 23.02
C MET G 29 54.90 -18.33 24.23
N SER G 30 53.94 -19.13 24.73
CA SER G 30 53.19 -18.78 25.93
C SER G 30 53.48 -19.82 27.01
N TYR G 31 53.32 -19.39 28.27
CA TYR G 31 53.66 -20.23 29.40
C TYR G 31 52.57 -20.11 30.46
N ASN G 32 52.04 -21.24 30.91
CA ASN G 32 50.92 -21.27 31.84
C ASN G 32 51.16 -22.34 32.90
N TYR G 33 50.33 -22.30 33.94
CA TYR G 33 50.50 -23.14 35.12
C TYR G 33 49.13 -23.45 35.68
N VAL G 34 48.81 -24.74 35.82
CA VAL G 34 47.48 -25.20 36.20
C VAL G 34 47.60 -26.08 37.44
N VAL G 35 46.77 -25.79 38.45
CA VAL G 35 46.72 -26.56 39.68
C VAL G 35 45.28 -26.94 39.97
N THR G 36 45.11 -28.04 40.71
CA THR G 36 43.79 -28.47 41.16
C THR G 36 43.51 -27.87 42.53
N ALA G 37 42.45 -27.06 42.61
CA ALA G 37 42.03 -26.49 43.88
C ALA G 37 41.06 -27.41 44.62
N GLN G 38 40.14 -28.04 43.91
CA GLN G 38 39.21 -29.01 44.48
C GLN G 38 39.20 -30.26 43.61
N LYS G 39 39.48 -31.41 44.22
CA LYS G 39 39.48 -32.66 43.50
C LYS G 39 38.07 -32.99 43.01
N PRO G 40 37.96 -33.85 41.98
CA PRO G 40 36.64 -34.23 41.49
C PRO G 40 35.82 -34.87 42.60
N THR G 41 34.56 -34.41 42.74
CA THR G 41 33.68 -34.88 43.79
C THR G 41 32.57 -35.81 43.30
N ALA G 42 32.26 -35.80 42.01
CA ALA G 42 31.20 -36.64 41.49
C ALA G 42 31.67 -38.09 41.42
N VAL G 43 30.86 -38.99 41.95
CA VAL G 43 31.19 -40.42 41.93
C VAL G 43 30.81 -40.99 40.58
N ASN G 44 31.80 -41.46 39.83
CA ASN G 44 31.59 -42.05 38.52
C ASN G 44 31.42 -43.56 38.59
N GLY G 45 31.78 -44.17 39.73
CA GLY G 45 31.65 -45.61 39.89
C GLY G 45 31.96 -46.03 41.31
N CYS G 46 31.35 -47.13 41.75
CA CYS G 46 31.58 -47.64 43.09
C CYS G 46 31.45 -49.16 43.09
N VAL G 47 32.39 -49.84 43.76
CA VAL G 47 32.44 -51.29 43.79
C VAL G 47 32.74 -51.77 45.21
N THR G 48 32.34 -53.01 45.46
CA THR G 48 32.58 -53.67 46.74
C THR G 48 33.40 -54.94 46.51
N GLY G 49 34.38 -55.17 47.38
CA GLY G 49 35.23 -56.35 47.24
C GLY G 49 36.16 -56.59 48.43
N HIS G 50 37.32 -57.22 48.15
CA HIS G 50 38.31 -57.56 49.18
C HIS G 50 39.71 -57.20 48.66
N PHE G 51 40.00 -55.90 48.59
CA PHE G 51 41.25 -55.44 48.00
C PHE G 51 42.38 -55.35 49.01
N THR G 52 42.13 -54.73 50.16
CA THR G 52 43.18 -54.58 51.16
C THR G 52 43.52 -55.92 51.81
N SER G 53 42.50 -56.67 52.23
CA SER G 53 42.70 -57.99 52.82
C SER G 53 41.55 -58.90 52.47
N ALA G 54 41.77 -60.21 52.64
CA ALA G 54 40.74 -61.20 52.37
C ALA G 54 39.60 -61.15 53.37
N GLU G 55 39.80 -60.53 54.53
CA GLU G 55 38.78 -60.49 55.56
C GLU G 55 37.95 -59.21 55.50
N ASP G 56 38.59 -58.07 55.29
CA ASP G 56 37.87 -56.81 55.26
C ASP G 56 37.01 -56.70 54.00
N LEU G 57 35.88 -56.02 54.13
CA LEU G 57 35.03 -55.69 53.00
C LEU G 57 35.29 -54.22 52.63
N ASN G 58 35.81 -54.00 51.43
CA ASN G 58 36.23 -52.68 51.00
C ASN G 58 35.23 -52.08 50.03
N LEU G 59 35.10 -50.76 50.08
CA LEU G 59 34.30 -50.01 49.12
C LEU G 59 35.24 -49.09 48.37
N LEU G 60 35.55 -49.43 47.13
CA LEU G 60 36.44 -48.63 46.30
C LEU G 60 35.59 -47.68 45.47
N ILE G 61 35.59 -46.42 45.85
CA ILE G 61 34.83 -45.40 45.15
C ILE G 61 35.74 -44.77 44.11
N ALA G 62 35.21 -44.60 42.89
CA ALA G 62 35.98 -44.07 41.77
C ALA G 62 35.40 -42.74 41.34
N LYS G 63 36.13 -41.66 41.58
CA LYS G 63 35.84 -40.37 40.98
C LYS G 63 36.81 -40.16 39.81
N ASN G 64 36.59 -39.07 39.08
CA ASN G 64 37.35 -38.88 37.84
C ASN G 64 38.84 -38.78 38.15
N THR G 65 39.60 -39.74 37.64
CA THR G 65 41.06 -39.87 37.79
C THR G 65 41.50 -40.14 39.22
N ARG G 66 40.57 -40.35 40.16
CA ARG G 66 40.90 -40.58 41.55
C ARG G 66 40.33 -41.92 42.01
N LEU G 67 41.09 -42.63 42.84
CA LEU G 67 40.67 -43.90 43.41
C LEU G 67 40.76 -43.83 44.92
N GLU G 68 39.63 -44.00 45.58
CA GLU G 68 39.55 -43.97 47.04
C GLU G 68 39.32 -45.38 47.56
N ILE G 69 40.14 -45.80 48.52
CA ILE G 69 40.03 -47.12 49.12
C ILE G 69 39.54 -46.93 50.55
N TYR G 70 38.40 -47.53 50.86
CA TYR G 70 37.79 -47.45 52.18
C TYR G 70 37.61 -48.84 52.76
N VAL G 71 37.38 -48.88 54.06
CA VAL G 71 37.11 -50.14 54.77
C VAL G 71 35.74 -50.02 55.41
N VAL G 72 34.84 -50.94 55.07
CA VAL G 72 33.48 -50.90 55.59
C VAL G 72 33.48 -51.37 57.04
N THR G 73 32.93 -50.54 57.92
CA THR G 73 32.77 -50.87 59.32
C THR G 73 31.29 -50.84 59.68
N ALA G 74 31.00 -51.11 60.95
CA ALA G 74 29.63 -51.02 61.44
C ALA G 74 29.17 -49.57 61.63
N GLU G 75 30.12 -48.62 61.73
CA GLU G 75 29.74 -47.22 61.88
C GLU G 75 29.70 -46.47 60.55
N GLY G 76 30.38 -46.98 59.52
CA GLY G 76 30.45 -46.29 58.25
C GLY G 76 31.63 -46.77 57.43
N LEU G 77 32.36 -45.84 56.81
CA LEU G 77 33.54 -46.16 56.02
C LEU G 77 34.78 -45.66 56.74
N ARG G 78 35.84 -46.45 56.68
CA ARG G 78 37.13 -46.07 57.27
C ARG G 78 38.15 -45.90 56.17
N PRO G 79 38.66 -44.69 55.95
CA PRO G 79 39.62 -44.48 54.85
C PRO G 79 40.92 -45.21 55.11
N VAL G 80 41.53 -45.67 54.02
CA VAL G 80 42.77 -46.45 54.11
C VAL G 80 43.79 -45.91 53.12
N LYS G 81 43.34 -45.48 51.95
CA LYS G 81 44.26 -45.02 50.92
C LYS G 81 43.48 -44.32 49.81
N GLU G 82 44.07 -43.26 49.26
CA GLU G 82 43.55 -42.58 48.07
C GLU G 82 44.72 -42.34 47.13
N VAL G 83 44.59 -42.82 45.90
CA VAL G 83 45.65 -42.69 44.90
C VAL G 83 45.11 -41.93 43.69
N GLY G 84 46.02 -41.25 43.00
CA GLY G 84 45.71 -40.57 41.76
C GLY G 84 46.28 -41.33 40.58
N MET G 85 45.51 -41.39 39.50
CA MET G 85 45.92 -42.10 38.29
C MET G 85 46.05 -41.14 37.13
N TYR G 86 47.00 -41.44 36.24
CA TYR G 86 47.24 -40.63 35.05
C TYR G 86 46.32 -41.07 33.92
N GLY G 87 45.02 -40.99 34.20
CA GLY G 87 44.00 -41.38 33.24
C GLY G 87 42.61 -41.32 33.85
N LYS G 88 41.60 -41.13 33.01
CA LYS G 88 40.22 -41.10 33.48
C LYS G 88 39.73 -42.53 33.67
N ILE G 89 39.37 -42.89 34.90
CA ILE G 89 38.98 -44.26 35.23
C ILE G 89 37.65 -44.56 34.55
N ALA G 90 37.68 -45.45 33.55
CA ALA G 90 36.48 -45.87 32.83
C ALA G 90 35.95 -47.20 33.34
N VAL G 91 36.80 -48.22 33.44
CA VAL G 91 36.42 -49.53 33.94
C VAL G 91 37.17 -49.78 35.24
N MET G 92 36.47 -50.28 36.24
CA MET G 92 37.08 -50.59 37.53
C MET G 92 36.38 -51.83 38.09
N GLU G 93 37.11 -52.94 38.18
CA GLU G 93 36.52 -54.18 38.65
C GLU G 93 37.51 -54.92 39.54
N LEU G 94 36.97 -55.57 40.57
CA LEU G 94 37.76 -56.38 41.50
C LEU G 94 37.59 -57.86 41.18
N PHE G 95 38.70 -58.58 41.17
CA PHE G 95 38.70 -60.00 40.86
C PHE G 95 39.74 -60.71 41.72
N ARG G 96 39.54 -62.01 41.91
CA ARG G 96 40.44 -62.84 42.71
C ARG G 96 40.75 -64.11 41.93
N PRO G 97 41.92 -64.18 41.29
CA PRO G 97 42.28 -65.38 40.53
C PRO G 97 42.62 -66.55 41.45
N LYS G 98 42.75 -67.72 40.83
CA LYS G 98 43.08 -68.94 41.57
C LYS G 98 44.46 -68.81 42.18
N GLY G 99 44.54 -68.86 43.51
CA GLY G 99 45.82 -68.78 44.19
C GLY G 99 46.12 -67.46 44.85
N GLU G 100 45.22 -66.49 44.79
CA GLU G 100 45.44 -65.17 45.38
C GLU G 100 44.79 -65.07 46.75
N SER G 101 45.45 -64.38 47.67
CA SER G 101 44.92 -64.22 49.02
C SER G 101 43.77 -63.22 49.05
N LYS G 102 43.91 -62.10 48.34
CA LYS G 102 42.88 -61.06 48.33
C LYS G 102 42.61 -60.66 46.88
N ASP G 103 41.52 -59.93 46.69
CA ASP G 103 41.13 -59.51 45.35
C ASP G 103 42.12 -58.51 44.78
N LEU G 104 42.33 -58.59 43.48
CA LEU G 104 43.12 -57.62 42.74
C LEU G 104 42.20 -56.67 41.99
N LEU G 105 42.74 -55.53 41.60
CA LEU G 105 41.96 -54.49 40.95
C LEU G 105 42.40 -54.35 39.50
N PHE G 106 41.43 -54.35 38.59
CA PHE G 106 41.66 -54.09 37.18
C PHE G 106 41.02 -52.75 36.82
N ILE G 107 41.77 -51.90 36.14
CA ILE G 107 41.31 -50.57 35.78
C ILE G 107 41.70 -50.29 34.33
N LEU G 108 40.73 -49.86 33.53
CA LEU G 108 40.97 -49.41 32.16
C LEU G 108 40.60 -47.94 32.06
N THR G 109 41.53 -47.12 31.58
CA THR G 109 41.33 -45.69 31.51
C THR G 109 40.64 -45.29 30.21
N ALA G 110 40.30 -44.00 30.11
CA ALA G 110 39.69 -43.49 28.90
C ALA G 110 40.65 -43.54 27.72
N LYS G 111 41.95 -43.42 27.97
CA LYS G 111 42.97 -43.53 26.95
C LYS G 111 43.44 -44.97 26.74
N TYR G 112 42.61 -45.94 27.15
CA TYR G 112 42.84 -47.38 26.94
C TYR G 112 44.05 -47.91 27.71
N ASN G 113 44.45 -47.25 28.79
CA ASN G 113 45.50 -47.79 29.65
C ASN G 113 44.88 -48.83 30.59
N ALA G 114 45.34 -50.07 30.49
CA ALA G 114 44.86 -51.15 31.32
C ALA G 114 45.95 -51.60 32.28
N CYS G 115 45.54 -52.01 33.48
CA CYS G 115 46.49 -52.41 34.50
C CYS G 115 45.80 -53.26 35.54
N ILE G 116 46.59 -54.07 36.24
CA ILE G 116 46.14 -54.87 37.36
C ILE G 116 46.96 -54.47 38.58
N LEU G 117 46.26 -54.13 39.67
CA LEU G 117 46.88 -53.53 40.84
C LEU G 117 46.72 -54.42 42.06
N GLU G 118 47.69 -54.32 42.98
CA GLU G 118 47.67 -55.06 44.23
C GLU G 118 47.93 -54.10 45.39
N TYR G 119 47.30 -54.39 46.52
CA TYR G 119 47.45 -53.59 47.74
C TYR G 119 48.62 -54.10 48.57
N LYS G 120 49.49 -53.18 48.99
CA LYS G 120 50.65 -53.50 49.82
C LYS G 120 50.75 -52.49 50.95
N GLN G 121 50.85 -52.99 52.18
CA GLN G 121 50.94 -52.16 53.37
C GLN G 121 52.12 -52.61 54.20
N SER G 122 53.11 -51.72 54.37
CA SER G 122 54.27 -51.98 55.22
C SER G 122 54.19 -51.03 56.41
N GLY G 123 53.40 -51.42 57.40
CA GLY G 123 53.19 -50.59 58.58
C GLY G 123 52.26 -49.42 58.31
N GLU G 124 52.80 -48.20 58.37
CA GLU G 124 52.04 -46.99 58.11
C GLU G 124 52.18 -46.49 56.67
N SER G 125 53.16 -46.99 55.92
CA SER G 125 53.35 -46.60 54.53
C SER G 125 52.55 -47.54 53.64
N ILE G 126 51.50 -47.02 53.03
CA ILE G 126 50.61 -47.79 52.16
C ILE G 126 50.90 -47.41 50.72
N ASP G 127 51.22 -48.41 49.90
CA ASP G 127 51.53 -48.21 48.49
C ASP G 127 50.79 -49.25 47.65
N ILE G 128 50.44 -48.85 46.43
CA ILE G 128 49.70 -49.71 45.50
C ILE G 128 50.65 -50.19 44.41
N ILE G 129 50.72 -51.50 44.25
CA ILE G 129 51.68 -52.14 43.34
C ILE G 129 51.00 -52.43 42.02
N THR G 130 51.70 -52.15 40.91
CA THR G 130 51.20 -52.43 39.57
C THR G 130 51.72 -53.81 39.13
N ARG G 131 50.83 -54.81 39.17
CA ARG G 131 51.24 -56.15 38.78
C ARG G 131 51.37 -56.28 37.27
N ALA G 132 50.40 -55.74 36.52
CA ALA G 132 50.42 -55.79 35.08
C ALA G 132 49.97 -54.45 34.53
N HIS G 133 50.38 -54.15 33.30
CA HIS G 133 50.01 -52.89 32.67
C HIS G 133 50.16 -53.03 31.15
N GLY G 134 49.39 -52.24 30.43
CA GLY G 134 49.44 -52.25 28.98
C GLY G 134 48.39 -51.34 28.40
N ASN G 135 48.52 -51.09 27.11
CA ASN G 135 47.58 -50.25 26.37
C ASN G 135 46.87 -51.12 25.34
N VAL G 136 45.54 -51.20 25.44
CA VAL G 136 44.75 -52.09 24.62
C VAL G 136 44.07 -51.36 23.46
N GLN G 137 44.58 -50.19 23.09
CA GLN G 137 44.01 -49.46 21.96
C GLN G 137 44.36 -50.14 20.65
N ASP G 138 43.37 -50.26 19.77
CA ASP G 138 43.58 -50.80 18.44
C ASP G 138 43.84 -49.66 17.47
N ARG G 139 44.72 -49.93 16.49
CA ARG G 139 45.06 -48.91 15.50
C ARG G 139 43.84 -48.51 14.68
N ILE G 140 42.95 -49.46 14.38
CA ILE G 140 41.76 -49.22 13.59
C ILE G 140 40.55 -49.73 14.37
N GLY G 141 39.51 -48.91 14.46
CA GLY G 141 38.28 -49.31 15.12
C GLY G 141 37.34 -48.15 15.38
N ARG G 142 36.04 -48.37 15.18
CA ARG G 142 35.05 -47.35 15.46
C ARG G 142 34.61 -47.44 16.92
N PRO G 143 34.82 -46.41 17.73
CA PRO G 143 34.38 -46.47 19.14
C PRO G 143 32.88 -46.68 19.24
N SER G 144 32.49 -47.57 20.15
CA SER G 144 31.09 -47.95 20.27
C SER G 144 30.25 -46.81 20.84
N GLU G 145 28.93 -46.94 20.68
CA GLU G 145 28.00 -45.89 21.11
C GLU G 145 27.78 -45.90 22.61
N THR G 146 27.63 -47.09 23.20
CA THR G 146 27.32 -47.21 24.62
C THR G 146 28.55 -47.11 25.52
N GLY G 147 29.71 -46.75 24.97
CA GLY G 147 30.88 -46.50 25.78
C GLY G 147 31.68 -47.76 26.08
N ILE G 148 32.80 -47.55 26.75
CA ILE G 148 33.68 -48.65 27.12
C ILE G 148 32.97 -49.54 28.14
N ILE G 149 32.99 -50.85 27.89
CA ILE G 149 32.39 -51.84 28.79
C ILE G 149 33.47 -52.81 29.22
N GLY G 150 33.51 -53.12 30.51
CA GLY G 150 34.47 -54.07 31.03
C GLY G 150 33.82 -55.15 31.89
N ILE G 151 34.02 -56.41 31.51
CA ILE G 151 33.46 -57.55 32.23
C ILE G 151 34.55 -58.60 32.43
N ILE G 152 34.42 -59.36 33.51
CA ILE G 152 35.39 -60.39 33.86
C ILE G 152 34.65 -61.72 33.99
N ASP G 153 35.25 -62.78 33.46
CA ASP G 153 34.66 -64.11 33.53
C ASP G 153 34.52 -64.54 34.98
N PRO G 154 33.43 -65.24 35.34
CA PRO G 154 33.30 -65.74 36.72
C PRO G 154 34.46 -66.64 37.15
N GLU G 155 35.02 -67.43 36.23
CA GLU G 155 36.19 -68.25 36.52
C GLU G 155 37.50 -67.49 36.40
N CYS G 156 37.45 -66.19 36.17
CA CYS G 156 38.65 -65.35 36.02
C CYS G 156 39.57 -65.91 34.94
N ARG G 157 38.99 -66.37 33.85
CA ARG G 157 39.75 -66.91 32.72
C ARG G 157 40.20 -65.83 31.75
N MET G 158 39.47 -64.72 31.68
CA MET G 158 39.76 -63.68 30.71
C MET G 158 39.08 -62.40 31.16
N ILE G 159 39.54 -61.28 30.59
CA ILE G 159 38.92 -59.98 30.78
C ILE G 159 38.26 -59.60 29.46
N GLY G 160 36.96 -59.35 29.50
CA GLY G 160 36.20 -58.99 28.31
C GLY G 160 36.04 -57.48 28.20
N LEU G 161 36.45 -56.94 27.05
CA LEU G 161 36.38 -55.51 26.78
C LEU G 161 35.60 -55.29 25.50
N ARG G 162 34.67 -54.35 25.53
CA ARG G 162 33.93 -53.90 24.35
C ARG G 162 34.35 -52.45 24.10
N LEU G 163 35.35 -52.27 23.23
CA LEU G 163 35.90 -50.96 22.95
C LEU G 163 35.46 -50.41 21.60
N TYR G 164 35.19 -51.28 20.62
CA TYR G 164 34.85 -50.85 19.28
C TYR G 164 33.68 -51.67 18.77
N ASP G 165 32.96 -51.10 17.80
CA ASP G 165 31.82 -51.78 17.20
C ASP G 165 32.31 -53.00 16.41
N GLY G 166 31.66 -54.13 16.63
CA GLY G 166 32.03 -55.34 15.90
C GLY G 166 33.32 -55.98 16.35
N LEU G 167 33.82 -55.63 17.54
CA LEU G 167 35.05 -56.20 18.05
C LEU G 167 34.91 -56.45 19.55
N PHE G 168 35.29 -57.65 19.98
CA PHE G 168 35.31 -58.03 21.39
C PHE G 168 36.74 -58.41 21.74
N LYS G 169 37.38 -57.60 22.60
CA LYS G 169 38.77 -57.81 22.97
C LYS G 169 38.85 -58.70 24.21
N VAL G 170 39.74 -59.68 24.17
CA VAL G 170 39.90 -60.66 25.24
C VAL G 170 41.35 -60.61 25.72
N ILE G 171 41.53 -60.32 27.00
CA ILE G 171 42.84 -60.38 27.65
C ILE G 171 42.90 -61.68 28.45
N PRO G 172 43.61 -62.70 27.99
CA PRO G 172 43.65 -63.96 28.74
C PRO G 172 44.37 -63.78 30.06
N LEU G 173 43.70 -64.19 31.14
CA LEU G 173 44.22 -64.02 32.50
C LEU G 173 45.19 -65.15 32.85
N ASP G 174 46.35 -65.10 32.22
CA ASP G 174 47.44 -66.01 32.52
C ASP G 174 48.40 -65.32 33.49
N ARG G 175 49.10 -66.12 34.29
CA ARG G 175 49.99 -65.55 35.30
C ARG G 175 51.15 -64.78 34.67
N ASP G 176 51.54 -65.13 33.45
CA ASP G 176 52.67 -64.50 32.77
C ASP G 176 52.25 -63.32 31.90
N ASN G 177 50.95 -63.04 31.79
CA ASN G 177 50.45 -61.95 30.95
C ASN G 177 50.53 -60.61 31.70
N LYS G 178 51.77 -60.22 32.02
CA LYS G 178 52.01 -58.96 32.72
C LYS G 178 51.95 -57.76 31.78
N GLU G 179 52.09 -57.95 30.47
CA GLU G 179 51.93 -56.87 29.51
C GLU G 179 50.49 -56.71 29.06
N LEU G 180 49.59 -57.57 29.51
CA LEU G 180 48.16 -57.50 29.19
C LEU G 180 47.92 -57.53 27.69
N LYS G 181 48.64 -58.42 27.00
CA LYS G 181 48.41 -58.62 25.58
C LYS G 181 47.01 -59.19 25.36
N ALA G 182 46.41 -58.86 24.22
CA ALA G 182 45.03 -59.23 23.97
C ALA G 182 44.83 -59.46 22.48
N PHE G 183 43.81 -60.26 22.16
CA PHE G 183 43.40 -60.53 20.80
C PHE G 183 41.95 -60.11 20.61
N ASN G 184 41.58 -59.85 19.36
CA ASN G 184 40.24 -59.38 19.02
C ASN G 184 39.47 -60.50 18.32
N ILE G 185 38.26 -60.75 18.79
CA ILE G 185 37.34 -61.68 18.16
C ILE G 185 36.31 -60.88 17.38
N ARG G 186 36.11 -61.22 16.12
CA ARG G 186 35.14 -60.51 15.29
C ARG G 186 33.74 -60.69 15.85
N LEU G 187 32.96 -59.61 15.83
CA LEU G 187 31.60 -59.59 16.37
C LEU G 187 30.65 -59.26 15.23
N GLU G 188 29.72 -60.18 14.95
CA GLU G 188 28.77 -59.98 13.87
C GLU G 188 27.85 -58.79 14.15
N GLU G 189 27.30 -58.73 15.37
CA GLU G 189 26.39 -57.66 15.76
C GLU G 189 27.21 -56.40 16.06
N LEU G 190 27.06 -55.38 15.22
CA LEU G 190 27.89 -54.19 15.34
C LEU G 190 27.42 -53.28 16.48
N HIS G 191 26.11 -53.07 16.61
CA HIS G 191 25.55 -52.14 17.59
C HIS G 191 25.11 -52.92 18.82
N VAL G 192 25.94 -52.91 19.86
CA VAL G 192 25.66 -53.61 21.11
C VAL G 192 25.30 -52.57 22.17
N ILE G 193 24.36 -52.94 23.05
CA ILE G 193 23.90 -52.06 24.11
C ILE G 193 24.62 -52.32 25.43
N ASP G 194 24.70 -53.59 25.83
CA ASP G 194 25.37 -53.97 27.07
C ASP G 194 25.70 -55.45 27.02
N VAL G 195 26.75 -55.83 27.75
CA VAL G 195 27.23 -57.22 27.73
C VAL G 195 27.78 -57.57 29.11
N LYS G 196 27.57 -58.81 29.53
CA LYS G 196 28.10 -59.32 30.79
C LYS G 196 28.53 -60.78 30.59
N PHE G 197 29.45 -61.22 31.44
CA PHE G 197 29.83 -62.63 31.48
C PHE G 197 28.79 -63.39 32.30
N LEU G 198 28.19 -64.41 31.69
CA LEU G 198 27.10 -65.12 32.33
C LEU G 198 27.61 -66.06 33.42
N TYR G 199 26.73 -66.35 34.37
CA TYR G 199 27.00 -67.28 35.45
C TYR G 199 26.37 -68.64 35.16
N GLY G 200 26.97 -69.69 35.70
CA GLY G 200 26.39 -71.02 35.62
C GLY G 200 26.59 -71.72 34.29
N CYS G 201 27.57 -71.29 33.51
CA CYS G 201 27.84 -71.89 32.21
C CYS G 201 29.06 -72.80 32.27
N GLN G 202 29.01 -73.88 31.49
CA GLN G 202 30.12 -74.84 31.46
C GLN G 202 31.37 -74.18 30.89
N ALA G 203 31.24 -73.53 29.75
CA ALA G 203 32.27 -72.72 29.11
C ALA G 203 32.00 -71.25 29.34
N PRO G 204 33.02 -70.39 29.30
CA PRO G 204 32.78 -68.94 29.45
C PRO G 204 31.84 -68.44 28.37
N THR G 205 30.72 -67.86 28.81
CA THR G 205 29.63 -67.43 27.93
C THR G 205 29.29 -65.98 28.21
N ILE G 206 29.13 -65.19 27.16
CA ILE G 206 28.74 -63.79 27.27
C ILE G 206 27.28 -63.64 26.86
N CYS G 207 26.60 -62.69 27.49
CA CYS G 207 25.21 -62.38 27.19
C CYS G 207 25.10 -60.88 26.94
N PHE G 208 24.57 -60.52 25.77
CA PHE G 208 24.55 -59.13 25.32
C PHE G 208 23.23 -58.81 24.63
N VAL G 209 22.80 -57.56 24.80
CA VAL G 209 21.66 -57.02 24.07
C VAL G 209 22.18 -56.13 22.96
N TYR G 210 21.83 -56.46 21.71
CA TYR G 210 22.27 -55.69 20.56
C TYR G 210 21.05 -55.09 19.86
N GLN G 211 21.30 -54.07 19.05
CA GLN G 211 20.25 -53.37 18.31
C GLN G 211 20.55 -53.39 16.82
N ASP G 212 19.66 -54.01 16.06
CA ASP G 212 19.70 -53.98 14.60
C ASP G 212 18.42 -53.30 14.11
N PRO G 213 18.25 -53.05 12.81
CA PRO G 213 17.00 -52.43 12.33
C PRO G 213 15.74 -53.21 12.71
N GLN G 214 15.85 -54.50 13.06
CA GLN G 214 14.70 -55.29 13.45
C GLN G 214 14.38 -55.17 14.95
N GLY G 215 14.84 -54.11 15.60
CA GLY G 215 14.66 -53.95 17.02
C GLY G 215 15.90 -54.36 17.80
N ARG G 216 15.69 -54.58 19.09
CA ARG G 216 16.75 -55.05 19.97
C ARG G 216 16.54 -56.53 20.31
N HIS G 217 17.65 -57.25 20.44
CA HIS G 217 17.61 -58.67 20.74
C HIS G 217 18.69 -58.99 21.77
N VAL G 218 18.56 -60.16 22.39
CA VAL G 218 19.56 -60.69 23.31
C VAL G 218 20.14 -61.95 22.70
N LYS G 219 21.47 -62.08 22.72
CA LYS G 219 22.14 -63.22 22.12
C LYS G 219 23.27 -63.68 23.03
N THR G 220 23.79 -64.89 22.77
CA THR G 220 24.84 -65.47 23.58
C THR G 220 25.89 -66.09 22.67
N TYR G 221 27.14 -66.04 23.13
CA TYR G 221 28.27 -66.67 22.45
C TYR G 221 29.15 -67.34 23.49
N GLU G 222 29.87 -68.38 23.05
CA GLU G 222 30.85 -69.04 23.90
C GLU G 222 32.25 -68.62 23.46
N VAL G 223 33.05 -68.16 24.41
CA VAL G 223 34.40 -67.69 24.14
C VAL G 223 35.39 -68.83 24.35
N SER G 224 36.26 -69.04 23.37
CA SER G 224 37.27 -70.10 23.43
C SER G 224 38.64 -69.44 23.36
N LEU G 225 39.38 -69.46 24.48
CA LEU G 225 40.74 -68.93 24.49
C LEU G 225 41.66 -69.75 23.60
N ARG G 226 41.38 -71.05 23.46
CA ARG G 226 42.22 -71.92 22.64
C ARG G 226 42.05 -71.61 21.16
N GLU G 227 40.81 -71.55 20.69
CA GLU G 227 40.53 -71.26 19.30
C GLU G 227 40.59 -69.77 18.97
N LYS G 228 40.43 -68.90 19.98
CA LYS G 228 40.39 -67.45 19.78
C LYS G 228 39.29 -67.07 18.80
N GLU G 229 38.08 -67.56 19.07
CA GLU G 229 36.92 -67.26 18.23
C GLU G 229 35.66 -67.56 19.03
N PHE G 230 34.53 -67.13 18.48
CA PHE G 230 33.23 -67.37 19.10
C PHE G 230 32.63 -68.68 18.61
N ASN G 231 32.00 -69.40 19.52
CA ASN G 231 31.20 -70.57 19.20
C ASN G 231 29.73 -70.23 19.44
N LYS G 232 28.86 -71.17 19.08
CA LYS G 232 27.43 -70.94 19.24
C LYS G 232 27.07 -70.83 20.72
N GLY G 233 26.22 -69.85 21.04
CA GLY G 233 25.81 -69.62 22.40
C GLY G 233 24.80 -70.63 22.89
N PRO G 234 24.60 -70.68 24.21
CA PRO G 234 23.65 -71.66 24.78
C PRO G 234 22.20 -71.46 24.35
N TRP G 235 21.60 -70.32 24.70
CA TRP G 235 20.19 -70.08 24.41
C TRP G 235 20.02 -69.06 23.29
N LYS G 236 18.89 -69.17 22.59
CA LYS G 236 18.66 -68.47 21.34
C LYS G 236 18.38 -66.98 21.56
N GLN G 237 18.34 -66.25 20.45
CA GLN G 237 17.98 -64.85 20.45
C GLN G 237 16.47 -64.68 20.41
N GLU G 238 15.98 -63.65 21.12
CA GLU G 238 14.56 -63.30 21.11
C GLU G 238 14.43 -61.79 20.94
N ASN G 239 13.31 -61.38 20.34
CA ASN G 239 13.02 -59.95 20.19
C ASN G 239 12.63 -59.34 21.53
N VAL G 240 13.39 -58.34 21.97
CA VAL G 240 13.17 -57.71 23.27
C VAL G 240 12.67 -56.28 23.08
N GLU G 241 12.55 -55.55 24.18
CA GLU G 241 12.02 -54.20 24.15
C GLU G 241 12.92 -53.27 23.33
N ALA G 242 12.30 -52.29 22.67
CA ALA G 242 13.04 -51.34 21.85
C ALA G 242 13.95 -50.43 22.68
N GLU G 243 13.69 -50.28 23.97
CA GLU G 243 14.52 -49.46 24.85
C GLU G 243 15.19 -50.31 25.92
N ALA G 244 15.66 -51.50 25.56
CA ALA G 244 16.41 -52.34 26.48
C ALA G 244 17.71 -51.65 26.87
N SER G 245 17.97 -51.57 28.18
CA SER G 245 19.07 -50.77 28.70
C SER G 245 20.22 -51.60 29.22
N MET G 246 20.01 -52.41 30.25
CA MET G 246 21.11 -53.05 30.97
C MET G 246 20.96 -54.56 31.00
N VAL G 247 22.09 -55.24 31.16
CA VAL G 247 22.16 -56.69 31.31
C VAL G 247 22.68 -56.98 32.71
N ILE G 248 21.99 -57.89 33.42
CA ILE G 248 22.32 -58.24 34.79
C ILE G 248 22.65 -59.73 34.83
N ALA G 249 23.88 -60.05 35.20
CA ALA G 249 24.34 -61.44 35.26
C ALA G 249 23.84 -62.07 36.57
N VAL G 250 22.78 -62.84 36.47
CA VAL G 250 22.22 -63.52 37.66
C VAL G 250 23.19 -64.59 38.13
N PRO G 251 23.50 -64.68 39.43
CA PRO G 251 24.53 -65.62 39.90
C PRO G 251 24.18 -67.08 39.73
N GLU G 252 25.04 -67.95 40.27
CA GLU G 252 24.91 -69.39 40.06
C GLU G 252 23.57 -69.99 40.51
N PRO G 253 23.04 -69.66 41.69
CA PRO G 253 21.77 -70.30 42.12
C PRO G 253 20.64 -70.21 41.11
N PHE G 254 20.35 -69.01 40.60
CA PHE G 254 19.30 -68.86 39.60
C PHE G 254 19.85 -69.04 38.18
N GLY G 255 20.99 -68.42 37.89
CA GLY G 255 21.57 -68.49 36.57
C GLY G 255 20.89 -67.58 35.57
N GLY G 256 21.56 -67.40 34.43
CA GLY G 256 21.00 -66.59 33.37
C GLY G 256 21.26 -65.11 33.54
N ALA G 257 20.34 -64.31 33.02
CA ALA G 257 20.51 -62.86 33.00
C ALA G 257 19.16 -62.18 33.11
N ILE G 258 19.20 -60.91 33.51
CA ILE G 258 18.03 -60.05 33.62
C ILE G 258 18.26 -58.82 32.77
N ILE G 259 17.27 -58.46 31.94
CA ILE G 259 17.36 -57.33 31.03
C ILE G 259 16.43 -56.23 31.53
N ILE G 260 17.00 -55.07 31.83
CA ILE G 260 16.25 -53.91 32.29
C ILE G 260 15.99 -53.00 31.10
N GLY G 261 14.76 -52.49 31.01
CA GLY G 261 14.36 -51.59 29.95
C GLY G 261 13.68 -50.35 30.51
N GLN G 262 12.80 -49.77 29.70
CA GLN G 262 12.03 -48.61 30.12
C GLN G 262 10.69 -48.99 30.72
N GLU G 263 10.03 -50.02 30.20
CA GLU G 263 8.73 -50.44 30.67
C GLU G 263 8.65 -51.88 31.15
N SER G 264 9.63 -52.72 30.80
CA SER G 264 9.56 -54.13 31.13
C SER G 264 10.92 -54.62 31.62
N ILE G 265 10.89 -55.56 32.56
CA ILE G 265 12.06 -56.26 33.04
C ILE G 265 11.90 -57.73 32.68
N THR G 266 12.89 -58.29 31.99
CA THR G 266 12.79 -59.64 31.46
C THR G 266 13.95 -60.49 31.92
N TYR G 267 13.67 -61.76 32.21
CA TYR G 267 14.68 -62.74 32.61
C TYR G 267 14.78 -63.83 31.55
N HIS G 268 15.99 -64.07 31.06
CA HIS G 268 16.26 -65.08 30.05
C HIS G 268 17.34 -66.03 30.55
N ASN G 269 17.03 -67.33 30.54
CA ASN G 269 18.02 -68.35 30.91
C ASN G 269 17.59 -69.66 30.27
N GLY G 270 18.33 -70.08 29.24
CA GLY G 270 17.96 -71.31 28.54
C GLY G 270 16.62 -71.16 27.86
N ASP G 271 15.75 -72.14 28.09
CA ASP G 271 14.40 -72.09 27.54
C ASP G 271 13.47 -71.20 28.37
N LYS G 272 13.84 -70.90 29.60
CA LYS G 272 13.00 -70.10 30.49
C LYS G 272 12.94 -68.65 30.01
N TYR G 273 11.74 -68.09 29.99
CA TYR G 273 11.51 -66.69 29.64
C TYR G 273 10.50 -66.09 30.60
N LEU G 274 10.87 -64.97 31.21
CA LEU G 274 10.02 -64.27 32.15
C LEU G 274 9.95 -62.79 31.77
N ALA G 275 8.78 -62.19 31.96
CA ALA G 275 8.58 -60.79 31.58
C ALA G 275 7.59 -60.15 32.55
N ILE G 276 8.05 -59.16 33.30
CA ILE G 276 7.20 -58.35 34.17
C ILE G 276 7.10 -56.94 33.59
N ALA G 277 5.92 -56.34 33.70
CA ALA G 277 5.67 -55.00 33.18
C ALA G 277 4.91 -54.17 34.20
N PRO G 278 5.59 -53.69 35.24
CA PRO G 278 4.92 -52.85 36.24
C PRO G 278 4.68 -51.45 35.72
N PRO G 279 3.57 -50.80 36.13
CA PRO G 279 3.30 -49.44 35.65
C PRO G 279 4.15 -48.36 36.32
N ILE G 280 4.85 -48.69 37.40
CA ILE G 280 5.57 -47.68 38.17
C ILE G 280 6.86 -47.29 37.47
N ILE G 281 7.54 -48.26 36.84
CA ILE G 281 8.83 -47.99 36.22
C ILE G 281 8.72 -47.23 34.91
N LYS G 282 7.51 -47.10 34.36
CA LYS G 282 7.34 -46.33 33.12
C LYS G 282 7.54 -44.84 33.37
N GLN G 283 7.32 -44.37 34.60
CA GLN G 283 7.38 -42.94 34.87
C GLN G 283 8.80 -42.38 34.74
N SER G 284 9.81 -43.19 35.05
CA SER G 284 11.20 -42.73 35.01
C SER G 284 12.10 -43.83 34.51
N THR G 285 13.15 -43.44 33.79
CA THR G 285 14.09 -44.39 33.19
C THR G 285 15.01 -44.99 34.25
N ILE G 286 15.13 -46.31 34.26
CA ILE G 286 16.06 -46.98 35.16
C ILE G 286 17.46 -46.92 34.57
N VAL G 287 18.44 -46.61 35.43
CA VAL G 287 19.79 -46.36 34.94
C VAL G 287 20.86 -47.20 35.64
N CYS G 288 20.64 -47.69 36.86
CA CYS G 288 21.67 -48.42 37.58
C CYS G 288 21.06 -49.64 38.26
N HIS G 289 21.92 -50.58 38.63
CA HIS G 289 21.50 -51.80 39.29
C HIS G 289 22.64 -52.33 40.16
N ASN G 290 22.27 -53.09 41.18
CA ASN G 290 23.24 -53.70 42.09
C ASN G 290 22.58 -54.87 42.81
N ARG G 291 23.38 -55.90 43.09
CA ARG G 291 22.89 -57.09 43.77
C ARG G 291 23.09 -56.98 45.28
N VAL G 292 22.04 -57.32 46.03
CA VAL G 292 22.09 -57.33 47.49
C VAL G 292 22.56 -58.70 47.94
N ASP G 293 21.83 -59.74 47.55
CA ASP G 293 22.16 -61.11 47.93
C ASP G 293 23.11 -61.73 46.91
N PRO G 294 24.26 -62.24 47.34
CA PRO G 294 25.20 -62.86 46.39
C PRO G 294 24.61 -64.03 45.61
N ASN G 295 23.63 -64.74 46.17
CA ASN G 295 22.96 -65.78 45.39
C ASN G 295 22.05 -65.20 44.31
N GLY G 296 21.81 -63.88 44.35
CA GLY G 296 20.99 -63.24 43.34
C GLY G 296 19.52 -63.14 43.66
N SER G 297 19.13 -63.31 44.92
CA SER G 297 17.71 -63.27 45.26
C SER G 297 17.16 -61.86 45.22
N ARG G 298 17.95 -60.86 45.58
CA ARG G 298 17.49 -59.48 45.68
C ARG G 298 18.44 -58.56 44.90
N TYR G 299 17.85 -57.58 44.22
CA TYR G 299 18.60 -56.63 43.39
C TYR G 299 18.07 -55.22 43.61
N LEU G 300 18.97 -54.24 43.44
CA LEU G 300 18.65 -52.83 43.59
C LEU G 300 18.45 -52.19 42.22
N LEU G 301 17.48 -51.28 42.13
CA LEU G 301 17.20 -50.54 40.91
C LEU G 301 16.99 -49.07 41.27
N GLY G 302 17.32 -48.19 40.33
CA GLY G 302 17.20 -46.76 40.56
C GLY G 302 16.71 -46.03 39.33
N ASP G 303 15.96 -44.95 39.57
CA ASP G 303 15.35 -44.15 38.53
C ASP G 303 16.05 -42.80 38.40
N MET G 304 15.64 -42.05 37.37
CA MET G 304 16.18 -40.71 37.16
C MET G 304 15.57 -39.69 38.12
N GLU G 305 14.41 -40.00 38.69
CA GLU G 305 13.74 -39.15 39.66
C GLU G 305 14.18 -39.46 41.08
N GLY G 306 15.25 -40.24 41.25
CA GLY G 306 15.74 -40.57 42.57
C GLY G 306 15.02 -41.74 43.23
N ARG G 307 13.99 -42.29 42.58
CA ARG G 307 13.24 -43.39 43.18
C ARG G 307 14.10 -44.67 43.21
N LEU G 308 13.95 -45.43 44.30
CA LEU G 308 14.71 -46.65 44.52
C LEU G 308 13.77 -47.86 44.53
N PHE G 309 14.08 -48.85 43.70
CA PHE G 309 13.28 -50.06 43.59
C PHE G 309 14.10 -51.28 44.01
N MET G 310 13.41 -52.38 44.27
CA MET G 310 14.04 -53.64 44.66
C MET G 310 13.53 -54.77 43.77
N LEU G 311 14.44 -55.43 43.07
CA LEU G 311 14.11 -56.55 42.19
C LEU G 311 14.28 -57.87 42.95
N LEU G 312 13.17 -58.58 43.17
CA LEU G 312 13.15 -59.81 43.96
C LEU G 312 13.07 -61.03 43.05
N LEU G 313 13.90 -62.03 43.33
CA LEU G 313 13.95 -63.28 42.57
C LEU G 313 13.38 -64.43 43.41
N GLU G 314 12.18 -64.89 43.04
CA GLU G 314 11.54 -66.02 43.73
C GLU G 314 12.18 -67.34 43.34
N LYS G 315 12.32 -68.23 44.33
CA LYS G 315 12.96 -69.53 44.14
C LYS G 315 11.93 -70.66 44.15
N GLU G 316 12.08 -71.60 43.24
CA GLU G 316 11.36 -72.87 43.28
C GLU G 316 12.44 -73.94 43.41
N GLU G 317 12.63 -74.47 44.61
CA GLU G 317 13.68 -75.44 44.87
C GLU G 317 13.08 -76.70 45.49
N GLN G 318 13.43 -77.85 44.91
CA GLN G 318 12.89 -79.16 45.30
C GLN G 318 14.08 -80.12 45.25
N MET G 319 14.78 -80.27 46.38
CA MET G 319 16.03 -81.04 46.41
C MET G 319 17.06 -80.43 45.47
N ASP G 320 17.00 -79.10 45.33
CA ASP G 320 17.93 -78.28 44.55
C ASP G 320 18.04 -78.67 43.09
N GLY G 321 17.23 -79.63 42.63
CA GLY G 321 17.37 -80.03 41.25
C GLY G 321 16.79 -79.08 40.22
N THR G 322 16.22 -77.95 40.64
CA THR G 322 15.67 -76.97 39.72
C THR G 322 16.26 -75.59 39.98
N VAL G 323 15.87 -74.99 41.10
CA VAL G 323 16.08 -73.58 41.44
C VAL G 323 15.79 -72.70 40.23
N THR G 324 14.58 -72.79 39.70
CA THR G 324 14.12 -71.91 38.63
C THR G 324 13.46 -70.68 39.22
N LEU G 325 13.18 -69.70 38.35
CA LEU G 325 12.60 -68.44 38.76
C LEU G 325 11.07 -68.53 38.67
N LYS G 326 10.40 -68.42 39.83
CA LYS G 326 8.93 -68.42 39.83
C LYS G 326 8.39 -67.14 39.21
N ASP G 327 8.80 -65.98 39.74
CA ASP G 327 8.35 -64.69 39.24
C ASP G 327 9.30 -63.62 39.75
N LEU G 328 9.13 -62.41 39.22
CA LEU G 328 9.93 -61.25 39.60
C LEU G 328 9.02 -60.16 40.18
N ARG G 329 9.56 -59.43 41.15
CA ARG G 329 8.80 -58.39 41.84
C ARG G 329 9.65 -57.14 41.98
N VAL G 330 9.01 -55.99 41.85
CA VAL G 330 9.63 -54.69 42.06
C VAL G 330 8.79 -53.90 43.05
N GLU G 331 9.44 -53.36 44.09
CA GLU G 331 8.77 -52.57 45.09
C GLU G 331 9.50 -51.24 45.27
N LEU G 332 8.73 -50.16 45.44
CA LEU G 332 9.31 -48.85 45.64
C LEU G 332 9.71 -48.69 47.10
N LEU G 333 10.98 -48.39 47.33
CA LEU G 333 11.51 -48.23 48.68
C LEU G 333 11.51 -46.77 49.14
N GLY G 334 11.94 -45.85 48.28
CA GLY G 334 11.99 -44.46 48.65
C GLY G 334 12.74 -43.65 47.61
N GLU G 335 13.22 -42.48 48.03
CA GLU G 335 13.95 -41.57 47.16
C GLU G 335 15.37 -41.41 47.68
N THR G 336 16.33 -41.55 46.77
CA THR G 336 17.75 -41.28 47.03
C THR G 336 18.22 -40.19 46.08
N SER G 337 19.51 -39.86 46.17
CA SER G 337 20.11 -38.97 45.19
C SER G 337 20.18 -39.67 43.83
N ILE G 338 20.05 -38.88 42.77
CA ILE G 338 20.14 -39.41 41.42
C ILE G 338 21.51 -40.06 41.24
N ALA G 339 21.56 -41.37 41.37
CA ALA G 339 22.81 -42.10 41.51
C ALA G 339 23.26 -42.67 40.17
N GLU G 340 24.56 -42.54 39.89
CA GLU G 340 25.15 -43.21 38.74
C GLU G 340 25.48 -44.67 39.07
N CYS G 341 25.87 -44.95 40.31
CA CYS G 341 26.19 -46.31 40.75
C CYS G 341 25.59 -46.54 42.13
N LEU G 342 25.01 -47.73 42.32
CA LEU G 342 24.55 -48.16 43.62
C LEU G 342 25.37 -49.36 44.06
N THR G 343 25.65 -49.43 45.37
CA THR G 343 26.33 -50.59 45.90
C THR G 343 25.82 -50.87 47.31
N TYR G 344 25.42 -52.11 47.55
CA TYR G 344 24.94 -52.54 48.86
C TYR G 344 26.13 -53.06 49.66
N LEU G 345 26.43 -52.41 50.78
CA LEU G 345 27.45 -52.88 51.70
C LEU G 345 26.83 -53.80 52.74
N ASP G 346 27.37 -53.82 53.95
CA ASP G 346 26.88 -54.71 54.99
C ASP G 346 26.16 -53.90 56.06
N ASN G 347 25.38 -54.62 56.88
CA ASN G 347 24.59 -54.06 57.96
C ASN G 347 23.43 -53.19 57.46
N GLY G 348 22.98 -53.41 56.22
CA GLY G 348 21.80 -52.75 55.71
C GLY G 348 22.02 -51.39 55.07
N VAL G 349 23.27 -51.00 54.83
CA VAL G 349 23.60 -49.70 54.27
C VAL G 349 23.94 -49.83 52.79
N VAL G 350 23.58 -48.80 52.04
CA VAL G 350 23.85 -48.74 50.60
C VAL G 350 24.51 -47.40 50.32
N PHE G 351 25.61 -47.43 49.58
CA PHE G 351 26.28 -46.20 49.16
C PHE G 351 25.65 -45.72 47.87
N VAL G 352 25.09 -44.51 47.90
CA VAL G 352 24.45 -43.90 46.74
C VAL G 352 25.47 -42.95 46.12
N GLY G 353 26.15 -43.41 45.08
CA GLY G 353 27.12 -42.59 44.38
C GLY G 353 26.46 -41.78 43.28
N SER G 354 26.48 -40.46 43.41
CA SER G 354 25.75 -39.59 42.52
C SER G 354 26.72 -38.73 41.71
N ARG G 355 26.38 -38.52 40.43
CA ARG G 355 27.11 -37.62 39.56
C ARG G 355 26.43 -36.26 39.43
N LEU G 356 25.11 -36.21 39.60
CA LEU G 356 24.36 -34.97 39.49
C LEU G 356 24.09 -34.32 40.83
N GLY G 357 24.31 -35.01 41.94
CA GLY G 357 24.09 -34.45 43.26
C GLY G 357 25.02 -35.00 44.31
N ASP G 358 24.72 -34.71 45.58
CA ASP G 358 25.58 -35.18 46.66
C ASP G 358 25.48 -36.68 46.82
N SER G 359 26.64 -37.34 46.92
CA SER G 359 26.64 -38.74 47.26
C SER G 359 26.28 -38.92 48.74
N GLN G 360 25.70 -40.07 49.06
CA GLN G 360 25.18 -40.30 50.39
C GLN G 360 25.39 -41.75 50.79
N LEU G 361 25.33 -41.99 52.09
CA LEU G 361 25.18 -43.32 52.66
C LEU G 361 23.78 -43.43 53.24
N VAL G 362 23.00 -44.37 52.72
CA VAL G 362 21.60 -44.50 53.09
C VAL G 362 21.41 -45.82 53.82
N LYS G 363 20.45 -45.82 54.74
CA LYS G 363 20.12 -46.99 55.52
C LYS G 363 18.81 -47.56 54.98
N LEU G 364 18.81 -48.86 54.69
CA LEU G 364 17.63 -49.54 54.18
C LEU G 364 16.95 -50.21 55.37
N ASN G 365 15.78 -49.70 55.75
CA ASN G 365 15.04 -50.21 56.88
C ASN G 365 13.95 -51.17 56.44
N VAL G 366 13.66 -52.14 57.31
CA VAL G 366 12.52 -53.02 57.12
C VAL G 366 11.23 -52.28 57.41
N ASP G 367 11.31 -51.23 58.22
CA ASP G 367 10.15 -50.43 58.61
C ASP G 367 10.04 -49.17 57.75
N SER G 368 8.82 -48.87 57.32
CA SER G 368 8.57 -47.62 56.63
C SER G 368 8.47 -46.49 57.66
N ASN G 369 8.92 -45.31 57.27
CA ASN G 369 8.86 -44.14 58.15
C ASN G 369 7.45 -43.56 58.14
N GLU G 370 7.30 -42.34 58.64
CA GLU G 370 5.98 -41.72 58.70
C GLU G 370 5.46 -41.37 57.31
N GLN G 371 6.32 -41.33 56.31
CA GLN G 371 5.95 -41.00 54.94
C GLN G 371 5.78 -42.24 54.06
N GLY G 372 6.02 -43.44 54.59
CA GLY G 372 5.94 -44.65 53.80
C GLY G 372 7.23 -45.05 53.11
N SER G 373 8.34 -44.40 53.42
CA SER G 373 9.63 -44.69 52.80
C SER G 373 10.45 -45.60 53.71
N TYR G 374 11.11 -46.58 53.09
CA TYR G 374 11.97 -47.52 53.80
C TYR G 374 13.44 -47.09 53.81
N VAL G 375 13.75 -45.91 53.28
CA VAL G 375 15.13 -45.44 53.15
C VAL G 375 15.33 -44.25 54.07
N VAL G 376 16.43 -44.27 54.82
CA VAL G 376 16.82 -43.17 55.70
C VAL G 376 18.30 -42.88 55.47
N ALA G 377 18.64 -41.61 55.28
CA ALA G 377 20.01 -41.22 55.00
C ALA G 377 20.84 -41.18 56.28
N MET G 378 22.05 -41.74 56.19
CA MET G 378 22.98 -41.73 57.32
C MET G 378 23.94 -40.55 57.22
N GLU G 379 24.74 -40.51 56.17
CA GLU G 379 25.72 -39.45 55.96
C GLU G 379 25.47 -38.82 54.59
N THR G 380 25.95 -37.59 54.44
CA THR G 380 25.82 -36.85 53.19
C THR G 380 27.20 -36.41 52.75
N PHE G 381 27.63 -36.89 51.59
CA PHE G 381 28.93 -36.54 51.02
C PHE G 381 28.72 -35.42 50.02
N THR G 382 29.30 -34.25 50.30
CA THR G 382 29.11 -33.10 49.44
C THR G 382 29.71 -33.37 48.06
N ASN G 383 28.89 -33.18 47.03
CA ASN G 383 29.33 -33.33 45.64
C ASN G 383 28.89 -32.09 44.88
N LEU G 384 29.87 -31.31 44.41
CA LEU G 384 29.55 -30.13 43.61
C LEU G 384 28.85 -30.47 42.32
N GLY G 385 28.82 -31.74 41.91
CA GLY G 385 28.12 -32.17 40.74
C GLY G 385 28.50 -31.36 39.52
N PRO G 386 27.57 -31.22 38.58
CA PRO G 386 27.82 -30.35 37.41
C PRO G 386 27.83 -28.89 37.83
N ILE G 387 28.98 -28.24 37.65
CA ILE G 387 29.10 -26.81 37.94
C ILE G 387 28.84 -26.09 36.63
N VAL G 388 27.57 -25.73 36.41
CA VAL G 388 27.17 -25.14 35.14
C VAL G 388 27.66 -23.70 35.04
N ASP G 389 27.54 -22.94 36.12
CA ASP G 389 28.04 -21.57 36.15
C ASP G 389 28.48 -21.24 37.56
N MET G 390 29.35 -20.24 37.66
CA MET G 390 29.88 -19.82 38.96
C MET G 390 30.40 -18.40 38.82
N CYS G 391 30.43 -17.69 39.94
CA CYS G 391 30.92 -16.33 39.99
C CYS G 391 31.65 -16.11 41.30
N VAL G 392 32.79 -15.42 41.22
CA VAL G 392 33.58 -15.08 42.40
C VAL G 392 33.12 -13.73 42.91
N VAL G 393 32.80 -13.67 44.20
CA VAL G 393 32.30 -12.44 44.81
C VAL G 393 32.90 -12.34 46.21
N ASP G 394 33.42 -11.15 46.53
CA ASP G 394 33.93 -10.89 47.88
C ASP G 394 32.77 -10.32 48.69
N LEU G 395 31.93 -11.22 49.19
CA LEU G 395 30.76 -10.79 49.96
C LEU G 395 31.20 -10.02 51.19
N GLU G 396 32.00 -10.64 52.04
CA GLU G 396 32.64 -9.96 53.16
C GLU G 396 33.94 -9.37 52.65
N ARG G 397 34.05 -8.02 52.69
CA ARG G 397 35.25 -7.36 52.18
C ARG G 397 36.50 -7.79 52.94
N GLN G 398 36.82 -9.08 52.88
CA GLN G 398 37.96 -9.66 53.59
C GLN G 398 39.23 -9.68 52.75
N GLY G 399 39.12 -9.56 51.43
CA GLY G 399 40.25 -9.75 50.56
C GLY G 399 40.46 -11.20 50.16
N GLN G 400 39.75 -12.13 50.81
CA GLN G 400 39.83 -13.55 50.50
C GLN G 400 39.00 -13.88 49.26
N GLY G 401 37.72 -13.55 49.28
CA GLY G 401 36.82 -13.85 48.17
C GLY G 401 36.09 -15.15 48.34
N GLN G 402 34.82 -15.19 47.91
CA GLN G 402 34.02 -16.41 47.93
C GLN G 402 33.54 -16.75 46.53
N LEU G 403 33.35 -18.04 46.29
CA LEU G 403 32.88 -18.55 45.00
C LEU G 403 31.50 -19.17 45.19
N VAL G 404 30.50 -18.63 44.48
CA VAL G 404 29.14 -19.14 44.51
C VAL G 404 28.86 -19.82 43.17
N THR G 405 28.55 -21.11 43.22
CA THR G 405 28.41 -21.93 42.03
C THR G 405 26.98 -22.43 41.86
N CYS G 406 26.57 -22.57 40.61
CA CYS G 406 25.34 -23.29 40.26
C CYS G 406 25.69 -24.77 40.09
N SER G 407 25.24 -25.59 41.03
CA SER G 407 25.66 -26.98 41.10
C SER G 407 24.45 -27.91 41.14
N GLY G 408 24.58 -29.06 40.49
CA GLY G 408 23.54 -30.06 40.49
C GLY G 408 22.53 -29.87 39.38
N ALA G 409 21.66 -30.88 39.23
CA ALA G 409 20.60 -30.85 38.23
C ALA G 409 19.37 -31.56 38.80
N PHE G 410 18.21 -31.11 38.36
CA PHE G 410 16.90 -31.71 38.72
C PHE G 410 16.73 -31.58 40.23
N LYS G 411 16.31 -32.64 40.93
CA LYS G 411 16.08 -32.56 42.37
C LYS G 411 17.35 -32.25 43.16
N GLU G 412 18.51 -32.55 42.61
CA GLU G 412 19.79 -32.30 43.28
C GLU G 412 20.37 -30.94 42.97
N GLY G 413 19.63 -30.08 42.27
CA GLY G 413 20.13 -28.75 41.97
C GLY G 413 20.26 -27.91 43.23
N SER G 414 21.33 -27.11 43.28
CA SER G 414 21.65 -26.35 44.48
C SER G 414 22.62 -25.24 44.13
N LEU G 415 22.82 -24.34 45.09
CA LEU G 415 23.88 -23.35 45.06
C LEU G 415 24.93 -23.71 46.10
N ARG G 416 26.21 -23.53 45.75
CA ARG G 416 27.31 -23.85 46.63
C ARG G 416 28.20 -22.62 46.81
N ILE G 417 28.47 -22.27 48.06
CA ILE G 417 29.32 -21.14 48.39
C ILE G 417 30.61 -21.69 48.97
N ILE G 418 31.72 -21.48 48.26
CA ILE G 418 33.01 -22.07 48.60
C ILE G 418 33.96 -20.95 49.00
N ARG G 419 34.68 -21.16 50.10
CA ARG G 419 35.65 -20.21 50.61
C ARG G 419 36.84 -20.96 51.18
N ASN G 420 37.99 -20.27 51.21
CA ASN G 420 39.16 -20.83 51.86
C ASN G 420 38.95 -20.81 53.37
N GLY G 421 39.24 -21.93 54.02
CA GLY G 421 38.93 -22.04 55.44
C GLY G 421 40.15 -22.25 56.31
N ILE G 422 40.31 -21.36 57.29
CA ILE G 422 41.51 -21.32 58.12
C ILE G 422 41.23 -21.86 59.51
N LYS G 433 41.45 -26.55 55.30
CA LYS G 433 40.77 -27.16 54.17
C LYS G 433 39.87 -26.16 53.45
N LEU G 434 38.67 -26.59 53.09
CA LEU G 434 37.69 -25.73 52.43
C LEU G 434 36.33 -25.87 53.10
N HIS G 435 35.66 -24.74 53.32
CA HIS G 435 34.30 -24.72 53.85
C HIS G 435 33.32 -24.48 52.72
N ILE G 436 32.37 -25.40 52.55
CA ILE G 436 31.38 -25.35 51.49
C ILE G 436 29.99 -25.34 52.14
N ARG G 437 29.19 -24.33 51.81
CA ARG G 437 27.81 -24.25 52.26
C ARG G 437 26.89 -24.54 51.09
N THR G 438 25.89 -25.39 51.32
CA THR G 438 24.97 -25.82 50.28
C THR G 438 23.61 -25.15 50.46
N VAL G 439 23.09 -24.58 49.38
CA VAL G 439 21.76 -23.99 49.35
C VAL G 439 20.91 -24.77 48.35
N PRO G 440 20.13 -25.74 48.82
CA PRO G 440 19.36 -26.58 47.90
C PRO G 440 18.30 -25.78 47.15
N LEU G 441 18.19 -26.06 45.85
CA LEU G 441 17.21 -25.41 44.98
C LEU G 441 16.12 -26.35 44.49
N TYR G 442 16.37 -27.66 44.45
CA TYR G 442 15.42 -28.67 44.01
C TYR G 442 14.98 -28.45 42.57
N GLU G 443 15.74 -27.66 41.82
CA GLU G 443 15.56 -27.52 40.38
C GLU G 443 16.92 -27.23 39.77
N SER G 444 16.99 -27.35 38.45
CA SER G 444 18.28 -27.25 37.77
C SER G 444 18.71 -25.79 37.67
N PRO G 445 19.82 -25.40 38.27
CA PRO G 445 20.34 -24.04 38.07
C PRO G 445 21.09 -23.96 36.74
N ARG G 446 21.04 -22.76 36.14
CA ARG G 446 21.61 -22.57 34.81
C ARG G 446 22.78 -21.57 34.85
N LYS G 447 22.50 -20.28 35.05
CA LYS G 447 23.54 -19.26 35.05
C LYS G 447 23.37 -18.41 36.31
N ILE G 448 24.48 -17.88 36.82
CA ILE G 448 24.46 -17.09 38.03
C ILE G 448 25.20 -15.78 37.79
N CYS G 449 24.71 -14.71 38.43
CA CYS G 449 25.35 -13.41 38.37
C CYS G 449 25.05 -12.67 39.65
N TYR G 450 25.99 -11.82 40.06
CA TYR G 450 25.88 -11.08 41.31
C TYR G 450 25.63 -9.60 41.03
N GLN G 451 24.73 -9.01 41.81
CA GLN G 451 24.39 -7.58 41.71
C GLN G 451 24.48 -7.00 43.11
N GLU G 452 25.60 -6.34 43.42
CA GLU G 452 25.78 -5.77 44.76
C GLU G 452 24.79 -4.65 45.04
N VAL G 453 24.32 -3.97 44.01
CA VAL G 453 23.40 -2.86 44.18
C VAL G 453 22.12 -3.31 44.90
N SER G 454 21.72 -4.57 44.69
CA SER G 454 20.53 -5.12 45.33
C SER G 454 20.88 -6.13 46.43
N GLN G 455 22.17 -6.33 46.72
CA GLN G 455 22.61 -7.27 47.75
C GLN G 455 22.06 -8.67 47.51
N CYS G 456 21.97 -9.06 46.24
CA CYS G 456 21.35 -10.32 45.89
C CYS G 456 22.01 -10.88 44.64
N PHE G 457 21.74 -12.15 44.39
CA PHE G 457 22.22 -12.86 43.21
C PHE G 457 21.09 -13.03 42.20
N GLY G 458 21.47 -13.17 40.94
CA GLY G 458 20.57 -13.57 39.88
C GLY G 458 20.92 -14.97 39.42
N VAL G 459 19.91 -15.86 39.44
CA VAL G 459 20.10 -17.26 39.12
C VAL G 459 19.03 -17.67 38.12
N LEU G 460 19.44 -18.21 36.98
CA LEU G 460 18.53 -18.82 36.02
C LEU G 460 18.34 -20.28 36.40
N SER G 461 17.09 -20.74 36.38
CA SER G 461 16.76 -22.08 36.82
C SER G 461 15.65 -22.65 35.94
N SER G 462 15.57 -23.98 35.91
CA SER G 462 14.56 -24.67 35.14
C SER G 462 14.02 -25.83 35.95
N ARG G 463 12.70 -26.03 35.90
CA ARG G 463 12.05 -27.15 36.54
C ARG G 463 11.25 -27.93 35.49
N ILE G 464 11.03 -29.20 35.77
CA ILE G 464 10.36 -30.11 34.85
C ILE G 464 8.94 -30.35 35.36
N GLU G 465 7.95 -30.03 34.52
CA GLU G 465 6.56 -30.35 34.78
C GLU G 465 6.04 -31.23 33.66
N VAL G 466 5.00 -32.01 33.97
CA VAL G 466 4.45 -33.00 33.06
C VAL G 466 3.02 -32.61 32.70
N GLN G 467 2.68 -32.78 31.43
CA GLN G 467 1.32 -32.51 30.97
C GLN G 467 0.34 -33.41 31.70
N ASP G 468 -0.56 -32.78 32.47
CA ASP G 468 -1.51 -33.54 33.28
C ASP G 468 -2.81 -33.73 32.49
N THR G 469 -3.84 -34.25 33.15
CA THR G 469 -5.12 -34.52 32.50
C THR G 469 -5.97 -33.26 32.35
N SER G 470 -5.66 -32.21 33.10
CA SER G 470 -6.40 -30.94 33.01
C SER G 470 -5.99 -30.11 31.79
N GLY G 471 -5.03 -30.58 31.00
CA GLY G 471 -4.51 -29.83 29.89
C GLY G 471 -3.27 -29.01 30.20
N GLY G 472 -3.10 -28.60 31.45
CA GLY G 472 -1.92 -27.88 31.89
C GLY G 472 -0.80 -28.80 32.30
N THR G 473 0.02 -28.34 33.24
CA THR G 473 1.14 -29.12 33.76
C THR G 473 1.13 -29.10 35.27
N THR G 474 1.70 -30.15 35.86
CA THR G 474 1.78 -30.31 37.30
C THR G 474 3.18 -30.78 37.67
N ALA G 475 3.84 -30.03 38.56
CA ALA G 475 5.20 -30.37 38.96
C ALA G 475 5.22 -31.58 39.88
N LEU G 476 6.30 -32.35 39.82
CA LEU G 476 6.45 -33.51 40.69
C LEU G 476 6.80 -33.11 42.11
N ARG G 477 7.61 -32.06 42.27
CA ARG G 477 8.07 -31.63 43.58
C ARG G 477 8.12 -30.10 43.63
N PRO G 478 7.95 -29.50 44.80
CA PRO G 478 8.14 -28.06 44.93
C PRO G 478 9.60 -27.68 44.85
N SER G 479 9.86 -26.51 44.26
CA SER G 479 11.23 -26.04 44.05
C SER G 479 11.29 -24.55 44.37
N ALA G 480 12.43 -23.93 44.04
CA ALA G 480 12.66 -22.54 44.40
C ALA G 480 11.74 -21.59 43.63
N SER G 481 11.43 -21.92 42.38
CA SER G 481 10.58 -21.03 41.59
C SER G 481 9.16 -20.99 42.11
N THR G 482 8.68 -22.07 42.72
CA THR G 482 7.33 -22.11 43.26
C THR G 482 7.25 -21.62 44.69
N GLN G 483 8.33 -21.79 45.47
CA GLN G 483 8.37 -21.37 46.86
C GLN G 483 8.99 -20.00 47.04
N ALA G 484 8.97 -19.16 46.01
CA ALA G 484 9.49 -17.81 46.13
C ALA G 484 8.56 -16.97 46.99
N LEU G 485 9.15 -15.97 47.66
CA LEU G 485 8.34 -15.06 48.47
C LEU G 485 7.34 -14.30 47.59
N SER G 486 7.84 -13.55 46.63
CA SER G 486 7.02 -12.96 45.59
C SER G 486 7.34 -13.63 44.26
N SER G 487 6.37 -13.59 43.35
CA SER G 487 6.55 -14.25 42.07
C SER G 487 5.84 -13.45 40.99
N SER G 488 6.33 -13.59 39.76
CA SER G 488 5.74 -12.91 38.62
C SER G 488 5.97 -13.73 37.37
N VAL G 489 5.16 -13.48 36.36
CA VAL G 489 5.23 -14.19 35.08
C VAL G 489 5.24 -13.16 33.96
N SER G 490 6.08 -13.39 32.96
CA SER G 490 6.17 -12.48 31.83
C SER G 490 4.85 -12.47 31.07
N SER G 491 4.26 -11.28 30.93
CA SER G 491 3.02 -11.10 30.19
C SER G 491 3.26 -10.63 28.76
N SER G 492 4.42 -10.96 28.20
CA SER G 492 4.79 -10.46 26.88
C SER G 492 3.95 -11.10 25.77
N LYS G 493 3.58 -10.27 24.79
CA LYS G 493 2.94 -10.70 23.56
C LYS G 493 3.84 -10.47 22.36
N LEU G 494 5.15 -10.47 22.60
CA LEU G 494 6.11 -10.17 21.53
C LEU G 494 5.97 -11.16 20.38
N PHE G 495 5.78 -12.44 20.69
CA PHE G 495 5.58 -13.48 19.69
C PHE G 495 4.12 -13.62 19.31
N SER G 496 3.24 -12.85 19.96
CA SER G 496 1.81 -12.83 19.65
C SER G 496 1.33 -14.28 19.53
N SER G 497 0.60 -14.65 18.46
CA SER G 497 0.20 -16.05 18.27
C SER G 497 1.25 -16.86 17.53
N SER G 498 2.23 -16.19 16.93
CA SER G 498 3.33 -16.74 16.14
C SER G 498 2.93 -18.00 15.37
N THR G 499 1.66 -18.04 14.93
CA THR G 499 1.03 -19.18 14.26
C THR G 499 1.67 -20.51 14.65
N ALA G 500 1.89 -20.72 15.95
CA ALA G 500 2.57 -21.93 16.44
C ALA G 500 1.90 -22.48 17.70
N PRO G 501 0.58 -22.76 17.64
CA PRO G 501 -0.05 -23.38 18.83
C PRO G 501 0.21 -24.88 18.86
N HIS G 502 1.45 -25.26 19.20
CA HIS G 502 1.80 -26.67 19.15
C HIS G 502 0.92 -27.51 20.07
N GLU G 503 0.60 -28.71 19.60
CA GLU G 503 -0.28 -29.60 20.34
C GLU G 503 0.50 -30.37 21.40
N THR G 504 -0.10 -30.48 22.59
CA THR G 504 0.52 -31.16 23.71
C THR G 504 -0.29 -32.39 24.07
N SER G 505 0.39 -33.52 24.22
CA SER G 505 -0.22 -34.76 24.67
C SER G 505 0.14 -35.03 26.12
N PHE G 506 -0.71 -35.83 26.78
CA PHE G 506 -0.52 -36.11 28.19
C PHE G 506 0.73 -36.95 28.43
N GLY G 507 1.50 -36.58 29.44
CA GLY G 507 2.69 -37.30 29.81
C GLY G 507 3.99 -36.76 29.25
N GLU G 508 3.93 -35.66 28.49
CA GLU G 508 5.13 -35.09 27.90
C GLU G 508 5.79 -34.11 28.87
N GLU G 509 7.10 -34.27 29.05
CA GLU G 509 7.85 -33.39 29.94
C GLU G 509 8.09 -32.04 29.28
N VAL G 510 8.00 -30.99 30.08
CA VAL G 510 8.27 -29.62 29.63
C VAL G 510 9.16 -28.93 30.64
N GLU G 511 10.03 -28.06 30.15
CA GLU G 511 10.96 -27.31 31.00
C GLU G 511 10.39 -25.91 31.23
N VAL G 512 10.36 -25.49 32.50
CA VAL G 512 9.86 -24.18 32.89
C VAL G 512 11.05 -23.38 33.43
N HIS G 513 11.41 -22.32 32.73
CA HIS G 513 12.58 -21.53 33.07
C HIS G 513 12.18 -20.30 33.89
N ASN G 514 12.99 -19.99 34.90
CA ASN G 514 12.70 -18.92 35.83
C ASN G 514 13.98 -18.14 36.13
N LEU G 515 13.80 -16.88 36.51
CA LEU G 515 14.88 -16.03 37.00
C LEU G 515 14.72 -15.86 38.50
N LEU G 516 15.68 -16.38 39.26
CA LEU G 516 15.62 -16.36 40.72
C LEU G 516 16.41 -15.17 41.27
N ILE G 517 15.82 -14.49 42.24
CA ILE G 517 16.48 -13.41 42.98
C ILE G 517 16.76 -13.95 44.37
N ILE G 518 18.04 -14.14 44.68
CA ILE G 518 18.46 -14.85 45.88
C ILE G 518 19.27 -13.91 46.75
N ASP G 519 18.90 -13.80 48.02
CA ASP G 519 19.61 -12.93 48.94
C ASP G 519 21.04 -13.41 49.14
N GLN G 520 21.95 -12.47 49.36
CA GLN G 520 23.36 -12.81 49.51
C GLN G 520 23.71 -13.27 50.92
N HIS G 521 22.84 -13.01 51.91
CA HIS G 521 23.09 -13.41 53.29
C HIS G 521 22.33 -14.67 53.68
N THR G 522 21.03 -14.70 53.46
CA THR G 522 20.21 -15.84 53.83
C THR G 522 20.06 -16.85 52.69
N PHE G 523 20.31 -16.45 51.45
CA PHE G 523 20.10 -17.29 50.27
C PHE G 523 18.66 -17.79 50.20
N GLU G 524 17.73 -16.90 50.56
CA GLU G 524 16.30 -17.15 50.45
C GLU G 524 15.79 -16.63 49.12
N VAL G 525 14.91 -17.41 48.48
CA VAL G 525 14.35 -17.04 47.19
C VAL G 525 13.45 -15.83 47.36
N LEU G 526 14.00 -14.63 47.09
CA LEU G 526 13.23 -13.40 47.29
C LEU G 526 12.17 -13.23 46.21
N HIS G 527 12.49 -13.59 44.97
CA HIS G 527 11.55 -13.43 43.87
C HIS G 527 11.90 -14.42 42.77
N ALA G 528 10.88 -14.82 42.00
CA ALA G 528 11.05 -15.74 40.88
C ALA G 528 10.20 -15.25 39.72
N HIS G 529 10.84 -14.94 38.59
CA HIS G 529 10.15 -14.53 37.38
C HIS G 529 10.10 -15.70 36.41
N GLN G 530 8.88 -16.15 36.10
CA GLN G 530 8.68 -17.26 35.18
C GLN G 530 8.54 -16.71 33.77
N PHE G 531 9.37 -17.20 32.85
CA PHE G 531 9.38 -16.71 31.48
C PHE G 531 8.20 -17.27 30.69
N LEU G 532 8.13 -16.90 29.42
CA LEU G 532 7.03 -17.31 28.56
C LEU G 532 7.04 -18.82 28.35
N GLN G 533 5.92 -19.32 27.82
CA GLN G 533 5.78 -20.74 27.52
C GLN G 533 6.77 -21.16 26.43
N ASN G 534 7.46 -22.29 26.68
CA ASN G 534 8.45 -22.85 25.76
C ASN G 534 9.65 -21.92 25.58
N GLU G 535 9.91 -21.07 26.56
CA GLU G 535 11.03 -20.13 26.51
C GLU G 535 12.12 -20.56 27.48
N TYR G 536 13.33 -20.72 26.95
CA TYR G 536 14.49 -21.15 27.73
C TYR G 536 15.37 -19.96 28.09
N ALA G 537 15.77 -19.87 29.35
CA ALA G 537 16.71 -18.85 29.81
C ALA G 537 18.13 -19.37 29.61
N LEU G 538 18.94 -18.63 28.86
CA LEU G 538 20.26 -19.09 28.46
C LEU G 538 21.40 -18.23 28.99
N SER G 539 21.21 -16.92 29.05
CA SER G 539 22.27 -16.00 29.47
C SER G 539 21.74 -15.04 30.51
N LEU G 540 22.63 -14.55 31.36
CA LEU G 540 22.26 -13.64 32.44
C LEU G 540 23.45 -12.74 32.75
N VAL G 541 23.19 -11.43 32.79
CA VAL G 541 24.22 -10.44 33.10
C VAL G 541 23.61 -9.38 34.01
N SER G 542 24.46 -8.77 34.83
CA SER G 542 24.07 -7.67 35.70
C SER G 542 25.06 -6.53 35.52
N CYS G 543 24.56 -5.38 35.06
CA CYS G 543 25.41 -4.24 34.74
C CYS G 543 24.53 -3.02 34.49
N LYS G 544 25.17 -1.86 34.47
CA LYS G 544 24.53 -0.64 34.00
C LYS G 544 24.82 -0.44 32.51
N LEU G 545 23.92 0.27 31.84
CA LEU G 545 24.01 0.46 30.40
C LEU G 545 23.81 1.93 30.06
N GLY G 546 24.59 2.41 29.10
CA GLY G 546 24.48 3.79 28.64
C GLY G 546 24.67 4.79 29.76
N LYS G 547 23.81 5.79 29.80
CA LYS G 547 23.79 6.78 30.86
C LYS G 547 22.70 6.51 31.89
N ASP G 548 22.18 5.28 31.93
CA ASP G 548 21.14 4.92 32.89
C ASP G 548 21.79 4.49 34.19
N PRO G 549 21.52 5.16 35.32
CA PRO G 549 22.18 4.78 36.57
C PRO G 549 21.63 3.52 37.20
N ASN G 550 20.43 3.07 36.82
CA ASN G 550 19.86 1.88 37.42
C ASN G 550 20.59 0.64 36.92
N THR G 551 20.95 -0.24 37.84
CA THR G 551 21.59 -1.50 37.50
C THR G 551 20.51 -2.54 37.19
N TYR G 552 20.66 -3.22 36.06
CA TYR G 552 19.62 -4.08 35.53
C TYR G 552 20.09 -5.53 35.48
N PHE G 553 19.13 -6.44 35.60
CA PHE G 553 19.31 -7.84 35.23
C PHE G 553 18.78 -8.04 33.82
N ILE G 554 19.61 -8.60 32.95
CA ILE G 554 19.27 -8.83 31.56
C ILE G 554 19.38 -10.32 31.28
N VAL G 555 18.34 -10.89 30.68
CA VAL G 555 18.28 -12.31 30.38
C VAL G 555 18.08 -12.47 28.88
N GLY G 556 18.91 -13.33 28.27
CA GLY G 556 18.74 -13.69 26.88
C GLY G 556 18.08 -15.06 26.80
N THR G 557 17.03 -15.14 26.00
CA THR G 557 16.17 -16.31 25.94
C THR G 557 16.12 -16.86 24.52
N ALA G 558 15.33 -17.93 24.36
CA ALA G 558 15.16 -18.57 23.07
C ALA G 558 13.86 -19.37 23.09
N MET G 559 13.14 -19.36 21.97
CA MET G 559 11.92 -20.14 21.84
C MET G 559 12.30 -21.52 21.32
N VAL G 560 12.20 -22.53 22.18
CA VAL G 560 12.66 -23.87 21.87
C VAL G 560 11.46 -24.74 21.52
N TYR G 561 11.44 -25.25 20.29
CA TYR G 561 10.46 -26.24 19.91
C TYR G 561 11.17 -27.46 19.35
N PRO G 562 10.63 -28.66 19.56
CA PRO G 562 11.32 -29.86 19.06
C PRO G 562 11.41 -29.93 17.54
N GLU G 563 10.46 -29.33 16.82
CA GLU G 563 10.49 -29.32 15.36
C GLU G 563 11.63 -28.46 14.82
N GLU G 564 12.16 -27.53 15.63
CA GLU G 564 13.19 -26.61 15.17
C GLU G 564 14.55 -27.22 15.46
N ALA G 565 15.40 -27.33 14.44
CA ALA G 565 16.76 -27.80 14.71
C ALA G 565 17.57 -26.70 15.39
N GLU G 566 17.42 -25.46 14.94
CA GLU G 566 18.04 -24.28 15.50
C GLU G 566 16.97 -23.26 15.84
N PRO G 567 16.87 -22.80 17.09
CA PRO G 567 15.81 -21.84 17.44
C PRO G 567 15.88 -20.61 16.55
N LYS G 568 14.70 -20.15 16.12
CA LYS G 568 14.60 -18.99 15.25
C LYS G 568 13.89 -17.82 15.92
N GLN G 569 13.59 -17.93 17.21
CA GLN G 569 12.96 -16.85 17.95
C GLN G 569 13.65 -16.72 19.30
N GLY G 570 13.62 -15.51 19.85
CA GLY G 570 14.26 -15.25 21.13
C GLY G 570 13.98 -13.84 21.60
N ARG G 571 14.33 -13.60 22.85
CA ARG G 571 14.12 -12.30 23.48
C ARG G 571 15.34 -11.92 24.30
N ILE G 572 15.65 -10.64 24.33
CA ILE G 572 16.57 -10.06 25.30
C ILE G 572 15.73 -9.12 26.15
N VAL G 573 15.53 -9.49 27.41
CA VAL G 573 14.63 -8.79 28.30
C VAL G 573 15.46 -8.16 29.43
N VAL G 574 15.10 -6.93 29.80
CA VAL G 574 15.80 -6.17 30.84
C VAL G 574 14.87 -6.03 32.04
N PHE G 575 15.37 -6.45 33.20
CA PHE G 575 14.63 -6.33 34.46
C PHE G 575 15.34 -5.36 35.41
N GLN G 576 14.57 -4.79 36.33
CA GLN G 576 15.11 -3.98 37.42
C GLN G 576 14.51 -4.48 38.73
N TYR G 577 15.36 -4.93 39.64
CA TYR G 577 14.95 -5.36 40.97
C TYR G 577 14.92 -4.15 41.90
N SER G 578 13.73 -3.78 42.37
CA SER G 578 13.57 -2.62 43.23
C SER G 578 12.46 -2.91 44.22
N ASP G 579 12.77 -2.79 45.51
CA ASP G 579 11.80 -2.97 46.59
C ASP G 579 11.18 -4.36 46.56
N GLY G 580 12.04 -5.37 46.38
CA GLY G 580 11.64 -6.76 46.47
C GLY G 580 10.83 -7.31 45.32
N LYS G 581 10.55 -6.52 44.29
CA LYS G 581 9.79 -6.99 43.14
C LYS G 581 10.51 -6.63 41.85
N LEU G 582 10.49 -7.57 40.91
CA LEU G 582 11.13 -7.40 39.60
C LEU G 582 10.17 -6.76 38.61
N GLN G 583 10.64 -5.72 37.94
CA GLN G 583 9.86 -4.96 36.97
C GLN G 583 10.46 -5.15 35.58
N THR G 584 9.60 -5.44 34.61
CA THR G 584 10.03 -5.61 33.22
C THR G 584 10.30 -4.24 32.60
N VAL G 585 11.57 -3.98 32.28
CA VAL G 585 11.97 -2.67 31.77
C VAL G 585 11.81 -2.59 30.26
N ALA G 586 12.35 -3.57 29.52
CA ALA G 586 12.28 -3.53 28.06
C ALA G 586 12.51 -4.93 27.51
N GLU G 587 12.05 -5.15 26.28
CA GLU G 587 12.23 -6.40 25.56
C GLU G 587 12.68 -6.12 24.14
N LYS G 588 13.58 -6.96 23.63
CA LYS G 588 14.05 -6.86 22.26
C LYS G 588 13.88 -8.22 21.59
N GLU G 589 13.16 -8.24 20.47
CA GLU G 589 12.94 -9.47 19.74
C GLU G 589 14.12 -9.78 18.84
N VAL G 590 14.62 -11.02 18.92
CA VAL G 590 15.70 -11.48 18.06
C VAL G 590 15.25 -12.73 17.33
N LYS G 591 15.94 -13.03 16.24
CA LYS G 591 15.58 -14.17 15.38
C LYS G 591 16.54 -15.33 15.61
N GLY G 592 16.61 -15.77 16.86
CA GLY G 592 17.47 -16.89 17.20
C GLY G 592 17.62 -17.00 18.69
N ALA G 593 18.61 -17.78 19.11
CA ALA G 593 18.87 -18.04 20.51
C ALA G 593 19.96 -17.11 21.02
N VAL G 594 19.70 -16.47 22.16
CA VAL G 594 20.67 -15.58 22.78
C VAL G 594 21.52 -16.44 23.71
N TYR G 595 22.57 -17.05 23.14
CA TYR G 595 23.38 -17.99 23.88
C TYR G 595 24.23 -17.31 24.96
N SER G 596 24.65 -16.08 24.73
CA SER G 596 25.51 -15.41 25.69
C SER G 596 25.37 -13.91 25.55
N MET G 597 25.49 -13.22 26.69
CA MET G 597 25.51 -11.76 26.74
C MET G 597 26.64 -11.32 27.66
N VAL G 598 27.08 -10.08 27.46
CA VAL G 598 28.18 -9.53 28.23
C VAL G 598 28.10 -8.01 28.12
N GLU G 599 28.59 -7.32 29.15
CA GLU G 599 28.60 -5.87 29.14
C GLU G 599 29.84 -5.41 28.39
N PHE G 600 29.64 -4.49 27.45
CA PHE G 600 30.74 -3.97 26.64
C PHE G 600 30.69 -2.45 26.65
N ASN G 601 31.51 -1.85 27.50
CA ASN G 601 31.66 -0.39 27.59
C ASN G 601 30.32 0.31 27.59
N GLY G 602 29.43 -0.12 28.48
CA GLY G 602 28.09 0.40 28.56
C GLY G 602 27.16 -0.03 27.45
N LYS G 603 27.60 -0.92 26.56
CA LYS G 603 26.78 -1.45 25.49
C LYS G 603 26.66 -2.97 25.70
N LEU G 604 25.57 -3.54 25.21
CA LEU G 604 25.28 -4.95 25.41
C LEU G 604 25.73 -5.75 24.20
N LEU G 605 26.72 -6.63 24.41
CA LEU G 605 27.19 -7.54 23.38
C LEU G 605 26.50 -8.88 23.56
N ALA G 606 25.71 -9.29 22.58
CA ALA G 606 24.92 -10.51 22.64
C ALA G 606 25.14 -11.34 21.39
N SER G 607 25.19 -12.66 21.56
CA SER G 607 25.33 -13.59 20.46
C SER G 607 23.99 -14.25 20.18
N ILE G 608 23.52 -14.14 18.94
CA ILE G 608 22.22 -14.66 18.54
C ILE G 608 22.48 -15.64 17.39
N ASN G 609 22.42 -16.93 17.68
CA ASN G 609 22.70 -18.00 16.72
C ASN G 609 24.10 -17.78 16.17
N SER G 610 24.27 -17.54 14.87
CA SER G 610 25.59 -17.31 14.29
C SER G 610 26.03 -15.85 14.38
N THR G 611 25.16 -14.96 14.84
CA THR G 611 25.43 -13.52 14.85
C THR G 611 25.93 -13.09 16.22
N VAL G 612 26.89 -12.16 16.21
CA VAL G 612 27.36 -11.49 17.42
C VAL G 612 27.02 -10.01 17.25
N ARG G 613 26.11 -9.52 18.10
CA ARG G 613 25.54 -8.19 17.94
C ARG G 613 25.89 -7.31 19.13
N LEU G 614 26.03 -6.02 18.85
CA LEU G 614 26.28 -5.00 19.88
C LEU G 614 25.09 -4.05 19.92
N TYR G 615 24.43 -3.98 21.07
CA TYR G 615 23.28 -3.12 21.27
C TYR G 615 23.69 -1.87 22.03
N GLU G 616 22.95 -0.78 21.79
CA GLU G 616 23.15 0.47 22.50
C GLU G 616 21.92 0.78 23.34
N TRP G 617 22.14 1.26 24.56
CA TRP G 617 21.07 1.57 25.50
C TRP G 617 20.70 3.04 25.33
N THR G 618 19.63 3.28 24.59
CA THR G 618 19.22 4.64 24.29
C THR G 618 18.68 5.33 25.54
N THR G 619 18.44 6.64 25.39
CA THR G 619 17.82 7.40 26.47
C THR G 619 16.35 7.07 26.63
N GLU G 620 15.77 6.30 25.70
CA GLU G 620 14.39 5.86 25.78
C GLU G 620 14.24 4.52 26.50
N LYS G 621 15.30 4.05 27.16
CA LYS G 621 15.31 2.79 27.90
C LYS G 621 14.93 1.60 27.01
N GLU G 622 15.51 1.56 25.82
CA GLU G 622 15.31 0.46 24.89
C GLU G 622 16.61 0.18 24.16
N LEU G 623 16.73 -1.05 23.67
CA LEU G 623 17.95 -1.51 23.00
C LEU G 623 17.90 -1.18 21.51
N ARG G 624 19.05 -0.80 20.96
CA ARG G 624 19.15 -0.43 19.55
C ARG G 624 20.41 -1.05 18.96
N THR G 625 20.26 -1.70 17.80
CA THR G 625 21.38 -2.37 17.17
C THR G 625 22.35 -1.37 16.55
N GLU G 626 23.64 -1.57 16.80
CA GLU G 626 24.69 -0.73 16.23
C GLU G 626 25.44 -1.43 15.10
N CYS G 627 26.07 -2.56 15.40
CA CYS G 627 26.88 -3.28 14.41
C CYS G 627 26.72 -4.78 14.63
N ASN G 628 27.07 -5.55 13.59
CA ASN G 628 26.87 -6.98 13.59
C ASN G 628 28.12 -7.70 13.09
N HIS G 629 28.22 -8.97 13.47
CA HIS G 629 29.20 -9.90 12.91
C HIS G 629 28.51 -11.24 12.71
N TYR G 630 28.75 -11.86 11.55
CA TYR G 630 28.00 -13.04 11.16
C TYR G 630 28.87 -14.27 10.90
N ASN G 631 30.18 -14.11 10.73
CA ASN G 631 31.05 -15.22 10.32
C ASN G 631 31.29 -16.17 11.51
N ASN G 632 30.20 -16.85 11.89
CA ASN G 632 30.25 -17.84 12.94
C ASN G 632 29.31 -18.99 12.59
N ILE G 633 29.43 -20.09 13.32
CA ILE G 633 28.54 -21.22 13.16
C ILE G 633 27.49 -21.17 14.27
N MET G 634 27.94 -21.20 15.52
CA MET G 634 27.05 -21.08 16.69
C MET G 634 27.84 -20.34 17.77
N ALA G 635 27.70 -19.01 17.77
CA ALA G 635 28.42 -18.17 18.74
C ALA G 635 27.96 -18.48 20.16
N LEU G 636 28.76 -19.27 20.89
CA LEU G 636 28.36 -19.74 22.21
C LEU G 636 28.94 -18.89 23.34
N TYR G 637 30.24 -19.00 23.57
CA TYR G 637 30.88 -18.39 24.72
C TYR G 637 31.54 -17.08 24.31
N LEU G 638 31.36 -16.05 25.13
CA LEU G 638 31.86 -14.71 24.82
C LEU G 638 32.66 -14.15 25.98
N LYS G 639 33.78 -13.50 25.65
CA LYS G 639 34.60 -12.78 26.61
C LYS G 639 35.08 -11.49 25.96
N THR G 640 35.19 -10.44 26.77
CA THR G 640 35.55 -9.12 26.28
C THR G 640 36.65 -8.53 27.17
N LYS G 641 37.44 -7.63 26.58
CA LYS G 641 38.47 -6.92 27.33
C LYS G 641 38.79 -5.64 26.58
N GLY G 642 38.34 -4.50 27.11
CA GLY G 642 38.50 -3.26 26.37
C GLY G 642 37.63 -3.29 25.13
N ASP G 643 38.26 -3.04 23.98
CA ASP G 643 37.59 -3.17 22.69
C ASP G 643 37.80 -4.53 22.07
N PHE G 644 38.59 -5.40 22.70
CA PHE G 644 38.83 -6.74 22.22
C PHE G 644 37.67 -7.65 22.61
N ILE G 645 37.39 -8.63 21.76
CA ILE G 645 36.30 -9.59 22.00
C ILE G 645 36.79 -10.98 21.63
N LEU G 646 36.67 -11.91 22.58
CA LEU G 646 37.00 -13.31 22.34
C LEU G 646 35.69 -14.08 22.14
N VAL G 647 35.54 -14.71 20.98
CA VAL G 647 34.31 -15.41 20.62
C VAL G 647 34.59 -16.90 20.65
N GLY G 648 33.83 -17.64 21.47
CA GLY G 648 33.95 -19.08 21.48
C GLY G 648 32.75 -19.74 20.82
N ASP G 649 32.97 -20.25 19.61
CA ASP G 649 31.93 -20.89 18.81
C ASP G 649 31.96 -22.40 19.01
N LEU G 650 30.84 -23.04 18.67
CA LEU G 650 30.81 -24.49 18.65
C LEU G 650 31.95 -25.04 17.81
N MET G 651 32.12 -24.46 16.62
CA MET G 651 33.25 -24.69 15.74
C MET G 651 33.54 -23.38 15.03
N ARG G 652 34.77 -23.20 14.55
CA ARG G 652 35.86 -24.16 14.54
C ARG G 652 36.70 -24.04 15.81
N SER G 653 36.53 -22.95 16.55
CA SER G 653 37.35 -22.67 17.73
C SER G 653 37.04 -21.29 18.30
N VAL G 654 38.07 -20.45 18.40
CA VAL G 654 37.99 -19.14 19.00
C VAL G 654 38.30 -18.08 17.95
N LEU G 655 37.58 -16.97 18.00
CA LEU G 655 37.77 -15.83 17.12
C LEU G 655 37.96 -14.56 17.93
N LEU G 656 38.81 -13.67 17.42
CA LEU G 656 39.02 -12.36 18.04
C LEU G 656 38.28 -11.30 17.23
N LEU G 657 37.43 -10.54 17.92
CA LEU G 657 36.70 -9.43 17.32
C LEU G 657 37.12 -8.15 18.03
N ALA G 658 37.30 -7.09 17.26
CA ALA G 658 37.66 -5.79 17.81
C ALA G 658 36.60 -4.78 17.41
N TYR G 659 36.02 -4.09 18.38
CA TYR G 659 35.07 -3.02 18.09
C TYR G 659 35.85 -1.78 17.71
N LYS G 660 35.67 -1.29 16.48
CA LYS G 660 36.40 -0.14 16.02
C LYS G 660 35.53 1.10 16.22
N PRO G 661 35.81 1.95 17.21
CA PRO G 661 34.89 3.07 17.50
C PRO G 661 34.84 4.10 16.38
N MET G 662 35.89 4.20 15.55
CA MET G 662 35.87 5.15 14.44
C MET G 662 34.78 4.80 13.44
N GLU G 663 34.79 3.56 12.94
CA GLU G 663 33.82 3.15 11.95
C GLU G 663 32.48 2.78 12.57
N GLY G 664 32.48 2.29 13.81
CA GLY G 664 31.25 1.84 14.44
C GLY G 664 30.84 0.45 14.05
N ASN G 665 31.78 -0.38 13.60
CA ASN G 665 31.50 -1.74 13.18
C ASN G 665 32.61 -2.65 13.71
N PHE G 666 32.29 -3.95 13.81
CA PHE G 666 33.26 -4.94 14.25
C PHE G 666 34.36 -5.13 13.21
N GLU G 667 35.42 -5.81 13.64
CA GLU G 667 36.54 -6.14 12.76
C GLU G 667 37.22 -7.40 13.24
N GLU G 668 37.27 -8.41 12.37
CA GLU G 668 37.99 -9.64 12.68
C GLU G 668 39.49 -9.39 12.67
N ILE G 669 40.17 -9.79 13.75
CA ILE G 669 41.62 -9.66 13.81
C ILE G 669 42.27 -10.99 13.47
N ALA G 670 42.02 -12.02 14.28
CA ALA G 670 42.65 -13.32 14.07
C ALA G 670 41.76 -14.43 14.60
N ARG G 671 41.92 -15.62 14.01
CA ARG G 671 41.13 -16.79 14.35
C ARG G 671 42.02 -18.01 14.47
N ASP G 672 41.66 -18.91 15.39
CA ASP G 672 42.31 -20.20 15.52
C ASP G 672 41.78 -21.13 14.44
N PHE G 673 42.64 -21.56 13.52
CA PHE G 673 42.19 -22.31 12.34
C PHE G 673 42.06 -23.80 12.55
N ASN G 674 42.62 -24.35 13.62
CA ASN G 674 42.42 -25.78 13.90
C ASN G 674 41.04 -26.00 14.50
N PRO G 675 40.21 -26.88 13.92
CA PRO G 675 38.84 -27.04 14.39
C PRO G 675 38.78 -27.69 15.77
N ASN G 676 37.99 -27.10 16.66
CA ASN G 676 37.79 -27.59 18.02
C ASN G 676 36.35 -27.36 18.44
N TRP G 677 35.83 -28.26 19.26
CA TRP G 677 34.50 -28.12 19.85
C TRP G 677 34.64 -27.45 21.21
N MET G 678 34.35 -26.14 21.25
CA MET G 678 34.59 -25.36 22.45
C MET G 678 33.54 -25.62 23.53
N SER G 679 33.99 -25.59 24.78
CA SER G 679 33.11 -25.68 25.94
C SER G 679 33.14 -24.45 26.84
N ALA G 680 34.22 -23.69 26.84
CA ALA G 680 34.35 -22.47 27.62
C ALA G 680 35.61 -21.74 27.17
N VAL G 681 35.52 -20.41 27.07
CA VAL G 681 36.65 -19.59 26.67
C VAL G 681 36.95 -18.57 27.76
N GLU G 682 38.15 -18.00 27.69
CA GLU G 682 38.58 -17.01 28.66
C GLU G 682 39.76 -16.23 28.11
N ILE G 683 39.84 -14.96 28.51
CA ILE G 683 40.93 -14.07 28.12
C ILE G 683 41.93 -14.02 29.26
N LEU G 684 43.18 -14.39 28.97
CA LEU G 684 44.25 -14.30 29.96
C LEU G 684 44.87 -12.90 29.99
N ASP G 685 45.37 -12.45 28.84
CA ASP G 685 45.90 -11.10 28.70
C ASP G 685 45.58 -10.61 27.28
N ASP G 686 46.21 -9.50 26.88
CA ASP G 686 45.94 -8.90 25.58
C ASP G 686 46.49 -9.73 24.43
N ASP G 687 47.33 -10.73 24.68
CA ASP G 687 47.89 -11.56 23.62
C ASP G 687 47.63 -13.04 23.79
N ASN G 688 47.30 -13.52 24.99
CA ASN G 688 47.03 -14.92 25.24
C ASN G 688 45.54 -15.13 25.48
N PHE G 689 45.03 -16.27 25.03
CA PHE G 689 43.63 -16.65 25.23
C PHE G 689 43.57 -18.11 25.66
N LEU G 690 42.64 -18.41 26.56
CA LEU G 690 42.49 -19.76 27.10
C LEU G 690 41.13 -20.32 26.73
N GLY G 691 41.11 -21.58 26.30
CA GLY G 691 39.88 -22.23 25.93
C GLY G 691 39.85 -23.67 26.41
N ALA G 692 38.64 -24.23 26.41
CA ALA G 692 38.42 -25.61 26.82
C ALA G 692 37.53 -26.28 25.78
N GLU G 693 37.91 -27.49 25.37
CA GLU G 693 37.17 -28.24 24.37
C GLU G 693 36.47 -29.43 25.00
N ASN G 694 35.49 -29.97 24.28
CA ASN G 694 34.71 -31.10 24.76
C ASN G 694 35.54 -32.37 24.95
N ALA G 695 36.77 -32.41 24.44
CA ALA G 695 37.64 -33.57 24.58
C ALA G 695 38.54 -33.48 25.81
N PHE G 696 38.12 -32.74 26.84
CA PHE G 696 38.86 -32.61 28.09
C PHE G 696 40.26 -32.04 27.87
N ASN G 697 40.35 -31.03 27.00
CA ASN G 697 41.63 -30.43 26.65
C ASN G 697 41.57 -28.91 26.79
N LEU G 698 42.62 -28.34 27.35
CA LEU G 698 42.81 -26.90 27.43
C LEU G 698 43.88 -26.49 26.43
N PHE G 699 43.68 -25.34 25.78
CA PHE G 699 44.67 -24.84 24.84
C PHE G 699 44.77 -23.32 24.99
N VAL G 700 45.89 -22.78 24.50
CA VAL G 700 46.18 -21.36 24.59
C VAL G 700 46.61 -20.87 23.21
N CYS G 701 45.88 -19.91 22.67
CA CYS G 701 46.22 -19.25 21.41
C CYS G 701 46.90 -17.92 21.68
N GLN G 702 47.66 -17.46 20.69
CA GLN G 702 48.33 -16.18 20.81
C GLN G 702 48.42 -15.54 19.43
N LYS G 703 48.29 -14.22 19.39
CA LYS G 703 48.52 -13.48 18.16
C LYS G 703 50.00 -13.51 17.79
N ASP G 704 50.29 -13.73 16.51
CA ASP G 704 51.67 -13.79 16.04
C ASP G 704 52.37 -12.44 16.18
N SER G 705 52.41 -11.91 17.41
CA SER G 705 53.07 -10.65 17.74
C SER G 705 52.45 -9.55 16.88
N ALA G 706 53.23 -8.67 16.26
CA ALA G 706 52.71 -7.65 15.33
C ALA G 706 53.51 -7.72 14.03
N ALA G 707 53.40 -8.88 13.37
CA ALA G 707 54.13 -9.17 12.15
C ALA G 707 53.84 -8.13 11.06
N THR G 708 54.68 -8.17 10.02
CA THR G 708 54.54 -7.29 8.87
C THR G 708 53.54 -7.82 7.85
N THR G 709 53.28 -9.12 7.83
CA THR G 709 52.34 -9.70 6.88
C THR G 709 50.94 -9.71 7.47
N ASP G 710 49.96 -9.33 6.65
CA ASP G 710 48.56 -9.39 7.05
C ASP G 710 48.12 -10.82 7.36
N GLU G 711 48.78 -11.81 6.77
CA GLU G 711 48.42 -13.20 7.01
C GLU G 711 48.90 -13.70 8.37
N GLU G 712 50.11 -13.31 8.76
CA GLU G 712 50.66 -13.72 10.05
C GLU G 712 49.85 -13.17 11.22
N ARG G 713 49.42 -11.91 11.13
CA ARG G 713 48.65 -11.31 12.22
C ARG G 713 47.28 -11.98 12.37
N GLN G 714 46.59 -12.22 11.26
CA GLN G 714 45.27 -12.85 11.29
C GLN G 714 45.30 -14.31 11.71
N HIS G 715 46.48 -14.89 11.96
CA HIS G 715 46.62 -16.30 12.30
C HIS G 715 46.83 -16.45 13.81
N LEU G 716 45.78 -16.81 14.53
CA LEU G 716 45.93 -17.20 15.92
C LEU G 716 46.63 -18.56 16.00
N GLN G 717 47.81 -18.59 16.62
CA GLN G 717 48.62 -19.80 16.71
C GLN G 717 48.43 -20.45 18.07
N GLU G 718 48.02 -21.72 18.07
CA GLU G 718 47.92 -22.49 19.30
C GLU G 718 49.30 -22.72 19.90
N VAL G 719 49.60 -22.02 20.99
CA VAL G 719 50.91 -22.12 21.63
C VAL G 719 50.89 -22.93 22.91
N GLY G 720 49.72 -23.27 23.43
CA GLY G 720 49.62 -24.11 24.62
C GLY G 720 48.68 -25.27 24.40
N LEU G 721 49.10 -26.45 24.86
CA LEU G 721 48.29 -27.65 24.78
C LEU G 721 48.41 -28.44 26.07
N PHE G 722 47.28 -28.96 26.56
CA PHE G 722 47.25 -29.67 27.84
C PHE G 722 45.97 -30.47 27.94
N HIS G 723 46.09 -31.77 28.19
CA HIS G 723 44.92 -32.63 28.44
C HIS G 723 44.54 -32.51 29.91
N LEU G 724 43.42 -31.85 30.18
CA LEU G 724 43.01 -31.64 31.57
C LEU G 724 42.37 -32.88 32.18
N GLY G 725 41.53 -33.57 31.40
CA GLY G 725 40.78 -34.70 31.92
C GLY G 725 39.41 -34.37 32.48
N GLU G 726 39.05 -33.09 32.52
CA GLU G 726 37.75 -32.65 33.02
C GLU G 726 37.06 -31.79 31.98
N PHE G 727 35.74 -31.70 32.11
CA PHE G 727 34.91 -30.92 31.19
C PHE G 727 34.66 -29.56 31.82
N VAL G 728 35.35 -28.54 31.31
CA VAL G 728 35.23 -27.19 31.84
C VAL G 728 33.97 -26.54 31.27
N ASN G 729 33.12 -26.02 32.15
CA ASN G 729 31.88 -25.36 31.76
C ASN G 729 31.95 -23.84 31.86
N VAL G 730 32.70 -23.31 32.83
CA VAL G 730 32.74 -21.87 33.08
C VAL G 730 34.14 -21.49 33.52
N PHE G 731 34.73 -20.50 32.84
CA PHE G 731 35.95 -19.85 33.30
C PHE G 731 35.59 -18.59 34.06
N CYS G 732 36.35 -18.29 35.11
CA CYS G 732 36.03 -17.17 35.98
C CYS G 732 37.30 -16.59 36.55
N HIS G 733 37.48 -15.28 36.37
CA HIS G 733 38.63 -14.59 36.96
C HIS G 733 38.43 -14.40 38.45
N GLY G 734 39.49 -14.62 39.22
CA GLY G 734 39.44 -14.44 40.66
C GLY G 734 40.23 -15.50 41.40
N SER G 735 40.31 -15.37 42.73
CA SER G 735 41.05 -16.31 43.54
C SER G 735 40.50 -16.27 44.96
N LEU G 736 40.48 -17.44 45.62
CA LEU G 736 39.99 -17.53 46.99
C LEU G 736 41.07 -17.24 48.02
N VAL G 737 42.30 -16.99 47.59
CA VAL G 737 43.39 -16.68 48.51
C VAL G 737 43.35 -15.20 48.89
N MET G 738 43.98 -14.88 50.02
CA MET G 738 44.05 -13.51 50.49
C MET G 738 44.87 -12.66 49.53
N GLN G 739 44.30 -11.52 49.13
CA GLN G 739 44.90 -10.65 48.12
C GLN G 739 45.55 -9.45 48.82
N ASN G 740 46.86 -9.32 48.63
CA ASN G 740 47.69 -8.30 49.27
C ASN G 740 47.94 -7.15 48.30
N LEU G 741 47.22 -6.04 48.49
CA LEU G 741 47.43 -4.86 47.65
C LEU G 741 48.90 -4.45 47.57
N GLY G 742 49.71 -4.85 48.54
CA GLY G 742 51.15 -4.66 48.42
C GLY G 742 51.71 -5.50 47.29
N GLU G 743 52.50 -4.88 46.42
CA GLU G 743 52.99 -5.56 45.23
C GLU G 743 54.11 -6.50 45.62
N THR G 744 53.94 -7.79 45.31
CA THR G 744 54.93 -8.81 45.63
C THR G 744 55.28 -9.58 44.37
N SER G 745 56.56 -9.66 44.05
CA SER G 745 57.05 -10.37 42.88
C SER G 745 56.80 -11.86 43.09
N THR G 746 55.57 -12.28 42.77
CA THR G 746 55.11 -13.67 42.86
C THR G 746 55.35 -14.38 41.53
N PRO G 747 55.71 -15.67 41.58
CA PRO G 747 55.95 -16.41 40.33
C PRO G 747 54.73 -16.56 39.44
N THR G 748 53.52 -16.47 40.00
CA THR G 748 52.31 -16.58 39.21
C THR G 748 51.73 -15.20 38.94
N GLN G 749 51.16 -15.03 37.75
CA GLN G 749 50.53 -13.78 37.35
C GLN G 749 49.14 -14.12 36.81
N GLY G 750 48.12 -13.51 37.39
CA GLY G 750 46.75 -13.77 36.99
C GLY G 750 46.13 -14.93 37.77
N SER G 751 44.82 -15.03 37.66
CA SER G 751 44.07 -16.08 38.35
C SER G 751 42.78 -16.34 37.62
N VAL G 752 42.61 -17.55 37.11
CA VAL G 752 41.40 -17.97 36.40
C VAL G 752 40.92 -19.27 37.03
N LEU G 753 39.70 -19.23 37.56
CA LEU G 753 39.06 -20.40 38.15
C LEU G 753 38.08 -21.02 37.16
N PHE G 754 37.93 -22.33 37.23
CA PHE G 754 36.97 -23.04 36.39
C PHE G 754 36.33 -24.18 37.16
N GLY G 755 35.05 -24.43 36.86
CA GLY G 755 34.32 -25.53 37.43
C GLY G 755 34.00 -26.55 36.36
N THR G 756 33.93 -27.82 36.75
CA THR G 756 33.77 -28.93 35.83
C THR G 756 32.51 -29.73 36.15
N VAL G 757 32.24 -30.73 35.31
CA VAL G 757 31.05 -31.56 35.49
C VAL G 757 31.22 -32.49 36.68
N ASN G 758 32.43 -33.01 36.89
CA ASN G 758 32.70 -33.92 37.99
C ASN G 758 32.96 -33.19 39.31
N GLY G 759 32.64 -31.91 39.41
CA GLY G 759 32.84 -31.15 40.62
C GLY G 759 34.23 -30.61 40.83
N MET G 760 35.19 -30.93 39.96
CA MET G 760 36.55 -30.45 40.11
C MET G 760 36.62 -28.96 39.81
N ILE G 761 37.33 -28.21 40.67
CA ILE G 761 37.59 -26.79 40.47
C ILE G 761 39.10 -26.59 40.42
N GLY G 762 39.57 -25.88 39.38
CA GLY G 762 40.99 -25.69 39.18
C GLY G 762 41.34 -24.22 39.05
N LEU G 763 42.63 -23.98 38.84
CA LEU G 763 43.19 -22.63 38.73
C LEU G 763 44.21 -22.60 37.61
N VAL G 764 44.12 -21.59 36.76
CA VAL G 764 45.07 -21.36 35.68
C VAL G 764 45.80 -20.04 35.94
N THR G 765 47.11 -20.04 35.73
CA THR G 765 47.92 -18.84 35.90
C THR G 765 49.11 -18.89 34.95
N SER G 766 49.63 -17.72 34.62
CA SER G 766 50.74 -17.61 33.69
C SER G 766 52.08 -17.56 34.44
N LEU G 767 53.15 -17.94 33.73
CA LEU G 767 54.50 -17.95 34.28
C LEU G 767 55.42 -17.16 33.36
N SER G 768 56.57 -16.78 33.90
CA SER G 768 57.64 -16.23 33.08
C SER G 768 58.41 -17.36 32.40
N GLU G 769 59.18 -16.99 31.36
CA GLU G 769 59.96 -17.99 30.65
C GLU G 769 61.02 -18.62 31.55
N SER G 770 61.56 -17.84 32.50
CA SER G 770 62.51 -18.40 33.46
C SER G 770 61.83 -19.41 34.37
N TRP G 771 60.62 -19.08 34.85
CA TRP G 771 59.90 -19.98 35.74
C TRP G 771 59.37 -21.20 34.99
N TYR G 772 58.95 -21.01 33.73
CA TYR G 772 58.45 -22.13 32.95
C TYR G 772 59.52 -23.19 32.75
N ASN G 773 60.70 -22.78 32.26
CA ASN G 773 61.78 -23.73 32.03
C ASN G 773 62.26 -24.33 33.34
N LEU G 774 62.22 -23.57 34.43
CA LEU G 774 62.62 -24.10 35.73
C LEU G 774 61.65 -25.16 36.21
N LEU G 775 60.35 -24.85 36.19
CA LEU G 775 59.35 -25.81 36.65
C LEU G 775 59.19 -26.97 35.68
N LEU G 776 59.34 -26.73 34.37
CA LEU G 776 59.24 -27.81 33.40
C LEU G 776 60.38 -28.81 33.58
N ASP G 777 61.59 -28.31 33.84
CA ASP G 777 62.72 -29.20 34.10
C ASP G 777 62.47 -30.04 35.36
N MET G 778 61.72 -29.51 36.32
CA MET G 778 61.40 -30.29 37.51
C MET G 778 60.42 -31.41 37.19
N GLN G 779 59.45 -31.12 36.31
CA GLN G 779 58.48 -32.15 35.92
C GLN G 779 59.17 -33.37 35.33
N ASN G 780 60.12 -33.15 34.42
CA ASN G 780 60.86 -34.28 33.85
C ASN G 780 61.65 -35.02 34.92
N ARG G 781 62.14 -34.29 35.93
CA ARG G 781 62.83 -34.94 37.03
C ARG G 781 61.84 -35.61 37.99
N LEU G 782 60.68 -34.99 38.20
CA LEU G 782 59.67 -35.60 39.07
C LEU G 782 59.03 -36.82 38.41
N ASN G 783 58.89 -36.82 37.08
CA ASN G 783 58.27 -37.95 36.40
C ASN G 783 59.15 -39.19 36.46
N LYS G 784 60.48 -39.01 36.33
CA LYS G 784 61.40 -40.13 36.44
C LYS G 784 61.47 -40.70 37.86
N VAL G 785 61.05 -39.93 38.86
CA VAL G 785 61.14 -40.34 40.25
C VAL G 785 59.83 -40.94 40.75
N ILE G 786 58.72 -40.25 40.52
CA ILE G 786 57.43 -40.66 41.07
C ILE G 786 56.89 -41.85 40.29
N LYS G 787 56.47 -42.88 41.01
CA LYS G 787 55.82 -44.04 40.39
C LYS G 787 54.32 -43.82 40.33
N SER G 788 53.75 -43.96 39.13
CA SER G 788 52.34 -43.72 38.90
C SER G 788 51.54 -45.02 38.96
N VAL G 789 50.27 -44.90 39.35
CA VAL G 789 49.40 -46.07 39.46
C VAL G 789 49.15 -46.64 38.06
N GLY G 790 49.43 -47.92 37.90
CA GLY G 790 49.29 -48.57 36.61
C GLY G 790 50.43 -48.36 35.64
N LYS G 791 51.53 -47.71 36.08
CA LYS G 791 52.69 -47.44 35.25
C LYS G 791 52.31 -46.67 33.99
N ILE G 792 51.50 -45.63 34.18
CA ILE G 792 51.06 -44.77 33.09
C ILE G 792 52.04 -43.61 32.96
N GLU G 793 52.53 -43.38 31.75
CA GLU G 793 53.43 -42.26 31.50
C GLU G 793 52.70 -40.94 31.73
N HIS G 794 53.34 -40.03 32.46
CA HIS G 794 52.73 -38.75 32.75
C HIS G 794 52.58 -37.91 31.49
N SER G 795 53.58 -37.96 30.61
CA SER G 795 53.50 -37.23 29.35
C SER G 795 52.41 -37.78 28.45
N PHE G 796 52.17 -39.09 28.50
CA PHE G 796 51.08 -39.68 27.73
C PHE G 796 49.71 -39.25 28.26
N TRP G 797 49.59 -39.12 29.58
CA TRP G 797 48.32 -38.74 30.19
C TRP G 797 47.97 -37.29 29.88
N ARG G 798 48.94 -36.39 30.05
CA ARG G 798 48.71 -34.97 29.81
C ARG G 798 48.81 -34.58 28.34
N SER G 799 48.99 -35.55 27.44
CA SER G 799 49.09 -35.24 26.02
C SER G 799 47.73 -34.89 25.46
N PHE G 800 47.67 -33.80 24.69
CA PHE G 800 46.44 -33.43 23.99
C PHE G 800 45.89 -34.62 23.23
N HIS G 801 44.61 -34.92 23.45
CA HIS G 801 44.03 -36.16 22.96
C HIS G 801 42.60 -35.93 22.53
N THR G 802 42.34 -36.08 21.24
CA THR G 802 41.01 -36.25 20.68
C THR G 802 40.93 -37.64 20.04
N GLU G 803 39.75 -37.99 19.54
CA GLU G 803 39.60 -39.25 18.83
C GLU G 803 40.45 -39.30 17.56
N ARG G 804 40.83 -38.15 17.00
CA ARG G 804 41.55 -38.12 15.73
C ARG G 804 43.03 -37.78 15.87
N LYS G 805 43.41 -36.90 16.79
CA LYS G 805 44.80 -36.49 16.92
C LYS G 805 45.24 -36.60 18.38
N THR G 806 46.52 -36.93 18.56
CA THR G 806 47.14 -36.98 19.88
C THR G 806 48.50 -36.29 19.80
N GLU G 807 48.63 -35.17 20.52
CA GLU G 807 49.83 -34.36 20.53
C GLU G 807 50.35 -34.19 21.96
N PRO G 808 51.66 -34.09 22.14
CA PRO G 808 52.20 -33.90 23.49
C PRO G 808 51.89 -32.51 24.04
N ALA G 809 51.84 -32.43 25.37
CA ALA G 809 51.52 -31.18 26.04
C ALA G 809 52.64 -30.17 25.90
N THR G 810 52.28 -28.90 25.74
CA THR G 810 53.24 -27.82 25.61
C THR G 810 52.68 -26.55 26.23
N GLY G 811 53.58 -25.72 26.74
CA GLY G 811 53.20 -24.45 27.32
C GLY G 811 52.43 -24.52 28.63
N PHE G 812 52.29 -25.70 29.21
CA PHE G 812 51.54 -25.89 30.45
C PHE G 812 52.40 -26.66 31.45
N ILE G 813 52.33 -26.24 32.71
CA ILE G 813 53.02 -26.91 33.81
C ILE G 813 51.96 -27.58 34.68
N ASP G 814 51.98 -28.91 34.72
CA ASP G 814 51.07 -29.66 35.57
C ASP G 814 51.38 -29.36 37.04
N GLY G 815 50.66 -28.39 37.61
CA GLY G 815 50.94 -27.98 38.97
C GLY G 815 50.70 -29.07 39.99
N ASP G 816 49.79 -30.01 39.68
CA ASP G 816 49.56 -31.14 40.59
C ASP G 816 50.78 -32.03 40.69
N LEU G 817 51.63 -32.03 39.66
CA LEU G 817 52.89 -32.76 39.71
C LEU G 817 53.97 -31.98 40.44
N ILE G 818 53.98 -30.65 40.27
CA ILE G 818 54.97 -29.82 40.95
C ILE G 818 54.72 -29.80 42.46
N GLU G 819 53.46 -29.66 42.87
CA GLU G 819 53.14 -29.61 44.30
C GLU G 819 53.34 -30.95 45.00
N SER G 820 53.53 -32.04 44.26
CA SER G 820 53.86 -33.33 44.85
C SER G 820 55.30 -33.40 45.32
N PHE G 821 56.11 -32.37 45.05
CA PHE G 821 57.49 -32.33 45.52
C PHE G 821 57.57 -32.26 47.04
N LEU G 822 56.55 -31.71 47.68
CA LEU G 822 56.51 -31.60 49.14
C LEU G 822 56.13 -32.91 49.81
N ASP G 823 55.96 -33.99 49.04
CA ASP G 823 55.57 -35.28 49.58
C ASP G 823 56.57 -36.39 49.31
N ILE G 824 57.50 -36.21 48.37
CA ILE G 824 58.50 -37.23 48.08
C ILE G 824 59.57 -37.25 49.18
N SER G 825 60.22 -38.39 49.33
CA SER G 825 61.25 -38.56 50.34
C SER G 825 62.47 -37.70 50.02
N ARG G 826 63.30 -37.48 51.03
CA ARG G 826 64.49 -36.65 50.85
C ARG G 826 65.48 -37.18 49.82
N PRO G 827 65.79 -38.48 49.75
CA PRO G 827 66.70 -38.95 48.69
C PRO G 827 66.20 -38.64 47.30
N LYS G 828 64.88 -38.60 47.08
CA LYS G 828 64.34 -38.27 45.77
C LYS G 828 64.44 -36.77 45.48
N MET G 829 64.39 -35.94 46.53
CA MET G 829 64.58 -34.50 46.33
C MET G 829 65.96 -34.20 45.78
N GLN G 830 67.00 -34.84 46.34
CA GLN G 830 68.35 -34.61 45.85
C GLN G 830 68.51 -35.05 44.41
N GLU G 831 67.79 -36.09 43.99
CA GLU G 831 67.81 -36.49 42.60
C GLU G 831 67.20 -35.43 41.70
N VAL G 832 66.21 -34.69 42.22
CA VAL G 832 65.58 -33.62 41.43
C VAL G 832 66.46 -32.37 41.41
N VAL G 833 67.09 -32.04 42.53
CA VAL G 833 67.89 -30.81 42.60
C VAL G 833 69.30 -31.02 42.10
N ALA G 834 69.71 -32.25 41.80
CA ALA G 834 71.04 -32.51 41.29
C ALA G 834 71.20 -31.94 39.89
N ASN G 835 72.33 -31.28 39.65
CA ASN G 835 72.68 -30.69 38.35
C ASN G 835 71.70 -29.60 37.92
N LEU G 836 70.73 -29.27 38.78
CA LEU G 836 69.74 -28.25 38.47
C LEU G 836 70.33 -26.86 38.72
N GLN G 837 70.28 -26.00 37.70
CA GLN G 837 70.82 -24.65 37.82
C GLN G 837 69.69 -23.64 37.98
N TYR G 838 69.80 -22.83 39.04
CA TYR G 838 68.82 -21.82 39.43
C TYR G 838 69.30 -20.43 39.05
N ASP G 839 68.40 -19.46 39.22
CA ASP G 839 68.60 -18.06 38.86
C ASP G 839 68.73 -17.19 40.10
N ASP G 840 69.48 -17.70 41.09
CA ASP G 840 69.60 -17.08 42.41
C ASP G 840 69.95 -15.60 42.34
N GLY G 841 69.24 -14.80 43.12
CA GLY G 841 69.45 -13.37 43.21
C GLY G 841 69.14 -12.60 41.95
N SER G 842 70.13 -11.85 41.46
CA SER G 842 69.95 -10.96 40.32
C SER G 842 71.15 -11.12 39.39
N GLY G 843 70.92 -11.74 38.23
CA GLY G 843 71.95 -11.90 37.23
C GLY G 843 72.87 -13.08 37.37
N MET G 844 72.61 -13.99 38.31
CA MET G 844 73.51 -15.11 38.56
C MET G 844 72.80 -16.44 38.29
N LYS G 845 73.51 -17.35 37.61
CA LYS G 845 72.98 -18.70 37.37
C LYS G 845 73.63 -19.70 38.33
N ARG G 846 73.25 -19.59 39.60
CA ARG G 846 73.76 -20.47 40.65
C ARG G 846 72.87 -21.70 40.82
N GLU G 847 73.48 -22.83 41.15
CA GLU G 847 72.75 -24.08 41.33
C GLU G 847 71.88 -24.03 42.60
N ALA G 848 70.69 -24.61 42.50
CA ALA G 848 69.71 -24.55 43.57
C ALA G 848 69.96 -25.65 44.60
N THR G 849 69.72 -25.32 45.87
CA THR G 849 69.68 -26.33 46.91
C THR G 849 68.29 -26.97 46.92
N ALA G 850 68.21 -28.17 47.52
CA ALA G 850 66.91 -28.84 47.59
C ALA G 850 65.93 -28.02 48.43
N ASP G 851 66.42 -27.32 49.44
CA ASP G 851 65.53 -26.46 50.23
C ASP G 851 65.11 -25.24 49.41
N ASP G 852 65.94 -24.82 48.45
CA ASP G 852 65.54 -23.74 47.55
C ASP G 852 64.36 -24.14 46.69
N LEU G 853 64.27 -25.43 46.33
CA LEU G 853 63.11 -25.90 45.58
C LEU G 853 61.88 -26.06 46.46
N ILE G 854 62.07 -26.37 47.74
CA ILE G 854 60.94 -26.48 48.65
C ILE G 854 60.28 -25.11 48.86
N LYS G 855 61.07 -24.04 48.88
CA LYS G 855 60.49 -22.71 49.00
C LYS G 855 59.69 -22.34 47.77
N VAL G 856 60.16 -22.77 46.59
CA VAL G 856 59.48 -22.45 45.34
C VAL G 856 58.12 -23.14 45.30
N VAL G 857 58.08 -24.43 45.62
CA VAL G 857 56.82 -25.17 45.57
C VAL G 857 55.85 -24.66 46.62
N GLU G 858 56.34 -24.37 47.82
CA GLU G 858 55.47 -23.87 48.88
C GLU G 858 54.91 -22.49 48.54
N GLU G 859 55.64 -21.68 47.77
CA GLU G 859 55.08 -20.41 47.32
C GLU G 859 54.00 -20.64 46.26
N LEU G 860 54.17 -21.66 45.42
CA LEU G 860 53.15 -21.99 44.44
C LEU G 860 51.92 -22.62 45.08
N THR G 861 52.06 -23.23 46.26
CA THR G 861 50.92 -23.78 46.98
C THR G 861 50.06 -22.69 47.61
N ARG G 862 50.52 -21.45 47.63
CA ARG G 862 49.77 -20.35 48.22
C ARG G 862 48.81 -19.69 47.25
N ILE G 863 48.85 -20.07 45.97
CA ILE G 863 47.92 -19.50 44.99
C ILE G 863 46.53 -20.12 45.11
N HIS G 864 46.37 -21.18 45.89
CA HIS G 864 45.07 -21.80 46.10
C HIS G 864 44.88 -22.16 47.56
N GLY H 1 27.92 -10.71 -24.45
CA GLY H 1 29.13 -10.78 -23.66
C GLY H 1 28.82 -10.97 -22.18
N GLN H 2 29.58 -10.27 -21.33
CA GLN H 2 29.49 -10.32 -19.85
C GLN H 2 29.52 -11.80 -19.46
N THR H 3 28.59 -12.26 -18.63
CA THR H 3 28.46 -13.68 -18.28
C THR H 3 29.80 -14.31 -17.93
N GLU H 4 30.55 -13.61 -17.07
CA GLU H 4 31.87 -14.02 -16.58
C GLU H 4 32.85 -14.33 -17.72
N SER H 5 32.73 -13.64 -18.85
CA SER H 5 33.70 -13.86 -19.92
C SER H 5 34.93 -12.95 -19.78
N ASP H 6 34.73 -11.67 -19.47
CA ASP H 6 35.81 -10.73 -19.25
C ASP H 6 36.30 -10.82 -17.80
N TRP H 7 37.55 -11.22 -17.61
CA TRP H 7 38.10 -11.40 -16.28
C TRP H 7 39.25 -10.44 -16.05
N GLY H 8 39.58 -10.23 -14.77
CA GLY H 8 40.65 -9.34 -14.38
C GLY H 8 40.32 -7.86 -14.44
N LYS H 9 39.21 -7.48 -15.08
CA LYS H 9 38.81 -6.08 -15.16
C LYS H 9 37.98 -5.63 -13.96
N ARG H 10 37.38 -6.56 -13.22
CA ARG H 10 36.61 -6.20 -12.05
C ARG H 10 37.55 -6.04 -10.86
N CYS H 11 37.20 -5.13 -9.96
CA CYS H 11 38.05 -4.83 -8.82
C CYS H 11 37.56 -5.57 -7.58
N VAL H 12 38.46 -5.71 -6.60
CA VAL H 12 38.11 -6.34 -5.33
C VAL H 12 37.29 -5.41 -4.45
N ASP H 13 37.14 -4.14 -4.84
CA ASP H 13 36.30 -3.21 -4.09
C ASP H 13 34.85 -3.67 -4.07
N LYS H 14 34.42 -4.39 -5.11
CA LYS H 14 33.04 -4.87 -5.17
C LYS H 14 32.77 -6.00 -4.18
N PHE H 15 33.79 -6.52 -3.53
CA PHE H 15 33.66 -7.58 -2.55
C PHE H 15 34.07 -7.05 -1.18
N ASP H 16 33.22 -7.28 -0.18
CA ASP H 16 33.54 -6.94 1.20
C ASP H 16 34.10 -8.19 1.88
N ILE H 17 35.29 -8.06 2.45
CA ILE H 17 36.01 -9.21 2.99
C ILE H 17 35.46 -9.50 4.39
N ILE H 18 34.87 -10.68 4.54
CA ILE H 18 34.33 -11.08 5.85
C ILE H 18 35.47 -11.45 6.79
N GLY H 19 36.37 -12.31 6.33
CA GLY H 19 37.52 -12.70 7.13
C GLY H 19 38.22 -13.88 6.50
N ILE H 20 39.25 -14.33 7.19
CA ILE H 20 40.07 -15.46 6.73
C ILE H 20 39.48 -16.74 7.31
N ILE H 21 39.38 -17.77 6.47
CA ILE H 21 38.75 -19.02 6.88
C ILE H 21 39.73 -20.18 7.04
N GLY H 22 40.91 -20.12 6.44
CA GLY H 22 41.85 -21.22 6.55
C GLY H 22 43.03 -21.03 5.63
N GLU H 23 43.91 -22.03 5.66
CA GLU H 23 45.12 -22.03 4.86
C GLU H 23 44.93 -22.96 3.66
N GLY H 24 45.17 -22.43 2.47
CA GLY H 24 45.01 -23.16 1.24
C GLY H 24 46.29 -23.81 0.77
N THR H 25 46.37 -24.06 -0.53
CA THR H 25 47.54 -24.71 -1.10
C THR H 25 48.77 -23.81 -1.00
N TYR H 26 48.78 -22.70 -1.75
CA TYR H 26 49.91 -21.79 -1.74
C TYR H 26 49.66 -20.53 -0.91
N GLY H 27 48.40 -20.11 -0.78
CA GLY H 27 48.09 -18.95 0.04
C GLY H 27 46.85 -19.23 0.86
N GLN H 28 46.61 -18.33 1.81
CA GLN H 28 45.50 -18.49 2.73
C GLN H 28 44.18 -18.04 2.09
N VAL H 29 43.11 -18.75 2.44
CA VAL H 29 41.80 -18.55 1.84
C VAL H 29 40.96 -17.62 2.71
N TYR H 30 40.32 -16.63 2.09
CA TYR H 30 39.47 -15.69 2.78
C TYR H 30 38.05 -15.79 2.23
N LYS H 31 37.08 -15.31 3.01
CA LYS H 31 35.67 -15.36 2.65
C LYS H 31 35.14 -13.94 2.50
N ALA H 32 34.22 -13.75 1.55
CA ALA H 32 33.72 -12.41 1.26
C ALA H 32 32.31 -12.51 0.71
N LYS H 33 31.65 -11.34 0.63
CA LYS H 33 30.30 -11.23 0.10
C LYS H 33 30.30 -10.15 -0.99
N ASP H 34 29.70 -10.48 -2.14
CA ASP H 34 29.61 -9.52 -3.23
C ASP H 34 28.62 -8.42 -2.87
N LYS H 35 29.01 -7.16 -3.11
CA LYS H 35 28.11 -6.05 -2.83
C LYS H 35 26.90 -6.05 -3.74
N ASP H 36 27.10 -6.31 -5.04
CA ASP H 36 26.01 -6.20 -6.00
C ASP H 36 25.04 -7.38 -5.91
N THR H 37 25.58 -8.61 -5.88
CA THR H 37 24.73 -9.80 -5.91
C THR H 37 24.37 -10.31 -4.53
N GLY H 38 25.17 -10.02 -3.51
CA GLY H 38 24.93 -10.52 -2.18
C GLY H 38 25.29 -11.97 -1.95
N GLU H 39 26.04 -12.58 -2.86
CA GLU H 39 26.43 -13.98 -2.73
C GLU H 39 27.71 -14.10 -1.92
N LEU H 40 27.77 -15.14 -1.09
CA LEU H 40 28.99 -15.43 -0.35
C LEU H 40 29.97 -16.15 -1.27
N VAL H 41 31.19 -15.62 -1.36
CA VAL H 41 32.21 -16.17 -2.25
C VAL H 41 33.49 -16.39 -1.47
N ALA H 42 34.31 -17.31 -1.97
CA ALA H 42 35.62 -17.60 -1.38
C ALA H 42 36.72 -17.03 -2.26
N LEU H 43 37.64 -16.28 -1.65
CA LEU H 43 38.72 -15.65 -2.38
C LEU H 43 40.06 -16.21 -1.92
N LYS H 44 41.05 -16.14 -2.82
CA LYS H 44 42.40 -16.63 -2.55
C LYS H 44 43.34 -15.64 -3.20
N LYS H 45 44.34 -15.18 -2.45
CA LYS H 45 45.22 -14.10 -2.92
C LYS H 45 46.43 -14.61 -3.69
N VAL H 46 46.80 -13.84 -4.72
CA VAL H 46 48.03 -14.02 -5.48
C VAL H 46 48.81 -12.71 -5.34
N ARG H 47 50.00 -12.79 -4.73
CA ARG H 47 50.78 -11.57 -4.49
C ARG H 47 51.13 -10.84 -5.78
N LEU H 48 51.86 -11.49 -6.68
CA LEU H 48 52.40 -10.90 -7.90
C LEU H 48 53.44 -9.82 -7.60
N ASP H 49 53.80 -9.66 -6.32
CA ASP H 49 54.79 -8.68 -5.91
C ASP H 49 56.21 -9.15 -6.22
N ASN H 50 56.44 -10.46 -6.19
CA ASN H 50 57.77 -11.01 -6.46
C ASN H 50 58.12 -10.77 -7.92
N GLU H 51 58.93 -9.76 -8.18
CA GLU H 51 59.40 -9.44 -9.51
C GLU H 51 60.48 -10.42 -9.97
N LYS H 52 60.69 -11.48 -9.21
CA LYS H 52 61.63 -12.53 -9.57
C LYS H 52 61.15 -13.29 -10.81
N GLU H 53 59.93 -13.83 -10.74
CA GLU H 53 59.31 -14.50 -11.87
C GLU H 53 57.94 -13.93 -12.19
N GLY H 54 57.59 -12.78 -11.64
CA GLY H 54 56.33 -12.13 -11.94
C GLY H 54 55.14 -12.92 -11.45
N PHE H 55 54.24 -13.27 -12.34
CA PHE H 55 53.06 -14.04 -11.96
C PHE H 55 53.48 -15.46 -11.57
N PRO H 56 53.03 -15.97 -10.43
CA PRO H 56 53.44 -17.32 -10.02
C PRO H 56 52.94 -18.38 -10.99
N ILE H 57 53.80 -19.36 -11.27
CA ILE H 57 53.44 -20.41 -12.21
C ILE H 57 52.46 -21.40 -11.59
N THR H 58 52.57 -21.64 -10.27
CA THR H 58 51.60 -22.51 -9.61
C THR H 58 50.20 -21.91 -9.64
N ALA H 59 50.10 -20.58 -9.65
CA ALA H 59 48.80 -19.93 -9.81
C ALA H 59 48.31 -20.04 -11.25
N ILE H 60 49.23 -19.92 -12.21
CA ILE H 60 48.86 -20.06 -13.63
C ILE H 60 48.30 -21.44 -13.89
N ARG H 61 48.80 -22.47 -13.20
CA ARG H 61 48.25 -23.81 -13.36
C ARG H 61 46.81 -23.87 -12.88
N GLU H 62 46.53 -23.30 -11.70
CA GLU H 62 45.17 -23.37 -11.16
C GLU H 62 44.20 -22.53 -11.99
N ILE H 63 44.68 -21.47 -12.62
CA ILE H 63 43.82 -20.67 -13.50
C ILE H 63 43.56 -21.43 -14.80
N LYS H 64 44.58 -22.07 -15.35
CA LYS H 64 44.43 -22.80 -16.60
C LYS H 64 43.60 -24.06 -16.41
N ILE H 65 43.87 -24.81 -15.34
CA ILE H 65 43.19 -26.09 -15.15
C ILE H 65 41.73 -25.89 -14.76
N LEU H 66 41.44 -24.89 -13.92
CA LEU H 66 40.10 -24.73 -13.39
C LEU H 66 39.11 -24.16 -14.41
N ARG H 67 39.57 -23.34 -15.34
CA ARG H 67 38.65 -22.81 -16.34
C ARG H 67 38.21 -23.88 -17.33
N GLN H 68 38.96 -24.98 -17.43
CA GLN H 68 38.56 -26.08 -18.30
C GLN H 68 37.58 -27.03 -17.60
N LEU H 69 37.65 -27.13 -16.27
CA LEU H 69 36.86 -28.09 -15.51
C LEU H 69 35.51 -27.48 -15.13
N ILE H 70 34.43 -28.20 -15.45
CA ILE H 70 33.07 -27.81 -15.07
C ILE H 70 32.33 -29.07 -14.65
N HIS H 71 31.91 -29.14 -13.40
CA HIS H 71 31.21 -30.32 -12.89
C HIS H 71 30.43 -29.93 -11.64
N ARG H 72 29.40 -30.73 -11.35
CA ARG H 72 28.59 -30.51 -10.16
C ARG H 72 29.36 -30.75 -8.87
N SER H 73 30.47 -31.49 -8.93
CA SER H 73 31.23 -31.87 -7.75
C SER H 73 32.59 -31.18 -7.70
N VAL H 74 32.76 -30.08 -8.44
CA VAL H 74 34.02 -29.34 -8.47
C VAL H 74 33.71 -27.88 -8.21
N VAL H 75 34.42 -27.28 -7.24
CA VAL H 75 34.30 -25.85 -6.99
C VAL H 75 34.74 -25.11 -8.24
N ASN H 76 33.84 -24.28 -8.78
CA ASN H 76 34.12 -23.55 -10.01
C ASN H 76 34.67 -22.17 -9.67
N MET H 77 35.81 -21.83 -10.25
CA MET H 77 36.33 -20.48 -10.10
C MET H 77 35.39 -19.50 -10.78
N LYS H 78 34.78 -18.62 -10.00
CA LYS H 78 33.77 -17.72 -10.54
C LYS H 78 34.39 -16.66 -11.45
N GLU H 79 35.33 -15.88 -10.92
CA GLU H 79 35.98 -14.84 -11.70
C GLU H 79 37.34 -14.55 -11.06
N ILE H 80 38.01 -13.53 -11.60
CA ILE H 80 39.29 -13.06 -11.09
C ILE H 80 39.21 -11.55 -10.97
N VAL H 81 39.50 -11.02 -9.78
CA VAL H 81 39.44 -9.60 -9.53
C VAL H 81 40.83 -9.11 -9.16
N THR H 82 41.02 -7.79 -9.27
CA THR H 82 42.32 -7.18 -9.03
C THR H 82 42.19 -6.06 -8.02
N ASP H 83 43.35 -5.57 -7.59
CA ASP H 83 43.46 -4.38 -6.76
C ASP H 83 43.28 -3.13 -7.62
N LYS H 84 43.30 -1.97 -6.95
CA LYS H 84 43.10 -0.70 -7.62
C LYS H 84 44.21 -0.45 -8.66
N GLN H 85 43.79 -0.05 -9.86
CA GLN H 85 44.71 0.22 -10.96
C GLN H 85 45.20 1.65 -10.85
N ASP H 86 46.50 1.80 -10.59
CA ASP H 86 47.09 3.08 -10.22
C ASP H 86 47.38 3.93 -11.46
N ALA H 87 46.81 5.14 -11.48
CA ALA H 87 47.07 6.17 -12.49
C ALA H 87 46.92 5.71 -13.93
N LEU H 88 47.27 6.59 -14.87
CA LEU H 88 47.27 6.30 -16.29
C LEU H 88 48.48 5.49 -16.74
N ASP H 89 49.50 5.35 -15.90
CA ASP H 89 50.72 4.62 -16.25
C ASP H 89 50.65 3.21 -15.68
N PHE H 90 50.57 2.23 -16.57
CA PHE H 90 50.51 0.82 -16.19
C PHE H 90 51.77 0.36 -15.46
N LYS H 91 52.81 1.19 -15.39
CA LYS H 91 54.04 0.83 -14.69
C LYS H 91 53.92 0.97 -13.18
N LYS H 92 53.08 1.91 -12.70
CA LYS H 92 52.97 2.14 -11.27
C LYS H 92 52.06 1.15 -10.55
N ASP H 93 51.37 0.27 -11.28
CA ASP H 93 50.41 -0.64 -10.67
C ASP H 93 51.14 -1.81 -10.01
N LYS H 94 51.18 -1.83 -8.69
CA LYS H 94 51.71 -2.94 -7.91
C LYS H 94 50.61 -3.79 -7.27
N GLY H 95 49.39 -3.71 -7.79
CA GLY H 95 48.27 -4.40 -7.17
C GLY H 95 48.31 -5.90 -7.40
N ALA H 96 47.71 -6.64 -6.47
CA ALA H 96 47.65 -8.08 -6.53
C ALA H 96 46.34 -8.53 -7.17
N PHE H 97 46.26 -9.83 -7.47
CA PHE H 97 45.05 -10.44 -8.01
C PHE H 97 44.43 -11.38 -6.99
N TYR H 98 43.14 -11.65 -7.18
CA TYR H 98 42.37 -12.51 -6.29
C TYR H 98 41.55 -13.48 -7.11
N LEU H 99 41.58 -14.75 -6.72
CA LEU H 99 40.75 -15.78 -7.35
C LEU H 99 39.42 -15.87 -6.61
N VAL H 100 38.33 -15.83 -7.37
CA VAL H 100 36.98 -15.84 -6.81
C VAL H 100 36.39 -17.23 -7.02
N PHE H 101 36.15 -17.94 -5.91
CA PHE H 101 35.52 -19.24 -5.93
C PHE H 101 34.11 -19.14 -5.37
N GLU H 102 33.37 -20.24 -5.50
CA GLU H 102 32.07 -20.38 -4.88
C GLU H 102 32.25 -20.81 -3.42
N TYR H 103 31.48 -20.21 -2.52
CA TYR H 103 31.61 -20.50 -1.09
C TYR H 103 30.69 -21.65 -0.70
N MET H 104 31.23 -22.57 0.10
CA MET H 104 30.51 -23.72 0.60
C MET H 104 30.26 -23.56 2.10
N ASP H 105 29.30 -24.35 2.61
CA ASP H 105 28.84 -24.17 3.98
C ASP H 105 29.87 -24.64 5.00
N HIS H 106 30.42 -25.84 4.81
CA HIS H 106 31.35 -26.42 5.76
C HIS H 106 32.48 -27.11 5.02
N ASP H 107 33.45 -27.60 5.79
CA ASP H 107 34.59 -28.35 5.28
C ASP H 107 34.65 -29.68 6.01
N LEU H 108 35.03 -30.74 5.27
CA LEU H 108 35.07 -32.08 5.87
C LEU H 108 35.99 -32.11 7.08
N MET H 109 37.09 -31.36 7.05
CA MET H 109 38.00 -31.30 8.18
C MET H 109 37.29 -30.78 9.42
N GLY H 110 36.70 -29.57 9.33
CA GLY H 110 36.02 -28.99 10.47
C GLY H 110 34.90 -29.86 11.02
N LEU H 111 34.20 -30.57 10.13
CA LEU H 111 33.10 -31.43 10.57
C LEU H 111 33.62 -32.65 11.32
N LEU H 112 34.67 -33.30 10.79
CA LEU H 112 35.20 -34.50 11.43
C LEU H 112 36.08 -34.17 12.62
N GLU H 113 36.96 -33.16 12.48
CA GLU H 113 37.87 -32.81 13.58
C GLU H 113 37.11 -32.35 14.82
N SER H 114 35.97 -31.69 14.64
CA SER H 114 35.16 -31.29 15.79
C SER H 114 34.48 -32.49 16.44
N GLY H 115 34.18 -33.53 15.66
CA GLY H 115 33.52 -34.70 16.18
C GLY H 115 32.03 -34.59 16.30
N LEU H 116 31.42 -33.56 15.71
CA LEU H 116 30.00 -33.34 15.83
C LEU H 116 29.19 -34.19 14.86
N VAL H 117 29.65 -34.28 13.62
CA VAL H 117 28.87 -34.92 12.57
C VAL H 117 28.93 -36.44 12.72
N HIS H 118 27.90 -37.10 12.22
CA HIS H 118 27.84 -38.55 12.15
C HIS H 118 27.48 -38.96 10.72
N PHE H 119 28.19 -39.95 10.20
CA PHE H 119 28.00 -40.43 8.84
C PHE H 119 27.39 -41.83 8.88
N SER H 120 26.18 -41.96 8.36
CA SER H 120 25.58 -43.27 8.16
C SER H 120 26.07 -43.88 6.84
N GLU H 121 25.67 -45.11 6.59
CA GLU H 121 26.07 -45.77 5.34
C GLU H 121 25.48 -45.06 4.14
N ASP H 122 24.24 -44.57 4.25
CA ASP H 122 23.63 -43.84 3.15
C ASP H 122 24.29 -42.48 2.94
N HIS H 123 24.80 -41.88 4.02
CA HIS H 123 25.55 -40.63 3.87
C HIS H 123 26.87 -40.86 3.16
N ILE H 124 27.57 -41.94 3.50
CA ILE H 124 28.85 -42.23 2.85
C ILE H 124 28.65 -42.54 1.38
N LYS H 125 27.55 -43.23 1.03
CA LYS H 125 27.25 -43.48 -0.37
C LYS H 125 26.99 -42.17 -1.12
N SER H 126 26.20 -41.28 -0.53
CA SER H 126 26.00 -39.97 -1.14
C SER H 126 27.30 -39.19 -1.20
N PHE H 127 28.16 -39.34 -0.18
CA PHE H 127 29.44 -38.65 -0.17
C PHE H 127 30.39 -39.22 -1.22
N MET H 128 30.59 -40.54 -1.21
CA MET H 128 31.63 -41.14 -2.06
C MET H 128 31.26 -41.08 -3.53
N LYS H 129 29.97 -41.24 -3.87
CA LYS H 129 29.59 -41.22 -5.28
C LYS H 129 29.85 -39.85 -5.88
N GLN H 130 29.48 -38.79 -5.18
CA GLN H 130 29.79 -37.45 -5.67
C GLN H 130 31.29 -37.22 -5.73
N LEU H 131 32.02 -37.72 -4.74
CA LEU H 131 33.48 -37.58 -4.72
C LEU H 131 34.11 -38.31 -5.89
N MET H 132 33.63 -39.53 -6.20
CA MET H 132 34.21 -40.30 -7.29
C MET H 132 33.74 -39.84 -8.65
N GLU H 133 32.52 -39.29 -8.75
CA GLU H 133 32.07 -38.74 -10.03
C GLU H 133 32.90 -37.54 -10.45
N GLY H 134 33.21 -36.64 -9.50
CA GLY H 134 34.05 -35.50 -9.82
C GLY H 134 35.48 -35.89 -10.14
N LEU H 135 36.04 -36.84 -9.38
CA LEU H 135 37.40 -37.29 -9.64
C LEU H 135 37.50 -38.01 -10.98
N GLU H 136 36.46 -38.76 -11.36
CA GLU H 136 36.45 -39.40 -12.67
C GLU H 136 36.41 -38.36 -13.78
N TYR H 137 35.67 -37.28 -13.57
CA TYR H 137 35.61 -36.21 -14.57
C TYR H 137 37.00 -35.60 -14.80
N CYS H 138 37.69 -35.26 -13.71
CA CYS H 138 39.00 -34.63 -13.84
C CYS H 138 40.06 -35.61 -14.31
N HIS H 139 39.97 -36.88 -13.90
CA HIS H 139 40.89 -37.88 -14.42
C HIS H 139 40.69 -38.14 -15.90
N LYS H 140 39.44 -38.05 -16.39
CA LYS H 140 39.21 -38.17 -17.82
C LYS H 140 39.82 -37.01 -18.58
N LYS H 141 39.89 -35.83 -17.96
CA LYS H 141 40.54 -34.67 -18.56
C LYS H 141 42.05 -34.65 -18.31
N ASN H 142 42.59 -35.72 -17.73
CA ASN H 142 44.04 -35.88 -17.50
C ASN H 142 44.58 -34.78 -16.58
N PHE H 143 43.98 -34.66 -15.41
CA PHE H 143 44.46 -33.76 -14.37
C PHE H 143 44.63 -34.53 -13.07
N LEU H 144 45.61 -34.11 -12.27
CA LEU H 144 45.93 -34.75 -10.99
C LEU H 144 45.87 -33.69 -9.90
N HIS H 145 44.99 -33.90 -8.93
CA HIS H 145 44.83 -32.95 -7.84
C HIS H 145 46.02 -32.98 -6.89
N ARG H 146 46.52 -34.17 -6.59
CA ARG H 146 47.72 -34.40 -5.80
C ARG H 146 47.66 -33.84 -4.38
N ASP H 147 46.52 -33.31 -3.95
CA ASP H 147 46.39 -32.82 -2.57
C ASP H 147 44.98 -33.09 -2.07
N ILE H 148 44.60 -34.37 -2.05
CA ILE H 148 43.29 -34.77 -1.56
C ILE H 148 43.36 -34.84 -0.03
N LYS H 149 42.72 -33.87 0.63
CA LYS H 149 42.67 -33.84 2.08
C LYS H 149 41.28 -33.37 2.50
N CYS H 150 40.93 -33.63 3.76
CA CYS H 150 39.63 -33.23 4.29
C CYS H 150 39.43 -31.72 4.24
N SER H 151 40.50 -30.94 4.24
CA SER H 151 40.37 -29.49 4.17
C SER H 151 39.98 -29.01 2.77
N ASN H 152 40.25 -29.79 1.73
CA ASN H 152 39.87 -29.44 0.37
C ASN H 152 38.56 -30.10 -0.06
N ILE H 153 37.86 -30.78 0.85
CA ILE H 153 36.57 -31.38 0.57
C ILE H 153 35.51 -30.54 1.27
N LEU H 154 34.66 -29.89 0.47
CA LEU H 154 33.67 -28.96 0.96
C LEU H 154 32.27 -29.56 0.83
N LEU H 155 31.37 -29.15 1.73
CA LEU H 155 30.02 -29.68 1.78
C LEU H 155 29.04 -28.56 2.05
N ASN H 156 27.90 -28.60 1.38
CA ASN H 156 26.77 -27.73 1.68
C ASN H 156 25.75 -28.48 2.53
N ASN H 157 24.86 -27.72 3.17
CA ASN H 157 23.85 -28.33 4.02
C ASN H 157 22.83 -29.12 3.21
N SER H 158 22.77 -28.91 1.89
CA SER H 158 21.89 -29.70 1.05
C SER H 158 22.38 -31.14 0.91
N GLY H 159 23.70 -31.35 0.95
CA GLY H 159 24.29 -32.65 0.71
C GLY H 159 25.21 -32.70 -0.50
N GLN H 160 25.48 -31.59 -1.17
CA GLN H 160 26.34 -31.57 -2.34
C GLN H 160 27.81 -31.46 -1.93
N ILE H 161 28.66 -32.25 -2.59
CA ILE H 161 30.08 -32.31 -2.28
C ILE H 161 30.83 -31.67 -3.44
N LYS H 162 31.93 -30.96 -3.12
CA LYS H 162 32.76 -30.35 -4.13
C LYS H 162 34.22 -30.38 -3.70
N LEU H 163 35.11 -30.55 -4.68
CA LEU H 163 36.55 -30.44 -4.45
C LEU H 163 36.99 -28.99 -4.67
N ALA H 164 38.05 -28.59 -3.95
CA ALA H 164 38.35 -27.17 -3.84
C ALA H 164 39.66 -26.76 -4.50
N ASP H 165 40.78 -27.03 -3.83
CA ASP H 165 42.05 -26.39 -4.17
C ASP H 165 42.75 -27.14 -5.30
N PHE H 166 43.06 -26.43 -6.39
CA PHE H 166 43.75 -27.02 -7.53
C PHE H 166 45.09 -26.36 -7.82
N GLY H 167 45.65 -25.64 -6.84
CA GLY H 167 46.95 -25.02 -7.05
C GLY H 167 48.05 -26.03 -7.26
N LEU H 168 47.97 -27.18 -6.58
CA LEU H 168 48.93 -28.26 -6.74
C LEU H 168 48.53 -29.23 -7.85
N ALA H 169 47.62 -28.84 -8.72
CA ALA H 169 47.15 -29.71 -9.79
C ALA H 169 48.06 -29.59 -11.00
N ARG H 170 48.36 -30.74 -11.61
CA ARG H 170 49.17 -30.80 -12.82
C ARG H 170 48.43 -31.61 -13.87
N LEU H 171 49.01 -31.69 -15.06
CA LEU H 171 48.46 -32.48 -16.16
C LEU H 171 49.15 -33.83 -16.21
N TYR H 172 48.40 -34.87 -16.56
CA TYR H 172 48.92 -36.21 -16.68
C TYR H 172 48.96 -36.64 -18.14
N ASN H 173 50.02 -37.36 -18.51
CA ASN H 173 50.12 -37.96 -19.84
C ASN H 173 50.82 -39.31 -19.70
N SER H 174 50.15 -40.37 -20.16
CA SER H 174 50.74 -41.71 -20.09
C SER H 174 51.88 -41.87 -21.09
N GLU H 175 51.73 -41.28 -22.27
CA GLU H 175 52.78 -41.36 -23.28
C GLU H 175 54.04 -40.62 -22.85
N GLU H 176 53.88 -39.38 -22.39
CA GLU H 176 55.01 -38.56 -21.99
C GLU H 176 55.27 -38.75 -20.50
N SER H 177 56.45 -39.28 -20.17
CA SER H 177 56.84 -39.50 -18.77
C SER H 177 57.64 -38.28 -18.33
N ARG H 178 57.00 -37.38 -17.58
CA ARG H 178 57.66 -36.19 -17.08
C ARG H 178 57.77 -36.27 -15.57
N PRO H 179 58.97 -36.06 -15.01
CA PRO H 179 59.15 -36.16 -13.55
C PRO H 179 58.50 -35.00 -12.80
N TYR H 180 57.77 -35.33 -11.73
CA TYR H 180 57.15 -34.34 -10.86
C TYR H 180 57.71 -34.42 -9.44
N ASN H 182 58.01 -35.58 -5.87
CA ASN H 182 57.68 -36.84 -5.23
C ASN H 182 56.79 -36.70 -4.00
N LYS H 183 57.10 -35.71 -3.16
CA LYS H 183 56.27 -35.41 -2.00
C LYS H 183 55.25 -34.35 -2.40
N VAL H 184 53.97 -34.72 -2.36
CA VAL H 184 52.92 -33.81 -2.82
C VAL H 184 51.62 -33.98 -2.04
N ILE H 185 51.36 -35.19 -1.52
CA ILE H 185 50.13 -35.42 -0.77
C ILE H 185 50.44 -35.43 0.72
N THR H 186 49.47 -34.98 1.51
CA THR H 186 49.59 -35.04 2.97
C THR H 186 49.98 -36.44 3.40
N LEU H 187 50.92 -36.51 4.35
CA LEU H 187 51.56 -37.78 4.70
C LEU H 187 50.53 -38.85 5.07
N TRP H 188 49.43 -38.45 5.71
CA TRP H 188 48.40 -39.42 6.09
C TRP H 188 47.63 -39.96 4.88
N TYR H 189 47.65 -39.26 3.76
CA TYR H 189 46.96 -39.70 2.55
C TYR H 189 47.91 -39.99 1.39
N ARG H 190 49.20 -40.08 1.65
CA ARG H 190 50.16 -40.26 0.56
C ARG H 190 50.19 -41.72 0.14
N PRO H 191 50.15 -42.01 -1.17
CA PRO H 191 50.18 -43.39 -1.62
C PRO H 191 51.54 -44.03 -1.36
N PRO H 192 51.60 -45.36 -1.27
CA PRO H 192 52.89 -46.01 -0.99
C PRO H 192 53.90 -45.82 -2.10
N GLU H 193 53.46 -45.65 -3.35
CA GLU H 193 54.42 -45.44 -4.43
C GLU H 193 55.16 -44.12 -4.27
N LEU H 194 54.49 -43.10 -3.72
CA LEU H 194 55.15 -41.81 -3.53
C LEU H 194 56.09 -41.84 -2.33
N LEU H 195 55.78 -42.67 -1.32
CA LEU H 195 56.70 -42.82 -0.19
C LEU H 195 58.01 -43.45 -0.65
N LEU H 196 57.94 -44.40 -1.58
CA LEU H 196 59.13 -45.10 -2.06
C LEU H 196 59.89 -44.31 -3.13
N GLY H 197 59.46 -43.10 -3.45
CA GLY H 197 60.23 -42.22 -4.32
C GLY H 197 59.84 -42.20 -5.77
N GLU H 198 58.61 -42.60 -6.11
CA GLU H 198 58.18 -42.53 -7.51
C GLU H 198 57.91 -41.08 -7.90
N GLU H 199 58.69 -40.58 -8.86
CA GLU H 199 58.54 -39.21 -9.33
C GLU H 199 57.62 -39.10 -10.54
N ARG H 200 57.50 -40.17 -11.32
CA ARG H 200 56.56 -40.24 -12.44
C ARG H 200 55.41 -41.15 -12.00
N TYR H 201 54.37 -40.53 -11.42
CA TYR H 201 53.28 -41.27 -10.82
C TYR H 201 52.01 -41.19 -11.66
N THR H 202 51.10 -42.10 -11.36
CA THR H 202 49.85 -42.26 -12.09
C THR H 202 48.73 -41.46 -11.41
N PRO H 203 47.59 -41.30 -12.08
CA PRO H 203 46.42 -40.69 -11.41
C PRO H 203 45.93 -41.49 -10.22
N ALA H 204 46.41 -42.70 -9.99
CA ALA H 204 46.03 -43.51 -8.85
C ALA H 204 46.50 -42.92 -7.52
N ILE H 205 47.22 -41.80 -7.54
CA ILE H 205 47.63 -41.16 -6.29
C ILE H 205 46.44 -40.54 -5.59
N ASP H 206 45.46 -40.03 -6.34
CA ASP H 206 44.25 -39.51 -5.73
C ASP H 206 43.32 -40.63 -5.28
N VAL H 207 43.36 -41.77 -5.97
CA VAL H 207 42.53 -42.91 -5.59
C VAL H 207 42.92 -43.43 -4.22
N TRP H 208 44.23 -43.46 -3.94
CA TRP H 208 44.68 -43.90 -2.62
C TRP H 208 44.26 -42.92 -1.53
N SER H 209 44.37 -41.62 -1.80
CA SER H 209 43.98 -40.62 -0.81
C SER H 209 42.50 -40.69 -0.51
N CYS H 210 41.66 -40.81 -1.54
CA CYS H 210 40.23 -40.93 -1.34
C CYS H 210 39.86 -42.26 -0.68
N GLY H 211 40.68 -43.29 -0.89
CA GLY H 211 40.47 -44.54 -0.17
C GLY H 211 40.69 -44.38 1.33
N CYS H 212 41.70 -43.60 1.70
CA CYS H 212 41.92 -43.30 3.12
C CYS H 212 40.79 -42.47 3.71
N ILE H 213 40.09 -41.70 2.87
CA ILE H 213 38.96 -40.90 3.34
C ILE H 213 37.72 -41.78 3.48
N LEU H 214 37.54 -42.74 2.58
CA LEU H 214 36.41 -43.67 2.69
C LEU H 214 36.46 -44.42 4.00
N GLY H 215 37.62 -44.97 4.35
CA GLY H 215 37.77 -45.63 5.64
C GLY H 215 37.69 -44.67 6.81
N GLU H 216 38.09 -43.41 6.58
CA GLU H 216 38.01 -42.40 7.62
C GLU H 216 36.57 -42.01 7.94
N LEU H 217 35.63 -42.23 7.00
CA LEU H 217 34.23 -41.96 7.28
C LEU H 217 33.57 -43.03 8.12
N PHE H 218 34.13 -44.23 8.16
CA PHE H 218 33.56 -45.31 8.97
C PHE H 218 34.12 -45.33 10.39
N THR H 219 35.40 -44.95 10.56
CA THR H 219 36.01 -44.90 11.88
C THR H 219 36.07 -43.51 12.47
N LYS H 220 35.84 -42.46 11.66
CA LYS H 220 35.96 -41.06 12.06
C LYS H 220 37.36 -40.71 12.53
N LYS H 221 38.35 -41.52 12.13
CA LYS H 221 39.74 -41.35 12.48
C LYS H 221 40.60 -41.73 11.27
N PRO H 222 41.62 -40.92 10.95
CA PRO H 222 42.50 -41.27 9.83
C PRO H 222 43.15 -42.63 10.04
N ILE H 223 43.31 -43.36 8.95
CA ILE H 223 43.80 -44.74 9.02
C ILE H 223 45.27 -44.76 9.43
N PHE H 224 46.13 -44.17 8.59
CA PHE H 224 47.57 -44.17 8.83
C PHE H 224 47.96 -42.79 9.34
N GLN H 225 48.43 -42.73 10.57
CA GLN H 225 48.86 -41.48 11.20
C GLN H 225 50.29 -41.62 11.68
N ALA H 226 51.22 -40.98 10.97
CA ALA H 226 52.62 -41.02 11.34
C ALA H 226 53.25 -39.66 11.00
N ASN H 227 54.38 -39.38 11.65
CA ASN H 227 55.10 -38.13 11.45
C ASN H 227 56.22 -38.23 10.42
N LEU H 228 56.62 -39.44 10.04
CA LEU H 228 57.69 -39.64 9.08
C LEU H 228 57.22 -40.55 7.96
N GLU H 229 57.88 -40.45 6.81
CA GLU H 229 57.48 -41.23 5.65
C GLU H 229 57.71 -42.72 5.88
N LEU H 230 58.83 -43.08 6.50
CA LEU H 230 59.10 -44.49 6.77
C LEU H 230 58.12 -45.05 7.79
N ALA H 231 57.83 -44.28 8.85
CA ALA H 231 56.84 -44.71 9.83
C ALA H 231 55.45 -44.79 9.19
N GLN H 232 55.17 -43.93 8.22
CA GLN H 232 53.91 -44.01 7.48
C GLN H 232 53.84 -45.29 6.65
N LEU H 233 54.94 -45.63 5.97
CA LEU H 233 54.98 -46.85 5.18
C LEU H 233 54.81 -48.09 6.07
N GLU H 234 55.27 -48.01 7.33
CA GLU H 234 55.11 -49.12 8.25
C GLU H 234 53.64 -49.35 8.60
N LEU H 235 52.91 -48.27 8.87
CA LEU H 235 51.49 -48.41 9.19
C LEU H 235 50.72 -48.94 7.99
N ILE H 236 51.10 -48.52 6.78
CA ILE H 236 50.47 -49.05 5.57
C ILE H 236 50.78 -50.54 5.43
N SER H 237 51.99 -50.95 5.79
CA SER H 237 52.36 -52.36 5.69
C SER H 237 51.65 -53.21 6.74
N ARG H 238 51.41 -52.65 7.94
CA ARG H 238 50.71 -53.38 8.97
C ARG H 238 49.27 -53.71 8.59
N LEU H 239 48.69 -52.95 7.65
CA LEU H 239 47.31 -53.13 7.22
C LEU H 239 47.22 -53.77 5.84
N CYS H 240 47.86 -53.17 4.83
CA CYS H 240 47.76 -53.64 3.45
C CYS H 240 48.85 -54.64 3.09
N GLY H 241 49.73 -54.99 4.02
CA GLY H 241 50.81 -55.88 3.67
C GLY H 241 52.05 -55.12 3.22
N SER H 242 53.20 -55.74 3.44
CA SER H 242 54.45 -55.10 3.07
C SER H 242 54.60 -55.09 1.55
N PRO H 243 55.09 -53.99 0.98
CA PRO H 243 55.35 -53.95 -0.46
C PRO H 243 56.42 -54.97 -0.85
N CYS H 244 56.03 -55.92 -1.70
CA CYS H 244 56.90 -57.00 -2.12
C CYS H 244 56.69 -57.26 -3.61
N PRO H 245 57.70 -57.79 -4.30
CA PRO H 245 57.55 -58.06 -5.74
C PRO H 245 56.45 -59.05 -6.07
N ALA H 246 55.98 -59.85 -5.11
CA ALA H 246 54.92 -60.81 -5.38
C ALA H 246 53.61 -60.11 -5.70
N VAL H 247 53.17 -59.21 -4.81
CA VAL H 247 51.93 -58.45 -5.03
C VAL H 247 52.17 -57.16 -5.79
N TRP H 248 53.42 -56.78 -6.01
CA TRP H 248 53.76 -55.51 -6.65
C TRP H 248 54.99 -55.73 -7.52
N PRO H 249 54.80 -56.15 -8.77
CA PRO H 249 55.97 -56.44 -9.61
C PRO H 249 56.87 -55.23 -9.86
N ASP H 250 56.28 -54.04 -9.99
CA ASP H 250 57.01 -52.83 -10.32
C ASP H 250 57.56 -52.12 -9.09
N VAL H 251 57.47 -52.73 -7.91
CA VAL H 251 58.01 -52.09 -6.70
C VAL H 251 59.53 -51.98 -6.75
N ILE H 252 60.19 -52.90 -7.46
CA ILE H 252 61.65 -52.88 -7.54
C ILE H 252 62.12 -51.63 -8.29
N LYS H 253 61.38 -51.19 -9.30
CA LYS H 253 61.75 -50.00 -10.04
C LYS H 253 61.82 -48.77 -9.14
N LEU H 254 60.97 -48.72 -8.11
CA LEU H 254 60.94 -47.59 -7.20
C LEU H 254 62.29 -47.45 -6.50
N PRO H 255 62.84 -46.24 -6.38
CA PRO H 255 64.19 -46.10 -5.84
C PRO H 255 64.35 -46.54 -4.39
N TYR H 256 63.48 -46.05 -3.51
CA TYR H 256 63.63 -46.28 -2.07
C TYR H 256 63.15 -47.65 -1.63
N PHE H 257 63.03 -48.59 -2.57
CA PHE H 257 62.54 -49.93 -2.22
C PHE H 257 63.51 -50.64 -1.28
N ASN H 258 64.80 -50.61 -1.60
CA ASN H 258 65.79 -51.17 -0.70
C ASN H 258 66.05 -50.28 0.51
N THR H 259 65.86 -48.97 0.34
CA THR H 259 66.14 -48.03 1.42
C THR H 259 65.05 -48.08 2.50
N MET H 260 63.79 -47.98 2.10
CA MET H 260 62.67 -47.90 3.04
C MET H 260 61.98 -49.26 3.11
N LYS H 261 62.54 -50.14 3.94
CA LYS H 261 62.05 -51.48 4.20
C LYS H 261 61.17 -51.50 5.45
N PRO H 262 60.03 -52.17 5.41
CA PRO H 262 59.20 -52.31 6.60
C PRO H 262 59.89 -53.16 7.66
N LYS H 263 59.31 -53.13 8.87
CA LYS H 263 59.86 -53.90 9.98
C LYS H 263 59.85 -55.40 9.66
N LYS H 264 58.71 -55.91 9.20
CA LYS H 264 58.55 -57.30 8.79
C LYS H 264 57.97 -57.34 7.38
N GLN H 265 57.86 -58.54 6.83
CA GLN H 265 57.15 -58.76 5.58
C GLN H 265 55.71 -59.15 5.96
N TYR H 266 54.93 -58.12 6.31
CA TYR H 266 53.60 -58.33 6.83
C TYR H 266 52.67 -58.91 5.76
N ARG H 267 51.69 -59.68 6.22
CA ARG H 267 50.60 -60.15 5.38
C ARG H 267 49.49 -59.12 5.39
N ARG H 268 48.66 -59.14 4.36
CA ARG H 268 47.58 -58.17 4.24
C ARG H 268 46.51 -58.45 5.28
N ARG H 269 46.24 -57.47 6.15
CA ARG H 269 45.24 -57.59 7.19
C ARG H 269 44.11 -56.58 7.02
N LEU H 270 43.89 -56.08 5.79
CA LEU H 270 42.91 -55.02 5.60
C LEU H 270 41.50 -55.51 5.87
N ARG H 271 41.13 -56.66 5.30
CA ARG H 271 39.80 -57.21 5.51
C ARG H 271 39.60 -57.65 6.95
N GLU H 272 40.67 -58.07 7.62
CA GLU H 272 40.55 -58.50 9.01
C GLU H 272 40.31 -57.32 9.94
N GLU H 273 41.13 -56.27 9.81
CA GLU H 273 41.02 -55.10 10.68
C GLU H 273 39.85 -54.20 10.34
N PHE H 274 39.17 -54.43 9.22
CA PHE H 274 37.99 -53.66 8.82
C PHE H 274 36.77 -54.57 8.69
N SER H 275 36.66 -55.57 9.59
CA SER H 275 35.56 -56.51 9.50
C SER H 275 34.21 -55.86 9.82
N PHE H 276 34.21 -54.71 10.52
CA PHE H 276 32.97 -54.03 10.89
C PHE H 276 32.37 -53.21 9.77
N ILE H 277 33.08 -53.06 8.65
CA ILE H 277 32.61 -52.26 7.51
C ILE H 277 31.67 -53.11 6.66
N PRO H 278 30.58 -52.55 6.13
CA PRO H 278 29.69 -53.33 5.26
C PRO H 278 30.44 -53.99 4.12
N SER H 279 29.91 -55.12 3.65
CA SER H 279 30.59 -55.91 2.63
C SER H 279 30.75 -55.13 1.33
N ALA H 280 29.76 -54.31 0.98
CA ALA H 280 29.85 -53.51 -0.24
C ALA H 280 31.00 -52.53 -0.18
N ALA H 281 31.23 -51.92 0.99
CA ALA H 281 32.29 -50.92 1.12
C ALA H 281 33.66 -51.55 1.33
N LEU H 282 33.74 -52.69 2.02
CA LEU H 282 35.04 -53.32 2.25
C LEU H 282 35.69 -53.75 0.95
N ASP H 283 34.90 -54.23 -0.01
CA ASP H 283 35.45 -54.58 -1.31
C ASP H 283 35.97 -53.34 -2.02
N LEU H 284 35.26 -52.22 -1.90
CA LEU H 284 35.72 -50.96 -2.48
C LEU H 284 36.99 -50.48 -1.79
N LEU H 285 37.02 -50.53 -0.45
CA LEU H 285 38.19 -50.08 0.29
C LEU H 285 39.41 -50.96 0.02
N ASP H 286 39.20 -52.27 -0.12
CA ASP H 286 40.33 -53.17 -0.35
C ASP H 286 41.04 -52.87 -1.66
N HIS H 287 40.28 -52.56 -2.72
CA HIS H 287 40.89 -52.26 -4.01
C HIS H 287 41.52 -50.87 -4.03
N MET H 288 40.86 -49.88 -3.41
CA MET H 288 41.41 -48.53 -3.41
C MET H 288 42.72 -48.46 -2.66
N LEU H 289 42.88 -49.26 -1.61
CA LEU H 289 44.12 -49.32 -0.84
C LEU H 289 44.98 -50.50 -1.26
N THR H 290 45.14 -50.68 -2.57
CA THR H 290 46.03 -51.70 -3.12
C THR H 290 47.41 -51.09 -3.34
N LEU H 291 48.45 -51.82 -2.93
CA LEU H 291 49.81 -51.28 -2.97
C LEU H 291 50.22 -50.91 -4.39
N ASP H 292 50.10 -51.85 -5.32
CA ASP H 292 50.51 -51.62 -6.70
C ASP H 292 49.57 -50.62 -7.38
N PRO H 293 50.06 -49.47 -7.84
CA PRO H 293 49.18 -48.52 -8.53
C PRO H 293 48.65 -49.02 -9.86
N SER H 294 49.33 -49.97 -10.49
CA SER H 294 48.81 -50.56 -11.72
C SER H 294 47.67 -51.54 -11.42
N LYS H 295 47.67 -52.14 -10.24
CA LYS H 295 46.59 -53.00 -9.79
C LYS H 295 45.52 -52.25 -9.00
N ARG H 296 45.77 -51.00 -8.66
CA ARG H 296 44.79 -50.20 -7.93
C ARG H 296 43.66 -49.78 -8.87
N CYS H 297 42.44 -49.78 -8.34
CA CYS H 297 41.28 -49.46 -9.16
C CYS H 297 41.31 -47.99 -9.60
N THR H 298 40.55 -47.70 -10.64
CA THR H 298 40.44 -46.35 -11.18
C THR H 298 39.20 -45.66 -10.60
N ALA H 299 39.02 -44.40 -11.00
CA ALA H 299 37.87 -43.64 -10.51
C ALA H 299 36.57 -44.16 -11.11
N GLU H 300 36.59 -44.57 -12.38
CA GLU H 300 35.39 -45.10 -13.00
C GLU H 300 34.99 -46.43 -12.39
N GLN H 301 35.98 -47.28 -12.05
CA GLN H 301 35.67 -48.58 -11.48
C GLN H 301 35.03 -48.47 -10.10
N THR H 302 35.36 -47.42 -9.34
CA THR H 302 34.70 -47.22 -8.05
C THR H 302 33.23 -46.87 -8.23
N LEU H 303 32.89 -46.14 -9.29
CA LEU H 303 31.49 -45.83 -9.59
C LEU H 303 30.73 -47.02 -10.14
N GLN H 304 31.44 -48.03 -10.65
CA GLN H 304 30.82 -49.27 -11.09
C GLN H 304 30.86 -50.33 -10.00
N SER H 305 30.69 -49.98 -8.70
CA SER H 305 30.77 -50.92 -7.56
C SER H 305 29.41 -51.07 -6.86
N ASP H 306 29.09 -52.26 -6.26
CA ASP H 306 27.80 -52.41 -5.52
C ASP H 306 27.63 -51.32 -4.45
N PHE H 307 28.72 -50.68 -4.03
CA PHE H 307 28.55 -49.65 -3.01
C PHE H 307 28.08 -48.33 -3.63
N LEU H 308 28.47 -48.08 -4.88
CA LEU H 308 28.20 -46.82 -5.56
C LEU H 308 27.49 -46.95 -6.91
N LYS H 309 27.40 -48.14 -7.52
CA LYS H 309 26.83 -48.23 -8.87
C LYS H 309 25.36 -47.84 -8.89
N ASP H 310 24.59 -48.30 -7.91
CA ASP H 310 23.15 -48.08 -7.87
C ASP H 310 22.77 -46.90 -6.96
N VAL H 311 23.74 -46.13 -6.49
CA VAL H 311 23.44 -44.96 -5.68
C VAL H 311 22.89 -43.86 -6.58
N GLU H 312 21.83 -43.21 -6.13
CA GLU H 312 21.19 -42.13 -6.88
C GLU H 312 21.54 -40.80 -6.24
N LEU H 313 22.05 -39.87 -7.06
CA LEU H 313 22.41 -38.54 -6.59
C LEU H 313 21.20 -37.66 -6.32
N SER H 314 19.99 -38.12 -6.64
CA SER H 314 18.78 -37.36 -6.37
C SER H 314 18.46 -37.32 -4.87
N LYS H 315 18.90 -38.33 -4.12
CA LYS H 315 18.64 -38.37 -2.69
C LYS H 315 19.58 -37.43 -1.93
N MET H 316 20.88 -37.59 -2.11
CA MET H 316 21.89 -36.69 -1.53
C MET H 316 21.84 -36.66 0.00
N ALA H 317 21.46 -37.79 0.62
CA ALA H 317 21.34 -37.99 2.07
C ALA H 317 22.35 -37.16 2.84
N PRO H 318 21.96 -36.01 3.39
CA PRO H 318 22.94 -35.13 4.03
C PRO H 318 23.45 -35.72 5.33
N PRO H 319 24.73 -35.48 5.67
CA PRO H 319 25.27 -35.97 6.94
C PRO H 319 24.60 -35.33 8.13
N ASP H 320 24.37 -36.13 9.18
CA ASP H 320 23.71 -35.64 10.37
C ASP H 320 24.60 -34.66 11.12
N LEU H 321 24.11 -33.43 11.30
CA LEU H 321 24.72 -32.42 12.15
C LEU H 321 23.90 -32.30 13.42
N PRO H 322 24.52 -32.34 14.61
CA PRO H 322 23.75 -32.22 15.85
C PRO H 322 22.96 -30.91 15.89
N HIS H 323 21.85 -30.96 16.64
CA HIS H 323 20.94 -29.83 16.76
C HIS H 323 21.36 -29.05 17.99
N TRP H 324 20.42 -28.46 18.72
CA TRP H 324 20.92 -27.80 19.90
C TRP H 324 20.33 -28.34 21.18
N GLN H 325 19.33 -27.63 21.74
CA GLN H 325 18.65 -28.01 22.97
C GLN H 325 18.44 -29.51 23.12
N ASP H 326 19.55 -30.19 23.42
CA ASP H 326 19.67 -31.63 23.66
C ASP H 326 21.16 -31.92 23.65
N CYS H 327 21.96 -30.85 23.67
CA CYS H 327 23.41 -30.91 23.68
C CYS H 327 23.95 -30.05 24.82
N HIS H 328 25.19 -30.35 25.23
CA HIS H 328 25.90 -29.60 26.27
C HIS H 328 25.28 -29.78 27.65
N GLU H 329 26.10 -29.72 28.69
CA GLU H 329 25.68 -29.88 30.09
C GLU H 329 25.08 -31.27 30.24
N LEU H 330 23.88 -31.43 30.80
CA LEU H 330 23.25 -32.73 30.97
C LEU H 330 22.10 -32.96 29.99
N TRP H 331 21.95 -32.08 29.00
CA TRP H 331 20.87 -32.20 28.04
C TRP H 331 21.06 -33.44 27.18
N SER H 332 20.18 -34.42 27.35
CA SER H 332 20.22 -35.68 26.61
C SER H 332 21.59 -36.37 26.70
N THR I 21 30.23 -17.80 -20.87
CA THR I 21 31.19 -18.67 -20.20
C THR I 21 32.62 -18.28 -20.56
N LYS I 22 33.09 -18.72 -21.72
CA LYS I 22 34.41 -18.40 -22.21
C LYS I 22 34.32 -17.40 -23.36
N PRO I 23 35.27 -16.47 -23.47
CA PRO I 23 35.17 -15.43 -24.49
C PRO I 23 35.43 -15.95 -25.90
N CYS I 24 34.92 -15.20 -26.88
CA CYS I 24 35.13 -15.50 -28.29
C CYS I 24 36.35 -14.73 -28.78
N TRP I 25 37.26 -15.42 -29.47
CA TRP I 25 38.54 -14.87 -29.89
C TRP I 25 38.68 -14.83 -31.41
N TYR I 26 37.58 -14.68 -32.13
CA TYR I 26 37.61 -14.70 -33.58
C TYR I 26 36.82 -13.54 -34.16
N TRP I 27 37.44 -12.83 -35.10
CA TRP I 27 36.83 -11.74 -35.84
C TRP I 27 36.77 -12.09 -37.32
N ASP I 28 36.26 -11.16 -38.11
CA ASP I 28 36.27 -11.26 -39.57
C ASP I 28 37.36 -10.38 -40.14
N LYS I 29 37.75 -10.67 -41.39
CA LYS I 29 38.78 -9.87 -42.06
C LYS I 29 38.40 -8.39 -42.08
N LYS I 30 37.10 -8.10 -42.27
CA LYS I 30 36.65 -6.71 -42.32
C LYS I 30 36.87 -5.99 -41.01
N ASP I 31 36.96 -6.72 -39.89
CA ASP I 31 37.14 -6.11 -38.59
C ASP I 31 38.56 -5.61 -38.37
N LEU I 32 39.54 -6.12 -39.13
CA LEU I 32 40.92 -5.70 -38.95
C LEU I 32 41.15 -4.24 -39.30
N ALA I 33 40.26 -3.65 -40.11
CA ALA I 33 40.37 -2.22 -40.42
C ALA I 33 39.97 -1.33 -39.26
N HIS I 34 39.51 -1.89 -38.14
CA HIS I 34 39.08 -1.11 -36.98
C HIS I 34 39.83 -1.50 -35.72
N THR I 35 41.04 -2.06 -35.85
CA THR I 35 41.85 -2.30 -34.68
C THR I 35 42.27 -0.98 -34.05
N PRO I 36 42.59 -0.97 -32.76
CA PRO I 36 43.08 0.26 -32.14
C PRO I 36 44.29 0.85 -32.85
N SER I 37 45.12 0.01 -33.48
CA SER I 37 46.25 0.53 -34.24
C SER I 37 45.79 1.28 -35.49
N GLN I 38 44.81 0.72 -36.21
CA GLN I 38 44.31 1.36 -37.43
C GLN I 38 43.70 2.72 -37.12
N LEU I 39 42.93 2.81 -36.04
CA LEU I 39 42.21 4.03 -35.71
C LEU I 39 43.12 5.12 -35.14
N GLU I 40 44.38 4.82 -34.86
CA GLU I 40 45.32 5.80 -34.36
C GLU I 40 46.23 6.36 -35.46
N GLY I 41 45.93 6.07 -36.72
CA GLY I 41 46.69 6.59 -37.84
C GLY I 41 47.59 5.59 -38.51
N LEU I 42 47.73 4.38 -37.96
CA LEU I 42 48.56 3.36 -38.59
C LEU I 42 47.86 2.80 -39.81
N ASP I 43 48.59 2.70 -40.93
CA ASP I 43 48.05 2.16 -42.16
C ASP I 43 48.02 0.64 -42.10
N PRO I 44 47.16 -0.01 -42.90
CA PRO I 44 47.07 -1.48 -42.85
C PRO I 44 48.38 -2.18 -43.13
N ALA I 45 49.21 -1.62 -44.02
CA ALA I 45 50.48 -2.26 -44.34
C ALA I 45 51.43 -2.23 -43.16
N THR I 46 51.41 -1.14 -42.38
CA THR I 46 52.33 -1.02 -41.25
C THR I 46 51.95 -1.96 -40.12
N GLU I 47 50.66 -2.07 -39.81
CA GLU I 47 50.24 -2.98 -38.75
C GLU I 47 50.49 -4.44 -39.15
N ALA I 48 50.22 -4.78 -40.41
CA ALA I 48 50.54 -6.12 -40.89
C ALA I 48 52.03 -6.39 -40.82
N ARG I 49 52.84 -5.38 -41.17
CA ARG I 49 54.29 -5.51 -41.02
C ARG I 49 54.68 -5.60 -39.55
N TYR I 50 54.09 -4.75 -38.70
CA TYR I 50 54.38 -4.80 -37.27
C TYR I 50 53.99 -6.14 -36.66
N ARG I 51 52.97 -6.80 -37.22
CA ARG I 51 52.60 -8.12 -36.73
C ARG I 51 53.61 -9.18 -37.15
N ARG I 52 54.05 -9.13 -38.40
CA ARG I 52 55.08 -10.07 -38.87
C ARG I 52 56.38 -9.86 -38.10
N GLU I 53 56.74 -8.61 -37.81
CA GLU I 53 57.95 -8.33 -37.05
C GLU I 53 57.88 -8.93 -35.65
N GLY I 54 56.76 -8.71 -34.95
CA GLY I 54 56.62 -9.24 -33.61
C GLY I 54 56.51 -10.75 -33.58
N ALA I 55 55.83 -11.33 -34.57
CA ALA I 55 55.66 -12.78 -34.60
C ALA I 55 56.99 -13.49 -34.82
N ARG I 56 57.75 -13.06 -35.83
CA ARG I 56 59.07 -13.64 -36.07
C ARG I 56 60.03 -13.35 -34.92
N PHE I 57 59.84 -12.22 -34.24
CA PHE I 57 60.65 -11.92 -33.05
C PHE I 57 60.39 -12.94 -31.96
N ILE I 58 59.12 -13.27 -31.70
CA ILE I 58 58.79 -14.30 -30.72
C ILE I 58 59.32 -15.65 -31.17
N PHE I 59 59.27 -15.93 -32.47
CA PHE I 59 59.70 -17.22 -32.98
C PHE I 59 61.21 -17.39 -32.84
N ASP I 60 61.98 -16.37 -33.25
CA ASP I 60 63.44 -16.49 -33.26
C ASP I 60 64.00 -16.53 -31.84
N VAL I 61 63.43 -15.75 -30.92
CA VAL I 61 63.94 -15.72 -29.55
C VAL I 61 63.71 -17.07 -28.87
N GLY I 62 62.49 -17.59 -28.95
CA GLY I 62 62.20 -18.88 -28.36
C GLY I 62 62.93 -20.03 -29.02
N THR I 63 63.23 -19.91 -30.31
CA THR I 63 63.99 -20.95 -30.99
C THR I 63 65.41 -21.05 -30.45
N ARG I 64 66.05 -19.91 -30.18
CA ARG I 64 67.37 -19.94 -29.56
C ARG I 64 67.32 -20.54 -28.16
N LEU I 65 66.22 -20.34 -27.44
CA LEU I 65 66.06 -20.87 -26.10
C LEU I 65 65.70 -22.35 -26.08
N GLY I 66 65.56 -22.98 -27.24
CA GLY I 66 65.22 -24.39 -27.29
C GLY I 66 63.82 -24.69 -26.81
N LEU I 67 62.85 -23.85 -27.17
CA LEU I 67 61.50 -23.97 -26.67
C LEU I 67 60.67 -24.88 -27.57
N HIS I 68 59.66 -25.49 -26.96
CA HIS I 68 58.72 -26.31 -27.70
C HIS I 68 57.93 -25.45 -28.68
N TYR I 69 57.48 -26.07 -29.78
CA TYR I 69 56.79 -25.31 -30.82
C TYR I 69 55.44 -24.79 -30.33
N ASP I 70 54.78 -25.51 -29.43
CA ASP I 70 53.52 -25.03 -28.86
C ASP I 70 53.75 -23.79 -28.01
N THR I 71 54.90 -23.69 -27.34
CA THR I 71 55.20 -22.50 -26.56
C THR I 71 55.38 -21.28 -27.46
N LEU I 72 56.02 -21.46 -28.62
CA LEU I 72 56.22 -20.36 -29.55
C LEU I 72 54.89 -19.83 -30.06
N ALA I 73 54.02 -20.73 -30.51
CA ALA I 73 52.73 -20.31 -31.06
C ALA I 73 51.85 -19.68 -29.99
N THR I 74 51.93 -20.19 -28.74
CA THR I 74 51.12 -19.63 -27.66
C THR I 74 51.45 -18.17 -27.42
N GLY I 75 52.75 -17.84 -27.42
CA GLY I 75 53.14 -16.44 -27.28
C GLY I 75 52.75 -15.60 -28.49
N ILE I 76 52.79 -16.19 -29.68
CA ILE I 76 52.40 -15.46 -30.89
C ILE I 76 50.90 -15.17 -30.89
N ILE I 77 50.10 -16.13 -30.41
CA ILE I 77 48.65 -15.90 -30.35
C ILE I 77 48.30 -14.85 -29.31
N TYR I 78 48.97 -14.90 -28.14
CA TYR I 78 48.85 -13.81 -27.19
C TYR I 78 49.21 -12.48 -27.82
N PHE I 79 50.26 -12.47 -28.64
CA PHE I 79 50.71 -11.25 -29.29
C PHE I 79 49.64 -10.70 -30.25
N HIS I 80 49.09 -11.57 -31.10
CA HIS I 80 48.08 -11.13 -32.06
C HIS I 80 46.82 -10.65 -31.35
N ARG I 81 46.36 -11.37 -30.32
CA ARG I 81 45.16 -10.95 -29.61
C ARG I 81 45.38 -9.63 -28.87
N PHE I 82 46.62 -9.38 -28.43
CA PHE I 82 46.90 -8.17 -27.66
C PHE I 82 46.65 -6.92 -28.49
N TYR I 83 47.10 -6.91 -29.73
CA TYR I 83 46.95 -5.76 -30.60
C TYR I 83 45.62 -5.73 -31.34
N MET I 84 44.68 -6.60 -30.96
CA MET I 84 43.28 -6.40 -31.27
C MET I 84 42.58 -5.52 -30.23
N PHE I 85 43.16 -5.41 -29.03
CA PHE I 85 42.64 -4.57 -27.97
C PHE I 85 43.48 -3.32 -27.72
N HIS I 86 44.73 -3.29 -28.22
CA HIS I 86 45.64 -2.18 -27.99
C HIS I 86 46.29 -1.78 -29.30
N SER I 87 46.96 -0.63 -29.27
CA SER I 87 47.59 -0.07 -30.45
C SER I 87 49.10 -0.30 -30.43
N PHE I 88 49.67 -0.50 -31.62
CA PHE I 88 51.12 -0.63 -31.74
C PHE I 88 51.82 0.67 -31.37
N LYS I 89 51.16 1.81 -31.54
CA LYS I 89 51.77 3.09 -31.23
C LYS I 89 51.94 3.29 -29.72
N GLN I 90 51.02 2.74 -28.92
CA GLN I 90 51.08 2.90 -27.48
C GLN I 90 51.93 1.83 -26.79
N PHE I 91 52.03 0.64 -27.38
CA PHE I 91 52.80 -0.46 -26.81
C PHE I 91 53.90 -0.89 -27.78
N PRO I 92 55.17 -0.89 -27.38
CA PRO I 92 56.23 -1.34 -28.26
C PRO I 92 56.03 -2.80 -28.67
N ARG I 93 56.31 -3.09 -29.94
CA ARG I 93 56.05 -4.42 -30.48
C ARG I 93 56.91 -5.48 -29.81
N TYR I 94 58.21 -5.22 -29.69
CA TYR I 94 59.13 -6.22 -29.15
C TYR I 94 59.02 -6.36 -27.65
N VAL I 95 58.63 -5.29 -26.95
CA VAL I 95 58.38 -5.39 -25.51
C VAL I 95 57.15 -6.26 -25.26
N THR I 96 56.11 -6.10 -26.07
CA THR I 96 54.91 -6.92 -25.92
C THR I 96 55.21 -8.38 -26.26
N GLY I 97 55.92 -8.61 -27.37
CA GLY I 97 56.23 -9.97 -27.77
C GLY I 97 57.09 -10.70 -26.75
N ALA I 98 58.04 -10.00 -26.14
CA ALA I 98 58.86 -10.60 -25.10
C ALA I 98 58.02 -11.00 -23.89
N CYS I 99 57.06 -10.15 -23.52
CA CYS I 99 56.18 -10.47 -22.39
C CYS I 99 55.28 -11.65 -22.72
N CYS I 100 54.84 -11.77 -23.97
CA CYS I 100 54.00 -12.89 -24.37
C CYS I 100 54.74 -14.21 -24.24
N LEU I 101 55.99 -14.25 -24.71
CA LEU I 101 56.78 -15.48 -24.63
C LEU I 101 57.07 -15.86 -23.18
N PHE I 102 57.32 -14.87 -22.32
CA PHE I 102 57.54 -15.17 -20.91
C PHE I 102 56.29 -15.77 -20.28
N LEU I 103 55.12 -15.20 -20.57
CA LEU I 103 53.88 -15.76 -20.05
C LEU I 103 53.56 -17.10 -20.70
N ALA I 104 53.80 -17.22 -22.01
CA ALA I 104 53.52 -18.47 -22.70
C ALA I 104 54.36 -19.62 -22.15
N GLY I 105 55.56 -19.32 -21.66
CA GLY I 105 56.39 -20.37 -21.08
C GLY I 105 55.79 -20.96 -19.82
N LYS I 106 55.29 -20.11 -18.92
CA LYS I 106 54.66 -20.60 -17.71
C LYS I 106 53.33 -21.28 -18.00
N VAL I 107 52.65 -20.86 -19.07
CA VAL I 107 51.37 -21.48 -19.44
C VAL I 107 51.60 -22.89 -19.99
N GLU I 108 52.49 -23.02 -20.98
CA GLU I 108 52.75 -24.29 -21.64
C GLU I 108 53.72 -25.17 -20.87
N GLU I 109 53.97 -24.86 -19.60
CA GLU I 109 54.82 -25.66 -18.72
C GLU I 109 56.24 -25.80 -19.26
N THR I 110 56.72 -24.79 -19.99
CA THR I 110 58.11 -24.72 -20.43
C THR I 110 58.67 -23.36 -20.04
N PRO I 111 58.82 -23.10 -18.75
CA PRO I 111 59.12 -21.74 -18.30
C PRO I 111 60.58 -21.36 -18.52
N LYS I 112 60.80 -20.05 -18.68
CA LYS I 112 62.14 -19.49 -18.79
C LYS I 112 62.21 -18.22 -17.96
N LYS I 113 63.41 -17.91 -17.48
CA LYS I 113 63.60 -16.70 -16.69
C LYS I 113 63.47 -15.46 -17.56
N CYS I 114 62.97 -14.38 -16.94
CA CYS I 114 62.84 -13.12 -17.65
C CYS I 114 64.21 -12.58 -18.06
N LYS I 115 65.24 -12.85 -17.25
CA LYS I 115 66.59 -12.39 -17.56
C LYS I 115 67.16 -13.08 -18.78
N ASP I 116 66.81 -14.35 -19.00
CA ASP I 116 67.31 -15.07 -20.17
C ASP I 116 66.67 -14.59 -21.47
N ILE I 117 65.40 -14.20 -21.41
CA ILE I 117 64.72 -13.75 -22.63
C ILE I 117 65.25 -12.39 -23.05
N ILE I 118 65.51 -11.50 -22.08
CA ILE I 118 66.07 -10.19 -22.41
C ILE I 118 67.44 -10.33 -23.05
N LYS I 119 68.27 -11.22 -22.53
CA LYS I 119 69.59 -11.45 -23.10
C LYS I 119 69.49 -11.97 -24.53
N THR I 120 68.58 -12.92 -24.78
CA THR I 120 68.40 -13.43 -26.14
C THR I 120 67.84 -12.35 -27.06
N ALA I 121 66.96 -11.50 -26.53
CA ALA I 121 66.40 -10.42 -27.34
C ALA I 121 67.48 -9.45 -27.78
N ARG I 122 68.41 -9.11 -26.88
CA ARG I 122 69.49 -8.21 -27.23
C ARG I 122 70.37 -8.80 -28.33
N SER I 123 70.51 -10.12 -28.37
CA SER I 123 71.30 -10.77 -29.41
C SER I 123 70.66 -10.59 -30.79
N LEU I 124 69.34 -10.68 -30.87
CA LEU I 124 68.63 -10.64 -32.15
C LEU I 124 68.15 -9.25 -32.54
N LEU I 125 68.21 -8.27 -31.63
CA LEU I 125 67.77 -6.92 -31.93
C LEU I 125 68.98 -5.99 -32.03
N ASN I 126 68.92 -5.03 -32.94
CA ASN I 126 69.94 -4.01 -33.04
C ASN I 126 69.75 -2.96 -31.95
N ASP I 127 70.65 -1.99 -31.90
CA ASP I 127 70.55 -0.93 -30.90
C ASP I 127 69.24 -0.16 -31.04
N VAL I 128 68.81 0.08 -32.28
CA VAL I 128 67.57 0.83 -32.51
C VAL I 128 66.37 0.07 -31.98
N GLN I 129 66.26 -1.22 -32.36
CA GLN I 129 65.09 -2.00 -31.96
C GLN I 129 65.04 -2.23 -30.46
N PHE I 130 66.19 -2.47 -29.83
CA PHE I 130 66.22 -2.74 -28.41
C PHE I 130 65.90 -1.51 -27.57
N GLY I 131 65.92 -0.31 -28.15
CA GLY I 131 65.57 0.89 -27.41
C GLY I 131 64.15 0.90 -26.89
N GLN I 132 63.28 0.04 -27.43
CA GLN I 132 61.91 -0.06 -26.93
C GLN I 132 61.87 -0.55 -25.49
N PHE I 133 62.85 -1.37 -25.08
CA PHE I 133 62.86 -1.91 -23.73
C PHE I 133 63.24 -0.88 -22.67
N GLY I 134 63.63 0.33 -23.07
CA GLY I 134 63.91 1.38 -22.11
C GLY I 134 65.16 1.14 -21.28
N ASP I 135 65.22 1.86 -20.15
CA ASP I 135 66.37 1.76 -19.27
C ASP I 135 66.40 0.43 -18.53
N ASP I 136 65.24 -0.07 -18.13
CA ASP I 136 65.15 -1.38 -17.47
C ASP I 136 64.38 -2.34 -18.35
N PRO I 137 65.06 -3.19 -19.13
CA PRO I 137 64.33 -4.11 -20.01
C PRO I 137 63.50 -5.13 -19.26
N LYS I 138 64.00 -5.65 -18.14
CA LYS I 138 63.27 -6.68 -17.40
C LYS I 138 61.97 -6.13 -16.83
N GLU I 139 62.01 -4.94 -16.23
CA GLU I 139 60.82 -4.42 -15.55
C GLU I 139 59.74 -4.05 -16.56
N GLU I 140 60.13 -3.48 -17.71
CA GLU I 140 59.13 -3.12 -18.72
C GLU I 140 58.37 -4.35 -19.21
N VAL I 141 58.97 -5.53 -19.12
CA VAL I 141 58.30 -6.78 -19.49
C VAL I 141 57.47 -7.32 -18.33
N MET I 142 58.06 -7.38 -17.15
CA MET I 142 57.35 -7.88 -15.98
C MET I 142 56.12 -7.03 -15.67
N VAL I 143 56.24 -5.72 -15.89
CA VAL I 143 55.10 -4.83 -15.66
C VAL I 143 53.99 -5.14 -16.66
N LEU I 144 54.35 -5.34 -17.93
CA LEU I 144 53.36 -5.60 -18.97
C LEU I 144 52.61 -6.90 -18.77
N GLU I 145 53.07 -7.77 -17.86
CA GLU I 145 52.42 -9.05 -17.66
C GLU I 145 51.00 -8.88 -17.12
N ARG I 146 50.79 -7.89 -16.25
CA ARG I 146 49.45 -7.63 -15.75
C ARG I 146 48.50 -7.24 -16.88
N ILE I 147 48.93 -6.33 -17.75
CA ILE I 147 48.07 -5.88 -18.83
C ILE I 147 47.81 -7.00 -19.83
N LEU I 148 48.80 -7.86 -20.05
CA LEU I 148 48.61 -8.99 -20.96
C LEU I 148 47.59 -9.97 -20.40
N LEU I 149 47.70 -10.30 -19.11
CA LEU I 149 46.76 -11.24 -18.50
C LEU I 149 45.35 -10.67 -18.50
N GLN I 150 45.20 -9.37 -18.22
CA GLN I 150 43.88 -8.76 -18.26
C GLN I 150 43.33 -8.70 -19.68
N THR I 151 44.20 -8.40 -20.66
CA THR I 151 43.73 -8.30 -22.04
C THR I 151 43.25 -9.66 -22.55
N ILE I 152 44.00 -10.73 -22.26
CA ILE I 152 43.60 -12.07 -22.69
C ILE I 152 42.50 -12.64 -21.81
N LYS I 153 41.97 -11.84 -20.87
CA LYS I 153 40.84 -12.23 -20.04
C LYS I 153 41.11 -13.53 -19.27
N PHE I 154 42.39 -13.79 -19.00
CA PHE I 154 42.83 -14.98 -18.27
C PHE I 154 42.36 -16.27 -18.93
N ASP I 155 42.15 -16.23 -20.26
CA ASP I 155 41.85 -17.44 -21.02
C ASP I 155 43.18 -17.97 -21.56
N LEU I 156 43.87 -18.72 -20.71
CA LEU I 156 45.25 -19.10 -20.98
C LEU I 156 45.36 -20.31 -21.90
N GLN I 157 44.42 -21.25 -21.82
CA GLN I 157 44.49 -22.47 -22.62
C GLN I 157 44.31 -22.13 -24.10
N VAL I 158 45.32 -22.45 -24.91
CA VAL I 158 45.33 -22.15 -26.33
C VAL I 158 45.63 -23.42 -27.12
N GLU I 159 44.87 -23.67 -28.17
CA GLU I 159 45.07 -24.81 -29.05
C GLU I 159 45.71 -24.34 -30.36
N HIS I 160 46.48 -25.23 -30.98
CA HIS I 160 47.25 -24.85 -32.16
C HIS I 160 47.01 -25.85 -33.29
N PRO I 161 47.14 -25.40 -34.54
CA PRO I 161 46.91 -26.30 -35.69
C PRO I 161 47.90 -27.45 -35.79
N TYR I 162 48.99 -27.44 -35.02
CA TYR I 162 49.98 -28.50 -35.10
C TYR I 162 49.38 -29.85 -34.66
N GLN I 163 48.71 -29.87 -33.51
CA GLN I 163 48.17 -31.12 -33.00
C GLN I 163 47.07 -31.68 -33.90
N PHE I 164 46.33 -30.81 -34.60
CA PHE I 164 45.32 -31.28 -35.54
C PHE I 164 45.92 -31.72 -36.85
N LEU I 165 47.01 -31.08 -37.29
CA LEU I 165 47.72 -31.56 -38.47
C LEU I 165 48.21 -32.99 -38.27
N LEU I 166 48.65 -33.32 -37.06
CA LEU I 166 49.12 -34.67 -36.76
C LEU I 166 47.95 -35.62 -36.53
N LYS I 167 46.88 -35.14 -35.88
CA LYS I 167 45.72 -35.99 -35.62
C LYS I 167 45.02 -36.38 -36.93
N TYR I 168 45.00 -35.48 -37.92
CA TYR I 168 44.33 -35.80 -39.17
C TYR I 168 45.22 -36.61 -40.10
N ALA I 169 46.53 -36.32 -40.12
CA ALA I 169 47.44 -37.06 -40.98
C ALA I 169 47.64 -38.48 -40.49
N LYS I 170 47.52 -38.70 -39.17
CA LYS I 170 47.66 -40.04 -38.61
C LYS I 170 46.58 -40.97 -39.14
N GLN I 171 45.40 -40.43 -39.46
CA GLN I 171 44.31 -41.21 -40.02
C GLN I 171 44.45 -41.44 -41.52
N LEU I 172 45.49 -40.90 -42.15
CA LEU I 172 45.75 -41.14 -43.56
C LEU I 172 46.60 -42.38 -43.73
N LYS I 173 46.21 -43.23 -44.69
CA LYS I 173 46.92 -44.47 -44.97
C LYS I 173 47.24 -44.54 -46.46
N GLY I 174 48.49 -44.84 -46.77
CA GLY I 174 48.94 -44.92 -48.15
C GLY I 174 50.44 -44.86 -48.26
N ASP I 175 50.96 -44.18 -49.30
CA ASP I 175 52.39 -44.01 -49.44
C ASP I 175 52.93 -43.20 -48.27
N LYS I 176 53.73 -43.84 -47.42
CA LYS I 176 54.25 -43.17 -46.23
C LYS I 176 55.14 -41.99 -46.60
N ASN I 177 55.92 -42.13 -47.68
CA ASN I 177 56.82 -41.05 -48.07
C ASN I 177 56.04 -39.85 -48.62
N LYS I 178 54.96 -40.12 -49.35
CA LYS I 178 54.13 -39.02 -49.85
C LYS I 178 53.38 -38.34 -48.71
N ILE I 179 52.91 -39.12 -47.73
CA ILE I 179 52.20 -38.53 -46.59
C ILE I 179 53.14 -37.68 -45.75
N GLN I 180 54.40 -38.12 -45.59
CA GLN I 180 55.34 -37.34 -44.78
C GLN I 180 55.71 -36.04 -45.49
N LYS I 181 55.81 -36.05 -46.82
CA LYS I 181 56.05 -34.82 -47.56
C LYS I 181 54.88 -33.85 -47.39
N LEU I 182 53.66 -34.37 -47.30
CA LEU I 182 52.51 -33.52 -47.02
C LEU I 182 52.63 -32.89 -45.64
N VAL I 183 53.08 -33.66 -44.65
CA VAL I 183 53.16 -33.18 -43.27
C VAL I 183 54.24 -32.11 -43.15
N GLN I 184 55.44 -32.39 -43.65
CA GLN I 184 56.55 -31.43 -43.54
C GLN I 184 56.21 -30.13 -44.25
N MET I 185 55.58 -30.22 -45.42
CA MET I 185 55.20 -29.01 -46.15
C MET I 185 54.09 -28.26 -45.43
N ALA I 186 53.08 -28.98 -44.94
CA ALA I 186 52.00 -28.33 -44.19
C ALA I 186 52.50 -27.76 -42.87
N TRP I 187 53.39 -28.48 -42.18
CA TRP I 187 53.96 -27.95 -40.95
C TRP I 187 54.68 -26.64 -41.19
N THR I 188 55.38 -26.54 -42.33
CA THR I 188 56.02 -25.28 -42.71
C THR I 188 54.99 -24.17 -42.91
N PHE I 189 53.85 -24.51 -43.52
CA PHE I 189 52.81 -23.52 -43.75
C PHE I 189 52.19 -23.04 -42.44
N VAL I 190 52.10 -23.90 -41.43
CA VAL I 190 51.55 -23.48 -40.14
C VAL I 190 52.49 -22.48 -39.47
N ASN I 191 53.80 -22.72 -39.57
CA ASN I 191 54.77 -21.79 -39.01
C ASN I 191 54.67 -20.43 -39.68
N ASP I 192 54.37 -20.40 -40.98
CA ASP I 192 54.25 -19.13 -41.69
C ASP I 192 52.96 -18.42 -41.35
N SER I 193 51.90 -19.17 -41.03
CA SER I 193 50.62 -18.56 -40.69
C SER I 193 50.64 -17.83 -39.35
N LEU I 194 51.64 -18.11 -38.50
CA LEU I 194 51.74 -17.39 -37.23
C LEU I 194 52.04 -15.91 -37.44
N CYS I 195 52.76 -15.57 -38.51
CA CYS I 195 53.03 -14.16 -38.83
C CYS I 195 51.78 -13.42 -39.27
N THR I 196 50.66 -14.12 -39.47
CA THR I 196 49.46 -13.56 -40.05
C THR I 196 48.34 -13.49 -39.01
N THR I 197 47.24 -12.86 -39.43
CA THR I 197 46.04 -12.78 -38.63
C THR I 197 45.12 -14.00 -38.79
N LEU I 198 45.51 -15.00 -39.58
CA LEU I 198 44.69 -16.20 -39.71
C LEU I 198 44.40 -16.86 -38.36
N SER I 199 45.34 -16.81 -37.43
CA SER I 199 45.10 -17.33 -36.09
C SER I 199 43.87 -16.70 -35.45
N LEU I 200 43.61 -15.43 -35.76
CA LEU I 200 42.43 -14.74 -35.25
C LEU I 200 41.21 -14.90 -36.14
N GLN I 201 41.39 -15.20 -37.42
CA GLN I 201 40.26 -15.31 -38.33
C GLN I 201 39.55 -16.65 -38.19
N TRP I 202 40.31 -17.73 -37.99
CA TRP I 202 39.74 -19.06 -38.02
C TRP I 202 40.30 -19.89 -36.87
N GLU I 203 39.54 -20.90 -36.48
CA GLU I 203 39.93 -21.82 -35.42
C GLU I 203 41.13 -22.65 -35.87
N PRO I 204 41.89 -23.20 -34.91
CA PRO I 204 43.09 -23.98 -35.28
C PRO I 204 42.78 -25.25 -36.07
N GLU I 205 41.59 -25.83 -35.89
CA GLU I 205 41.23 -27.02 -36.66
C GLU I 205 41.08 -26.71 -38.14
N ILE I 206 40.51 -25.54 -38.46
CA ILE I 206 40.33 -25.14 -39.85
C ILE I 206 41.68 -24.82 -40.49
N ILE I 207 42.59 -24.24 -39.72
CA ILE I 207 43.92 -23.93 -40.25
C ILE I 207 44.68 -25.21 -40.58
N ALA I 208 44.56 -26.23 -39.72
CA ALA I 208 45.25 -27.49 -39.97
C ALA I 208 44.73 -28.19 -41.23
N VAL I 209 43.44 -28.04 -41.52
CA VAL I 209 42.89 -28.62 -42.75
C VAL I 209 43.35 -27.83 -43.96
N ALA I 210 43.43 -26.51 -43.83
CA ALA I 210 43.80 -25.67 -44.97
C ALA I 210 45.24 -25.91 -45.41
N VAL I 211 46.15 -26.15 -44.47
CA VAL I 211 47.54 -26.41 -44.84
C VAL I 211 47.68 -27.79 -45.47
N MET I 212 46.86 -28.75 -45.05
CA MET I 212 46.77 -30.01 -45.77
C MET I 212 46.19 -29.81 -47.16
N TYR I 213 45.21 -28.91 -47.28
CA TYR I 213 44.60 -28.60 -48.57
C TYR I 213 45.61 -27.93 -49.50
N LEU I 214 46.43 -27.03 -48.96
CA LEU I 214 47.42 -26.34 -49.78
C LEU I 214 48.55 -27.28 -50.19
N ALA I 215 49.12 -28.01 -49.23
CA ALA I 215 50.20 -28.93 -49.54
C ALA I 215 49.73 -30.04 -50.48
N GLY I 216 48.44 -30.36 -50.45
CA GLY I 216 47.91 -31.35 -51.38
C GLY I 216 47.89 -30.84 -52.80
N ARG I 217 47.56 -29.56 -52.99
CA ARG I 217 47.55 -28.99 -54.34
C ARG I 217 48.97 -28.84 -54.87
N LEU I 218 49.90 -28.40 -54.04
CA LEU I 218 51.28 -28.22 -54.49
C LEU I 218 51.93 -29.55 -54.82
N CYS I 219 51.76 -30.55 -53.97
CA CYS I 219 52.30 -31.89 -54.21
C CYS I 219 51.44 -32.71 -55.17
N LYS I 220 50.31 -32.16 -55.63
CA LYS I 220 49.41 -32.84 -56.56
C LYS I 220 48.91 -34.16 -55.97
N PHE I 221 48.55 -34.14 -54.69
CA PHE I 221 48.05 -35.31 -54.00
C PHE I 221 46.52 -35.30 -53.95
N GLU I 222 45.93 -36.48 -54.11
CA GLU I 222 44.49 -36.66 -53.93
C GLU I 222 44.28 -37.23 -52.53
N ILE I 223 44.08 -36.33 -51.57
CA ILE I 223 44.09 -36.70 -50.16
C ILE I 223 42.95 -37.65 -49.82
N GLN I 224 41.83 -37.59 -50.55
CA GLN I 224 40.69 -38.44 -50.22
C GLN I 224 41.03 -39.92 -50.34
N GLU I 225 41.99 -40.27 -51.21
CA GLU I 225 42.34 -41.67 -51.41
C GLU I 225 42.95 -42.27 -50.15
N TRP I 226 43.63 -41.46 -49.34
CA TRP I 226 44.23 -41.94 -48.11
C TRP I 226 43.24 -42.01 -46.95
N THR I 227 41.98 -41.63 -47.17
CA THR I 227 40.99 -41.61 -46.11
C THR I 227 40.20 -42.92 -46.09
N SER I 228 39.38 -43.07 -45.05
CA SER I 228 38.49 -44.22 -44.94
C SER I 228 37.34 -44.16 -45.95
N LYS I 229 37.09 -42.98 -46.53
CA LYS I 229 36.07 -42.79 -47.56
C LYS I 229 36.83 -42.29 -48.79
N PRO I 230 37.41 -43.20 -49.58
CA PRO I 230 38.32 -42.78 -50.66
C PRO I 230 37.66 -42.02 -51.80
N MET I 231 36.36 -42.16 -52.00
CA MET I 231 35.67 -41.45 -53.07
C MET I 231 35.00 -40.17 -52.58
N TYR I 232 34.98 -39.94 -51.27
CA TYR I 232 34.44 -38.70 -50.69
C TYR I 232 35.47 -37.61 -50.96
N ARG I 233 35.30 -36.93 -52.09
CA ARG I 233 36.28 -35.95 -52.55
C ARG I 233 36.44 -34.78 -51.59
N ARG I 234 35.38 -34.44 -50.85
CA ARG I 234 35.49 -33.45 -49.78
C ARG I 234 35.98 -34.16 -48.51
N TRP I 235 37.25 -34.54 -48.56
CA TRP I 235 37.86 -35.36 -47.51
C TRP I 235 37.86 -34.68 -46.15
N TRP I 236 38.01 -33.36 -46.12
CA TRP I 236 38.14 -32.67 -44.85
C TRP I 236 36.88 -32.74 -44.01
N GLU I 237 35.72 -32.97 -44.64
CA GLU I 237 34.46 -32.91 -43.92
C GLU I 237 34.37 -33.98 -42.83
N GLN I 238 34.95 -35.15 -43.05
CA GLN I 238 34.99 -36.14 -41.99
C GLN I 238 35.93 -35.72 -40.85
N PHE I 239 36.80 -34.75 -41.10
CA PHE I 239 37.66 -34.19 -40.07
C PHE I 239 37.02 -32.99 -39.38
N VAL I 240 36.76 -31.92 -40.14
CA VAL I 240 36.15 -30.71 -39.62
C VAL I 240 34.83 -30.50 -40.37
N GLN I 241 33.73 -30.45 -39.62
CA GLN I 241 32.41 -30.36 -40.21
C GLN I 241 32.08 -28.91 -40.59
N ASP I 242 31.21 -28.78 -41.60
CA ASP I 242 30.62 -27.48 -41.97
C ASP I 242 31.70 -26.49 -42.41
N VAL I 243 32.60 -26.95 -43.27
CA VAL I 243 33.65 -26.08 -43.79
C VAL I 243 33.50 -25.94 -45.31
N PRO I 244 33.09 -24.77 -45.81
CA PRO I 244 33.03 -24.58 -47.25
C PRO I 244 34.41 -24.41 -47.86
N VAL I 245 34.49 -24.66 -49.17
CA VAL I 245 35.75 -24.51 -49.89
C VAL I 245 36.19 -23.06 -49.97
N ASP I 246 35.25 -22.11 -49.86
CA ASP I 246 35.62 -20.70 -49.90
C ASP I 246 36.57 -20.34 -48.76
N VAL I 247 36.35 -20.92 -47.58
CA VAL I 247 37.21 -20.63 -46.43
C VAL I 247 38.61 -21.21 -46.66
N LEU I 248 38.69 -22.44 -47.18
CA LEU I 248 40.00 -23.05 -47.45
C LEU I 248 40.77 -22.22 -48.45
N GLU I 249 40.10 -21.74 -49.51
CA GLU I 249 40.77 -20.89 -50.49
C GLU I 249 41.17 -19.55 -49.89
N ASP I 250 40.36 -19.02 -48.97
CA ASP I 250 40.71 -17.77 -48.32
C ASP I 250 41.96 -17.90 -47.47
N ILE I 251 42.06 -19.00 -46.71
CA ILE I 251 43.25 -19.21 -45.88
C ILE I 251 44.48 -19.47 -46.76
N CYS I 252 44.31 -20.31 -47.79
CA CYS I 252 45.42 -20.59 -48.69
C CYS I 252 45.86 -19.35 -49.45
N HIS I 253 44.91 -18.48 -49.82
CA HIS I 253 45.26 -17.27 -50.56
C HIS I 253 46.12 -16.34 -49.73
N GLN I 254 45.86 -16.26 -48.43
CA GLN I 254 46.65 -15.35 -47.59
C GLN I 254 48.06 -15.89 -47.37
N ILE I 255 48.20 -17.20 -47.22
CA ILE I 255 49.53 -17.78 -47.03
C ILE I 255 50.38 -17.59 -48.28
N LEU I 256 49.80 -17.85 -49.45
CA LEU I 256 50.54 -17.71 -50.70
C LEU I 256 50.86 -16.26 -51.02
N ASP I 257 50.12 -15.31 -50.45
CA ASP I 257 50.46 -13.90 -50.62
C ASP I 257 51.78 -13.55 -49.94
N LEU I 258 52.11 -14.25 -48.84
CA LEU I 258 53.35 -13.98 -48.15
C LEU I 258 54.58 -14.37 -48.98
N TYR I 259 54.53 -15.52 -49.64
CA TYR I 259 55.68 -15.99 -50.40
C TYR I 259 55.92 -15.12 -51.62
N SER I 260 54.87 -14.75 -52.34
CA SER I 260 55.03 -13.94 -53.54
C SER I 260 55.41 -12.50 -53.21
N GLN I 261 54.98 -11.99 -52.05
CA GLN I 261 55.30 -10.61 -51.69
C GLN I 261 56.78 -10.44 -51.37
N GLY I 262 57.30 -11.27 -50.46
CA GLY I 262 58.71 -11.21 -50.13
C GLY I 262 59.60 -11.82 -51.18
N LYS I 263 60.68 -12.48 -50.73
CA LYS I 263 61.60 -13.16 -51.63
C LYS I 263 61.65 -14.66 -51.42
N GLN I 264 61.01 -15.18 -50.38
CA GLN I 264 60.95 -16.62 -50.16
C GLN I 264 60.02 -17.28 -51.18
N GLN I 265 60.37 -18.48 -51.60
CA GLN I 265 59.56 -19.23 -52.56
C GLN I 265 58.83 -20.38 -51.87
N MET I 266 57.83 -20.92 -52.55
CA MET I 266 57.06 -22.04 -52.02
C MET I 266 57.98 -23.22 -51.76
N PRO I 267 57.77 -23.99 -50.67
CA PRO I 267 58.66 -25.12 -50.37
C PRO I 267 58.70 -26.16 -51.49
N HIS I 268 57.54 -26.77 -51.77
CA HIS I 268 57.39 -27.76 -52.83
C HIS I 268 58.48 -28.83 -52.81
#